data_7A29
#
_entry.id   7A29
#
_cell.length_a   1.00
_cell.length_b   1.00
_cell.length_c   1.00
_cell.angle_alpha   90.00
_cell.angle_beta   90.00
_cell.angle_gamma   90.00
#
_symmetry.space_group_name_H-M   'P 1'
#
loop_
_entity.id
_entity.type
_entity.pdbx_description
1 polymer 'Spike glycoprotein'
2 polymer 'Neutralising sybody (Sb23)'
3 branched 2-acetamido-2-deoxy-beta-D-glucopyranose-(1-4)-2-acetamido-2-deoxy-beta-D-glucopyranose
4 non-polymer 2-acetamido-2-deoxy-beta-D-glucopyranose
#
loop_
_entity_poly.entity_id
_entity_poly.type
_entity_poly.pdbx_seq_one_letter_code
_entity_poly.pdbx_strand_id
1 'polypeptide(L)'
;MFVFLVLLPLVSSQCVNLTTRTQLPPAYTNSFTRGVYYPDKVFRSSVLHSTQDLFLPFFSNVTWFHAIHVSGTNGTKRFD
NPVLPFNDGVYFASTEKSNIIRGWIFGTTLDSKTQSLLIVNNATNVVIKVCEFQFCNDPFLGVYYHKNNKSWMESEFRVY
SSANNCTFEYVSQPFLMDLEGKQGNFKNLREFVFKNIDGYFKIYSKHTPINLVRDLPQGFSALEPLVDLPIGINITRFQT
LLALHRSYLTPGDSSSGWTAGAAAYYVGYLQPRTFLLKYNENGTITDAVDCALDPLSETKCTLKSFTVEKGIYQTSNFRV
QPTESIVRFPNITNLCPFGEVFNATRFASVYAWNRKRISNCVADYSVLYNSASFSTFKCYGVSPTKLNDLCFTNVYADSF
VIRGDEVRQIAPGQTGKIADYNYKLPDDFTGCVIAWNSNNLDSKVGGNYNYLYRLFRKSNLKPFERDISTEIYQAGSTPC
NGVEGFNCYFPLQSYGFQPTNGVGYQPYRVVVLSFELLHAPATVCGPKKSTNLVKNKCVNFNFNGLTGTGVLTESNKKFL
PFQQFGRDIADTTDAVRDPQTLEILDITPCSFGGVSVITPGTNTSNQVAVLYQDVNCTEVPVAIHADQLTPTWRVYSTGS
NVFQTRAGCLIGAEHVNNSYECDIPIGAGICASYQTQTNSPGSASSVASQSIIAYTMSLGAENSVAYSNNSIAIPTNFTI
SVTTEILPVSMTKTSVDCTMYICGDSTECSNLLLQYGSFCTQLNRALTGIAVEQDKNTQEVFAQVKQIYKTPPIKDFGGF
NFSQILPDPSKPSKRSFIEDLLFNKVTLADAGFIKQYGDCLGDIAARDLICAQKFNGLTVLPPLLTDEMIAQYTSALLAG
TITSGWTFGAGAALQIPFAMQMAYRFNGIGVTQNVLYENQKLIANQFNSAIGKIQDSLSSTASALGKLQDVVNQNAQALN
TLVKQLSSNFGAISSVLNDILSRLDPPEAEVQIDRLITGRLQSLQTYVTQQLIRAAEIRASANLAATKMSECVLGQSKRV
DFCGKGYHLMSFPQSAPHGVVFLHVTYVPAQEKNFTTAPAICHDGKAHFPREGVFVSNGTHWFVTQRNFYEPQIITTDNT
FVSGNCDVVIGIVNNTVYDPLQPELDSFKEELDKYFKNHTSPDVDLGDISGINASVVNIQKEIDRLNEVAKNLNESLIDL
QELGKYEQGSGYIPEAPRDGQAYVRKDGEWVLLSTFLGRSLEVLFQGPGHHHHHHHHSAWSHPQFEKGGGSGGGGSGGSA
WSHPQFEK
;
A,B,C
2 'polypeptide(L)'
;QVQLVESGGGLVQAGGSLRLSCAASGFPVESENMHWYRQAPGKEREWVAAIYSTGGWTLYADSVKGRFTISRDNAKNTVY
LQMNSLKPEDTAVYYCAVQVGYWYEGQGTQVTVS
;
D,E,F
#
loop_
_chem_comp.id
_chem_comp.type
_chem_comp.name
_chem_comp.formula
NAG D-saccharide, beta linking 2-acetamido-2-deoxy-beta-D-glucopyranose 'C8 H15 N O6'
#
# COMPACT_ATOMS: atom_id res chain seq x y z
N GLN A 14 -20.07 50.56 -46.43
CA GLN A 14 -19.06 50.89 -47.43
C GLN A 14 -17.75 51.32 -46.76
N CYS A 15 -16.67 50.62 -47.09
CA CYS A 15 -15.34 50.91 -46.55
C CYS A 15 -14.48 51.56 -47.62
N VAL A 16 -13.53 52.38 -47.16
CA VAL A 16 -12.58 53.06 -48.04
C VAL A 16 -11.17 52.69 -47.59
N ASN A 17 -10.30 52.42 -48.56
CA ASN A 17 -8.92 52.06 -48.27
C ASN A 17 -8.11 53.34 -48.07
N LEU A 18 -7.64 53.56 -46.85
CA LEU A 18 -6.90 54.78 -46.54
C LEU A 18 -5.56 54.81 -47.27
N THR A 19 -5.20 56.00 -47.73
CA THR A 19 -3.95 56.23 -48.44
C THR A 19 -3.03 57.11 -47.60
N THR A 20 -1.88 57.46 -48.17
CA THR A 20 -0.88 58.30 -47.52
C THR A 20 -0.44 57.66 -46.20
N ARG A 21 0.18 56.49 -46.32
CA ARG A 21 0.65 55.72 -45.18
C ARG A 21 2.07 55.23 -45.48
N THR A 22 3.05 55.81 -44.80
CA THR A 22 4.44 55.44 -45.02
C THR A 22 4.77 54.15 -44.28
N GLN A 23 5.33 53.19 -45.00
CA GLN A 23 5.70 51.92 -44.40
C GLN A 23 6.88 52.11 -43.44
N LEU A 24 6.85 51.38 -42.33
CA LEU A 24 7.88 51.48 -41.30
C LEU A 24 7.95 50.14 -40.60
N PRO A 25 9.15 49.62 -40.33
CA PRO A 25 9.26 48.28 -39.76
C PRO A 25 8.61 48.23 -38.39
N PRO A 26 8.05 47.07 -38.00
CA PRO A 26 7.40 46.97 -36.70
C PRO A 26 8.36 47.24 -35.56
N ALA A 27 7.84 47.89 -34.51
CA ALA A 27 8.63 48.26 -33.35
C ALA A 27 8.31 47.32 -32.19
N TYR A 28 9.28 47.16 -31.29
CA TYR A 28 9.15 46.27 -30.16
C TYR A 28 9.62 46.98 -28.89
N THR A 29 9.04 46.60 -27.76
CA THR A 29 9.40 47.19 -26.48
C THR A 29 9.40 46.13 -25.40
N ASN A 30 10.15 46.40 -24.33
CA ASN A 30 10.34 45.45 -23.24
C ASN A 30 9.31 45.71 -22.15
N SER A 31 8.50 44.70 -21.85
CA SER A 31 7.50 44.78 -20.80
C SER A 31 8.06 44.20 -19.50
N PHE A 32 7.93 44.98 -18.43
CA PHE A 32 8.52 44.67 -17.12
C PHE A 32 7.40 44.22 -16.19
N THR A 33 7.34 42.91 -15.91
CA THR A 33 6.44 42.34 -14.90
C THR A 33 5.00 42.82 -15.08
N ARG A 34 4.54 42.80 -16.33
CA ARG A 34 3.23 43.31 -16.69
C ARG A 34 2.40 42.21 -17.34
N GLY A 35 1.11 42.19 -17.03
CA GLY A 35 0.20 41.21 -17.62
C GLY A 35 -0.17 40.08 -16.68
N VAL A 36 -0.44 40.41 -15.42
CA VAL A 36 -0.82 39.43 -14.41
C VAL A 36 -2.26 39.70 -13.99
N TYR A 37 -3.09 38.66 -14.04
CA TYR A 37 -4.51 38.75 -13.72
C TYR A 37 -4.84 37.75 -12.61
N TYR A 38 -6.11 37.76 -12.21
CA TYR A 38 -6.59 36.83 -11.19
C TYR A 38 -6.83 35.47 -11.83
N PRO A 39 -6.16 34.41 -11.36
CA PRO A 39 -6.36 33.08 -11.98
C PRO A 39 -7.72 32.48 -11.71
N ASP A 40 -8.44 32.94 -10.68
CA ASP A 40 -9.73 32.37 -10.32
C ASP A 40 -10.55 33.43 -9.61
N LYS A 41 -11.79 33.07 -9.27
CA LYS A 41 -12.71 33.96 -8.57
C LYS A 41 -12.84 33.61 -7.09
N VAL A 42 -11.74 33.19 -6.46
CA VAL A 42 -11.72 32.80 -5.06
C VAL A 42 -10.96 33.87 -4.29
N PHE A 43 -11.59 34.39 -3.23
CA PHE A 43 -10.97 35.45 -2.43
C PHE A 43 -9.81 34.88 -1.62
N ARG A 44 -8.67 35.55 -1.68
CA ARG A 44 -7.49 35.17 -0.91
C ARG A 44 -6.83 36.44 -0.38
N SER A 45 -6.12 36.29 0.74
CA SER A 45 -5.47 37.43 1.38
C SER A 45 -4.28 36.94 2.20
N SER A 46 -3.16 37.65 2.06
CA SER A 46 -1.95 37.37 2.85
C SER A 46 -1.49 35.92 2.69
N VAL A 47 -1.54 35.40 1.46
CA VAL A 47 -1.14 34.04 1.17
C VAL A 47 -0.33 34.03 -0.13
N LEU A 48 0.74 33.26 -0.15
CA LEU A 48 1.55 33.06 -1.35
C LEU A 48 0.94 31.90 -2.14
N HIS A 49 0.36 32.21 -3.30
CA HIS A 49 -0.36 31.21 -4.08
C HIS A 49 0.39 30.95 -5.39
N SER A 50 0.71 29.69 -5.64
CA SER A 50 1.38 29.27 -6.87
C SER A 50 0.36 28.61 -7.78
N THR A 51 0.17 29.17 -8.98
CA THR A 51 -0.81 28.66 -9.92
C THR A 51 -0.23 28.63 -11.32
N GLN A 52 -0.63 27.63 -12.09
CA GLN A 52 -0.20 27.46 -13.48
C GLN A 52 -1.34 27.86 -14.40
N ASP A 53 -1.08 28.80 -15.30
CA ASP A 53 -2.12 29.30 -16.20
C ASP A 53 -1.44 30.05 -17.34
N LEU A 54 -2.25 30.57 -18.26
CA LEU A 54 -1.75 31.32 -19.40
C LEU A 54 -1.43 32.74 -18.96
N PHE A 55 -0.14 33.07 -18.90
CA PHE A 55 0.32 34.36 -18.43
C PHE A 55 1.33 34.95 -19.41
N LEU A 56 1.47 36.27 -19.37
CA LEU A 56 2.49 36.96 -20.14
C LEU A 56 3.83 36.86 -19.42
N PRO A 57 4.90 36.41 -20.10
CA PRO A 57 6.19 36.26 -19.43
C PRO A 57 6.72 37.59 -18.91
N PHE A 58 7.42 37.52 -17.78
CA PHE A 58 8.01 38.71 -17.19
C PHE A 58 9.17 39.21 -18.04
N PHE A 59 9.28 40.53 -18.15
CA PHE A 59 10.37 41.18 -18.90
C PHE A 59 10.41 40.68 -20.34
N SER A 60 9.24 40.58 -20.96
CA SER A 60 9.11 40.00 -22.29
C SER A 60 9.22 41.10 -23.35
N ASN A 61 9.11 40.70 -24.62
CA ASN A 61 9.05 41.67 -25.71
C ASN A 61 7.61 41.69 -26.22
N VAL A 62 7.07 42.90 -26.40
CA VAL A 62 5.72 43.06 -26.95
C VAL A 62 5.80 44.05 -28.12
N THR A 63 4.89 43.86 -29.07
CA THR A 63 4.88 44.67 -30.27
C THR A 63 4.21 46.02 -30.01
N TRP A 64 4.79 47.08 -30.56
CA TRP A 64 4.36 48.45 -30.31
C TRP A 64 3.75 49.02 -31.59
N PHE A 65 2.59 49.66 -31.46
CA PHE A 65 1.94 50.32 -32.57
C PHE A 65 1.62 51.75 -32.18
N HIS A 66 1.96 52.69 -33.06
CA HIS A 66 1.84 54.12 -32.82
C HIS A 66 0.69 54.70 -33.64
N ALA A 67 0.31 55.93 -33.27
CA ALA A 67 -0.58 56.74 -34.09
C ALA A 67 -0.25 58.20 -33.78
N ILE A 68 0.56 58.83 -34.65
CA ILE A 68 1.08 60.16 -34.42
C ILE A 68 0.72 61.05 -35.59
N HIS A 69 0.26 62.27 -35.28
CA HIS A 69 -0.11 63.22 -36.33
C HIS A 69 1.10 63.63 -37.17
N VAL A 70 2.25 63.82 -36.52
CA VAL A 70 3.47 64.25 -37.19
C VAL A 70 3.26 65.58 -37.92
N THR A 76 2.15 60.08 -43.98
CA THR A 76 2.50 59.05 -43.00
C THR A 76 1.37 58.86 -41.99
N LYS A 77 1.39 59.67 -40.94
CA LYS A 77 0.37 59.70 -39.88
C LYS A 77 0.38 58.43 -39.03
N ARG A 78 1.20 57.46 -39.42
CA ARG A 78 1.42 56.22 -38.68
C ARG A 78 0.10 55.60 -38.21
N PHE A 79 -0.73 55.24 -39.18
CA PHE A 79 -2.00 54.56 -38.91
C PHE A 79 -1.73 53.06 -38.85
N ASP A 80 -1.66 52.51 -37.64
CA ASP A 80 -1.29 51.13 -37.42
C ASP A 80 -2.53 50.31 -37.09
N ASN A 81 -2.89 49.39 -37.98
CA ASN A 81 -3.98 48.45 -37.73
C ASN A 81 -3.80 47.17 -38.55
N PRO A 82 -2.67 46.46 -38.40
CA PRO A 82 -2.44 45.27 -39.22
C PRO A 82 -3.08 44.03 -38.61
N VAL A 83 -2.83 42.87 -39.21
CA VAL A 83 -3.36 41.61 -38.72
C VAL A 83 -2.40 41.02 -37.70
N LEU A 84 -2.94 40.57 -36.56
CA LEU A 84 -2.16 39.96 -35.51
C LEU A 84 -2.73 38.59 -35.17
N PRO A 85 -1.88 37.60 -34.95
CA PRO A 85 -2.38 36.26 -34.62
C PRO A 85 -2.96 36.20 -33.22
N PHE A 86 -3.79 35.17 -33.00
CA PHE A 86 -4.41 34.90 -31.70
C PHE A 86 -4.07 33.45 -31.35
N ASN A 87 -2.95 33.26 -30.64
CA ASN A 87 -2.47 31.91 -30.36
C ASN A 87 -3.19 31.30 -29.15
N ASP A 88 -3.01 31.91 -27.97
CA ASP A 88 -3.62 31.37 -26.75
C ASP A 88 -4.17 32.47 -25.85
N GLY A 89 -4.36 33.68 -26.37
CA GLY A 89 -4.78 34.81 -25.57
C GLY A 89 -3.87 35.98 -25.87
N VAL A 90 -4.43 37.19 -25.79
CA VAL A 90 -3.73 38.41 -26.19
C VAL A 90 -3.81 39.42 -25.05
N TYR A 91 -2.67 39.99 -24.70
CA TYR A 91 -2.60 41.12 -23.78
C TYR A 91 -2.50 42.40 -24.61
N PHE A 92 -3.43 43.32 -24.38
CA PHE A 92 -3.54 44.57 -25.14
C PHE A 92 -3.42 45.73 -24.15
N ALA A 93 -2.32 46.47 -24.24
CA ALA A 93 -2.15 47.69 -23.46
C ALA A 93 -2.39 48.89 -24.37
N SER A 94 -3.03 49.92 -23.82
CA SER A 94 -3.37 51.09 -24.61
C SER A 94 -3.00 52.35 -23.85
N THR A 95 -2.11 53.15 -24.42
CA THR A 95 -1.77 54.47 -23.89
C THR A 95 -2.53 55.50 -24.70
N GLU A 96 -3.39 56.27 -24.02
CA GLU A 96 -4.35 57.15 -24.67
C GLU A 96 -4.45 58.46 -23.93
N LYS A 97 -4.87 59.49 -24.66
CA LYS A 97 -5.34 60.73 -24.06
C LYS A 97 -6.59 61.29 -24.76
N SER A 98 -7.08 60.63 -25.81
CA SER A 98 -8.28 61.08 -26.53
C SER A 98 -9.17 59.92 -26.94
N ASN A 99 -8.96 58.73 -26.36
CA ASN A 99 -9.77 57.54 -26.64
C ASN A 99 -9.74 57.19 -28.13
N ILE A 100 -8.53 57.06 -28.67
CA ILE A 100 -8.37 56.73 -30.09
C ILE A 100 -8.81 55.29 -30.35
N ILE A 101 -8.35 54.35 -29.54
CA ILE A 101 -8.74 52.96 -29.68
C ILE A 101 -10.17 52.79 -29.21
N ARG A 102 -11.03 52.22 -30.06
CA ARG A 102 -12.44 52.05 -29.74
C ARG A 102 -12.86 50.61 -29.51
N GLY A 103 -12.05 49.64 -29.89
CA GLY A 103 -12.43 48.25 -29.65
C GLY A 103 -11.60 47.32 -30.50
N TRP A 104 -12.13 46.11 -30.68
CA TRP A 104 -11.42 45.06 -31.41
C TRP A 104 -12.41 44.17 -32.12
N ILE A 105 -11.91 43.40 -33.08
CA ILE A 105 -12.66 42.34 -33.72
C ILE A 105 -11.81 41.08 -33.71
N PHE A 106 -12.48 39.93 -33.63
CA PHE A 106 -11.83 38.64 -33.54
C PHE A 106 -12.52 37.66 -34.48
N GLY A 107 -11.75 36.69 -34.97
CA GLY A 107 -12.30 35.70 -35.88
C GLY A 107 -11.20 34.86 -36.49
N THR A 108 -11.53 34.23 -37.62
CA THR A 108 -10.58 33.38 -38.34
C THR A 108 -10.35 33.84 -39.77
N THR A 109 -11.40 34.28 -40.47
CA THR A 109 -11.27 34.75 -41.85
C THR A 109 -11.74 36.18 -42.03
N LEU A 110 -12.67 36.67 -41.22
CA LEU A 110 -13.19 38.03 -41.30
C LEU A 110 -13.77 38.32 -42.68
N ASP A 111 -14.41 37.32 -43.27
CA ASP A 111 -15.04 37.46 -44.58
C ASP A 111 -16.47 36.93 -44.55
N SER A 112 -17.10 36.95 -43.38
CA SER A 112 -18.48 36.51 -43.16
C SER A 112 -18.65 35.02 -43.42
N LYS A 113 -17.56 34.32 -43.74
CA LYS A 113 -17.61 32.88 -43.91
C LYS A 113 -17.65 32.15 -42.57
N THR A 114 -16.99 32.71 -41.55
CA THR A 114 -16.96 32.14 -40.21
C THR A 114 -17.45 33.18 -39.21
N GLN A 115 -18.15 32.72 -38.18
CA GLN A 115 -18.67 33.63 -37.16
C GLN A 115 -17.54 34.40 -36.50
N SER A 116 -17.73 35.71 -36.36
CA SER A 116 -16.73 36.60 -35.78
C SER A 116 -17.33 37.33 -34.58
N LEU A 117 -16.47 38.09 -33.89
CA LEU A 117 -16.85 38.84 -32.71
C LEU A 117 -16.32 40.26 -32.85
N LEU A 118 -17.03 41.22 -32.26
CA LEU A 118 -16.55 42.59 -32.24
C LEU A 118 -17.02 43.29 -30.97
N ILE A 119 -16.11 44.05 -30.37
CA ILE A 119 -16.42 44.94 -29.25
C ILE A 119 -16.08 46.36 -29.70
N VAL A 120 -17.05 47.26 -29.61
CA VAL A 120 -16.92 48.64 -30.06
C VAL A 120 -17.47 49.55 -28.98
N ASN A 121 -16.80 50.69 -28.77
CA ASN A 121 -17.26 51.71 -27.83
C ASN A 121 -17.68 52.93 -28.66
N ASN A 122 -18.96 52.96 -29.03
CA ASN A 122 -19.49 54.09 -29.77
C ASN A 122 -19.57 55.33 -28.87
N ALA A 123 -19.85 56.47 -29.50
CA ALA A 123 -19.98 57.72 -28.75
C ALA A 123 -21.16 57.71 -27.79
N THR A 124 -22.10 56.78 -27.94
CA THR A 124 -23.26 56.69 -27.06
C THR A 124 -23.36 55.36 -26.34
N ASN A 125 -23.12 54.24 -27.03
CA ASN A 125 -23.34 52.91 -26.47
C ASN A 125 -22.10 52.05 -26.66
N VAL A 126 -22.06 50.95 -25.92
CA VAL A 126 -21.03 49.92 -26.06
C VAL A 126 -21.69 48.70 -26.69
N VAL A 127 -21.13 48.26 -27.82
CA VAL A 127 -21.74 47.22 -28.64
C VAL A 127 -20.82 46.01 -28.66
N ILE A 128 -21.37 44.86 -28.27
CA ILE A 128 -20.65 43.59 -28.32
C ILE A 128 -21.47 42.67 -29.22
N LYS A 129 -21.03 42.52 -30.48
CA LYS A 129 -21.78 41.77 -31.47
C LYS A 129 -21.00 40.52 -31.85
N VAL A 130 -21.64 39.37 -31.70
CA VAL A 130 -21.08 38.09 -32.12
C VAL A 130 -21.89 37.65 -33.33
N CYS A 131 -21.33 37.81 -34.52
CA CYS A 131 -22.07 37.57 -35.74
C CYS A 131 -21.09 37.38 -36.89
N GLU A 132 -21.62 36.96 -38.04
CA GLU A 132 -20.83 36.77 -39.24
C GLU A 132 -20.79 38.10 -40.00
N PHE A 133 -19.66 38.79 -39.94
CA PHE A 133 -19.50 40.10 -40.55
C PHE A 133 -18.57 40.02 -41.75
N GLN A 134 -18.94 40.73 -42.83
CA GLN A 134 -18.08 40.86 -43.99
C GLN A 134 -17.11 42.02 -43.73
N PHE A 135 -16.09 41.72 -42.94
CA PHE A 135 -15.12 42.75 -42.55
C PHE A 135 -14.32 43.22 -43.76
N CYS A 136 -14.17 44.54 -43.89
CA CYS A 136 -13.42 45.11 -45.00
C CYS A 136 -11.93 45.12 -44.69
N ASN A 137 -11.14 45.60 -45.64
CA ASN A 137 -9.70 45.62 -45.47
C ASN A 137 -9.28 46.54 -44.33
N ASP A 138 -9.92 47.70 -44.21
CA ASP A 138 -9.57 48.71 -43.20
C ASP A 138 -10.82 49.12 -42.45
N PRO A 139 -11.25 48.33 -41.46
CA PRO A 139 -12.35 48.77 -40.59
C PRO A 139 -11.85 49.82 -39.62
N PHE A 140 -12.63 50.89 -39.45
CA PHE A 140 -12.21 51.99 -38.59
C PHE A 140 -13.42 52.84 -38.21
N LEU A 141 -13.14 53.85 -37.39
CA LEU A 141 -14.11 54.87 -37.00
C LEU A 141 -13.51 56.23 -37.28
N GLY A 142 -14.38 57.23 -37.45
CA GLY A 142 -13.93 58.57 -37.75
C GLY A 142 -14.78 59.64 -37.09
N VAL A 143 -14.13 60.52 -36.33
CA VAL A 143 -14.79 61.58 -35.59
C VAL A 143 -14.60 62.89 -36.35
N TYR A 144 -15.69 63.56 -36.67
CA TYR A 144 -15.63 64.82 -37.40
C TYR A 144 -15.37 65.98 -36.47
N TYR A 145 -14.55 66.92 -36.90
CA TYR A 145 -14.24 68.13 -36.16
C TYR A 145 -14.80 69.34 -36.93
N HIS A 146 -15.50 70.21 -36.22
CA HIS A 146 -16.12 71.38 -36.81
C HIS A 146 -15.37 72.63 -36.38
N LYS A 147 -15.01 73.46 -37.36
CA LYS A 147 -14.31 74.71 -37.08
C LYS A 147 -15.25 75.85 -36.73
N ASN A 148 -16.55 75.71 -37.03
CA ASN A 148 -17.50 76.76 -36.67
C ASN A 148 -17.62 76.90 -35.15
N ASN A 149 -17.69 75.76 -34.44
CA ASN A 149 -17.72 75.77 -32.99
C ASN A 149 -16.99 74.54 -32.47
N LYS A 150 -16.44 74.66 -31.27
CA LYS A 150 -15.65 73.58 -30.68
C LYS A 150 -16.58 72.44 -30.25
N SER A 151 -16.62 71.39 -31.04
CA SER A 151 -17.45 70.23 -30.75
C SER A 151 -16.99 69.05 -31.59
N TRP A 152 -16.96 67.87 -30.98
CA TRP A 152 -16.53 66.65 -31.65
C TRP A 152 -17.68 65.64 -31.60
N MET A 153 -18.03 65.10 -32.77
CA MET A 153 -19.12 64.12 -32.86
C MET A 153 -18.69 62.99 -33.78
N GLU A 154 -19.26 61.82 -33.54
CA GLU A 154 -18.96 60.65 -34.35
C GLU A 154 -19.53 60.83 -35.75
N SER A 155 -18.72 60.54 -36.77
CA SER A 155 -19.12 60.76 -38.16
C SER A 155 -19.20 59.48 -38.97
N GLU A 156 -18.15 58.68 -38.99
CA GLU A 156 -18.08 57.51 -39.86
C GLU A 156 -17.77 56.26 -39.04
N PHE A 157 -18.33 55.14 -39.48
CA PHE A 157 -18.14 53.85 -38.81
C PHE A 157 -18.13 52.79 -39.91
N ARG A 158 -16.93 52.41 -40.36
CA ARG A 158 -16.78 51.51 -41.50
C ARG A 158 -16.07 50.25 -41.02
N VAL A 159 -16.84 49.29 -40.51
CA VAL A 159 -16.30 48.06 -39.95
C VAL A 159 -16.86 46.83 -40.67
N TYR A 160 -18.18 46.75 -40.82
CA TYR A 160 -18.84 45.59 -41.39
C TYR A 160 -19.89 46.03 -42.40
N SER A 161 -20.36 45.08 -43.19
CA SER A 161 -21.37 45.31 -44.21
C SER A 161 -22.60 44.42 -44.08
N SER A 162 -22.42 43.15 -43.71
CA SER A 162 -23.52 42.21 -43.62
C SER A 162 -23.43 41.43 -42.32
N ALA A 163 -24.60 41.07 -41.78
CA ALA A 163 -24.68 40.29 -40.54
C ALA A 163 -26.04 39.59 -40.54
N ASN A 164 -26.03 38.29 -40.86
CA ASN A 164 -27.28 37.55 -41.02
C ASN A 164 -27.41 36.38 -40.05
N ASN A 165 -26.40 35.52 -39.95
CA ASN A 165 -26.51 34.26 -39.19
C ASN A 165 -25.88 34.46 -37.82
N CYS A 166 -26.71 34.79 -36.84
CA CYS A 166 -26.27 35.00 -35.47
C CYS A 166 -27.47 35.28 -34.58
N THR A 167 -27.27 35.11 -33.27
CA THR A 167 -28.28 35.39 -32.25
C THR A 167 -27.78 36.30 -31.16
N PHE A 168 -26.50 36.23 -30.80
CA PHE A 168 -25.98 37.02 -29.69
C PHE A 168 -25.89 38.49 -30.05
N GLU A 169 -26.31 39.35 -29.11
CA GLU A 169 -26.26 40.78 -29.29
C GLU A 169 -26.36 41.44 -27.92
N TYR A 170 -25.63 42.53 -27.73
CA TYR A 170 -25.61 43.20 -26.43
C TYR A 170 -25.28 44.68 -26.62
N VAL A 171 -26.02 45.53 -25.93
CA VAL A 171 -25.80 46.98 -25.93
C VAL A 171 -25.90 47.49 -24.50
N SER A 172 -24.93 48.30 -24.08
CA SER A 172 -24.88 48.80 -22.72
C SER A 172 -25.71 50.08 -22.58
N GLN A 173 -25.74 50.62 -21.37
CA GLN A 173 -26.49 51.84 -21.11
C GLN A 173 -25.84 53.02 -21.84
N PRO A 174 -26.65 53.93 -22.41
CA PRO A 174 -26.06 55.08 -23.11
C PRO A 174 -25.26 55.97 -22.18
N PHE A 175 -24.16 56.50 -22.71
CA PHE A 175 -23.31 57.43 -21.97
C PHE A 175 -22.50 58.24 -22.98
N LEU A 176 -21.92 59.34 -22.50
CA LEU A 176 -21.20 60.28 -23.34
C LEU A 176 -19.78 60.46 -22.83
N MET A 177 -18.83 60.57 -23.76
CA MET A 177 -17.43 60.83 -23.43
C MET A 177 -16.90 62.04 -24.19
N ASP A 178 -15.58 62.26 -24.14
CA ASP A 178 -15.00 63.51 -24.61
C ASP A 178 -15.03 63.64 -26.12
N LEU A 179 -14.37 62.70 -26.82
CA LEU A 179 -14.22 62.66 -28.27
C LEU A 179 -13.27 63.74 -28.79
N GLU A 180 -12.78 64.62 -27.92
CA GLU A 180 -11.89 65.68 -28.35
C GLU A 180 -10.43 65.26 -28.21
N GLY A 181 -9.59 65.79 -29.10
CA GLY A 181 -8.17 65.50 -29.06
C GLY A 181 -7.39 66.51 -28.26
N LYS A 182 -7.08 66.17 -27.01
CA LYS A 182 -6.35 67.08 -26.14
C LYS A 182 -4.90 67.19 -26.57
N GLN A 183 -4.26 68.28 -26.15
CA GLN A 183 -2.85 68.53 -26.44
C GLN A 183 -2.01 68.16 -25.22
N GLY A 184 -0.89 67.48 -25.48
CA GLY A 184 -0.02 67.05 -24.41
C GLY A 184 0.47 65.62 -24.57
N ASN A 185 0.65 64.93 -23.45
CA ASN A 185 1.15 63.56 -23.44
C ASN A 185 0.03 62.60 -23.01
N PHE A 186 0.33 61.32 -23.07
CA PHE A 186 -0.64 60.29 -22.70
C PHE A 186 -0.94 60.37 -21.20
N LYS A 187 -2.20 60.14 -20.84
CA LYS A 187 -2.63 60.22 -19.46
C LYS A 187 -3.47 59.03 -19.00
N ASN A 188 -3.81 58.09 -19.88
CA ASN A 188 -4.63 56.94 -19.51
C ASN A 188 -3.98 55.67 -20.03
N LEU A 189 -3.96 54.64 -19.19
CA LEU A 189 -3.46 53.32 -19.56
C LEU A 189 -4.58 52.32 -19.35
N ARG A 190 -4.98 51.64 -20.43
CA ARG A 190 -6.03 50.63 -20.39
C ARG A 190 -5.41 49.27 -20.68
N GLU A 191 -5.47 48.36 -19.71
CA GLU A 191 -4.90 47.04 -19.85
C GLU A 191 -6.02 46.01 -20.03
N PHE A 192 -5.90 45.16 -21.04
CA PHE A 192 -6.88 44.13 -21.32
C PHE A 192 -6.16 42.81 -21.57
N VAL A 193 -6.82 41.72 -21.21
CA VAL A 193 -6.38 40.37 -21.56
C VAL A 193 -7.59 39.61 -22.08
N PHE A 194 -7.46 39.07 -23.28
CA PHE A 194 -8.51 38.27 -23.91
C PHE A 194 -8.06 36.82 -23.98
N LYS A 195 -8.87 35.93 -23.42
CA LYS A 195 -8.60 34.50 -23.44
C LYS A 195 -9.80 33.76 -23.99
N ASN A 196 -9.53 32.68 -24.73
CA ASN A 196 -10.57 31.83 -25.30
C ASN A 196 -10.30 30.40 -24.87
N ILE A 197 -11.10 29.90 -23.93
CA ILE A 197 -10.88 28.56 -23.39
C ILE A 197 -12.21 28.01 -22.88
N ASP A 198 -12.41 26.71 -23.10
CA ASP A 198 -13.60 25.99 -22.63
C ASP A 198 -14.89 26.63 -23.14
N GLY A 199 -14.86 27.11 -24.38
CA GLY A 199 -16.02 27.77 -24.95
C GLY A 199 -16.36 29.11 -24.33
N TYR A 200 -15.44 29.70 -23.57
CA TYR A 200 -15.66 30.97 -22.90
C TYR A 200 -14.60 31.98 -23.36
N PHE A 201 -15.03 33.21 -23.61
CA PHE A 201 -14.15 34.30 -23.98
C PHE A 201 -14.08 35.26 -22.80
N LYS A 202 -12.98 35.21 -22.06
CA LYS A 202 -12.80 36.03 -20.86
C LYS A 202 -12.04 37.30 -21.22
N ILE A 203 -12.62 38.44 -20.84
CA ILE A 203 -11.99 39.75 -21.02
C ILE A 203 -11.71 40.32 -19.63
N TYR A 204 -10.44 40.57 -19.36
CA TYR A 204 -9.99 41.10 -18.08
C TYR A 204 -9.44 42.50 -18.31
N SER A 205 -9.88 43.46 -17.50
CA SER A 205 -9.57 44.86 -17.79
C SER A 205 -9.12 45.60 -16.54
N LYS A 206 -8.34 46.66 -16.76
CA LYS A 206 -7.85 47.53 -15.70
C LYS A 206 -7.55 48.90 -16.29
N HIS A 207 -7.73 49.94 -15.46
CA HIS A 207 -7.49 51.32 -15.85
C HIS A 207 -6.50 51.96 -14.90
N THR A 208 -5.61 52.80 -15.44
CA THR A 208 -4.58 53.43 -14.62
C THR A 208 -4.28 54.84 -15.12
N PRO A 209 -4.11 55.81 -14.20
CA PRO A 209 -3.62 57.13 -14.63
C PRO A 209 -2.09 57.15 -14.67
N ILE A 210 -1.54 57.56 -15.82
CA ILE A 210 -0.11 57.57 -16.05
C ILE A 210 0.29 58.97 -16.53
N ASN A 211 1.54 59.34 -16.23
CA ASN A 211 2.03 60.68 -16.51
C ASN A 211 3.37 60.64 -17.25
N LEU A 212 3.45 59.83 -18.30
CA LEU A 212 4.60 59.80 -19.19
C LEU A 212 4.21 60.40 -20.53
N VAL A 213 5.19 60.47 -21.44
CA VAL A 213 5.00 60.99 -22.79
C VAL A 213 4.97 59.88 -23.83
N ARG A 214 6.02 59.06 -23.89
CA ARG A 214 6.05 57.90 -24.79
C ARG A 214 6.95 56.85 -24.15
N ASP A 215 6.33 55.95 -23.39
CA ASP A 215 7.04 54.91 -22.65
C ASP A 215 6.03 53.85 -22.23
N LEU A 216 6.54 52.82 -21.55
CA LEU A 216 5.70 51.79 -20.96
C LEU A 216 5.71 51.96 -19.45
N PRO A 217 4.56 52.16 -18.82
CA PRO A 217 4.53 52.44 -17.38
C PRO A 217 5.15 51.30 -16.57
N GLN A 218 5.83 51.69 -15.49
CA GLN A 218 6.47 50.72 -14.60
C GLN A 218 5.47 50.28 -13.53
N GLY A 219 5.94 49.56 -12.53
CA GLY A 219 5.11 49.12 -11.43
C GLY A 219 4.32 47.87 -11.75
N PHE A 220 3.54 47.44 -10.76
CA PHE A 220 2.71 46.25 -10.87
C PHE A 220 1.26 46.61 -10.57
N SER A 221 0.33 46.04 -11.34
CA SER A 221 -1.08 46.33 -11.16
C SER A 221 -1.87 45.05 -11.38
N ALA A 222 -2.84 44.80 -10.50
CA ALA A 222 -3.72 43.65 -10.66
C ALA A 222 -4.70 43.89 -11.80
N LEU A 223 -5.17 42.79 -12.38
CA LEU A 223 -6.06 42.84 -13.55
C LEU A 223 -7.37 42.14 -13.17
N GLU A 224 -8.36 42.93 -12.77
CA GLU A 224 -9.62 42.34 -12.30
C GLU A 224 -10.44 41.83 -13.48
N PRO A 225 -11.20 40.75 -13.29
CA PRO A 225 -12.06 40.25 -14.37
C PRO A 225 -13.19 41.21 -14.73
N LEU A 226 -13.24 41.65 -15.97
CA LEU A 226 -14.35 42.51 -16.39
C LEU A 226 -15.57 41.69 -16.81
N VAL A 227 -15.38 40.70 -17.68
CA VAL A 227 -16.51 39.96 -18.22
C VAL A 227 -16.03 38.60 -18.73
N ASP A 228 -16.96 37.65 -18.81
CA ASP A 228 -16.70 36.30 -19.33
C ASP A 228 -17.86 35.95 -20.27
N LEU A 229 -17.71 36.28 -21.55
CA LEU A 229 -18.75 35.97 -22.53
C LEU A 229 -18.84 34.46 -22.74
N PRO A 230 -20.03 33.88 -22.66
CA PRO A 230 -20.22 32.45 -23.00
C PRO A 230 -20.53 32.26 -24.48
N ILE A 231 -19.51 32.43 -25.32
CA ILE A 231 -19.70 32.42 -26.76
C ILE A 231 -19.28 31.07 -27.35
N GLY A 232 -18.01 30.73 -27.22
CA GLY A 232 -17.52 29.47 -27.75
C GLY A 232 -17.38 29.44 -29.26
N ILE A 233 -16.45 30.25 -29.79
CA ILE A 233 -16.17 30.31 -31.21
C ILE A 233 -14.68 30.14 -31.43
N ASN A 234 -14.31 29.90 -32.68
CA ASN A 234 -12.92 29.69 -33.06
C ASN A 234 -12.33 31.01 -33.53
N ILE A 235 -11.25 31.44 -32.87
CA ILE A 235 -10.60 32.71 -33.14
C ILE A 235 -9.12 32.45 -33.43
N THR A 236 -8.65 32.96 -34.55
CA THR A 236 -7.26 32.80 -34.95
C THR A 236 -6.58 34.13 -35.27
N ARG A 237 -7.30 35.08 -35.87
CA ARG A 237 -6.76 36.37 -36.24
C ARG A 237 -7.68 37.47 -35.71
N PHE A 238 -7.08 38.58 -35.29
CA PHE A 238 -7.82 39.69 -34.72
C PHE A 238 -7.21 41.01 -35.16
N GLN A 239 -8.04 42.05 -35.13
CA GLN A 239 -7.66 43.40 -35.56
C GLN A 239 -7.74 44.36 -34.37
N THR A 240 -7.47 45.63 -34.65
CA THR A 240 -7.61 46.70 -33.67
C THR A 240 -8.36 47.85 -34.33
N LEU A 241 -9.33 48.41 -33.62
CA LEU A 241 -10.20 49.44 -34.16
C LEU A 241 -9.78 50.80 -33.63
N LEU A 242 -9.46 51.71 -34.55
CA LEU A 242 -8.99 53.05 -34.21
C LEU A 242 -10.01 54.08 -34.67
N ALA A 243 -10.12 55.16 -33.90
CA ALA A 243 -10.95 56.30 -34.26
C ALA A 243 -10.05 57.43 -34.74
N LEU A 244 -10.21 57.83 -36.00
CA LEU A 244 -9.41 58.90 -36.57
C LEU A 244 -10.14 60.23 -36.43
N HIS A 245 -9.55 61.29 -36.97
CA HIS A 245 -10.13 62.62 -36.91
C HIS A 245 -10.14 63.24 -38.29
N ARG A 246 -11.17 64.02 -38.58
CA ARG A 246 -11.30 64.70 -39.87
C ARG A 246 -11.73 66.14 -39.63
N SER A 247 -11.37 67.00 -40.56
CA SER A 247 -11.68 68.42 -40.46
C SER A 247 -11.68 69.09 -41.84
N GLY A 252 -8.83 66.21 -47.88
CA GLY A 252 -9.50 66.32 -49.16
C GLY A 252 -10.26 65.08 -49.55
N ASP A 253 -9.57 64.12 -50.16
CA ASP A 253 -10.19 62.87 -50.56
C ASP A 253 -10.55 62.05 -49.33
N SER A 254 -11.61 61.24 -49.46
CA SER A 254 -12.06 60.42 -48.36
C SER A 254 -11.01 59.40 -47.93
N SER A 255 -10.16 58.98 -48.87
CA SER A 255 -9.11 58.01 -48.57
C SER A 255 -7.81 58.66 -48.10
N SER A 256 -7.73 59.99 -48.11
CA SER A 256 -6.52 60.69 -47.69
C SER A 256 -6.78 61.87 -46.75
N GLY A 257 -8.01 62.36 -46.65
CA GLY A 257 -8.31 63.48 -45.79
C GLY A 257 -8.69 63.07 -44.38
N TRP A 258 -7.72 62.60 -43.60
CA TRP A 258 -7.99 62.12 -42.25
C TRP A 258 -6.76 62.34 -41.38
N THR A 259 -6.98 62.37 -40.08
CA THR A 259 -5.92 62.51 -39.08
C THR A 259 -6.01 61.34 -38.11
N ALA A 260 -4.89 60.67 -37.87
CA ALA A 260 -4.89 59.47 -37.05
C ALA A 260 -5.18 59.79 -35.59
N GLY A 261 -4.58 60.84 -35.04
CA GLY A 261 -4.69 61.13 -33.63
C GLY A 261 -3.66 60.36 -32.83
N ALA A 262 -3.03 61.02 -31.86
CA ALA A 262 -1.88 60.44 -31.17
C ALA A 262 -2.33 59.47 -30.09
N ALA A 263 -1.86 58.23 -30.18
CA ALA A 263 -2.10 57.20 -29.19
C ALA A 263 -1.12 56.06 -29.46
N ALA A 264 -1.12 55.06 -28.58
CA ALA A 264 -0.26 53.91 -28.81
C ALA A 264 -0.87 52.68 -28.18
N TYR A 265 -0.49 51.51 -28.68
CA TYR A 265 -0.95 50.27 -28.07
C TYR A 265 0.07 49.15 -28.25
N TYR A 266 0.14 48.29 -27.24
CA TYR A 266 1.11 47.21 -27.14
C TYR A 266 0.37 45.88 -27.18
N VAL A 267 0.89 44.95 -27.98
CA VAL A 267 0.29 43.62 -28.16
C VAL A 267 1.28 42.58 -27.69
N GLY A 268 0.82 41.66 -26.83
CA GLY A 268 1.64 40.56 -26.36
C GLY A 268 0.84 39.28 -26.33
N TYR A 269 1.57 38.16 -26.32
CA TYR A 269 0.97 36.83 -26.36
C TYR A 269 1.27 36.08 -25.07
N LEU A 270 0.25 35.44 -24.52
CA LEU A 270 0.39 34.68 -23.28
C LEU A 270 0.81 33.25 -23.57
N GLN A 271 1.54 32.66 -22.64
CA GLN A 271 1.97 31.27 -22.70
C GLN A 271 1.72 30.58 -21.37
N PRO A 272 1.60 29.25 -21.36
CA PRO A 272 1.35 28.54 -20.10
C PRO A 272 2.56 28.56 -19.17
N ARG A 273 2.46 29.30 -18.06
CA ARG A 273 3.55 29.40 -17.10
C ARG A 273 2.98 29.30 -15.70
N THR A 274 3.87 29.04 -14.75
CA THR A 274 3.52 28.97 -13.34
C THR A 274 3.97 30.26 -12.65
N PHE A 275 3.03 30.93 -11.98
CA PHE A 275 3.28 32.20 -11.33
C PHE A 275 2.99 32.07 -9.83
N LEU A 276 3.82 32.74 -9.03
CA LEU A 276 3.61 32.81 -7.58
C LEU A 276 3.17 34.23 -7.24
N LEU A 277 1.99 34.36 -6.65
CA LEU A 277 1.37 35.64 -6.37
C LEU A 277 1.28 35.88 -4.87
N LYS A 278 1.57 37.11 -4.47
CA LYS A 278 1.53 37.55 -3.08
C LYS A 278 0.51 38.66 -2.95
N TYR A 279 -0.52 38.42 -2.13
CA TYR A 279 -1.62 39.34 -1.91
C TYR A 279 -1.32 40.24 -0.71
N ASN A 280 -2.33 40.97 -0.24
CA ASN A 280 -2.20 41.81 0.95
C ASN A 280 -3.33 41.51 1.93
N GLU A 281 -3.47 42.36 2.96
CA GLU A 281 -4.60 42.24 3.86
C GLU A 281 -5.93 42.48 3.13
N ASN A 282 -5.90 43.23 2.04
CA ASN A 282 -7.08 43.40 1.20
C ASN A 282 -7.17 42.24 0.22
N GLY A 283 -8.09 42.33 -0.73
CA GLY A 283 -8.27 41.28 -1.72
C GLY A 283 -7.50 41.44 -3.01
N THR A 284 -6.71 42.50 -3.14
CA THR A 284 -5.98 42.76 -4.38
C THR A 284 -4.69 41.94 -4.42
N ILE A 285 -4.10 41.88 -5.62
CA ILE A 285 -2.81 41.22 -5.83
C ILE A 285 -1.72 42.28 -5.80
N THR A 286 -0.80 42.16 -4.86
CA THR A 286 0.25 43.16 -4.72
C THR A 286 1.50 42.82 -5.51
N ASP A 287 1.88 41.55 -5.60
CA ASP A 287 3.09 41.21 -6.34
C ASP A 287 2.96 39.83 -6.96
N ALA A 288 3.77 39.57 -7.97
CA ALA A 288 3.81 38.28 -8.63
C ALA A 288 5.20 38.04 -9.17
N VAL A 289 5.56 36.75 -9.29
CA VAL A 289 6.85 36.34 -9.83
C VAL A 289 6.63 35.17 -10.78
N ASP A 290 7.37 35.18 -11.89
CA ASP A 290 7.32 34.10 -12.87
C ASP A 290 8.37 33.06 -12.51
N CYS A 291 7.93 31.82 -12.31
CA CYS A 291 8.83 30.77 -11.85
C CYS A 291 9.90 30.46 -12.88
N ALA A 292 9.54 30.42 -14.17
CA ALA A 292 10.46 30.03 -15.23
C ALA A 292 11.17 31.21 -15.86
N LEU A 293 11.32 32.32 -15.15
CA LEU A 293 12.01 33.48 -15.71
C LEU A 293 13.52 33.35 -15.57
N ASP A 294 14.02 33.28 -14.35
CA ASP A 294 15.45 33.16 -14.08
C ASP A 294 15.62 32.28 -12.85
N PRO A 295 16.81 31.72 -12.64
CA PRO A 295 17.02 30.83 -11.48
C PRO A 295 16.69 31.49 -10.14
N LEU A 296 16.86 32.80 -10.02
CA LEU A 296 16.47 33.49 -8.79
C LEU A 296 14.98 33.34 -8.55
N SER A 297 14.16 33.61 -9.57
CA SER A 297 12.72 33.41 -9.43
C SER A 297 12.38 31.94 -9.28
N GLU A 298 13.18 31.05 -9.87
CA GLU A 298 12.95 29.62 -9.70
C GLU A 298 13.10 29.20 -8.25
N THR A 299 14.16 29.68 -7.59
CA THR A 299 14.34 29.33 -6.18
C THR A 299 13.36 30.08 -5.29
N LYS A 300 12.91 31.27 -5.71
CA LYS A 300 11.84 31.95 -4.98
C LYS A 300 10.56 31.14 -5.03
N CYS A 301 10.22 30.58 -6.19
CA CYS A 301 9.06 29.72 -6.30
C CYS A 301 9.23 28.44 -5.50
N THR A 302 10.44 27.87 -5.52
CA THR A 302 10.70 26.64 -4.77
C THR A 302 10.53 26.86 -3.28
N LEU A 303 11.04 27.98 -2.77
CA LEU A 303 10.95 28.28 -1.34
C LEU A 303 9.61 28.85 -0.93
N LYS A 304 8.72 29.13 -1.90
CA LYS A 304 7.40 29.71 -1.61
C LYS A 304 7.52 31.02 -0.84
N SER A 305 8.53 31.82 -1.18
CA SER A 305 8.76 33.10 -0.52
C SER A 305 9.41 34.06 -1.48
N PHE A 306 9.22 35.35 -1.25
CA PHE A 306 9.81 36.39 -2.07
C PHE A 306 11.18 36.83 -1.59
N THR A 307 11.61 36.38 -0.42
CA THR A 307 12.94 36.67 0.11
C THR A 307 13.69 35.36 0.28
N VAL A 308 14.90 35.31 -0.25
CA VAL A 308 15.73 34.11 -0.23
C VAL A 308 16.96 34.39 0.63
N GLU A 309 17.16 33.58 1.67
CA GLU A 309 18.34 33.72 2.50
C GLU A 309 19.57 33.19 1.76
N LYS A 310 20.74 33.68 2.19
CA LYS A 310 21.98 33.24 1.57
C LYS A 310 22.20 31.75 1.80
N GLY A 311 22.55 31.04 0.74
CA GLY A 311 22.77 29.61 0.83
C GLY A 311 22.64 28.97 -0.53
N ILE A 312 22.60 27.64 -0.52
CA ILE A 312 22.47 26.82 -1.73
C ILE A 312 21.18 26.00 -1.63
N TYR A 313 20.38 26.05 -2.69
CA TYR A 313 19.10 25.36 -2.73
C TYR A 313 18.96 24.57 -4.01
N GLN A 314 18.48 23.33 -3.89
CA GLN A 314 18.22 22.48 -5.05
C GLN A 314 16.78 22.71 -5.49
N THR A 315 16.61 23.25 -6.69
CA THR A 315 15.31 23.65 -7.20
C THR A 315 14.78 22.71 -8.28
N SER A 316 15.54 22.50 -9.34
CA SER A 316 15.09 21.72 -10.49
C SER A 316 16.09 20.62 -10.79
N ASN A 317 15.82 19.86 -11.85
CA ASN A 317 16.62 18.70 -12.22
C ASN A 317 16.80 18.69 -13.73
N PHE A 318 18.01 19.02 -14.19
CA PHE A 318 18.30 19.05 -15.62
C PHE A 318 18.46 17.62 -16.13
N ARG A 319 17.88 17.36 -17.30
CA ARG A 319 17.93 16.05 -17.94
C ARG A 319 17.89 16.24 -19.44
N VAL A 320 18.69 15.45 -20.16
CA VAL A 320 18.75 15.57 -21.62
C VAL A 320 17.57 14.82 -22.23
N GLN A 321 16.76 15.55 -22.99
CA GLN A 321 15.61 14.94 -23.64
C GLN A 321 16.07 13.99 -24.76
N PRO A 322 15.37 12.88 -24.95
CA PRO A 322 15.79 11.93 -25.99
C PRO A 322 15.23 12.29 -27.36
N THR A 323 16.07 12.13 -28.38
CA THR A 323 15.72 12.49 -29.74
C THR A 323 16.15 11.36 -30.69
N GLU A 324 15.52 11.34 -31.87
CA GLU A 324 15.68 10.29 -32.87
C GLU A 324 15.45 8.90 -32.26
N SER A 325 14.20 8.65 -31.86
CA SER A 325 13.81 7.32 -31.41
C SER A 325 13.96 6.31 -32.54
N ILE A 326 14.54 5.15 -32.23
CA ILE A 326 14.88 4.14 -33.22
C ILE A 326 14.36 2.78 -32.75
N VAL A 327 13.92 1.97 -33.71
CA VAL A 327 13.48 0.60 -33.46
C VAL A 327 14.30 -0.33 -34.36
N ARG A 328 14.76 -1.44 -33.77
CA ARG A 328 15.55 -2.42 -34.51
C ARG A 328 14.94 -3.80 -34.32
N PHE A 329 14.77 -4.52 -35.42
CA PHE A 329 14.20 -5.85 -35.47
C PHE A 329 15.07 -6.74 -36.34
N PRO A 330 15.01 -8.06 -36.14
CA PRO A 330 15.81 -8.96 -36.98
C PRO A 330 15.41 -8.89 -38.43
N ASN A 331 16.26 -9.47 -39.28
CA ASN A 331 16.06 -9.40 -40.73
C ASN A 331 14.76 -10.09 -41.13
N ILE A 332 14.08 -9.51 -42.12
CA ILE A 332 12.87 -10.10 -42.69
C ILE A 332 13.32 -11.06 -43.79
N THR A 333 13.63 -12.29 -43.40
CA THR A 333 14.15 -13.29 -44.31
C THR A 333 13.32 -14.58 -44.29
N ASN A 334 12.16 -14.55 -43.63
CA ASN A 334 11.26 -15.70 -43.57
C ASN A 334 9.99 -15.32 -44.33
N LEU A 335 10.00 -15.51 -45.64
CA LEU A 335 8.87 -15.17 -46.50
C LEU A 335 8.39 -16.43 -47.18
N CYS A 336 7.36 -17.05 -46.61
CA CYS A 336 6.74 -18.21 -47.24
C CYS A 336 6.05 -17.81 -48.55
N PRO A 337 5.93 -18.73 -49.51
CA PRO A 337 5.59 -18.32 -50.88
C PRO A 337 4.19 -17.79 -51.06
N PHE A 338 3.97 -16.54 -50.66
CA PHE A 338 2.71 -15.86 -50.94
C PHE A 338 2.59 -15.46 -52.41
N GLY A 339 3.68 -15.52 -53.17
CA GLY A 339 3.64 -15.02 -54.54
C GLY A 339 2.72 -15.81 -55.44
N GLU A 340 2.80 -17.13 -55.40
CA GLU A 340 2.02 -17.99 -56.28
C GLU A 340 0.78 -18.57 -55.63
N VAL A 341 0.52 -18.24 -54.36
CA VAL A 341 -0.73 -18.69 -53.74
C VAL A 341 -1.88 -17.80 -54.19
N PHE A 342 -1.60 -16.56 -54.60
CA PHE A 342 -2.61 -15.65 -55.10
C PHE A 342 -2.58 -15.51 -56.62
N ASN A 343 -1.41 -15.61 -57.23
CA ASN A 343 -1.23 -15.51 -58.68
C ASN A 343 -0.53 -16.78 -59.17
N ALA A 344 -1.31 -17.79 -59.50
CA ALA A 344 -0.81 -19.07 -59.96
C ALA A 344 -1.23 -19.32 -61.40
N THR A 345 -0.88 -20.50 -61.91
CA THR A 345 -1.23 -20.85 -63.28
C THR A 345 -2.73 -21.09 -63.43
N ARG A 346 -3.32 -21.84 -62.51
CA ARG A 346 -4.74 -22.16 -62.59
C ARG A 346 -5.29 -22.36 -61.18
N PHE A 347 -6.61 -22.18 -61.06
CA PHE A 347 -7.32 -22.38 -59.80
C PHE A 347 -8.39 -23.43 -59.98
N ALA A 348 -8.77 -24.06 -58.86
CA ALA A 348 -9.80 -25.09 -58.88
C ALA A 348 -11.19 -24.44 -58.89
N SER A 349 -12.21 -25.29 -58.98
CA SER A 349 -13.58 -24.82 -59.01
C SER A 349 -14.02 -24.32 -57.64
N VAL A 350 -15.15 -23.63 -57.62
CA VAL A 350 -15.64 -23.04 -56.37
C VAL A 350 -16.09 -24.12 -55.40
N TYR A 351 -16.71 -25.19 -55.91
CA TYR A 351 -17.14 -26.28 -55.05
C TYR A 351 -15.99 -27.21 -54.66
N ALA A 352 -14.86 -27.12 -55.34
CA ALA A 352 -13.66 -27.89 -55.01
C ALA A 352 -12.52 -26.95 -54.63
N TRP A 353 -12.84 -25.94 -53.82
CA TRP A 353 -11.85 -24.94 -53.43
C TRP A 353 -10.69 -25.58 -52.68
N ASN A 354 -9.49 -25.15 -53.02
CA ASN A 354 -8.29 -25.64 -52.34
C ASN A 354 -8.13 -24.96 -50.98
N ARG A 355 -7.47 -25.68 -50.07
CA ARG A 355 -7.21 -25.17 -48.72
C ARG A 355 -5.71 -24.96 -48.56
N LYS A 356 -5.33 -23.74 -48.18
CA LYS A 356 -3.93 -23.40 -47.97
C LYS A 356 -3.71 -23.01 -46.52
N ARG A 357 -2.72 -23.62 -45.88
CA ARG A 357 -2.40 -23.39 -44.48
C ARG A 357 -1.14 -22.54 -44.40
N ILE A 358 -1.21 -21.45 -43.64
CA ILE A 358 -0.09 -20.52 -43.51
C ILE A 358 0.22 -20.32 -42.03
N SER A 359 1.48 -20.55 -41.66
CA SER A 359 1.96 -20.33 -40.30
C SER A 359 3.46 -20.10 -40.35
N ASN A 360 3.98 -19.51 -39.28
CA ASN A 360 5.41 -19.22 -39.15
C ASN A 360 5.93 -18.42 -40.33
N CYS A 361 5.16 -17.40 -40.74
CA CYS A 361 5.51 -16.54 -41.84
C CYS A 361 5.63 -15.10 -41.36
N VAL A 362 6.33 -14.28 -42.14
CA VAL A 362 6.34 -12.84 -41.91
C VAL A 362 5.50 -12.19 -43.00
N ALA A 363 4.21 -11.98 -42.71
CA ALA A 363 3.26 -11.54 -43.70
C ALA A 363 3.16 -10.02 -43.71
N ASP A 364 3.32 -9.43 -44.89
CA ASP A 364 3.14 -8.01 -45.11
C ASP A 364 1.99 -7.80 -46.08
N TYR A 365 0.97 -7.04 -45.65
CA TYR A 365 -0.21 -6.80 -46.46
C TYR A 365 -0.23 -5.41 -47.07
N SER A 366 0.76 -4.56 -46.78
CA SER A 366 0.82 -3.24 -47.39
C SER A 366 1.06 -3.35 -48.89
N VAL A 367 1.90 -4.30 -49.31
CA VAL A 367 2.19 -4.47 -50.73
C VAL A 367 0.94 -4.91 -51.49
N LEU A 368 0.11 -5.74 -50.86
CA LEU A 368 -1.15 -6.14 -51.49
C LEU A 368 -2.11 -4.96 -51.62
N TYR A 369 -2.16 -4.09 -50.60
CA TYR A 369 -3.11 -3.00 -50.61
C TYR A 369 -2.72 -1.89 -51.58
N ASN A 370 -1.42 -1.54 -51.62
CA ASN A 370 -0.99 -0.41 -52.44
C ASN A 370 -0.74 -0.79 -53.89
N SER A 371 -0.91 -2.06 -54.27
CA SER A 371 -0.70 -2.47 -55.65
C SER A 371 -1.72 -1.81 -56.58
N ALA A 372 -2.94 -1.61 -56.10
CA ALA A 372 -4.04 -0.97 -56.81
C ALA A 372 -4.45 -1.70 -58.07
N SER A 373 -3.94 -2.92 -58.29
CA SER A 373 -4.31 -3.73 -59.43
C SER A 373 -5.42 -4.72 -59.11
N PHE A 374 -5.93 -4.72 -57.88
CA PHE A 374 -6.98 -5.63 -57.46
C PHE A 374 -8.28 -4.86 -57.32
N SER A 375 -9.35 -5.36 -57.93
CA SER A 375 -10.59 -4.60 -58.01
C SER A 375 -11.33 -4.57 -56.67
N THR A 376 -11.39 -5.71 -55.98
CA THR A 376 -12.22 -5.86 -54.80
C THR A 376 -11.36 -5.82 -53.55
N PHE A 377 -11.69 -4.91 -52.64
CA PHE A 377 -11.04 -4.86 -51.32
C PHE A 377 -12.02 -4.18 -50.36
N LYS A 378 -12.73 -4.98 -49.57
CA LYS A 378 -13.67 -4.45 -48.59
C LYS A 378 -14.10 -5.52 -47.60
N CYS A 379 -14.00 -5.21 -46.30
CA CYS A 379 -14.44 -6.12 -45.25
C CYS A 379 -14.45 -5.37 -43.93
N TYR A 380 -15.13 -5.96 -42.95
CA TYR A 380 -15.25 -5.41 -41.61
C TYR A 380 -14.42 -6.21 -40.62
N GLY A 381 -14.28 -5.67 -39.43
CA GLY A 381 -13.47 -6.26 -38.39
C GLY A 381 -11.99 -5.94 -38.47
N VAL A 382 -11.49 -5.68 -39.68
CA VAL A 382 -10.09 -5.32 -39.89
C VAL A 382 -10.05 -4.10 -40.81
N SER A 383 -8.90 -3.43 -40.81
CA SER A 383 -8.70 -2.22 -41.59
C SER A 383 -7.48 -2.38 -42.48
N PRO A 384 -7.44 -1.68 -43.62
CA PRO A 384 -6.24 -1.74 -44.47
C PRO A 384 -4.97 -1.29 -43.76
N THR A 385 -5.08 -0.31 -42.87
CA THR A 385 -3.96 0.13 -42.05
C THR A 385 -4.03 -0.51 -40.67
N LYS A 386 -2.89 -0.49 -39.97
CA LYS A 386 -2.70 -1.01 -38.63
C LYS A 386 -2.81 -2.54 -38.57
N LEU A 387 -3.10 -3.21 -39.68
CA LEU A 387 -3.18 -4.66 -39.67
C LEU A 387 -1.80 -5.29 -39.60
N ASN A 388 -0.77 -4.60 -40.10
CA ASN A 388 0.59 -5.10 -40.04
C ASN A 388 1.10 -5.21 -38.62
N ASP A 389 0.50 -4.48 -37.67
CA ASP A 389 0.88 -4.55 -36.27
C ASP A 389 0.11 -5.61 -35.49
N LEU A 390 -0.76 -6.37 -36.17
CA LEU A 390 -1.54 -7.42 -35.54
C LEU A 390 -1.00 -8.77 -35.97
N CYS A 391 -0.75 -9.65 -35.01
CA CYS A 391 -0.22 -10.99 -35.27
C CYS A 391 -1.29 -12.03 -35.00
N PHE A 392 -1.34 -13.05 -35.85
CA PHE A 392 -2.35 -14.10 -35.78
C PHE A 392 -1.67 -15.46 -35.73
N THR A 393 -2.41 -16.44 -35.19
CA THR A 393 -1.84 -17.78 -35.01
C THR A 393 -1.73 -18.53 -36.33
N ASN A 394 -2.74 -18.44 -37.19
CA ASN A 394 -2.77 -19.21 -38.41
C ASN A 394 -3.55 -18.45 -39.48
N VAL A 395 -3.31 -18.82 -40.73
CA VAL A 395 -4.02 -18.23 -41.87
C VAL A 395 -4.55 -19.36 -42.74
N TYR A 396 -5.84 -19.29 -43.07
CA TYR A 396 -6.48 -20.23 -43.97
C TYR A 396 -6.86 -19.51 -45.25
N ALA A 397 -6.44 -20.08 -46.39
CA ALA A 397 -6.66 -19.47 -47.69
C ALA A 397 -7.51 -20.40 -48.55
N ASP A 398 -8.57 -19.85 -49.15
CA ASP A 398 -9.45 -20.59 -50.06
C ASP A 398 -9.52 -19.82 -51.37
N SER A 399 -9.06 -20.44 -52.45
CA SER A 399 -8.97 -19.79 -53.75
C SER A 399 -9.86 -20.50 -54.77
N PHE A 400 -10.57 -19.72 -55.58
CA PHE A 400 -11.41 -20.25 -56.65
C PHE A 400 -11.69 -19.13 -57.65
N VAL A 401 -12.61 -19.41 -58.58
CA VAL A 401 -13.01 -18.45 -59.61
C VAL A 401 -14.53 -18.40 -59.64
N ILE A 402 -15.09 -17.19 -59.65
CA ILE A 402 -16.53 -16.97 -59.71
C ILE A 402 -16.84 -16.00 -60.85
N ARG A 403 -18.12 -15.65 -60.97
CA ARG A 403 -18.58 -14.72 -61.99
C ARG A 403 -18.69 -13.32 -61.41
N GLY A 404 -19.09 -12.37 -62.26
CA GLY A 404 -19.19 -10.98 -61.82
C GLY A 404 -20.25 -10.77 -60.76
N ASP A 405 -21.44 -11.34 -60.98
CA ASP A 405 -22.53 -11.21 -60.02
C ASP A 405 -22.35 -12.06 -58.78
N GLU A 406 -21.44 -13.03 -58.81
CA GLU A 406 -21.21 -13.89 -57.65
C GLU A 406 -20.42 -13.19 -56.55
N VAL A 407 -19.79 -12.06 -56.84
CA VAL A 407 -18.99 -11.37 -55.84
C VAL A 407 -19.89 -10.81 -54.74
N ARG A 408 -21.10 -10.36 -55.10
CA ARG A 408 -22.02 -9.82 -54.11
C ARG A 408 -22.50 -10.90 -53.15
N GLN A 409 -22.71 -12.13 -53.64
CA GLN A 409 -23.25 -13.17 -52.80
C GLN A 409 -22.26 -13.64 -51.73
N ILE A 410 -20.97 -13.65 -52.03
CA ILE A 410 -19.98 -14.12 -51.08
C ILE A 410 -19.68 -13.01 -50.08
N ALA A 411 -20.37 -13.05 -48.95
CA ALA A 411 -20.21 -12.06 -47.87
C ALA A 411 -20.97 -12.56 -46.64
N PRO A 412 -20.46 -12.31 -45.43
CA PRO A 412 -21.18 -12.73 -44.23
C PRO A 412 -22.53 -12.03 -44.13
N GLY A 413 -23.53 -12.78 -43.68
CA GLY A 413 -24.87 -12.25 -43.52
C GLY A 413 -25.66 -12.08 -44.80
N GLN A 414 -25.14 -12.54 -45.93
CA GLN A 414 -25.80 -12.41 -47.22
C GLN A 414 -26.27 -13.78 -47.69
N THR A 415 -27.54 -13.86 -48.11
CA THR A 415 -28.13 -15.09 -48.59
C THR A 415 -28.10 -15.15 -50.11
N GLY A 416 -28.20 -16.36 -50.65
CA GLY A 416 -28.20 -16.56 -52.07
C GLY A 416 -27.99 -18.02 -52.41
N LYS A 417 -28.16 -18.33 -53.69
CA LYS A 417 -27.97 -19.70 -54.15
C LYS A 417 -26.53 -20.15 -53.96
N ILE A 418 -25.57 -19.29 -54.32
CA ILE A 418 -24.17 -19.61 -54.09
C ILE A 418 -23.86 -19.64 -52.60
N ALA A 419 -24.40 -18.66 -51.85
CA ALA A 419 -24.16 -18.57 -50.42
C ALA A 419 -24.79 -19.72 -49.64
N ASP A 420 -25.67 -20.51 -50.25
CA ASP A 420 -26.31 -21.63 -49.58
C ASP A 420 -25.88 -22.99 -50.11
N TYR A 421 -25.45 -23.08 -51.37
CA TYR A 421 -25.09 -24.36 -51.97
C TYR A 421 -23.61 -24.51 -52.30
N ASN A 422 -22.86 -23.40 -52.35
CA ASN A 422 -21.45 -23.45 -52.74
C ASN A 422 -20.52 -23.10 -51.60
N TYR A 423 -20.70 -21.93 -50.97
CA TYR A 423 -19.78 -21.48 -49.93
C TYR A 423 -20.47 -20.41 -49.10
N LYS A 424 -20.42 -20.56 -47.78
CA LYS A 424 -21.02 -19.61 -46.86
C LYS A 424 -20.00 -19.22 -45.80
N LEU A 425 -20.21 -18.04 -45.21
CA LEU A 425 -19.30 -17.52 -44.21
C LEU A 425 -20.00 -17.41 -42.86
N PRO A 426 -19.27 -17.61 -41.77
CA PRO A 426 -19.88 -17.50 -40.43
C PRO A 426 -20.21 -16.06 -40.09
N ASP A 427 -21.13 -15.90 -39.13
CA ASP A 427 -21.51 -14.57 -38.67
C ASP A 427 -20.35 -13.86 -37.99
N ASP A 428 -19.51 -14.61 -37.27
CA ASP A 428 -18.34 -14.06 -36.59
C ASP A 428 -17.07 -14.29 -37.40
N PHE A 429 -17.17 -14.20 -38.72
CA PHE A 429 -16.05 -14.47 -39.61
C PHE A 429 -14.91 -13.48 -39.35
N THR A 430 -13.70 -14.01 -39.28
CA THR A 430 -12.48 -13.21 -39.17
C THR A 430 -11.68 -13.33 -40.46
N GLY A 431 -11.12 -12.21 -40.91
CA GLY A 431 -10.56 -12.14 -42.24
C GLY A 431 -11.62 -11.76 -43.26
N CYS A 432 -11.24 -11.82 -44.53
CA CYS A 432 -12.17 -11.42 -45.59
C CYS A 432 -11.63 -11.89 -46.94
N VAL A 433 -12.26 -11.40 -48.00
CA VAL A 433 -12.10 -11.91 -49.36
C VAL A 433 -11.54 -10.82 -50.26
N ILE A 434 -10.62 -11.21 -51.14
CA ILE A 434 -10.06 -10.32 -52.16
C ILE A 434 -10.36 -10.94 -53.52
N ALA A 435 -10.96 -10.15 -54.41
CA ALA A 435 -11.32 -10.61 -55.74
C ALA A 435 -10.70 -9.68 -56.77
N TRP A 436 -10.21 -10.27 -57.88
CA TRP A 436 -9.58 -9.48 -58.93
C TRP A 436 -9.99 -10.01 -60.30
N ASN A 437 -9.99 -9.12 -61.28
CA ASN A 437 -10.41 -9.46 -62.63
C ASN A 437 -9.40 -10.38 -63.31
N SER A 438 -9.91 -11.39 -64.00
CA SER A 438 -9.08 -12.37 -64.70
C SER A 438 -9.58 -12.57 -66.13
N ASN A 439 -9.89 -11.48 -66.82
CA ASN A 439 -10.33 -11.59 -68.21
C ASN A 439 -9.23 -12.12 -69.11
N ASN A 440 -7.99 -11.67 -68.90
CA ASN A 440 -6.89 -12.07 -69.76
C ASN A 440 -6.42 -13.49 -69.51
N LEU A 441 -6.85 -14.13 -68.43
CA LEU A 441 -6.39 -15.47 -68.09
C LEU A 441 -7.51 -16.50 -68.11
N ASP A 442 -8.60 -16.26 -67.40
CA ASP A 442 -9.69 -17.23 -67.31
C ASP A 442 -10.56 -17.27 -68.57
N SER A 443 -10.78 -16.13 -69.21
CA SER A 443 -11.62 -16.08 -70.40
C SER A 443 -10.85 -16.59 -71.61
N LYS A 444 -11.45 -17.52 -72.34
CA LYS A 444 -10.85 -18.12 -73.52
C LYS A 444 -11.82 -18.05 -74.68
N VAL A 445 -11.30 -17.75 -75.87
CA VAL A 445 -12.14 -17.59 -77.05
C VAL A 445 -12.70 -18.95 -77.47
N GLY A 446 -14.01 -19.01 -77.66
CA GLY A 446 -14.69 -20.23 -78.02
C GLY A 446 -15.43 -20.90 -76.88
N GLY A 447 -15.16 -20.51 -75.64
CA GLY A 447 -15.89 -21.09 -74.51
C GLY A 447 -14.99 -21.86 -73.57
N ASN A 448 -15.04 -21.48 -72.30
CA ASN A 448 -14.29 -22.16 -71.24
C ASN A 448 -15.30 -22.83 -70.30
N TYR A 449 -15.17 -24.15 -70.15
CA TYR A 449 -16.10 -24.92 -69.33
C TYR A 449 -15.39 -25.70 -68.23
N ASN A 450 -14.17 -25.29 -67.87
CA ASN A 450 -13.44 -25.96 -66.80
C ASN A 450 -13.95 -25.62 -65.41
N TYR A 451 -14.77 -24.58 -65.28
CA TYR A 451 -15.29 -24.15 -63.99
C TYR A 451 -16.70 -24.72 -63.78
N LEU A 452 -16.94 -25.31 -62.62
CA LEU A 452 -18.20 -25.96 -62.31
C LEU A 452 -18.65 -25.55 -60.92
N TYR A 453 -19.95 -25.31 -60.76
CA TYR A 453 -20.51 -24.91 -59.48
C TYR A 453 -21.79 -25.68 -59.19
N ARG A 454 -22.00 -25.98 -57.92
CA ARG A 454 -23.21 -26.67 -57.48
C ARG A 454 -24.42 -25.76 -57.60
N LEU A 455 -25.53 -26.29 -58.13
CA LEU A 455 -26.72 -25.48 -58.34
C LEU A 455 -27.95 -26.15 -57.75
N PHE A 456 -27.96 -27.47 -57.69
CA PHE A 456 -28.99 -28.25 -57.01
C PHE A 456 -28.43 -28.92 -55.77
N ARG A 457 -29.09 -28.70 -54.63
CA ARG A 457 -28.72 -29.35 -53.38
C ARG A 457 -29.95 -29.39 -52.49
N LYS A 458 -29.97 -30.35 -51.57
CA LYS A 458 -31.08 -30.49 -50.63
C LYS A 458 -31.06 -29.36 -49.61
N ASN A 460 -28.48 -26.58 -47.67
CA ASN A 460 -27.76 -25.97 -46.56
C ASN A 460 -26.38 -26.56 -46.39
N LEU A 461 -25.41 -25.72 -46.05
CA LEU A 461 -24.03 -26.14 -45.87
C LEU A 461 -23.47 -25.54 -44.58
N LYS A 462 -22.69 -26.34 -43.86
CA LYS A 462 -22.03 -25.84 -42.67
C LYS A 462 -20.92 -24.85 -43.06
N PRO A 463 -20.57 -23.93 -42.16
CA PRO A 463 -19.48 -22.99 -42.46
C PRO A 463 -18.16 -23.73 -42.66
N PHE A 464 -17.39 -23.28 -43.65
CA PHE A 464 -16.08 -23.85 -43.96
C PHE A 464 -16.18 -25.37 -44.20
N GLU A 465 -17.19 -25.78 -44.95
CA GLU A 465 -17.42 -27.19 -45.26
C GLU A 465 -17.05 -27.46 -46.71
N ARG A 466 -16.34 -28.55 -46.94
CA ARG A 466 -15.96 -28.98 -48.28
C ARG A 466 -16.75 -30.23 -48.64
N ASP A 467 -17.44 -30.19 -49.78
CA ASP A 467 -18.27 -31.29 -50.25
C ASP A 467 -17.76 -31.70 -51.64
N ILE A 468 -16.79 -32.62 -51.65
CA ILE A 468 -16.25 -33.11 -52.92
C ILE A 468 -17.28 -33.98 -53.64
N SER A 469 -18.12 -34.69 -52.89
CA SER A 469 -19.10 -35.57 -53.50
C SER A 469 -20.16 -34.78 -54.25
N THR A 470 -20.55 -35.27 -55.42
CA THR A 470 -21.57 -34.65 -56.27
C THR A 470 -22.65 -35.66 -56.61
N GLU A 471 -23.14 -36.35 -55.59
CA GLU A 471 -24.19 -37.36 -55.80
C GLU A 471 -25.46 -36.70 -56.32
N ILE A 472 -26.20 -37.44 -57.14
CA ILE A 472 -27.36 -36.89 -57.82
C ILE A 472 -28.42 -36.45 -56.81
N TYR A 473 -29.15 -35.40 -57.15
CA TYR A 473 -30.16 -34.84 -56.27
C TYR A 473 -31.54 -35.37 -56.62
N GLN A 474 -32.30 -35.72 -55.59
CA GLN A 474 -33.67 -36.23 -55.75
C GLN A 474 -34.66 -35.15 -55.36
N ALA A 475 -35.61 -34.87 -56.25
CA ALA A 475 -36.62 -33.85 -56.01
C ALA A 475 -37.87 -34.40 -55.35
N GLY A 476 -37.92 -35.70 -55.07
CA GLY A 476 -39.08 -36.30 -54.44
C GLY A 476 -39.53 -37.58 -55.12
N THR A 478 -41.50 -40.55 -57.69
CA THR A 478 -40.78 -41.79 -57.98
C THR A 478 -39.27 -41.55 -57.98
N PRO A 479 -38.56 -42.25 -57.10
CA PRO A 479 -37.10 -42.12 -57.05
C PRO A 479 -36.46 -42.54 -58.37
N CYS A 480 -35.40 -41.83 -58.74
CA CYS A 480 -34.70 -42.13 -59.99
C CYS A 480 -33.64 -43.21 -59.83
N ASN A 481 -33.32 -43.62 -58.59
CA ASN A 481 -32.34 -44.66 -58.31
C ASN A 481 -30.99 -44.33 -58.94
N GLY A 482 -30.59 -43.07 -58.87
CA GLY A 482 -29.31 -42.66 -59.42
C GLY A 482 -29.22 -42.71 -60.93
N VAL A 483 -30.36 -42.56 -61.62
CA VAL A 483 -30.41 -42.58 -63.07
C VAL A 483 -30.97 -41.26 -63.55
N GLU A 484 -30.29 -40.65 -64.52
CA GLU A 484 -30.75 -39.37 -65.05
C GLU A 484 -32.12 -39.51 -65.71
N GLY A 485 -33.00 -38.57 -65.41
CA GLY A 485 -34.35 -38.62 -65.96
C GLY A 485 -35.26 -37.64 -65.25
N PHE A 486 -36.54 -38.02 -65.17
CA PHE A 486 -37.53 -37.18 -64.51
C PHE A 486 -37.26 -37.10 -63.02
N ASN A 487 -37.52 -35.92 -62.45
CA ASN A 487 -37.37 -35.62 -61.03
C ASN A 487 -35.92 -35.73 -60.55
N CYS A 488 -34.97 -35.87 -61.47
CA CYS A 488 -33.55 -35.96 -61.10
C CYS A 488 -32.75 -35.30 -62.21
N TYR A 489 -32.41 -34.02 -62.02
CA TYR A 489 -31.62 -33.27 -62.98
C TYR A 489 -30.16 -33.24 -62.55
N PHE A 490 -29.33 -32.65 -63.39
CA PHE A 490 -27.90 -32.54 -63.09
C PHE A 490 -27.69 -31.55 -61.96
N PRO A 491 -27.03 -31.94 -60.86
CA PRO A 491 -26.93 -31.04 -59.70
C PRO A 491 -25.93 -29.90 -59.89
N LEU A 492 -25.06 -29.97 -60.89
CA LEU A 492 -24.01 -28.98 -61.09
C LEU A 492 -24.30 -28.19 -62.36
N GLN A 493 -23.47 -27.17 -62.60
CA GLN A 493 -23.63 -26.32 -63.77
C GLN A 493 -22.30 -25.67 -64.10
N SER A 494 -22.03 -25.51 -65.39
CA SER A 494 -20.83 -24.84 -65.85
C SER A 494 -21.07 -23.34 -65.99
N TYR A 495 -19.99 -22.61 -66.29
CA TYR A 495 -20.05 -21.16 -66.42
C TYR A 495 -20.09 -20.70 -67.87
N GLY A 496 -19.20 -21.22 -68.71
CA GLY A 496 -19.16 -20.84 -70.10
C GLY A 496 -18.80 -19.38 -70.32
N PHE A 497 -17.75 -18.92 -69.64
CA PHE A 497 -17.32 -17.54 -69.78
C PHE A 497 -16.90 -17.24 -71.21
N GLN A 498 -17.29 -16.08 -71.71
CA GLN A 498 -16.97 -15.63 -73.06
C GLN A 498 -16.33 -14.26 -73.01
N PRO A 499 -15.44 -13.96 -73.96
CA PRO A 499 -14.85 -12.61 -74.01
C PRO A 499 -15.89 -11.52 -74.24
N THR A 500 -16.97 -11.83 -74.97
CA THR A 500 -18.01 -10.84 -75.24
C THR A 500 -18.79 -10.45 -73.99
N ASN A 501 -18.76 -11.29 -72.96
CA ASN A 501 -19.50 -10.99 -71.73
C ASN A 501 -18.96 -9.72 -71.07
N GLY A 502 -19.87 -8.94 -70.50
CA GLY A 502 -19.52 -7.69 -69.86
C GLY A 502 -19.02 -7.86 -68.46
N VAL A 503 -19.06 -6.76 -67.70
CA VAL A 503 -18.57 -6.77 -66.32
C VAL A 503 -19.46 -7.65 -65.44
N GLY A 504 -20.73 -7.83 -65.81
CA GLY A 504 -21.63 -8.61 -65.00
C GLY A 504 -21.39 -10.11 -65.05
N TYR A 505 -20.71 -10.59 -66.10
CA TYR A 505 -20.47 -12.02 -66.26
C TYR A 505 -18.99 -12.34 -66.49
N GLN A 506 -18.10 -11.36 -66.39
CA GLN A 506 -16.68 -11.64 -66.59
C GLN A 506 -16.13 -12.44 -65.42
N PRO A 507 -15.15 -13.31 -65.68
CA PRO A 507 -14.58 -14.11 -64.60
C PRO A 507 -13.83 -13.26 -63.58
N TYR A 508 -13.86 -13.72 -62.33
CA TYR A 508 -13.18 -13.05 -61.23
C TYR A 508 -12.50 -14.09 -60.36
N ARG A 509 -11.20 -13.95 -60.15
CA ARG A 509 -10.46 -14.86 -59.29
C ARG A 509 -10.54 -14.35 -57.86
N VAL A 510 -10.91 -15.26 -56.94
CA VAL A 510 -11.29 -14.91 -55.58
C VAL A 510 -10.43 -15.71 -54.61
N VAL A 511 -9.87 -15.03 -53.62
CA VAL A 511 -9.14 -15.68 -52.54
C VAL A 511 -9.66 -15.14 -51.21
N VAL A 512 -10.04 -16.06 -50.32
CA VAL A 512 -10.56 -15.72 -48.99
C VAL A 512 -9.48 -16.08 -47.98
N LEU A 513 -9.06 -15.09 -47.19
CA LEU A 513 -8.06 -15.28 -46.15
C LEU A 513 -8.72 -15.08 -44.80
N SER A 514 -8.61 -16.10 -43.94
CA SER A 514 -9.22 -16.09 -42.62
C SER A 514 -8.15 -16.31 -41.55
N PHE A 515 -8.27 -15.56 -40.45
CA PHE A 515 -7.36 -15.67 -39.32
C PHE A 515 -8.11 -16.19 -38.11
N GLU A 516 -7.47 -17.06 -37.34
CA GLU A 516 -8.06 -17.65 -36.15
C GLU A 516 -7.14 -17.43 -34.95
N LEU A 517 -7.74 -17.08 -33.82
CA LEU A 517 -7.00 -16.87 -32.58
C LEU A 517 -7.69 -17.59 -31.43
N LEU A 518 -6.90 -18.03 -30.46
CA LEU A 518 -7.42 -18.74 -29.30
C LEU A 518 -6.47 -18.62 -28.11
N PRO A 521 -0.34 -20.33 -29.52
CA PRO A 521 0.65 -19.27 -29.72
C PRO A 521 0.66 -18.73 -31.16
N ALA A 522 0.83 -17.42 -31.30
CA ALA A 522 0.84 -16.80 -32.62
C ALA A 522 2.08 -17.25 -33.39
N THR A 523 1.91 -17.52 -34.68
CA THR A 523 2.99 -17.98 -35.54
C THR A 523 3.33 -17.01 -36.65
N VAL A 524 2.35 -16.41 -37.29
CA VAL A 524 2.57 -15.48 -38.41
C VAL A 524 2.26 -14.07 -37.94
N CYS A 525 3.26 -13.20 -37.98
CA CYS A 525 3.16 -11.82 -37.51
C CYS A 525 3.35 -10.87 -38.69
N GLY A 526 3.45 -9.57 -38.38
CA GLY A 526 3.61 -8.57 -39.39
C GLY A 526 5.06 -8.41 -39.80
N PRO A 527 5.29 -7.48 -40.74
CA PRO A 527 6.66 -7.27 -41.24
C PRO A 527 7.65 -6.83 -40.18
N LYS A 528 7.21 -6.04 -39.20
CA LYS A 528 8.07 -5.54 -38.12
C LYS A 528 9.27 -4.76 -38.68
N LYS A 529 8.94 -3.64 -39.32
CA LYS A 529 9.96 -2.82 -39.96
C LYS A 529 10.91 -2.23 -38.93
N SER A 530 12.14 -1.96 -39.36
CA SER A 530 13.19 -1.44 -38.50
C SER A 530 13.62 -0.06 -38.99
N THR A 531 14.49 0.57 -38.21
CA THR A 531 15.01 1.89 -38.54
C THR A 531 16.53 1.91 -38.50
N ASN A 532 17.13 3.09 -38.66
CA ASN A 532 18.58 3.23 -38.63
C ASN A 532 19.08 3.24 -37.19
N LEU A 533 20.39 3.02 -37.05
CA LEU A 533 21.05 2.99 -35.74
C LEU A 533 21.94 4.22 -35.62
N VAL A 534 21.81 4.93 -34.51
CA VAL A 534 22.60 6.14 -34.23
C VAL A 534 23.17 6.03 -32.82
N LYS A 535 24.40 6.49 -32.66
CA LYS A 535 25.11 6.44 -31.38
C LYS A 535 25.44 7.86 -30.92
N ASN A 536 26.05 7.94 -29.73
CA ASN A 536 26.56 9.17 -29.14
C ASN A 536 25.47 10.20 -28.87
N LYS A 537 24.21 9.77 -28.80
CA LYS A 537 23.10 10.65 -28.47
C LYS A 537 22.14 9.93 -27.53
N CYS A 538 21.51 10.69 -26.63
CA CYS A 538 20.48 10.13 -25.76
C CYS A 538 19.26 9.78 -26.61
N VAL A 539 19.01 8.49 -26.78
CA VAL A 539 18.06 7.99 -27.78
C VAL A 539 17.09 7.03 -27.11
N ASN A 540 15.83 7.08 -27.55
CA ASN A 540 14.85 6.06 -27.21
C ASN A 540 15.03 4.88 -28.15
N PHE A 541 15.43 3.73 -27.60
CA PHE A 541 15.73 2.55 -28.39
C PHE A 541 14.71 1.45 -28.12
N ASN A 542 14.30 0.77 -29.20
CA ASN A 542 13.37 -0.36 -29.13
C ASN A 542 14.08 -1.57 -29.74
N PHE A 543 14.67 -2.40 -28.88
CA PHE A 543 15.43 -3.57 -29.31
C PHE A 543 14.60 -4.82 -29.01
N ASN A 544 14.09 -5.46 -30.07
CA ASN A 544 13.33 -6.71 -29.95
C ASN A 544 12.14 -6.56 -29.00
N GLY A 545 11.48 -5.41 -29.06
CA GLY A 545 10.35 -5.13 -28.19
C GLY A 545 10.71 -4.52 -26.86
N LEU A 546 11.97 -4.56 -26.46
CA LEU A 546 12.41 -3.94 -25.21
C LEU A 546 12.62 -2.45 -25.46
N THR A 547 11.88 -1.62 -24.74
CA THR A 547 11.94 -0.16 -24.91
C THR A 547 12.77 0.44 -23.78
N GLY A 548 13.66 1.36 -24.14
CA GLY A 548 14.49 2.00 -23.13
C GLY A 548 14.97 3.35 -23.62
N THR A 549 15.59 4.10 -22.70
CA THR A 549 16.15 5.40 -22.99
C THR A 549 17.61 5.41 -22.59
N GLY A 550 18.47 5.88 -23.49
CA GLY A 550 19.88 5.96 -23.18
C GLY A 550 20.71 6.15 -24.43
N VAL A 551 22.01 6.31 -24.21
CA VAL A 551 22.97 6.52 -25.28
C VAL A 551 23.77 5.24 -25.49
N LEU A 552 23.96 4.89 -26.76
CA LEU A 552 24.75 3.72 -27.15
C LEU A 552 26.22 4.07 -27.22
N THR A 553 27.07 3.09 -26.92
CA THR A 553 28.50 3.23 -27.09
C THR A 553 29.10 1.85 -27.38
N GLU A 554 30.35 1.85 -27.84
CA GLU A 554 31.03 0.61 -28.13
C GLU A 554 31.25 -0.18 -26.83
N SER A 555 30.96 -1.47 -26.87
CA SER A 555 31.04 -2.33 -25.70
C SER A 555 32.11 -3.39 -25.91
N ASN A 556 32.97 -3.56 -24.90
CA ASN A 556 34.01 -4.57 -24.95
C ASN A 556 33.51 -5.94 -24.49
N LYS A 557 32.30 -6.02 -23.94
CA LYS A 557 31.77 -7.29 -23.46
C LYS A 557 31.55 -8.25 -24.63
N LYS A 558 31.82 -9.52 -24.38
CA LYS A 558 31.67 -10.58 -25.38
C LYS A 558 30.43 -11.40 -25.01
N PHE A 559 29.33 -11.16 -25.72
CA PHE A 559 28.10 -11.89 -25.46
C PHE A 559 28.17 -13.29 -26.03
N LEU A 560 27.50 -14.22 -25.37
CA LEU A 560 27.35 -15.56 -25.91
C LEU A 560 26.38 -15.54 -27.08
N PRO A 561 26.51 -16.48 -28.02
CA PRO A 561 25.67 -16.44 -29.23
C PRO A 561 24.18 -16.49 -28.96
N PHE A 562 23.75 -17.10 -27.85
CA PHE A 562 22.33 -17.25 -27.54
C PHE A 562 21.81 -16.15 -26.62
N GLN A 563 22.63 -15.16 -26.29
CA GLN A 563 22.23 -14.08 -25.38
C GLN A 563 22.08 -12.79 -26.17
N GLN A 564 20.94 -12.12 -25.98
CA GLN A 564 20.63 -10.88 -26.70
C GLN A 564 21.03 -9.64 -25.91
N PHE A 565 20.48 -9.47 -24.71
CA PHE A 565 20.76 -8.32 -23.88
C PHE A 565 21.35 -8.78 -22.55
N GLY A 566 22.12 -7.90 -21.93
CA GLY A 566 22.83 -8.20 -20.70
C GLY A 566 22.32 -7.35 -19.54
N ARG A 567 22.30 -7.95 -18.35
CA ARG A 567 21.90 -7.27 -17.13
C ARG A 567 23.02 -7.39 -16.11
N ASP A 568 23.43 -6.26 -15.54
CA ASP A 568 24.46 -6.24 -14.52
C ASP A 568 23.81 -6.38 -13.14
N ILE A 569 24.59 -6.09 -12.08
CA ILE A 569 24.06 -6.14 -10.74
C ILE A 569 22.87 -5.18 -10.61
N ALA A 570 21.92 -5.54 -9.76
CA ALA A 570 20.67 -4.82 -9.49
C ALA A 570 19.64 -4.96 -10.60
N ASP A 571 19.87 -5.86 -11.56
CA ASP A 571 18.88 -6.23 -12.58
C ASP A 571 18.42 -5.02 -13.39
N THR A 572 19.38 -4.43 -14.11
CA THR A 572 19.07 -3.38 -15.08
C THR A 572 19.90 -3.62 -16.33
N THR A 573 19.38 -3.17 -17.46
CA THR A 573 20.03 -3.41 -18.74
C THR A 573 21.35 -2.66 -18.82
N ASP A 574 22.40 -3.36 -19.25
CA ASP A 574 23.73 -2.77 -19.39
C ASP A 574 24.22 -2.81 -20.82
N ALA A 575 24.15 -3.96 -21.48
CA ALA A 575 24.57 -4.09 -22.87
C ALA A 575 23.53 -4.88 -23.64
N VAL A 576 23.36 -4.54 -24.91
CA VAL A 576 22.37 -5.18 -25.77
C VAL A 576 22.99 -5.47 -27.12
N ARG A 577 22.67 -6.63 -27.69
CA ARG A 577 23.15 -7.02 -29.00
C ARG A 577 22.03 -6.83 -30.02
N ASP A 578 22.28 -6.00 -31.03
CA ASP A 578 21.27 -5.78 -32.05
C ASP A 578 21.20 -6.99 -32.99
N PRO A 579 20.00 -7.33 -33.48
CA PRO A 579 19.88 -8.57 -34.27
C PRO A 579 20.40 -8.44 -35.70
N GLN A 580 20.47 -7.22 -36.24
CA GLN A 580 20.79 -7.05 -37.65
C GLN A 580 22.24 -7.40 -37.95
N THR A 581 23.18 -6.88 -37.15
CA THR A 581 24.60 -7.04 -37.45
C THR A 581 25.37 -7.65 -36.27
N LEU A 582 24.68 -8.37 -35.39
CA LEU A 582 25.28 -9.09 -34.26
C LEU A 582 26.31 -8.22 -33.52
N GLU A 583 25.96 -6.96 -33.29
CA GLU A 583 26.84 -6.00 -32.65
C GLU A 583 26.36 -5.75 -31.22
N ILE A 584 27.29 -5.81 -30.27
CA ILE A 584 27.01 -5.58 -28.86
C ILE A 584 27.31 -4.13 -28.54
N LEU A 585 26.34 -3.42 -27.98
CA LEU A 585 26.47 -2.00 -27.66
C LEU A 585 26.12 -1.79 -26.19
N ASP A 586 26.93 -0.97 -25.53
CA ASP A 586 26.72 -0.63 -24.13
C ASP A 586 25.75 0.55 -24.03
N ILE A 587 24.69 0.38 -23.25
CA ILE A 587 23.70 1.42 -23.00
C ILE A 587 24.08 2.14 -21.71
N THR A 588 24.23 3.46 -21.79
CA THR A 588 24.44 4.23 -20.57
C THR A 588 23.44 5.38 -20.53
N PRO A 589 22.92 5.71 -19.35
CA PRO A 589 21.98 6.84 -19.27
C PRO A 589 22.66 8.14 -19.68
N CYS A 590 21.91 8.96 -20.43
CA CYS A 590 22.44 10.26 -20.82
C CYS A 590 22.49 11.20 -19.61
N SER A 591 23.29 12.24 -19.73
CA SER A 591 23.62 13.09 -18.59
C SER A 591 22.38 13.71 -17.97
N PHE A 592 22.31 13.66 -16.64
CA PHE A 592 21.24 14.29 -15.88
C PHE A 592 21.76 14.58 -14.48
N GLY A 593 21.09 15.49 -13.80
CA GLY A 593 21.46 15.80 -12.43
C GLY A 593 20.73 17.02 -11.93
N GLY A 594 20.79 17.21 -10.61
CA GLY A 594 20.10 18.32 -9.99
C GLY A 594 20.75 19.65 -10.31
N VAL A 595 19.97 20.71 -10.10
CA VAL A 595 20.40 22.08 -10.33
C VAL A 595 20.29 22.83 -9.01
N SER A 596 21.41 23.41 -8.57
CA SER A 596 21.48 24.15 -7.31
C SER A 596 21.66 25.63 -7.61
N VAL A 597 20.89 26.45 -6.90
CA VAL A 597 20.91 27.90 -7.05
C VAL A 597 21.68 28.49 -5.88
N ILE A 598 22.82 29.11 -6.18
CA ILE A 598 23.65 29.74 -5.17
C ILE A 598 23.44 31.24 -5.26
N THR A 599 22.93 31.83 -4.17
CA THR A 599 22.71 33.26 -4.09
C THR A 599 23.28 33.81 -2.80
N PRO A 600 23.76 35.05 -2.80
CA PRO A 600 24.22 35.68 -1.57
C PRO A 600 23.10 36.28 -0.71
N GLY A 601 21.84 35.97 -1.02
CA GLY A 601 20.72 36.54 -0.31
C GLY A 601 20.07 37.68 -1.06
N THR A 602 18.74 37.68 -1.11
CA THR A 602 18.03 38.75 -1.80
C THR A 602 18.29 40.11 -1.16
N ASN A 603 18.47 40.14 0.17
CA ASN A 603 18.78 41.38 0.86
C ASN A 603 20.14 41.93 0.43
N THR A 604 21.04 41.07 -0.03
CA THR A 604 22.39 41.49 -0.41
C THR A 604 22.48 41.81 -1.90
N SER A 605 22.20 40.83 -2.76
CA SER A 605 22.32 41.03 -4.20
C SER A 605 21.45 40.02 -4.92
N ASN A 606 21.22 40.29 -6.21
CA ASN A 606 20.40 39.44 -7.05
C ASN A 606 21.23 38.50 -7.93
N GLN A 607 22.55 38.49 -7.77
CA GLN A 607 23.40 37.62 -8.57
C GLN A 607 23.17 36.15 -8.22
N VAL A 608 23.23 35.30 -9.24
CA VAL A 608 22.87 33.89 -9.12
C VAL A 608 23.94 33.05 -9.80
N ALA A 609 24.32 31.95 -9.14
CA ALA A 609 25.17 30.94 -9.72
C ALA A 609 24.39 29.64 -9.84
N VAL A 610 24.62 28.90 -10.92
CA VAL A 610 23.90 27.66 -11.21
C VAL A 610 24.89 26.51 -11.18
N LEU A 611 24.61 25.51 -10.36
CA LEU A 611 25.46 24.33 -10.22
C LEU A 611 24.72 23.10 -10.71
N TYR A 612 25.25 22.48 -11.77
CA TYR A 612 24.73 21.21 -12.26
C TYR A 612 25.50 20.10 -11.56
N GLN A 613 24.79 19.26 -10.81
CA GLN A 613 25.42 18.26 -9.95
C GLN A 613 25.73 17.00 -10.75
N ASP A 614 26.99 16.59 -10.76
CA ASP A 614 27.45 15.36 -11.42
C ASP A 614 27.04 15.34 -12.89
N VAL A 615 27.13 16.50 -13.55
CA VAL A 615 26.79 16.63 -14.95
C VAL A 615 28.00 17.18 -15.70
N ASN A 616 28.44 16.44 -16.72
CA ASN A 616 29.48 16.93 -17.64
C ASN A 616 28.79 17.85 -18.64
N CYS A 617 28.69 19.12 -18.26
CA CYS A 617 27.82 20.07 -18.96
C CYS A 617 28.52 20.70 -20.16
N THR A 618 29.51 20.01 -20.72
CA THR A 618 30.13 20.48 -21.95
C THR A 618 29.14 20.53 -23.11
N GLU A 619 28.04 19.77 -23.02
CA GLU A 619 26.99 19.78 -24.03
C GLU A 619 25.69 20.22 -23.37
N VAL A 620 25.35 21.50 -23.53
CA VAL A 620 24.11 22.04 -22.98
C VAL A 620 23.33 22.77 -24.06
N ASN A 641 31.80 31.60 -17.61
CA ASN A 641 32.29 31.30 -16.27
C ASN A 641 31.95 29.87 -15.87
N VAL A 642 32.38 28.91 -16.68
CA VAL A 642 32.12 27.50 -16.43
C VAL A 642 33.33 26.90 -15.71
N PHE A 643 33.10 26.36 -14.52
CA PHE A 643 34.14 25.72 -13.71
C PHE A 643 33.72 24.30 -13.39
N GLN A 644 34.54 23.34 -13.78
CA GLN A 644 34.22 21.92 -13.63
C GLN A 644 34.98 21.33 -12.45
N THR A 645 34.26 20.70 -11.53
CA THR A 645 34.83 20.00 -10.40
C THR A 645 34.21 18.61 -10.30
N ARG A 646 34.74 17.79 -9.40
CA ARG A 646 34.21 16.44 -9.22
C ARG A 646 32.79 16.45 -8.67
N ALA A 647 32.31 17.59 -8.17
CA ALA A 647 30.93 17.73 -7.72
C ALA A 647 30.00 18.19 -8.83
N GLY A 648 30.51 18.43 -10.03
CA GLY A 648 29.68 18.88 -11.14
C GLY A 648 30.27 20.05 -11.89
N CYS A 649 29.43 21.01 -12.29
CA CYS A 649 29.92 22.20 -12.96
C CYS A 649 29.13 23.42 -12.53
N LEU A 650 29.85 24.51 -12.27
CA LEU A 650 29.27 25.75 -11.78
C LEU A 650 29.41 26.85 -12.83
N ILE A 651 28.32 27.59 -13.04
CA ILE A 651 28.26 28.65 -14.04
C ILE A 651 27.77 29.92 -13.36
N GLY A 652 28.42 31.04 -13.67
CA GLY A 652 28.05 32.32 -13.12
C GLY A 652 28.96 32.85 -12.03
N ALA A 653 29.94 32.07 -11.59
CA ALA A 653 30.89 32.50 -10.57
C ALA A 653 32.31 32.37 -11.11
N GLU A 654 33.13 33.36 -10.81
CA GLU A 654 34.52 33.40 -11.29
C GLU A 654 35.40 32.61 -10.33
N HIS A 655 36.11 31.62 -10.86
CA HIS A 655 37.02 30.82 -10.05
C HIS A 655 38.27 31.65 -9.72
N VAL A 656 38.68 31.59 -8.45
CA VAL A 656 39.85 32.33 -7.99
C VAL A 656 40.84 31.34 -7.38
N ASN A 657 42.11 31.73 -7.38
CA ASN A 657 43.19 30.88 -6.88
C ASN A 657 43.48 31.09 -5.40
N ASN A 658 42.75 31.99 -4.74
CA ASN A 658 42.93 32.24 -3.32
C ASN A 658 42.12 31.23 -2.51
N SER A 659 42.25 31.30 -1.18
CA SER A 659 41.51 30.42 -0.29
C SER A 659 41.01 31.23 0.90
N TYR A 660 39.69 31.24 1.08
CA TYR A 660 39.03 31.96 2.16
C TYR A 660 38.20 30.97 2.98
N GLU A 661 37.62 31.48 4.07
CA GLU A 661 36.70 30.67 4.87
C GLU A 661 35.44 30.36 4.08
N CYS A 662 34.95 29.13 4.23
CA CYS A 662 33.79 28.70 3.46
C CYS A 662 32.55 29.47 3.89
N ASP A 663 31.80 29.98 2.89
CA ASP A 663 30.57 30.71 3.13
C ASP A 663 29.34 29.96 2.62
N ILE A 664 29.34 29.59 1.35
CA ILE A 664 28.28 28.76 0.78
C ILE A 664 28.89 27.44 0.37
N PRO A 665 28.66 26.36 1.13
CA PRO A 665 29.32 25.08 0.81
C PRO A 665 28.77 24.43 -0.46
N ILE A 666 29.58 24.44 -1.52
CA ILE A 666 29.18 23.77 -2.76
C ILE A 666 29.45 22.26 -2.65
N GLY A 667 30.63 21.90 -2.17
CA GLY A 667 30.96 20.50 -1.98
C GLY A 667 32.30 20.11 -2.56
N ALA A 668 32.82 18.95 -2.12
CA ALA A 668 34.09 18.41 -2.61
C ALA A 668 35.24 19.41 -2.43
N GLY A 669 35.23 20.13 -1.30
CA GLY A 669 36.24 21.11 -1.01
C GLY A 669 36.07 22.43 -1.72
N ILE A 670 34.97 22.63 -2.44
CA ILE A 670 34.71 23.85 -3.18
C ILE A 670 33.61 24.63 -2.47
N CYS A 671 33.84 25.92 -2.25
CA CYS A 671 32.86 26.81 -1.64
C CYS A 671 32.69 28.05 -2.49
N ALA A 672 31.61 28.79 -2.21
CA ALA A 672 31.29 30.01 -2.92
C ALA A 672 31.03 31.13 -1.93
N SER A 673 31.32 32.36 -2.35
CA SER A 673 31.13 33.52 -1.48
C SER A 673 30.89 34.74 -2.35
N TYR A 674 30.38 35.80 -1.72
CA TYR A 674 30.12 37.05 -2.41
C TYR A 674 31.19 38.08 -2.11
N SER A 691 30.51 40.58 -7.10
CA SER A 691 30.29 39.36 -7.89
C SER A 691 30.44 38.12 -7.02
N ILE A 692 29.98 36.98 -7.54
CA ILE A 692 30.06 35.71 -6.85
C ILE A 692 31.35 35.00 -7.25
N ILE A 693 32.13 34.59 -6.26
CA ILE A 693 33.39 33.90 -6.50
C ILE A 693 33.31 32.49 -5.93
N ALA A 694 34.03 31.58 -6.57
CA ALA A 694 34.11 30.19 -6.15
C ALA A 694 35.57 29.82 -5.95
N TYR A 695 35.87 29.20 -4.81
CA TYR A 695 37.25 28.88 -4.47
C TYR A 695 37.27 27.56 -3.70
N THR A 696 38.44 27.21 -3.19
CA THR A 696 38.61 26.08 -2.28
C THR A 696 38.77 26.63 -0.87
N MET A 697 37.92 26.17 0.05
CA MET A 697 37.91 26.72 1.40
C MET A 697 39.23 26.44 2.10
N SER A 698 39.68 27.41 2.89
CA SER A 698 40.92 27.29 3.65
C SER A 698 40.63 26.69 5.01
N LEU A 699 41.47 25.74 5.42
CA LEU A 699 41.23 25.03 6.67
C LEU A 699 41.47 25.93 7.88
N GLY A 700 42.25 26.99 7.74
CA GLY A 700 42.53 27.89 8.83
C GLY A 700 43.91 28.51 8.63
N ALA A 701 44.33 29.26 9.65
CA ALA A 701 45.63 29.89 9.61
C ALA A 701 46.74 28.85 9.65
N GLU A 702 47.76 29.06 8.82
CA GLU A 702 48.90 28.16 8.74
C GLU A 702 50.07 28.77 9.51
N ASN A 703 50.53 28.08 10.54
CA ASN A 703 51.63 28.55 11.36
C ASN A 703 52.52 27.38 11.77
N SER A 704 53.78 27.68 12.05
CA SER A 704 54.76 26.69 12.48
C SER A 704 55.21 27.02 13.90
N VAL A 705 55.11 26.04 14.78
CA VAL A 705 55.49 26.22 16.18
C VAL A 705 56.97 25.87 16.35
N ALA A 706 57.69 26.74 17.05
CA ALA A 706 59.14 26.58 17.24
C ALA A 706 59.37 25.53 18.33
N TYR A 707 59.43 24.27 17.91
CA TYR A 707 59.64 23.17 18.83
C TYR A 707 61.14 22.95 19.06
N SER A 708 61.49 22.67 20.31
CA SER A 708 62.87 22.34 20.67
C SER A 708 62.85 21.44 21.89
N ASN A 709 63.96 20.74 22.11
CA ASN A 709 64.07 19.82 23.24
C ASN A 709 64.44 20.52 24.54
N ASN A 710 64.76 21.82 24.51
CA ASN A 710 65.08 22.57 25.70
C ASN A 710 64.44 23.94 25.66
N SER A 711 63.23 24.03 25.10
CA SER A 711 62.53 25.30 24.98
C SER A 711 61.06 25.10 25.33
N ILE A 712 60.51 26.05 26.08
CA ILE A 712 59.10 26.05 26.46
C ILE A 712 58.54 27.46 26.26
N ALA A 713 57.21 27.53 26.17
CA ALA A 713 56.50 28.80 26.11
C ALA A 713 55.53 28.84 27.27
N ILE A 714 55.65 29.87 28.10
CA ILE A 714 54.82 30.03 29.30
C ILE A 714 54.06 31.34 29.19
N PRO A 715 52.75 31.35 29.39
CA PRO A 715 52.01 32.62 29.35
C PRO A 715 52.38 33.53 30.51
N THR A 716 52.32 34.83 30.25
CA THR A 716 52.51 35.83 31.30
C THR A 716 51.23 36.62 31.59
N ASN A 717 50.13 36.30 30.92
CA ASN A 717 48.87 37.00 31.15
C ASN A 717 47.72 36.04 30.86
N PHE A 718 46.52 36.50 31.18
CA PHE A 718 45.33 35.68 31.09
C PHE A 718 44.17 36.49 30.52
N THR A 719 43.16 35.76 30.04
CA THR A 719 41.94 36.35 29.52
C THR A 719 40.75 35.59 30.07
N ILE A 720 39.76 36.32 30.58
CA ILE A 720 38.52 35.73 31.04
C ILE A 720 37.52 35.79 29.88
N SER A 721 37.23 34.63 29.29
CA SER A 721 36.42 34.55 28.08
C SER A 721 35.04 34.01 28.42
N VAL A 722 34.01 34.72 27.98
CA VAL A 722 32.63 34.29 28.16
C VAL A 722 32.08 33.90 26.79
N THR A 723 31.67 32.63 26.66
CA THR A 723 31.11 32.11 25.43
C THR A 723 29.65 31.72 25.66
N THR A 724 28.88 31.68 24.58
CA THR A 724 27.47 31.34 24.63
C THR A 724 27.23 30.04 23.88
N GLU A 725 26.53 29.11 24.53
CA GLU A 725 26.15 27.85 23.92
C GLU A 725 24.63 27.69 23.99
N ILE A 726 24.02 27.31 22.88
CA ILE A 726 22.57 27.16 22.79
C ILE A 726 22.24 25.67 22.72
N LEU A 727 21.33 25.22 23.57
CA LEU A 727 20.96 23.80 23.56
C LEU A 727 19.45 23.64 23.62
N PRO A 728 18.82 23.07 22.58
CA PRO A 728 17.38 22.82 22.65
C PRO A 728 17.04 21.87 23.79
N VAL A 729 15.91 22.15 24.45
CA VAL A 729 15.49 21.36 25.60
C VAL A 729 14.17 20.67 25.28
N SER A 730 13.33 21.32 24.48
CA SER A 730 12.02 20.77 24.17
C SER A 730 11.49 21.46 22.91
N MET A 731 10.42 20.89 22.37
CA MET A 731 9.73 21.42 21.20
C MET A 731 8.24 21.55 21.52
N THR A 732 7.50 22.12 20.57
CA THR A 732 6.07 22.31 20.77
C THR A 732 5.35 20.96 20.81
N LYS A 733 4.42 20.83 21.75
CA LYS A 733 3.63 19.61 21.91
C LYS A 733 2.38 19.73 21.04
N THR A 734 2.31 18.93 19.99
CA THR A 734 1.20 18.96 19.05
C THR A 734 0.36 17.70 19.20
N SER A 735 -0.95 17.86 19.28
CA SER A 735 -1.90 16.76 19.36
C SER A 735 -2.76 16.77 18.10
N VAL A 736 -2.89 15.59 17.49
CA VAL A 736 -3.65 15.43 16.25
C VAL A 736 -4.78 14.45 16.51
N ASP A 737 -6.01 14.87 16.22
CA ASP A 737 -7.17 13.99 16.29
C ASP A 737 -7.33 13.30 14.94
N CYS A 738 -7.03 12.01 14.89
CA CYS A 738 -7.03 11.30 13.61
C CYS A 738 -8.43 11.27 13.00
N THR A 739 -9.46 11.04 13.81
CA THR A 739 -10.82 11.02 13.29
C THR A 739 -11.21 12.37 12.71
N MET A 740 -10.87 13.46 13.41
CA MET A 740 -11.21 14.78 12.90
C MET A 740 -10.36 15.16 11.70
N TYR A 741 -9.07 14.80 11.73
CA TYR A 741 -8.17 15.15 10.64
C TYR A 741 -8.56 14.44 9.34
N ILE A 742 -8.72 13.11 9.41
CA ILE A 742 -9.00 12.33 8.21
C ILE A 742 -10.42 12.58 7.71
N CYS A 743 -11.39 12.62 8.63
CA CYS A 743 -12.80 12.62 8.26
C CYS A 743 -13.47 13.98 8.39
N GLY A 744 -13.19 14.72 9.46
CA GLY A 744 -13.90 15.97 9.67
C GLY A 744 -15.35 15.78 10.08
N ASP A 745 -15.55 15.29 11.30
CA ASP A 745 -16.85 15.12 11.96
C ASP A 745 -17.92 14.58 11.01
N SER A 746 -17.57 13.52 10.29
CA SER A 746 -18.51 12.79 9.45
C SER A 746 -18.66 11.37 9.98
N THR A 747 -19.90 10.97 10.26
CA THR A 747 -20.15 9.69 10.91
C THR A 747 -19.76 8.52 10.00
N GLU A 748 -20.09 8.62 8.71
CA GLU A 748 -19.79 7.53 7.77
C GLU A 748 -18.29 7.33 7.57
N CYS A 749 -17.53 8.42 7.47
CA CYS A 749 -16.08 8.25 7.36
C CYS A 749 -15.49 7.71 8.66
N SER A 750 -16.04 8.11 9.81
CA SER A 750 -15.59 7.53 11.07
C SER A 750 -15.89 6.03 11.13
N ASN A 751 -17.05 5.63 10.61
CA ASN A 751 -17.39 4.21 10.57
C ASN A 751 -16.42 3.44 9.68
N LEU A 752 -16.11 3.98 8.50
CA LEU A 752 -15.16 3.31 7.62
C LEU A 752 -13.76 3.28 8.23
N LEU A 753 -13.40 4.32 8.99
CA LEU A 753 -12.11 4.34 9.66
C LEU A 753 -12.01 3.28 10.75
N LEU A 754 -13.06 3.18 11.59
CA LEU A 754 -13.04 2.16 12.64
C LEU A 754 -13.15 0.77 12.06
N GLN A 755 -13.77 0.63 10.88
CA GLN A 755 -13.76 -0.65 10.19
C GLN A 755 -12.38 -0.94 9.59
N TYR A 756 -11.62 0.10 9.24
CA TYR A 756 -10.29 -0.10 8.68
C TYR A 756 -9.34 -0.69 9.72
N GLY A 757 -9.32 -0.12 10.92
CA GLY A 757 -8.40 -0.60 11.93
C GLY A 757 -8.34 0.33 13.13
N SER A 758 -7.22 0.27 13.84
CA SER A 758 -7.02 1.06 15.06
C SER A 758 -5.70 1.81 14.99
N PHE A 759 -5.41 2.41 13.82
CA PHE A 759 -4.20 3.23 13.70
C PHE A 759 -4.33 4.53 14.47
N CYS A 760 -5.55 5.03 14.62
CA CYS A 760 -5.76 6.29 15.33
C CYS A 760 -5.30 6.20 16.77
N THR A 761 -5.58 5.08 17.44
CA THR A 761 -5.13 4.89 18.82
C THR A 761 -3.61 4.88 18.89
N GLN A 762 -2.96 4.22 17.94
CA GLN A 762 -1.51 4.18 17.92
C GLN A 762 -0.91 5.58 17.75
N LEU A 763 -1.47 6.36 16.82
CA LEU A 763 -0.94 7.70 16.58
C LEU A 763 -1.18 8.61 17.78
N ASN A 764 -2.36 8.52 18.40
CA ASN A 764 -2.63 9.31 19.59
C ASN A 764 -1.70 8.93 20.73
N ARG A 765 -1.45 7.64 20.92
CA ARG A 765 -0.52 7.20 21.96
C ARG A 765 0.89 7.71 21.69
N ALA A 766 1.32 7.66 20.43
CA ALA A 766 2.65 8.17 20.10
C ALA A 766 2.76 9.67 20.37
N LEU A 767 1.73 10.44 20.00
CA LEU A 767 1.77 11.88 20.25
C LEU A 767 1.75 12.19 21.74
N THR A 768 0.94 11.45 22.51
CA THR A 768 0.91 11.65 23.95
C THR A 768 2.26 11.31 24.57
N GLY A 769 2.88 10.22 24.13
CA GLY A 769 4.21 9.89 24.63
C GLY A 769 5.23 10.95 24.29
N ILE A 770 5.15 11.52 23.09
CA ILE A 770 6.05 12.60 22.70
C ILE A 770 5.87 13.80 23.61
N ALA A 771 4.61 14.17 23.90
CA ALA A 771 4.35 15.30 24.77
C ALA A 771 4.88 15.07 26.17
N VAL A 772 4.65 13.87 26.73
CA VAL A 772 5.16 13.57 28.07
C VAL A 772 6.69 13.56 28.06
N GLU A 773 7.30 13.08 26.97
CA GLU A 773 8.76 13.10 26.87
C GLU A 773 9.28 14.53 26.86
N GLN A 774 8.61 15.43 26.13
CA GLN A 774 9.03 16.82 26.13
C GLN A 774 8.91 17.44 27.51
N ASP A 775 7.81 17.16 28.21
CA ASP A 775 7.64 17.70 29.56
C ASP A 775 8.71 17.16 30.50
N LYS A 776 9.02 15.86 30.40
CA LYS A 776 10.05 15.27 31.24
C LYS A 776 11.42 15.85 30.93
N ASN A 777 11.71 16.09 29.65
CA ASN A 777 12.98 16.70 29.28
C ASN A 777 13.10 18.10 29.88
N THR A 778 12.04 18.90 29.77
CA THR A 778 12.08 20.24 30.35
C THR A 778 12.28 20.17 31.86
N GLN A 779 11.57 19.27 32.54
CA GLN A 779 11.70 19.15 33.98
C GLN A 779 13.11 18.72 34.38
N GLU A 780 13.69 17.77 33.63
CA GLU A 780 15.01 17.26 33.99
C GLU A 780 16.10 18.29 33.74
N VAL A 781 15.99 19.05 32.64
CA VAL A 781 17.00 20.08 32.36
C VAL A 781 16.89 21.23 33.34
N PHE A 782 15.67 21.70 33.63
CA PHE A 782 15.50 22.90 34.42
C PHE A 782 15.23 22.63 35.90
N ALA A 783 14.26 21.77 36.20
CA ALA A 783 13.88 21.50 37.58
C ALA A 783 14.84 20.46 38.18
N GLN A 784 16.02 20.94 38.57
CA GLN A 784 17.03 20.12 39.21
C GLN A 784 17.21 20.45 40.69
N VAL A 785 17.36 21.73 41.02
CA VAL A 785 17.51 22.13 42.41
C VAL A 785 16.17 22.04 43.13
N LYS A 786 16.19 21.58 44.38
CA LYS A 786 14.98 21.40 45.16
C LYS A 786 14.62 22.64 45.99
N GLN A 787 15.44 23.69 45.95
CA GLN A 787 15.18 24.90 46.71
C GLN A 787 15.38 26.11 45.81
N ILE A 788 14.60 27.15 46.06
CA ILE A 788 14.66 28.39 45.30
C ILE A 788 15.50 29.38 46.11
N TYR A 789 16.75 29.57 45.69
CA TYR A 789 17.66 30.48 46.38
C TYR A 789 17.45 31.91 45.89
N LYS A 790 17.53 32.85 46.81
CA LYS A 790 17.30 34.26 46.52
C LYS A 790 18.59 35.04 46.71
N THR A 791 18.94 35.88 45.74
CA THR A 791 20.12 36.70 45.84
C THR A 791 19.93 37.79 46.91
N PRO A 792 20.90 37.98 47.79
CA PRO A 792 20.76 39.03 48.80
C PRO A 792 20.72 40.40 48.15
N PRO A 793 20.04 41.36 48.76
CA PRO A 793 19.93 42.70 48.14
C PRO A 793 21.27 43.39 47.94
N ILE A 794 22.23 43.16 48.84
CA ILE A 794 23.55 43.78 48.73
C ILE A 794 24.38 42.96 47.75
N LYS A 795 24.59 43.49 46.54
CA LYS A 795 25.34 42.80 45.51
C LYS A 795 26.81 43.17 45.63
N ASP A 796 27.48 42.55 46.59
CA ASP A 796 28.91 42.75 46.83
C ASP A 796 29.61 41.43 46.48
N PHE A 797 30.00 41.30 45.21
CA PHE A 797 30.64 40.10 44.71
C PHE A 797 32.11 40.34 44.36
N GLY A 798 32.74 41.29 45.05
CA GLY A 798 34.14 41.59 44.79
C GLY A 798 34.40 42.19 43.42
N GLY A 799 33.53 43.10 42.97
CA GLY A 799 33.70 43.75 41.69
C GLY A 799 33.11 43.01 40.51
N PHE A 800 32.54 41.83 40.71
CA PHE A 800 31.94 41.05 39.63
C PHE A 800 30.49 41.47 39.47
N ASN A 801 30.21 42.24 38.42
CA ASN A 801 28.84 42.66 38.15
C ASN A 801 28.01 41.50 37.64
N PHE A 802 26.77 41.41 38.12
CA PHE A 802 25.89 40.32 37.73
C PHE A 802 24.47 40.78 37.44
N SER A 803 24.22 42.09 37.38
CA SER A 803 22.86 42.58 37.15
C SER A 803 22.32 42.22 35.78
N GLN A 804 23.20 41.91 34.82
CA GLN A 804 22.74 41.59 33.48
C GLN A 804 22.12 40.20 33.43
N ILE A 805 22.49 39.31 34.34
CA ILE A 805 21.91 37.97 34.41
C ILE A 805 21.01 37.77 35.62
N LEU A 806 21.08 38.64 36.62
CA LEU A 806 20.17 38.55 37.75
C LEU A 806 18.76 39.00 37.33
N PRO A 807 17.73 38.52 38.01
CA PRO A 807 16.37 38.97 37.68
C PRO A 807 16.21 40.47 37.86
N ASP A 808 15.47 41.08 36.95
CA ASP A 808 15.27 42.53 36.95
C ASP A 808 14.13 42.89 37.89
N PRO A 809 14.36 43.78 38.87
CA PRO A 809 13.26 44.17 39.77
C PRO A 809 12.11 44.88 39.05
N SER A 810 12.33 45.41 37.85
CA SER A 810 11.26 46.09 37.11
C SER A 810 10.18 45.14 36.63
N LYS A 811 10.31 43.84 36.91
CA LYS A 811 9.34 42.81 36.55
C LYS A 811 9.13 42.72 35.04
N PRO A 812 10.16 42.34 34.27
CA PRO A 812 9.92 41.99 32.85
C PRO A 812 9.62 40.50 32.71
N SER A 813 8.49 40.09 33.26
CA SER A 813 8.11 38.68 33.37
C SER A 813 9.14 37.88 34.15
N LYS A 814 9.77 38.51 35.15
CA LYS A 814 10.76 37.87 36.01
C LYS A 814 11.89 37.23 35.20
N ARG A 815 12.38 37.96 34.20
CA ARG A 815 13.46 37.48 33.36
C ARG A 815 14.61 38.48 33.36
N SER A 816 15.83 37.95 33.22
CA SER A 816 16.99 38.81 33.12
C SER A 816 17.01 39.51 31.77
N PHE A 817 17.83 40.55 31.68
CA PHE A 817 17.90 41.35 30.46
C PHE A 817 18.42 40.50 29.30
N ILE A 818 19.44 39.68 29.57
CA ILE A 818 19.92 38.73 28.56
C ILE A 818 18.81 37.78 28.14
N GLU A 819 18.03 37.29 29.11
CA GLU A 819 16.89 36.45 28.80
C GLU A 819 15.87 37.19 27.95
N ASP A 820 15.69 38.49 28.21
CA ASP A 820 14.78 39.30 27.40
C ASP A 820 15.25 39.36 25.95
N LEU A 821 16.54 39.61 25.72
CA LEU A 821 17.04 39.60 24.36
C LEU A 821 16.93 38.24 23.71
N LEU A 822 17.19 37.17 24.47
CA LEU A 822 17.07 35.83 23.90
C LEU A 822 15.63 35.53 23.48
N PHE A 823 14.66 35.96 24.29
CA PHE A 823 13.27 35.73 23.96
C PHE A 823 12.83 36.59 22.79
N ASN A 824 13.30 37.84 22.72
CA ASN A 824 12.90 38.73 21.64
C ASN A 824 13.56 38.38 20.31
N LYS A 825 14.75 37.77 20.34
CA LYS A 825 15.43 37.43 19.10
C LYS A 825 14.72 36.31 18.35
N VAL A 826 14.12 35.37 19.08
CA VAL A 826 13.41 34.24 18.48
C VAL A 826 11.93 34.57 18.38
N THR A 827 11.38 34.46 17.18
CA THR A 827 9.98 34.73 16.94
C THR A 827 9.23 33.42 16.74
N LEU A 828 8.16 33.22 17.51
CA LEU A 828 7.38 31.99 17.42
C LEU A 828 6.34 32.07 16.32
N PHE A 855 -7.36 23.87 13.53
CA PHE A 855 -8.72 24.05 13.04
C PHE A 855 -9.25 22.76 12.44
N ASN A 856 -8.35 21.81 12.18
CA ASN A 856 -8.72 20.53 11.60
C ASN A 856 -8.31 19.39 12.52
N GLY A 857 -8.57 19.53 13.82
CA GLY A 857 -8.15 18.55 14.79
C GLY A 857 -6.73 18.69 15.27
N LEU A 858 -6.07 19.80 14.94
CA LEU A 858 -4.68 20.04 15.35
C LEU A 858 -4.68 21.02 16.52
N THR A 859 -4.15 20.59 17.65
CA THR A 859 -4.07 21.43 18.84
C THR A 859 -2.63 21.51 19.32
N VAL A 860 -2.30 22.60 20.00
CA VAL A 860 -0.99 22.81 20.59
C VAL A 860 -1.15 22.76 22.10
N LEU A 861 -0.59 21.74 22.72
CA LEU A 861 -0.69 21.60 24.17
C LEU A 861 0.31 22.52 24.86
N PRO A 862 -0.14 23.38 25.77
CA PRO A 862 0.79 24.29 26.44
C PRO A 862 1.78 23.52 27.29
N PRO A 863 3.00 24.03 27.45
CA PRO A 863 3.97 23.35 28.31
C PRO A 863 3.52 23.36 29.77
N LEU A 864 3.91 22.31 30.48
CA LEU A 864 3.58 22.23 31.91
C LEU A 864 4.25 23.34 32.69
N LEU A 865 5.50 23.65 32.39
CA LEU A 865 6.25 24.69 33.07
C LEU A 865 6.18 25.98 32.25
N THR A 866 5.66 27.04 32.84
CA THR A 866 5.54 28.30 32.13
C THR A 866 6.91 28.97 32.00
N ASP A 867 6.95 30.02 31.18
CA ASP A 867 8.20 30.75 30.95
C ASP A 867 8.68 31.40 32.25
N GLU A 868 7.76 31.94 33.04
CA GLU A 868 8.14 32.56 34.31
C GLU A 868 8.76 31.53 35.25
N MET A 869 8.21 30.32 35.29
CA MET A 869 8.74 29.29 36.19
C MET A 869 10.11 28.82 35.75
N ILE A 870 10.32 28.68 34.44
CA ILE A 870 11.65 28.34 33.93
C ILE A 870 12.65 29.43 34.25
N ALA A 871 12.23 30.69 34.09
CA ALA A 871 13.11 31.81 34.44
C ALA A 871 13.44 31.80 35.94
N GLN A 872 12.46 31.43 36.77
CA GLN A 872 12.71 31.37 38.21
C GLN A 872 13.67 30.23 38.56
N TYR A 873 13.55 29.09 37.88
CA TYR A 873 14.56 28.03 38.02
C TYR A 873 15.95 28.53 37.65
N THR A 874 16.07 29.22 36.52
CA THR A 874 17.37 29.70 36.09
C THR A 874 17.93 30.71 37.10
N SER A 875 17.09 31.61 37.60
CA SER A 875 17.54 32.59 38.58
C SER A 875 17.96 31.93 39.87
N ALA A 876 17.22 30.92 40.33
CA ALA A 876 17.59 30.22 41.56
C ALA A 876 18.92 29.48 41.39
N LEU A 877 19.10 28.81 40.25
CA LEU A 877 20.36 28.12 40.00
C LEU A 877 21.52 29.09 39.94
N LEU A 878 21.34 30.22 39.27
CA LEU A 878 22.40 31.23 39.18
C LEU A 878 22.73 31.82 40.55
N ALA A 879 21.70 32.10 41.36
CA ALA A 879 21.94 32.63 42.70
C ALA A 879 22.67 31.62 43.57
N GLY A 880 22.28 30.34 43.47
CA GLY A 880 23.00 29.32 44.22
C GLY A 880 24.44 29.16 43.76
N THR A 881 24.67 29.31 42.45
CA THR A 881 26.03 29.22 41.93
C THR A 881 26.91 30.35 42.46
N ILE A 882 26.39 31.59 42.42
CA ILE A 882 27.19 32.72 42.87
C ILE A 882 27.39 32.68 44.38
N THR A 883 26.30 32.45 45.14
CA THR A 883 26.36 32.58 46.59
C THR A 883 26.93 31.35 47.27
N SER A 884 27.01 30.21 46.58
CA SER A 884 27.48 28.99 47.21
C SER A 884 28.47 28.18 46.39
N GLY A 885 28.73 28.53 45.12
CA GLY A 885 29.63 27.73 44.32
C GLY A 885 29.00 26.40 43.95
N TRP A 886 29.78 25.32 44.09
CA TRP A 886 29.30 23.98 43.81
C TRP A 886 28.77 23.27 45.05
N THR A 887 28.76 23.94 46.20
CA THR A 887 28.31 23.29 47.44
C THR A 887 26.82 22.97 47.38
N PHE A 888 26.02 23.86 46.82
CA PHE A 888 24.57 23.64 46.78
C PHE A 888 24.19 22.50 45.85
N GLY A 889 25.06 22.15 44.89
CA GLY A 889 24.79 21.03 44.02
C GLY A 889 25.10 19.67 44.61
N ALA A 890 25.68 19.63 45.81
CA ALA A 890 26.02 18.38 46.49
C ALA A 890 25.42 18.31 47.89
N GLY A 891 24.43 19.13 48.18
CA GLY A 891 23.82 19.15 49.48
C GLY A 891 23.35 20.56 49.82
N ALA A 892 23.36 20.88 51.11
CA ALA A 892 22.94 22.19 51.57
C ALA A 892 23.90 23.27 51.08
N ALA A 893 23.35 24.42 50.69
CA ALA A 893 24.17 25.52 50.20
C ALA A 893 25.00 26.11 51.34
N LEU A 894 26.27 26.38 51.04
CA LEU A 894 27.19 26.99 51.98
C LEU A 894 27.66 28.32 51.41
N GLN A 895 27.50 29.39 52.19
CA GLN A 895 27.85 30.73 51.71
C GLN A 895 29.35 30.86 51.52
N ILE A 896 29.74 31.67 50.53
CA ILE A 896 31.14 31.92 50.21
C ILE A 896 31.23 33.28 49.55
N PRO A 897 32.22 34.13 49.90
CA PRO A 897 32.26 35.50 49.37
C PRO A 897 32.45 35.60 47.86
N PHE A 898 32.52 34.46 47.17
CA PHE A 898 32.59 34.38 45.72
C PHE A 898 33.97 34.80 45.20
N ALA A 899 34.81 35.35 46.08
CA ALA A 899 36.20 35.60 45.73
C ALA A 899 37.05 34.36 45.98
N MET A 900 36.97 33.80 47.19
CA MET A 900 37.62 32.53 47.44
C MET A 900 37.02 31.41 46.59
N GLN A 901 35.78 31.55 46.12
CA GLN A 901 35.26 30.60 45.15
C GLN A 901 36.03 30.69 43.84
N MET A 902 36.33 31.90 43.38
CA MET A 902 37.18 32.07 42.21
C MET A 902 38.57 31.51 42.45
N ALA A 903 39.11 31.70 43.66
CA ALA A 903 40.41 31.13 44.00
C ALA A 903 40.37 29.61 43.95
N TYR A 904 39.29 29.00 44.44
CA TYR A 904 39.13 27.55 44.39
C TYR A 904 39.05 27.06 42.95
N ARG A 905 38.33 27.78 42.11
CA ARG A 905 38.24 27.40 40.69
C ARG A 905 39.59 27.53 40.01
N PHE A 906 40.35 28.57 40.34
CA PHE A 906 41.70 28.71 39.79
C PHE A 906 42.60 27.56 40.25
N ASN A 907 42.48 27.16 41.51
CA ASN A 907 43.22 26.00 41.99
C ASN A 907 42.79 24.74 41.24
N GLY A 908 41.50 24.62 40.93
CA GLY A 908 41.03 23.49 40.17
C GLY A 908 41.61 23.44 38.77
N ILE A 909 41.72 24.59 38.11
CA ILE A 909 42.30 24.63 36.77
C ILE A 909 43.83 24.67 36.79
N GLY A 910 44.44 24.64 37.97
CA GLY A 910 45.88 24.59 38.07
C GLY A 910 46.58 25.92 38.29
N VAL A 911 45.89 26.94 38.79
CA VAL A 911 46.48 28.25 39.03
C VAL A 911 46.36 28.56 40.51
N THR A 912 47.45 29.02 41.10
CA THR A 912 47.45 29.33 42.53
C THR A 912 46.56 30.54 42.82
N GLN A 913 46.10 30.61 44.07
CA GLN A 913 45.19 31.68 44.48
C GLN A 913 45.85 33.05 44.44
N ASN A 914 47.17 33.11 44.46
CA ASN A 914 47.86 34.40 44.47
C ASN A 914 47.59 35.19 43.20
N VAL A 915 47.39 34.52 42.07
CA VAL A 915 47.07 35.22 40.83
C VAL A 915 45.77 36.00 40.99
N LEU A 916 44.74 35.35 41.55
CA LEU A 916 43.50 36.05 41.86
C LEU A 916 43.72 37.17 42.85
N TYR A 917 44.41 36.88 43.96
CA TYR A 917 44.55 37.89 45.00
C TYR A 917 45.44 39.05 44.59
N GLU A 918 46.15 38.93 43.47
CA GLU A 918 46.89 40.03 42.88
C GLU A 918 46.11 40.78 41.80
N ASN A 919 45.33 40.07 40.97
CA ASN A 919 44.67 40.68 39.83
C ASN A 919 43.16 40.51 39.88
N GLN A 920 42.58 40.59 41.07
CA GLN A 920 41.12 40.51 41.20
C GLN A 920 40.42 41.63 40.44
N LYS A 921 40.93 42.85 40.55
CA LYS A 921 40.31 43.97 39.84
C LYS A 921 40.37 43.76 38.33
N LEU A 922 41.51 43.30 37.82
CA LEU A 922 41.64 43.05 36.39
C LEU A 922 40.72 41.92 35.95
N ILE A 923 40.59 40.87 36.78
CA ILE A 923 39.69 39.77 36.44
C ILE A 923 38.25 40.24 36.38
N ALA A 924 37.84 41.06 37.36
CA ALA A 924 36.48 41.59 37.35
C ALA A 924 36.24 42.48 36.13
N ASN A 925 37.22 43.32 35.78
CA ASN A 925 37.07 44.18 34.62
C ASN A 925 36.97 43.35 33.34
N GLN A 926 37.79 42.31 33.21
CA GLN A 926 37.72 41.45 32.04
C GLN A 926 36.39 40.71 31.96
N PHE A 927 35.89 40.24 33.10
CA PHE A 927 34.59 39.56 33.11
C PHE A 927 33.48 40.52 32.69
N ASN A 928 33.50 41.74 33.21
CA ASN A 928 32.49 42.73 32.82
C ASN A 928 32.59 43.06 31.34
N SER A 929 33.81 43.18 30.82
CA SER A 929 33.99 43.45 29.40
C SER A 929 33.45 42.30 28.54
N ALA A 930 33.69 41.06 28.97
CA ALA A 930 33.16 39.92 28.24
C ALA A 930 31.64 39.90 28.28
N ILE A 931 31.05 40.22 29.43
CA ILE A 931 29.60 40.31 29.51
C ILE A 931 29.07 41.38 28.56
N GLY A 932 29.76 42.53 28.50
CA GLY A 932 29.35 43.58 27.58
C GLY A 932 29.48 43.18 26.12
N LYS A 933 30.52 42.42 25.79
CA LYS A 933 30.67 41.91 24.43
C LYS A 933 29.53 40.95 24.08
N ILE A 934 29.13 40.10 25.04
CA ILE A 934 27.96 39.25 24.82
C ILE A 934 26.71 40.09 24.66
N GLN A 935 26.60 41.17 25.43
CA GLN A 935 25.48 42.10 25.30
C GLN A 935 25.38 42.62 23.87
N ASP A 936 26.50 43.12 23.35
CA ASP A 936 26.51 43.68 22.00
C ASP A 936 26.23 42.61 20.95
N SER A 937 26.80 41.41 21.12
CA SER A 937 26.57 40.34 20.17
C SER A 937 25.10 39.94 20.12
N LEU A 938 24.45 39.86 21.28
CA LEU A 938 23.03 39.52 21.30
C LEU A 938 22.17 40.66 20.77
N SER A 939 22.57 41.90 21.01
CA SER A 939 21.76 43.03 20.57
C SER A 939 21.84 43.23 19.07
N SER A 940 23.04 43.15 18.49
CA SER A 940 23.24 43.48 17.08
C SER A 940 23.28 42.24 16.19
N THR A 941 24.17 41.31 16.48
CA THR A 941 24.34 40.14 15.62
C THR A 941 23.13 39.21 15.76
N ALA A 942 22.45 38.97 14.65
CA ALA A 942 21.29 38.10 14.63
C ALA A 942 21.70 36.66 14.33
N SER A 943 20.71 35.76 14.29
CA SER A 943 20.92 34.35 14.00
C SER A 943 21.88 33.70 14.99
N ALA A 944 21.92 34.20 16.23
CA ALA A 944 22.75 33.62 17.27
C ALA A 944 22.08 32.43 17.95
N LEU A 945 20.80 32.20 17.68
CA LEU A 945 20.07 31.08 18.26
C LEU A 945 19.58 30.17 17.13
N GLY A 946 20.48 29.83 16.21
CA GLY A 946 20.08 29.12 15.01
C GLY A 946 19.47 27.75 15.27
N LYS A 947 19.88 27.09 16.36
CA LYS A 947 19.38 25.75 16.64
C LYS A 947 17.91 25.77 17.01
N LEU A 948 17.52 26.65 17.94
CA LEU A 948 16.11 26.74 18.33
C LEU A 948 15.24 27.21 17.17
N GLN A 949 15.71 28.20 16.42
CA GLN A 949 14.95 28.68 15.27
C GLN A 949 14.81 27.58 14.22
N ASP A 950 15.87 26.79 14.01
CA ASP A 950 15.79 25.70 13.04
C ASP A 950 14.80 24.63 13.50
N VAL A 951 14.79 24.31 14.80
CA VAL A 951 13.85 23.31 15.31
C VAL A 951 12.41 23.81 15.13
N VAL A 952 12.17 25.08 15.46
CA VAL A 952 10.84 25.65 15.32
C VAL A 952 10.42 25.66 13.85
N ASN A 953 11.35 26.02 12.96
CA ASN A 953 11.04 26.05 11.54
C ASN A 953 10.73 24.66 11.01
N GLN A 954 11.48 23.64 11.44
CA GLN A 954 11.21 22.28 11.00
C GLN A 954 9.84 21.81 11.48
N ASN A 955 9.50 22.11 12.75
CA ASN A 955 8.18 21.73 13.25
C ASN A 955 7.07 22.43 12.49
N ALA A 956 7.23 23.73 12.23
CA ALA A 956 6.22 24.48 11.49
C ALA A 956 6.10 23.97 10.06
N GLN A 957 7.23 23.63 9.43
CA GLN A 957 7.20 23.11 8.07
C GLN A 957 6.50 21.76 8.01
N ALA A 958 6.76 20.88 8.98
CA ALA A 958 6.06 19.60 9.01
C ALA A 958 4.56 19.79 9.21
N LEU A 959 4.18 20.69 10.13
CA LEU A 959 2.76 20.94 10.36
C LEU A 959 2.09 21.51 9.12
N ASN A 960 2.76 22.45 8.44
CA ASN A 960 2.19 23.06 7.24
C ASN A 960 2.10 22.04 6.11
N THR A 961 3.08 21.15 6.01
CA THR A 961 3.02 20.10 4.99
C THR A 961 1.85 19.16 5.24
N LEU A 962 1.63 18.79 6.50
CA LEU A 962 0.46 17.96 6.83
C LEU A 962 -0.83 18.70 6.51
N VAL A 963 -0.90 19.98 6.83
CA VAL A 963 -2.11 20.77 6.55
C VAL A 963 -2.36 20.84 5.05
N LYS A 964 -1.32 21.07 4.26
CA LYS A 964 -1.47 21.10 2.82
C LYS A 964 -1.89 19.73 2.29
N GLN A 965 -1.31 18.66 2.81
CA GLN A 965 -1.64 17.31 2.35
C GLN A 965 -3.05 16.91 2.74
N LEU A 966 -3.64 17.58 3.73
CA LEU A 966 -5.03 17.35 4.07
C LEU A 966 -5.96 17.61 2.88
N SER A 967 -5.54 18.43 1.93
CA SER A 967 -6.38 18.84 0.80
C SER A 967 -5.84 18.31 -0.52
N SER A 968 -5.42 17.05 -0.54
CA SER A 968 -4.94 16.39 -1.74
C SER A 968 -6.00 15.45 -2.28
N ASN A 969 -6.08 15.35 -3.61
CA ASN A 969 -7.10 14.51 -4.24
C ASN A 969 -6.89 13.04 -3.92
N PHE A 970 -5.64 12.58 -3.92
CA PHE A 970 -5.31 11.17 -3.68
C PHE A 970 -6.01 10.25 -4.66
N GLY A 971 -6.17 10.70 -5.90
CA GLY A 971 -6.84 9.91 -6.92
C GLY A 971 -8.36 9.99 -6.90
N ALA A 972 -8.95 10.71 -5.96
CA ALA A 972 -10.39 10.83 -5.87
C ALA A 972 -10.88 11.95 -6.78
N ILE A 973 -12.20 12.03 -6.95
CA ILE A 973 -12.79 13.06 -7.80
C ILE A 973 -12.69 14.44 -7.17
N SER A 974 -12.54 14.53 -5.86
CA SER A 974 -12.42 15.82 -5.18
C SER A 974 -11.72 15.62 -3.84
N SER A 975 -11.08 16.68 -3.36
CA SER A 975 -10.41 16.64 -2.07
C SER A 975 -11.31 17.04 -0.92
N VAL A 976 -12.55 17.44 -1.20
CA VAL A 976 -13.51 17.82 -0.16
C VAL A 976 -14.45 16.64 0.06
N LEU A 977 -14.47 16.14 1.29
CA LEU A 977 -15.31 14.99 1.61
C LEU A 977 -16.80 15.35 1.55
N ASN A 978 -17.16 16.53 2.03
CA ASN A 978 -18.57 16.95 2.06
C ASN A 978 -19.16 17.01 0.65
N ASP A 979 -18.38 17.52 -0.31
CA ASP A 979 -18.86 17.57 -1.69
C ASP A 979 -19.11 16.17 -2.24
N ILE A 980 -18.22 15.24 -1.95
CA ILE A 980 -18.40 13.86 -2.40
C ILE A 980 -19.67 13.27 -1.79
N LEU A 981 -19.87 13.49 -0.50
CA LEU A 981 -21.04 12.93 0.18
C LEU A 981 -22.33 13.56 -0.32
N SER A 982 -22.31 14.86 -0.61
CA SER A 982 -23.50 15.56 -1.09
C SER A 982 -23.65 15.46 -2.60
N ARG A 983 -22.75 14.76 -3.29
CA ARG A 983 -22.81 14.64 -4.74
C ARG A 983 -22.88 13.21 -5.26
N LEU A 984 -22.37 12.23 -4.53
CA LEU A 984 -22.12 10.91 -5.08
C LEU A 984 -22.84 9.84 -4.27
N ASP A 985 -23.20 8.74 -4.94
CA ASP A 985 -24.00 7.69 -4.33
C ASP A 985 -23.17 6.92 -3.30
N PRO A 986 -23.84 6.30 -2.31
CA PRO A 986 -23.13 5.73 -1.15
C PRO A 986 -22.03 4.74 -1.53
N PRO A 987 -22.21 3.85 -2.53
CA PRO A 987 -21.11 2.94 -2.87
C PRO A 987 -19.87 3.65 -3.41
N GLU A 988 -20.07 4.47 -4.44
CA GLU A 988 -18.95 5.24 -4.97
C GLU A 988 -18.45 6.26 -3.96
N ALA A 989 -19.36 6.84 -3.17
CA ALA A 989 -18.94 7.76 -2.13
C ALA A 989 -18.01 7.07 -1.13
N GLU A 990 -18.34 5.83 -0.74
CA GLU A 990 -17.52 5.15 0.25
C GLU A 990 -16.22 4.62 -0.35
N VAL A 991 -16.19 4.29 -1.64
CA VAL A 991 -14.89 3.90 -2.22
C VAL A 991 -13.98 5.13 -2.34
N GLN A 992 -14.54 6.28 -2.69
CA GLN A 992 -13.75 7.51 -2.66
C GLN A 992 -13.30 7.84 -1.24
N ILE A 993 -14.17 7.57 -0.26
CA ILE A 993 -13.81 7.76 1.14
C ILE A 993 -12.64 6.86 1.51
N ASP A 994 -12.65 5.61 1.02
CA ASP A 994 -11.56 4.69 1.30
C ASP A 994 -10.25 5.20 0.69
N ARG A 995 -10.31 5.71 -0.55
CA ARG A 995 -9.10 6.26 -1.16
C ARG A 995 -8.56 7.45 -0.36
N LEU A 996 -9.45 8.37 0.02
CA LEU A 996 -9.03 9.52 0.81
C LEU A 996 -8.48 9.11 2.16
N ILE A 997 -9.11 8.11 2.80
CA ILE A 997 -8.65 7.62 4.09
C ILE A 997 -7.26 7.02 3.96
N THR A 998 -7.04 6.23 2.91
CA THR A 998 -5.71 5.64 2.70
C THR A 998 -4.65 6.73 2.53
N GLY A 999 -4.93 7.73 1.69
CA GLY A 999 -3.96 8.79 1.48
C GLY A 999 -3.67 9.58 2.73
N ARG A 1000 -4.73 9.99 3.45
CA ARG A 1000 -4.54 10.80 4.65
C ARG A 1000 -3.89 10.01 5.76
N LEU A 1001 -4.20 8.72 5.87
CA LEU A 1001 -3.56 7.88 6.87
C LEU A 1001 -2.08 7.69 6.57
N GLN A 1002 -1.72 7.53 5.28
CA GLN A 1002 -0.31 7.46 4.94
C GLN A 1002 0.41 8.76 5.27
N SER A 1003 -0.21 9.90 4.96
CA SER A 1003 0.41 11.18 5.27
C SER A 1003 0.59 11.36 6.78
N LEU A 1004 -0.44 11.00 7.56
CA LEU A 1004 -0.36 11.14 9.01
C LEU A 1004 0.67 10.18 9.60
N GLN A 1005 0.79 8.98 9.04
CA GLN A 1005 1.81 8.04 9.49
C GLN A 1005 3.21 8.59 9.23
N THR A 1006 3.42 9.17 8.04
CA THR A 1006 4.71 9.78 7.75
C THR A 1006 5.01 10.93 8.71
N TYR A 1007 4.01 11.78 8.96
CA TYR A 1007 4.21 12.89 9.88
C TYR A 1007 4.54 12.40 11.28
N VAL A 1008 3.86 11.34 11.73
CA VAL A 1008 4.11 10.80 13.07
C VAL A 1008 5.51 10.22 13.15
N THR A 1009 5.96 9.54 12.09
CA THR A 1009 7.32 8.99 12.09
C THR A 1009 8.36 10.11 12.17
N GLN A 1010 8.18 11.17 11.37
CA GLN A 1010 9.12 12.28 11.44
C GLN A 1010 9.09 12.95 12.81
N GLN A 1011 7.89 13.09 13.40
CA GLN A 1011 7.78 13.69 14.72
C GLN A 1011 8.47 12.82 15.77
N LEU A 1012 8.35 11.51 15.66
CA LEU A 1012 9.02 10.62 16.60
C LEU A 1012 10.54 10.73 16.49
N ILE A 1013 11.05 10.78 15.26
CA ILE A 1013 12.49 10.94 15.06
C ILE A 1013 12.98 12.26 15.64
N ARG A 1014 12.24 13.34 15.37
CA ARG A 1014 12.61 14.65 15.91
C ARG A 1014 12.52 14.66 17.43
N ALA A 1015 11.54 13.97 17.99
CA ALA A 1015 11.42 13.88 19.44
C ALA A 1015 12.60 13.13 20.05
N ALA A 1016 13.06 12.06 19.39
CA ALA A 1016 14.24 11.36 19.87
C ALA A 1016 15.47 12.24 19.82
N GLU A 1017 15.64 13.00 18.73
CA GLU A 1017 16.77 13.92 18.63
C GLU A 1017 16.70 15.00 19.72
N ILE A 1018 15.51 15.54 19.96
CA ILE A 1018 15.34 16.57 20.98
C ILE A 1018 15.59 15.99 22.36
N ARG A 1019 15.20 14.74 22.59
CA ARG A 1019 15.47 14.09 23.87
C ARG A 1019 16.97 13.91 24.09
N ALA A 1020 17.70 13.52 23.04
CA ALA A 1020 19.15 13.41 23.15
C ALA A 1020 19.78 14.77 23.45
N SER A 1021 19.31 15.82 22.76
CA SER A 1021 19.83 17.16 23.01
C SER A 1021 19.53 17.62 24.44
N ALA A 1022 18.33 17.30 24.93
CA ALA A 1022 17.96 17.68 26.30
C ALA A 1022 18.77 16.90 27.33
N ASN A 1023 19.07 15.64 27.04
CA ASN A 1023 19.96 14.89 27.93
C ASN A 1023 21.35 15.51 27.99
N LEU A 1024 21.87 15.91 26.82
CA LEU A 1024 23.15 16.60 26.81
C LEU A 1024 23.09 17.91 27.59
N ALA A 1025 22.00 18.67 27.42
CA ALA A 1025 21.84 19.92 28.14
C ALA A 1025 21.76 19.71 29.65
N ALA A 1026 21.06 18.65 30.07
CA ALA A 1026 20.96 18.33 31.49
C ALA A 1026 22.32 17.92 32.05
N THR A 1027 23.10 17.16 31.27
CA THR A 1027 24.44 16.80 31.70
C THR A 1027 25.32 18.05 31.86
N LYS A 1028 25.23 18.98 30.91
CA LYS A 1028 25.99 20.22 31.00
C LYS A 1028 25.54 21.03 32.21
N MET A 1029 24.23 21.08 32.48
CA MET A 1029 23.72 21.77 33.65
C MET A 1029 24.27 21.16 34.94
N SER A 1030 24.29 19.83 35.01
CA SER A 1030 24.77 19.16 36.21
C SER A 1030 26.26 19.35 36.42
N GLU A 1031 27.04 19.35 35.33
CA GLU A 1031 28.49 19.39 35.42
C GLU A 1031 29.06 20.79 35.30
N CYS A 1032 28.67 21.54 34.26
CA CYS A 1032 29.28 22.85 34.04
C CYS A 1032 28.74 23.89 35.01
N VAL A 1033 27.46 23.83 35.34
CA VAL A 1033 26.82 24.85 36.17
C VAL A 1033 26.92 24.51 37.64
N LEU A 1034 26.58 23.27 38.01
CA LEU A 1034 26.58 22.86 39.41
C LEU A 1034 27.97 22.54 39.94
N GLY A 1035 29.00 22.58 39.09
CA GLY A 1035 30.34 22.30 39.54
C GLY A 1035 31.35 22.72 38.49
N GLN A 1036 32.60 22.33 38.72
CA GLN A 1036 33.70 22.60 37.81
C GLN A 1036 34.07 21.32 37.08
N SER A 1037 34.12 21.39 35.75
CA SER A 1037 34.37 20.23 34.91
C SER A 1037 35.79 20.27 34.36
N LYS A 1038 36.51 19.17 34.51
CA LYS A 1038 37.85 19.04 33.96
C LYS A 1038 37.85 18.55 32.52
N ARG A 1039 36.70 18.21 31.97
CA ARG A 1039 36.61 17.76 30.59
C ARG A 1039 36.96 18.90 29.63
N VAL A 1040 37.70 18.57 28.58
CA VAL A 1040 38.20 19.58 27.64
C VAL A 1040 37.09 19.96 26.68
N ASP A 1041 36.84 21.27 26.57
CA ASP A 1041 35.88 21.86 25.64
C ASP A 1041 34.45 21.40 25.88
N PHE A 1042 34.17 20.72 26.99
CA PHE A 1042 32.80 20.35 27.30
C PHE A 1042 31.99 21.56 27.75
N CYS A 1043 32.62 22.46 28.50
CA CYS A 1043 31.94 23.64 29.01
C CYS A 1043 32.61 24.92 28.48
N GLY A 1044 32.90 24.93 27.19
CA GLY A 1044 33.52 26.09 26.57
C GLY A 1044 34.99 25.86 26.26
N LYS A 1045 35.50 26.64 25.32
CA LYS A 1045 36.90 26.55 24.92
C LYS A 1045 37.79 27.11 26.02
N GLY A 1046 38.90 26.44 26.29
CA GLY A 1046 39.82 26.84 27.32
C GLY A 1046 39.52 26.16 28.65
N TYR A 1047 40.31 26.54 29.65
CA TYR A 1047 40.15 26.00 31.00
C TYR A 1047 38.85 26.52 31.60
N HIS A 1048 37.88 25.63 31.80
CA HIS A 1048 36.57 26.02 32.26
C HIS A 1048 36.62 26.51 33.71
N LEU A 1049 36.00 27.66 33.96
CA LEU A 1049 35.88 28.21 35.30
C LEU A 1049 34.49 28.05 35.87
N MET A 1050 33.46 28.51 35.17
CA MET A 1050 32.09 28.35 35.65
C MET A 1050 31.12 28.50 34.47
N SER A 1051 29.84 28.35 34.77
CA SER A 1051 28.80 28.48 33.76
C SER A 1051 27.56 29.09 34.40
N PHE A 1052 26.81 29.83 33.58
CA PHE A 1052 25.58 30.47 34.02
C PHE A 1052 24.43 30.03 33.13
N PRO A 1053 23.28 29.67 33.70
CA PRO A 1053 22.13 29.27 32.87
C PRO A 1053 21.20 30.44 32.56
N GLN A 1054 20.64 30.40 31.36
CA GLN A 1054 19.66 31.40 30.93
C GLN A 1054 18.53 30.69 30.20
N SER A 1055 17.31 31.14 30.44
CA SER A 1055 16.14 30.54 29.81
C SER A 1055 16.01 30.98 28.36
N ALA A 1056 15.48 30.09 27.55
CA ALA A 1056 15.20 30.32 26.14
C ALA A 1056 13.79 29.85 25.83
N PRO A 1057 13.16 30.37 24.78
CA PRO A 1057 11.77 29.98 24.49
C PRO A 1057 11.58 28.47 24.33
N HIS A 1058 12.52 27.78 23.70
CA HIS A 1058 12.45 26.33 23.54
C HIS A 1058 13.82 25.70 23.76
N GLY A 1059 14.54 26.15 24.79
CA GLY A 1059 15.85 25.61 25.04
C GLY A 1059 16.50 26.30 26.22
N VAL A 1060 17.83 26.17 26.30
CA VAL A 1060 18.62 26.77 27.37
C VAL A 1060 19.86 27.40 26.75
N VAL A 1061 20.41 28.39 27.45
CA VAL A 1061 21.64 29.06 27.04
C VAL A 1061 22.64 28.95 28.17
N PHE A 1062 23.85 28.51 27.85
CA PHE A 1062 24.93 28.39 28.81
C PHE A 1062 25.96 29.47 28.52
N LEU A 1063 26.19 30.34 29.50
CA LEU A 1063 27.26 31.33 29.45
C LEU A 1063 28.46 30.73 30.16
N HIS A 1064 29.43 30.25 29.40
CA HIS A 1064 30.60 29.60 29.93
C HIS A 1064 31.70 30.62 30.15
N VAL A 1065 32.13 30.79 31.40
CA VAL A 1065 33.25 31.64 31.76
C VAL A 1065 34.48 30.75 31.91
N THR A 1066 35.52 31.04 31.12
CA THR A 1066 36.70 30.20 31.02
C THR A 1066 37.96 31.05 31.08
N TYR A 1067 39.07 30.37 31.35
CA TYR A 1067 40.39 30.98 31.50
C TYR A 1067 41.23 30.64 30.28
N VAL A 1068 41.81 31.66 29.64
CA VAL A 1068 42.61 31.48 28.44
C VAL A 1068 43.98 32.11 28.64
N PRO A 1069 45.07 31.35 28.55
CA PRO A 1069 46.40 31.95 28.64
C PRO A 1069 46.70 32.86 27.45
N ALA A 1070 47.55 33.86 27.69
CA ALA A 1070 47.91 34.81 26.64
C ALA A 1070 49.20 35.50 27.05
N GLN A 1071 49.78 36.23 26.09
CA GLN A 1071 51.02 36.98 26.30
C GLN A 1071 52.15 36.05 26.74
N GLU A 1072 52.51 35.13 25.86
CA GLU A 1072 53.46 34.08 26.20
C GLU A 1072 54.90 34.53 25.97
N LYS A 1073 55.81 33.87 26.69
CA LYS A 1073 57.23 34.14 26.57
C LYS A 1073 58.00 32.83 26.50
N ASN A 1074 59.13 32.86 25.79
CA ASN A 1074 59.98 31.69 25.65
C ASN A 1074 60.92 31.56 26.84
N PHE A 1075 61.23 30.31 27.19
CA PHE A 1075 62.15 30.02 28.29
C PHE A 1075 62.88 28.72 27.97
N THR A 1076 64.01 28.53 28.67
CA THR A 1076 64.81 27.32 28.53
C THR A 1076 64.58 26.42 29.74
N THR A 1077 64.21 25.17 29.47
CA THR A 1077 63.84 24.23 30.52
C THR A 1077 64.88 23.13 30.66
N ALA A 1078 64.75 22.38 31.76
CA ALA A 1078 65.58 21.23 32.06
C ALA A 1078 64.73 20.26 32.86
N PRO A 1079 64.82 18.95 32.55
CA PRO A 1079 64.00 17.98 33.30
C PRO A 1079 64.27 17.97 34.79
N ALA A 1080 65.52 18.20 35.20
CA ALA A 1080 65.87 18.17 36.61
C ALA A 1080 67.14 19.00 36.81
N ILE A 1081 67.57 19.12 38.06
CA ILE A 1081 68.77 19.87 38.42
C ILE A 1081 69.73 18.92 39.12
N CYS A 1082 70.96 18.85 38.63
CA CYS A 1082 72.00 18.04 39.25
C CYS A 1082 72.78 18.90 40.23
N HIS A 1083 72.52 18.71 41.52
CA HIS A 1083 73.19 19.46 42.59
C HIS A 1083 73.70 18.48 43.62
N ASP A 1084 74.98 18.63 43.99
CA ASP A 1084 75.63 17.77 44.98
C ASP A 1084 75.50 16.29 44.60
N GLY A 1085 75.60 16.01 43.31
CA GLY A 1085 75.45 14.65 42.82
C GLY A 1085 74.08 14.07 43.06
N LYS A 1086 73.04 14.90 43.06
CA LYS A 1086 71.68 14.46 43.26
C LYS A 1086 70.76 15.13 42.26
N ALA A 1087 69.74 14.40 41.83
CA ALA A 1087 68.77 14.91 40.85
C ALA A 1087 67.57 15.47 41.58
N HIS A 1088 67.24 16.73 41.31
CA HIS A 1088 66.12 17.41 41.93
C HIS A 1088 65.07 17.71 40.87
N PHE A 1089 63.83 17.29 41.15
CA PHE A 1089 62.68 17.51 40.29
C PHE A 1089 61.69 18.45 40.98
N PRO A 1090 60.98 19.28 40.22
CA PRO A 1090 60.02 20.20 40.85
C PRO A 1090 58.81 19.45 41.39
N ARG A 1091 58.34 19.87 42.57
CA ARG A 1091 57.11 19.31 43.12
C ARG A 1091 55.92 19.63 42.22
N GLU A 1092 55.62 20.92 42.06
CA GLU A 1092 54.65 21.40 41.08
C GLU A 1092 55.26 22.57 40.34
N GLY A 1093 55.15 22.56 39.00
CA GLY A 1093 55.68 23.61 38.18
C GLY A 1093 56.69 23.08 37.18
N VAL A 1094 57.64 23.96 36.80
CA VAL A 1094 58.62 23.63 35.79
C VAL A 1094 59.84 24.50 36.03
N PHE A 1095 61.02 23.94 35.72
CA PHE A 1095 62.27 24.69 35.78
C PHE A 1095 62.46 25.49 34.50
N VAL A 1096 62.75 26.78 34.64
CA VAL A 1096 62.96 27.66 33.49
C VAL A 1096 64.15 28.55 33.78
N SER A 1097 64.59 29.28 32.75
CA SER A 1097 65.68 30.22 32.87
C SER A 1097 65.52 31.30 31.80
N ASN A 1098 65.67 32.56 32.18
CA ASN A 1098 65.48 33.64 31.21
C ASN A 1098 66.67 33.72 30.25
N GLY A 1099 67.84 34.10 30.76
CA GLY A 1099 69.05 33.92 29.99
C GLY A 1099 70.18 33.22 30.73
N THR A 1100 70.25 33.42 32.05
CA THR A 1100 71.30 32.80 32.85
C THR A 1100 70.85 32.26 34.20
N HIS A 1101 69.75 32.72 34.77
CA HIS A 1101 69.34 32.33 36.12
C HIS A 1101 68.18 31.34 36.04
N TRP A 1102 68.28 30.27 36.83
CA TRP A 1102 67.28 29.20 36.82
C TRP A 1102 66.30 29.40 37.96
N PHE A 1103 65.01 29.37 37.64
CA PHE A 1103 63.94 29.46 38.61
C PHE A 1103 62.96 28.31 38.39
N VAL A 1104 62.01 28.18 39.31
CA VAL A 1104 60.92 27.22 39.21
C VAL A 1104 59.61 27.99 39.25
N THR A 1105 58.69 27.63 38.36
CA THR A 1105 57.41 28.33 38.25
C THR A 1105 56.30 27.31 38.13
N GLN A 1106 55.10 27.78 37.80
CA GLN A 1106 53.96 26.92 37.56
C GLN A 1106 53.64 26.88 36.07
N ARG A 1107 52.91 25.83 35.67
CA ARG A 1107 52.73 25.55 34.25
C ARG A 1107 51.88 26.62 33.58
N ASN A 1108 50.79 27.06 34.22
CA ASN A 1108 49.80 27.90 33.56
C ASN A 1108 50.05 29.39 33.75
N PHE A 1109 51.09 29.78 34.49
CA PHE A 1109 51.36 31.19 34.72
C PHE A 1109 52.84 31.36 35.02
N TYR A 1110 53.39 32.50 34.60
CA TYR A 1110 54.80 32.80 34.80
C TYR A 1110 54.97 33.48 36.15
N GLU A 1111 55.28 32.69 37.17
CA GLU A 1111 55.58 33.18 38.51
C GLU A 1111 56.89 32.54 38.95
N PRO A 1112 58.02 33.06 38.49
CA PRO A 1112 59.31 32.44 38.82
C PRO A 1112 59.59 32.48 40.32
N GLN A 1113 60.17 31.39 40.82
CA GLN A 1113 60.54 31.28 42.22
C GLN A 1113 61.94 30.68 42.31
N ILE A 1114 62.66 31.07 43.36
CA ILE A 1114 64.02 30.56 43.57
C ILE A 1114 63.96 29.08 43.84
N ILE A 1115 64.83 28.32 43.17
CA ILE A 1115 64.87 26.87 43.36
C ILE A 1115 65.31 26.57 44.79
N THR A 1116 64.49 25.81 45.51
CA THR A 1116 64.69 25.59 46.93
C THR A 1116 64.30 24.16 47.26
N THR A 1117 64.83 23.64 48.37
CA THR A 1117 64.55 22.26 48.75
C THR A 1117 63.10 22.02 49.13
N ASP A 1118 62.33 23.06 49.44
CA ASP A 1118 60.94 22.85 49.83
C ASP A 1118 60.06 22.50 48.64
N ASN A 1119 60.26 23.17 47.50
CA ASN A 1119 59.45 22.93 46.31
C ASN A 1119 60.12 22.01 45.31
N THR A 1120 61.20 21.34 45.72
CA THR A 1120 61.86 20.35 44.88
C THR A 1120 62.10 19.09 45.70
N PHE A 1121 62.09 17.94 45.02
CA PHE A 1121 62.32 16.66 45.67
C PHE A 1121 63.44 15.91 44.95
N VAL A 1122 64.20 15.14 45.73
CA VAL A 1122 65.38 14.43 45.24
C VAL A 1122 65.00 12.99 44.96
N SER A 1123 65.43 12.49 43.80
CA SER A 1123 65.17 11.10 43.42
C SER A 1123 66.36 10.60 42.61
N GLY A 1124 67.28 9.92 43.28
CA GLY A 1124 68.44 9.35 42.61
C GLY A 1124 69.50 10.38 42.26
N ASN A 1125 70.50 9.91 41.53
CA ASN A 1125 71.59 10.76 41.09
C ASN A 1125 71.27 11.39 39.74
N CYS A 1126 72.18 12.23 39.25
CA CYS A 1126 71.99 12.95 37.99
C CYS A 1126 72.73 12.30 36.83
N ASP A 1127 72.83 10.97 36.84
CA ASP A 1127 73.51 10.24 35.78
C ASP A 1127 72.55 9.57 34.80
N VAL A 1128 71.31 9.31 35.19
CA VAL A 1128 70.35 8.64 34.32
C VAL A 1128 69.37 9.60 33.67
N VAL A 1129 69.19 10.81 34.22
CA VAL A 1129 68.26 11.77 33.64
C VAL A 1129 68.88 12.37 32.38
N ILE A 1130 68.11 12.40 31.30
CA ILE A 1130 68.56 12.93 30.03
C ILE A 1130 68.18 14.41 29.95
N GLY A 1131 69.18 15.25 29.74
CA GLY A 1131 68.95 16.69 29.65
C GLY A 1131 69.12 17.45 30.95
N ILE A 1132 69.60 16.79 32.00
CA ILE A 1132 69.78 17.48 33.28
C ILE A 1132 70.90 18.51 33.17
N VAL A 1133 70.74 19.62 33.90
CA VAL A 1133 71.71 20.71 33.88
C VAL A 1133 72.23 20.92 35.30
N ASN A 1134 73.34 21.65 35.38
CA ASN A 1134 73.99 21.93 36.66
C ASN A 1134 73.52 23.29 37.17
N ASN A 1135 73.00 23.31 38.39
CA ASN A 1135 72.56 24.56 39.01
C ASN A 1135 72.54 24.37 40.52
N THR A 1136 72.56 25.48 41.24
CA THR A 1136 72.54 25.46 42.69
C THR A 1136 71.10 25.39 43.20
N VAL A 1137 70.93 24.72 44.34
CA VAL A 1137 69.65 24.59 45.01
C VAL A 1137 69.75 25.26 46.36
N TYR A 1138 68.89 26.26 46.61
CA TYR A 1138 68.94 27.00 47.85
C TYR A 1138 68.36 26.17 48.99
N ASP A 1139 69.11 26.10 50.09
CA ASP A 1139 68.66 25.41 51.29
C ASP A 1139 68.36 26.46 52.35
N PRO A 1140 67.09 26.64 52.76
CA PRO A 1140 66.72 27.68 53.72
C PRO A 1140 66.97 27.29 55.17
N LEU A 1141 68.14 26.75 55.45
CA LEU A 1141 68.51 26.38 56.81
C LEU A 1141 69.83 26.99 57.25
N GLN A 1142 70.81 27.09 56.35
CA GLN A 1142 72.09 27.71 56.72
C GLN A 1142 71.93 29.17 57.15
N PRO A 1143 71.22 30.04 56.42
CA PRO A 1143 70.99 31.39 56.94
C PRO A 1143 70.24 31.41 58.26
N GLU A 1144 69.30 30.48 58.46
CA GLU A 1144 68.60 30.40 59.74
C GLU A 1144 69.53 29.95 60.86
N LEU A 1145 70.42 28.99 60.56
CA LEU A 1145 71.35 28.51 61.57
C LEU A 1145 72.32 29.61 61.99
N ASP A 1146 72.81 30.40 61.05
CA ASP A 1146 73.74 31.48 61.34
C ASP A 1146 73.02 32.64 62.04
N GLN B 14 4.77 -50.29 -42.67
CA GLN B 14 4.51 -51.51 -41.92
C GLN B 14 5.57 -51.72 -40.84
N CYS B 15 5.14 -52.13 -39.66
CA CYS B 15 6.03 -52.37 -38.53
C CYS B 15 5.72 -53.73 -37.91
N VAL B 16 6.77 -54.36 -37.37
CA VAL B 16 6.66 -55.66 -36.72
C VAL B 16 7.32 -55.56 -35.35
N ASN B 17 6.63 -56.06 -34.33
CA ASN B 17 7.19 -56.08 -32.98
C ASN B 17 8.42 -56.98 -32.93
N LEU B 18 9.41 -56.57 -32.15
CA LEU B 18 10.67 -57.30 -32.04
C LEU B 18 10.63 -58.19 -30.80
N THR B 19 11.02 -59.45 -30.97
CA THR B 19 11.06 -60.42 -29.90
C THR B 19 12.48 -60.54 -29.35
N THR B 20 12.70 -61.54 -28.51
CA THR B 20 14.01 -61.82 -27.90
C THR B 20 14.52 -60.62 -27.12
N ARG B 21 13.81 -60.30 -26.04
CA ARG B 21 14.17 -59.22 -25.13
C ARG B 21 13.87 -59.68 -23.71
N THR B 22 14.90 -60.04 -22.96
CA THR B 22 14.71 -60.50 -21.59
C THR B 22 14.21 -59.38 -20.70
N GLN B 23 13.38 -59.77 -19.73
CA GLN B 23 12.79 -58.81 -18.79
C GLN B 23 13.69 -58.67 -17.57
N LEU B 24 14.11 -57.44 -17.30
CA LEU B 24 14.97 -57.13 -16.16
C LEU B 24 14.43 -55.90 -15.45
N PRO B 25 14.50 -55.84 -14.13
CA PRO B 25 13.92 -54.71 -13.41
C PRO B 25 14.59 -53.41 -13.81
N PRO B 26 13.84 -52.30 -13.82
CA PRO B 26 14.43 -51.03 -14.22
C PRO B 26 15.56 -50.61 -13.28
N ALA B 27 16.57 -49.97 -13.85
CA ALA B 27 17.75 -49.54 -13.11
C ALA B 27 17.70 -48.05 -12.83
N TYR B 28 18.09 -47.67 -11.62
CA TYR B 28 18.15 -46.28 -11.19
C TYR B 28 19.58 -45.94 -10.84
N THR B 29 20.07 -44.80 -11.34
CA THR B 29 21.44 -44.38 -11.11
C THR B 29 21.45 -42.96 -10.53
N ASN B 30 22.54 -42.66 -9.83
CA ASN B 30 22.66 -41.41 -9.09
C ASN B 30 23.23 -40.32 -10.00
N SER B 31 22.45 -39.26 -10.19
CA SER B 31 22.89 -38.11 -10.98
C SER B 31 23.56 -37.10 -10.05
N PHE B 32 24.81 -36.75 -10.38
CA PHE B 32 25.63 -35.87 -9.56
C PHE B 32 25.77 -34.53 -10.27
N THR B 33 25.17 -33.49 -9.70
CA THR B 33 25.24 -32.09 -10.15
C THR B 33 25.23 -31.96 -11.68
N ARG B 34 24.21 -32.55 -12.29
CA ARG B 34 23.98 -32.37 -13.72
C ARG B 34 22.61 -31.77 -13.98
N GLY B 35 22.23 -31.65 -15.25
CA GLY B 35 20.92 -31.12 -15.60
C GLY B 35 20.70 -29.67 -15.24
N VAL B 36 21.68 -28.81 -15.50
CA VAL B 36 21.58 -27.38 -15.24
C VAL B 36 21.65 -26.64 -16.56
N TYR B 37 20.74 -25.68 -16.75
CA TYR B 37 20.62 -24.95 -18.00
C TYR B 37 20.42 -23.47 -17.72
N TYR B 38 20.59 -22.66 -18.75
CA TYR B 38 20.39 -21.22 -18.64
C TYR B 38 18.91 -20.91 -18.44
N PRO B 39 18.53 -20.18 -17.38
CA PRO B 39 17.11 -19.91 -17.17
C PRO B 39 16.51 -18.97 -18.21
N ASP B 40 17.31 -18.06 -18.78
CA ASP B 40 16.82 -17.10 -19.74
C ASP B 40 17.94 -16.72 -20.69
N LYS B 41 17.67 -15.75 -21.56
CA LYS B 41 18.61 -15.29 -22.56
C LYS B 41 19.30 -14.00 -22.14
N VAL B 42 19.58 -13.84 -20.85
CA VAL B 42 20.16 -12.63 -20.28
C VAL B 42 21.64 -12.87 -20.00
N PHE B 43 22.48 -11.93 -20.42
CA PHE B 43 23.92 -12.01 -20.18
C PHE B 43 24.25 -11.39 -18.82
N ARG B 44 24.96 -12.15 -17.99
CA ARG B 44 25.43 -11.65 -16.70
C ARG B 44 26.87 -12.09 -16.51
N SER B 45 27.68 -11.19 -15.95
CA SER B 45 29.13 -11.42 -15.81
C SER B 45 29.52 -11.26 -14.35
N SER B 46 30.13 -12.32 -13.79
CA SER B 46 30.70 -12.29 -12.44
C SER B 46 29.66 -11.84 -11.41
N VAL B 47 28.59 -12.61 -11.28
CA VAL B 47 27.50 -12.27 -10.39
C VAL B 47 26.80 -13.55 -9.94
N LEU B 48 26.21 -13.50 -8.73
CA LEU B 48 25.40 -14.58 -8.20
C LEU B 48 23.94 -14.25 -8.42
N HIS B 49 23.22 -15.12 -9.12
CA HIS B 49 21.82 -14.89 -9.49
C HIS B 49 20.97 -16.04 -8.98
N SER B 50 19.88 -15.71 -8.29
CA SER B 50 18.95 -16.72 -7.77
C SER B 50 17.68 -16.69 -8.62
N THR B 51 17.32 -17.85 -9.16
CA THR B 51 16.16 -17.94 -10.04
C THR B 51 15.37 -19.21 -9.75
N GLN B 52 14.05 -19.11 -9.83
CA GLN B 52 13.16 -20.26 -9.61
C GLN B 52 12.64 -20.74 -10.96
N ASP B 53 12.85 -22.02 -11.24
CA ASP B 53 12.48 -22.58 -12.54
C ASP B 53 12.44 -24.10 -12.41
N LEU B 54 12.00 -24.75 -13.48
CA LEU B 54 12.00 -26.21 -13.52
C LEU B 54 13.42 -26.72 -13.72
N PHE B 55 13.95 -27.41 -12.71
CA PHE B 55 15.33 -27.88 -12.72
C PHE B 55 15.38 -29.32 -12.24
N LEU B 56 16.51 -29.97 -12.54
CA LEU B 56 16.77 -31.32 -12.06
C LEU B 56 17.53 -31.25 -10.74
N PRO B 57 17.03 -31.84 -9.66
CA PRO B 57 17.72 -31.73 -8.37
C PRO B 57 19.09 -32.38 -8.40
N PHE B 58 20.01 -31.81 -7.61
CA PHE B 58 21.36 -32.32 -7.52
C PHE B 58 21.36 -33.67 -6.79
N PHE B 59 22.26 -34.55 -7.22
CA PHE B 59 22.45 -35.87 -6.61
C PHE B 59 21.13 -36.65 -6.56
N SER B 60 20.37 -36.60 -7.65
CA SER B 60 19.06 -37.22 -7.68
C SER B 60 19.15 -38.65 -8.21
N ASN B 61 18.00 -39.27 -8.43
CA ASN B 61 17.93 -40.61 -9.02
C ASN B 61 17.27 -40.50 -10.39
N VAL B 62 17.95 -41.02 -11.41
CA VAL B 62 17.47 -40.96 -12.78
C VAL B 62 17.42 -42.38 -13.34
N THR B 63 16.45 -42.63 -14.21
CA THR B 63 16.24 -43.98 -14.72
C THR B 63 17.23 -44.24 -15.85
N TRP B 64 17.98 -45.33 -15.75
CA TRP B 64 19.08 -45.63 -16.65
C TRP B 64 18.71 -46.82 -17.52
N PHE B 65 18.78 -46.64 -18.84
CA PHE B 65 18.48 -47.68 -19.82
C PHE B 65 19.75 -48.02 -20.60
N HIS B 66 20.00 -49.32 -20.74
CA HIS B 66 21.22 -49.82 -21.36
C HIS B 66 20.96 -50.29 -22.78
N ALA B 67 22.05 -50.57 -23.49
CA ALA B 67 21.97 -51.22 -24.80
C ALA B 67 23.32 -51.90 -25.04
N ILE B 68 23.33 -53.23 -25.02
CA ILE B 68 24.57 -53.98 -25.19
C ILE B 68 24.21 -55.37 -25.73
N HIS B 69 25.10 -55.91 -26.55
CA HIS B 69 24.85 -57.22 -27.15
C HIS B 69 24.99 -58.34 -26.13
N VAL B 70 26.18 -58.46 -25.53
CA VAL B 70 26.48 -59.49 -24.54
C VAL B 70 26.18 -60.89 -25.09
N THR B 76 18.76 -61.61 -25.42
CA THR B 76 18.80 -60.41 -24.58
C THR B 76 18.93 -59.15 -25.43
N LYS B 77 20.18 -58.72 -25.62
CA LYS B 77 20.55 -57.57 -26.45
C LYS B 77 20.13 -56.24 -25.82
N ARG B 78 19.36 -56.31 -24.74
CA ARG B 78 18.98 -55.16 -23.91
C ARG B 78 18.51 -53.99 -24.77
N PHE B 79 17.42 -54.22 -25.49
CA PHE B 79 16.78 -53.17 -26.28
C PHE B 79 15.70 -52.52 -25.43
N ASP B 80 15.94 -51.28 -25.00
CA ASP B 80 15.07 -50.59 -24.05
C ASP B 80 14.30 -49.50 -24.79
N ASN B 81 13.02 -49.77 -25.06
CA ASN B 81 12.09 -48.75 -25.55
C ASN B 81 10.76 -48.86 -24.81
N PRO B 82 10.77 -48.65 -23.48
CA PRO B 82 9.54 -48.80 -22.70
C PRO B 82 8.69 -47.54 -22.68
N VAL B 83 7.62 -47.56 -21.89
CA VAL B 83 6.75 -46.40 -21.75
C VAL B 83 7.36 -45.45 -20.72
N LEU B 84 7.38 -44.16 -21.05
CA LEU B 84 7.93 -43.13 -20.16
C LEU B 84 6.97 -41.95 -20.12
N PRO B 85 6.52 -41.53 -18.94
CA PRO B 85 5.63 -40.36 -18.86
C PRO B 85 6.37 -39.05 -18.97
N PHE B 86 5.62 -38.01 -19.29
CA PHE B 86 6.12 -36.64 -19.42
C PHE B 86 5.35 -35.76 -18.44
N ASN B 87 5.91 -35.54 -17.26
CA ASN B 87 5.21 -34.78 -16.22
C ASN B 87 5.36 -33.28 -16.43
N ASP B 88 6.59 -32.76 -16.32
CA ASP B 88 6.83 -31.32 -16.40
C ASP B 88 8.06 -30.95 -17.20
N GLY B 89 8.74 -31.90 -17.81
CA GLY B 89 9.98 -31.66 -18.53
C GLY B 89 10.89 -32.85 -18.34
N VAL B 90 11.76 -33.07 -19.32
CA VAL B 90 12.59 -34.27 -19.35
C VAL B 90 14.05 -33.88 -19.57
N TYR B 91 14.94 -34.42 -18.74
CA TYR B 91 16.37 -34.34 -18.95
C TYR B 91 16.84 -35.67 -19.50
N PHE B 92 17.47 -35.65 -20.67
CA PHE B 92 17.84 -36.86 -21.41
C PHE B 92 19.34 -36.82 -21.66
N ALA B 93 20.08 -37.73 -21.04
CA ALA B 93 21.52 -37.85 -21.24
C ALA B 93 21.80 -39.12 -22.02
N SER B 94 22.64 -39.01 -23.05
CA SER B 94 22.96 -40.15 -23.91
C SER B 94 24.47 -40.36 -23.89
N THR B 95 24.89 -41.49 -23.31
CA THR B 95 26.30 -41.89 -23.28
C THR B 95 26.52 -42.89 -24.41
N GLU B 96 27.39 -42.54 -25.35
CA GLU B 96 27.50 -43.31 -26.58
C GLU B 96 28.92 -43.25 -27.12
N LYS B 97 29.23 -44.22 -28.00
CA LYS B 97 30.46 -44.22 -28.77
C LYS B 97 30.21 -44.34 -30.26
N SER B 98 28.98 -44.64 -30.69
CA SER B 98 28.67 -44.75 -32.11
C SER B 98 27.34 -44.09 -32.47
N ASN B 99 26.75 -43.32 -31.56
CA ASN B 99 25.48 -42.61 -31.79
C ASN B 99 24.36 -43.59 -32.14
N ILE B 100 24.09 -44.51 -31.21
CA ILE B 100 23.01 -45.47 -31.39
C ILE B 100 21.66 -44.77 -31.30
N ILE B 101 21.51 -43.84 -30.36
CA ILE B 101 20.24 -43.15 -30.19
C ILE B 101 19.94 -42.31 -31.43
N ARG B 102 18.66 -42.26 -31.79
CA ARG B 102 18.26 -41.56 -33.01
C ARG B 102 17.31 -40.39 -32.75
N GLY B 103 16.20 -40.60 -32.05
CA GLY B 103 15.22 -39.55 -31.96
C GLY B 103 14.30 -39.65 -30.77
N TRP B 104 13.30 -38.76 -30.76
CA TRP B 104 12.33 -38.67 -29.68
C TRP B 104 10.93 -38.48 -30.25
N ILE B 105 9.94 -38.92 -29.49
CA ILE B 105 8.52 -38.81 -29.85
C ILE B 105 7.79 -38.26 -28.64
N PHE B 106 6.91 -37.27 -28.87
CA PHE B 106 6.09 -36.68 -27.82
C PHE B 106 4.63 -36.68 -28.25
N GLY B 107 3.75 -36.87 -27.28
CA GLY B 107 2.33 -36.89 -27.57
C GLY B 107 1.53 -37.24 -26.32
N THR B 108 0.23 -37.45 -26.53
CA THR B 108 -0.67 -37.84 -25.47
C THR B 108 -1.34 -39.18 -25.73
N THR B 109 -1.90 -39.38 -26.93
CA THR B 109 -2.59 -40.61 -27.26
C THR B 109 -1.75 -41.56 -28.11
N LEU B 110 -0.90 -41.03 -28.99
CA LEU B 110 0.04 -41.80 -29.80
C LEU B 110 -0.67 -42.75 -30.76
N ASP B 111 -1.92 -42.49 -31.10
CA ASP B 111 -2.69 -43.37 -31.98
C ASP B 111 -3.48 -42.55 -32.99
N SER B 112 -2.86 -41.52 -33.56
CA SER B 112 -3.37 -40.72 -34.67
C SER B 112 -4.59 -39.89 -34.32
N LYS B 113 -5.11 -39.96 -33.09
CA LYS B 113 -6.26 -39.16 -32.70
C LYS B 113 -5.86 -37.85 -32.04
N THR B 114 -4.56 -37.57 -31.91
CA THR B 114 -4.09 -36.33 -31.33
C THR B 114 -2.76 -35.97 -31.97
N GLN B 115 -2.53 -34.67 -32.15
CA GLN B 115 -1.28 -34.20 -32.75
C GLN B 115 -0.09 -34.61 -31.89
N SER B 116 1.00 -34.97 -32.56
CA SER B 116 2.21 -35.43 -31.89
C SER B 116 3.42 -34.66 -32.43
N LEU B 117 4.57 -34.91 -31.82
CA LEU B 117 5.83 -34.30 -32.23
C LEU B 117 6.86 -35.40 -32.40
N LEU B 118 7.67 -35.27 -33.46
CA LEU B 118 8.67 -36.28 -33.80
C LEU B 118 9.97 -35.58 -34.14
N ILE B 119 11.08 -36.08 -33.57
CA ILE B 119 12.42 -35.60 -33.91
C ILE B 119 13.26 -36.81 -34.27
N VAL B 120 13.83 -36.82 -35.47
CA VAL B 120 14.64 -37.94 -35.93
C VAL B 120 15.90 -37.41 -36.60
N ASN B 121 17.05 -37.92 -36.19
CA ASN B 121 18.34 -37.58 -36.80
C ASN B 121 18.80 -38.80 -37.59
N ASN B 122 18.38 -38.88 -38.84
CA ASN B 122 18.73 -40.02 -39.69
C ASN B 122 20.13 -39.82 -40.25
N ALA B 123 20.50 -40.65 -41.22
CA ALA B 123 21.88 -40.67 -41.70
C ALA B 123 22.28 -39.39 -42.44
N THR B 124 21.33 -38.57 -42.86
CA THR B 124 21.69 -37.42 -43.67
C THR B 124 21.17 -36.09 -43.12
N ASN B 125 19.98 -36.06 -42.55
CA ASN B 125 19.33 -34.82 -42.16
C ASN B 125 18.79 -34.94 -40.74
N VAL B 126 18.20 -33.84 -40.26
CA VAL B 126 17.49 -33.79 -38.99
C VAL B 126 16.07 -33.33 -39.27
N VAL B 127 15.09 -34.13 -38.85
CA VAL B 127 13.69 -33.91 -39.19
C VAL B 127 12.93 -33.64 -37.90
N ILE B 128 12.21 -32.53 -37.87
CA ILE B 128 11.29 -32.19 -36.78
C ILE B 128 9.91 -32.01 -37.38
N LYS B 129 8.97 -32.85 -36.96
CA LYS B 129 7.61 -32.85 -37.50
C LYS B 129 6.62 -32.73 -36.35
N VAL B 130 5.88 -31.63 -36.33
CA VAL B 130 4.67 -31.54 -35.51
C VAL B 130 3.53 -31.96 -36.42
N CYS B 131 2.96 -33.13 -36.14
CA CYS B 131 2.22 -33.88 -37.14
C CYS B 131 1.56 -35.04 -36.42
N GLU B 132 0.56 -35.64 -37.06
CA GLU B 132 -0.15 -36.78 -36.51
C GLU B 132 0.33 -38.05 -37.19
N PHE B 133 0.69 -39.06 -36.39
CA PHE B 133 1.23 -40.31 -36.91
C PHE B 133 0.50 -41.48 -36.29
N GLN B 134 0.42 -42.57 -37.05
CA GLN B 134 -0.05 -43.85 -36.53
C GLN B 134 1.16 -44.59 -35.96
N PHE B 135 1.59 -44.12 -34.79
CA PHE B 135 2.84 -44.60 -34.20
C PHE B 135 2.75 -46.08 -33.85
N CYS B 136 3.79 -46.82 -34.22
CA CYS B 136 3.86 -48.23 -33.90
C CYS B 136 4.19 -48.45 -32.42
N ASN B 137 3.86 -49.64 -31.92
CA ASN B 137 4.19 -49.97 -30.55
C ASN B 137 5.70 -50.04 -30.33
N ASP B 138 6.45 -50.47 -31.34
CA ASP B 138 7.91 -50.58 -31.26
C ASP B 138 8.53 -49.91 -32.48
N PRO B 139 8.56 -48.58 -32.49
CA PRO B 139 9.23 -47.87 -33.60
C PRO B 139 10.73 -47.81 -33.37
N PHE B 140 11.48 -47.89 -34.47
CA PHE B 140 12.93 -47.96 -34.37
C PHE B 140 13.56 -47.61 -35.72
N LEU B 141 14.90 -47.55 -35.71
CA LEU B 141 15.73 -47.38 -36.88
C LEU B 141 16.58 -48.63 -37.06
N GLY B 142 17.08 -48.82 -38.28
CA GLY B 142 17.90 -49.97 -38.57
C GLY B 142 18.99 -49.71 -39.59
N VAL B 143 20.23 -49.98 -39.21
CA VAL B 143 21.40 -49.76 -40.06
C VAL B 143 21.94 -51.12 -40.49
N TYR B 144 22.11 -51.30 -41.79
CA TYR B 144 22.63 -52.55 -42.33
C TYR B 144 24.14 -52.44 -42.52
N TYR B 145 24.87 -53.37 -41.90
CA TYR B 145 26.33 -53.41 -42.00
C TYR B 145 26.71 -54.46 -43.04
N HIS B 146 27.13 -53.99 -44.21
CA HIS B 146 27.50 -54.90 -45.28
C HIS B 146 28.84 -55.57 -44.98
N LYS B 147 28.96 -56.83 -45.38
CA LYS B 147 30.19 -57.59 -45.18
C LYS B 147 31.09 -57.60 -46.40
N ASN B 148 30.51 -57.54 -47.61
CA ASN B 148 31.33 -57.51 -48.81
C ASN B 148 32.15 -56.22 -48.89
N ASN B 149 31.55 -55.09 -48.50
CA ASN B 149 32.25 -53.82 -48.44
C ASN B 149 31.96 -53.13 -47.12
N LYS B 150 32.89 -52.30 -46.67
CA LYS B 150 32.80 -51.62 -45.38
C LYS B 150 32.04 -50.31 -45.57
N SER B 151 30.76 -50.31 -45.22
CA SER B 151 29.93 -49.12 -45.33
C SER B 151 28.72 -49.28 -44.44
N TRP B 152 28.57 -48.39 -43.45
CA TRP B 152 27.44 -48.40 -42.54
C TRP B 152 26.43 -47.36 -43.02
N MET B 153 25.26 -47.83 -43.43
CA MET B 153 24.21 -46.95 -43.94
C MET B 153 22.87 -47.34 -43.34
N GLU B 154 22.04 -46.33 -43.07
CA GLU B 154 20.71 -46.58 -42.55
C GLU B 154 19.82 -47.19 -43.63
N SER B 155 19.04 -48.20 -43.24
CA SER B 155 18.26 -48.94 -44.23
C SER B 155 16.79 -49.04 -43.85
N GLU B 156 16.47 -49.05 -42.56
CA GLU B 156 15.10 -49.27 -42.11
C GLU B 156 14.66 -48.15 -41.18
N PHE B 157 13.40 -47.76 -41.30
CA PHE B 157 12.81 -46.68 -40.49
C PHE B 157 11.36 -47.09 -40.22
N ARG B 158 11.10 -47.70 -39.07
CA ARG B 158 9.77 -48.22 -38.75
C ARG B 158 9.21 -47.40 -37.59
N VAL B 159 8.56 -46.28 -37.92
CA VAL B 159 8.04 -45.37 -36.92
C VAL B 159 6.54 -45.15 -37.12
N TYR B 160 6.16 -44.62 -38.28
CA TYR B 160 4.79 -44.24 -38.54
C TYR B 160 4.30 -44.86 -39.85
N SER B 161 2.98 -44.94 -39.97
CA SER B 161 2.33 -45.52 -41.15
C SER B 161 1.93 -44.45 -42.16
N SER B 162 1.08 -43.51 -41.77
CA SER B 162 0.57 -42.51 -42.69
C SER B 162 0.06 -41.31 -41.90
N ALA B 163 -0.19 -40.21 -42.63
CA ALA B 163 -0.68 -38.98 -42.02
C ALA B 163 -1.57 -38.25 -43.00
N ASN B 164 -2.75 -37.84 -42.54
CA ASN B 164 -3.68 -37.07 -43.37
C ASN B 164 -3.50 -35.56 -43.17
N ASN B 165 -3.70 -35.09 -41.95
CA ASN B 165 -3.41 -33.71 -41.59
C ASN B 165 -1.97 -33.61 -41.12
N CYS B 166 -1.37 -32.43 -41.28
CA CYS B 166 -0.02 -32.23 -40.77
C CYS B 166 0.28 -30.75 -40.82
N THR B 167 0.81 -30.20 -39.73
CA THR B 167 0.92 -28.75 -39.58
C THR B 167 2.34 -28.21 -39.66
N PHE B 168 3.32 -28.85 -39.03
CA PHE B 168 4.66 -28.28 -38.94
C PHE B 168 5.70 -29.28 -39.44
N GLU B 169 6.51 -28.84 -40.40
CA GLU B 169 7.58 -29.64 -40.97
C GLU B 169 8.87 -28.83 -40.96
N TYR B 170 9.99 -29.48 -40.60
CA TYR B 170 11.29 -28.84 -40.65
C TYR B 170 12.34 -29.90 -40.95
N VAL B 171 13.15 -29.64 -41.98
CA VAL B 171 14.23 -30.54 -42.38
C VAL B 171 15.52 -29.74 -42.43
N SER B 172 16.55 -30.24 -41.74
CA SER B 172 17.84 -29.57 -41.73
C SER B 172 18.60 -29.86 -43.03
N GLN B 173 19.69 -29.13 -43.22
CA GLN B 173 20.51 -29.32 -44.41
C GLN B 173 21.15 -30.71 -44.38
N PRO B 174 21.27 -31.36 -45.54
CA PRO B 174 21.87 -32.70 -45.57
C PRO B 174 23.34 -32.67 -45.16
N PHE B 175 23.78 -33.76 -44.52
CA PHE B 175 25.15 -33.91 -44.09
C PHE B 175 25.53 -35.38 -44.17
N LEU B 176 26.69 -35.73 -43.62
CA LEU B 176 27.17 -37.09 -43.59
C LEU B 176 27.49 -37.48 -42.16
N MET B 177 27.32 -38.77 -41.86
CA MET B 177 27.55 -39.30 -40.52
C MET B 177 28.33 -40.60 -40.61
N ASP B 178 28.95 -40.98 -39.50
CA ASP B 178 29.83 -42.15 -39.49
C ASP B 178 29.03 -43.45 -39.53
N LEU B 179 28.17 -43.66 -38.54
CA LEU B 179 27.31 -44.83 -38.38
C LEU B 179 28.08 -46.11 -38.04
N GLU B 180 29.40 -46.06 -37.98
CA GLU B 180 30.17 -47.25 -37.65
C GLU B 180 30.25 -47.47 -36.15
N GLY B 181 30.24 -48.73 -35.75
CA GLY B 181 30.30 -49.09 -34.34
C GLY B 181 31.70 -49.35 -33.85
N LYS B 182 32.30 -48.37 -33.19
CA LYS B 182 33.65 -48.52 -32.65
C LYS B 182 33.63 -49.41 -31.41
N GLN B 183 34.78 -50.00 -31.11
CA GLN B 183 34.95 -50.86 -29.95
C GLN B 183 35.83 -50.16 -28.93
N GLY B 184 35.39 -50.17 -27.67
CA GLY B 184 36.11 -49.55 -26.58
C GLY B 184 35.13 -48.93 -25.60
N ASN B 185 35.62 -47.94 -24.87
CA ASN B 185 34.80 -47.23 -23.90
C ASN B 185 34.04 -46.09 -24.58
N PHE B 186 33.02 -45.59 -23.88
CA PHE B 186 32.22 -44.49 -24.40
C PHE B 186 33.05 -43.21 -24.49
N LYS B 187 32.78 -42.42 -25.52
CA LYS B 187 33.54 -41.21 -25.78
C LYS B 187 32.68 -39.97 -26.03
N ASN B 188 31.36 -40.10 -26.04
CA ASN B 188 30.47 -38.97 -26.33
C ASN B 188 29.32 -38.96 -25.33
N LEU B 189 28.92 -37.75 -24.93
CA LEU B 189 27.77 -37.56 -24.06
C LEU B 189 26.94 -36.42 -24.62
N ARG B 190 25.69 -36.71 -24.98
CA ARG B 190 24.76 -35.72 -25.51
C ARG B 190 23.70 -35.45 -24.47
N GLU B 191 23.59 -34.20 -24.03
CA GLU B 191 22.64 -33.81 -22.99
C GLU B 191 21.56 -32.93 -23.61
N PHE B 192 20.30 -33.26 -23.32
CA PHE B 192 19.16 -32.49 -23.79
C PHE B 192 18.20 -32.24 -22.65
N VAL B 193 17.51 -31.11 -22.72
CA VAL B 193 16.43 -30.75 -21.80
C VAL B 193 15.24 -30.32 -22.64
N PHE B 194 14.10 -30.98 -22.42
CA PHE B 194 12.86 -30.66 -23.13
C PHE B 194 11.85 -30.11 -22.13
N LYS B 195 11.32 -28.92 -22.43
CA LYS B 195 10.31 -28.28 -21.61
C LYS B 195 9.17 -27.80 -22.49
N ASN B 196 7.98 -27.70 -21.89
CA ASN B 196 6.79 -27.22 -22.60
C ASN B 196 6.04 -26.31 -21.62
N ILE B 197 6.12 -25.00 -21.83
CA ILE B 197 5.41 -24.04 -21.00
C ILE B 197 4.90 -22.89 -21.86
N ASP B 198 3.68 -22.44 -21.57
CA ASP B 198 3.04 -21.32 -22.28
C ASP B 198 2.92 -21.60 -23.78
N GLY B 199 2.68 -22.86 -24.13
CA GLY B 199 2.57 -23.25 -25.52
C GLY B 199 3.87 -23.27 -26.28
N TYR B 200 5.00 -23.11 -25.60
CA TYR B 200 6.31 -23.08 -26.24
C TYR B 200 7.10 -24.31 -25.80
N PHE B 201 7.70 -24.99 -26.78
CA PHE B 201 8.51 -26.18 -26.55
C PHE B 201 9.98 -25.79 -26.69
N LYS B 202 10.72 -25.87 -25.59
CA LYS B 202 12.12 -25.50 -25.56
C LYS B 202 13.00 -26.75 -25.51
N ILE B 203 13.94 -26.84 -26.44
CA ILE B 203 14.91 -27.93 -26.48
C ILE B 203 16.30 -27.33 -26.29
N TYR B 204 16.98 -27.77 -25.24
CA TYR B 204 18.31 -27.29 -24.90
C TYR B 204 19.29 -28.44 -25.05
N SER B 205 20.45 -28.20 -25.63
CA SER B 205 21.36 -29.30 -25.95
C SER B 205 22.80 -28.91 -25.67
N LYS B 206 23.61 -29.95 -25.42
CA LYS B 206 25.05 -29.79 -25.21
C LYS B 206 25.74 -31.11 -25.54
N HIS B 207 27.01 -31.00 -25.89
CA HIS B 207 27.86 -32.15 -26.19
C HIS B 207 29.10 -32.14 -25.31
N THR B 208 29.56 -33.32 -24.93
CA THR B 208 30.72 -33.42 -24.05
C THR B 208 31.54 -34.68 -24.32
N PRO B 209 32.85 -34.56 -24.51
CA PRO B 209 33.69 -35.76 -24.61
C PRO B 209 33.93 -36.38 -23.25
N ILE B 210 33.97 -37.72 -23.23
CA ILE B 210 34.13 -38.47 -21.99
C ILE B 210 35.08 -39.63 -22.22
N ASN B 211 35.59 -40.18 -21.11
CA ASN B 211 36.56 -41.28 -21.16
C ASN B 211 36.22 -42.32 -20.09
N LEU B 212 34.95 -42.68 -19.98
CA LEU B 212 34.49 -43.66 -19.01
C LEU B 212 33.82 -44.83 -19.70
N VAL B 213 33.59 -45.90 -18.95
CA VAL B 213 32.97 -47.11 -19.47
C VAL B 213 31.49 -47.18 -19.12
N ARG B 214 31.12 -46.89 -17.87
CA ARG B 214 29.72 -46.79 -17.49
C ARG B 214 29.62 -45.94 -16.23
N ASP B 215 29.00 -44.77 -16.36
CA ASP B 215 28.74 -43.84 -15.26
C ASP B 215 28.02 -42.63 -15.84
N LEU B 216 27.59 -41.75 -14.95
CA LEU B 216 27.19 -40.40 -15.34
C LEU B 216 28.29 -39.45 -14.92
N PRO B 217 28.93 -38.74 -15.85
CA PRO B 217 30.12 -37.95 -15.48
C PRO B 217 29.80 -36.88 -14.46
N GLN B 218 30.74 -36.66 -13.55
CA GLN B 218 30.61 -35.62 -12.53
C GLN B 218 31.04 -34.29 -13.13
N GLY B 219 31.19 -33.27 -12.29
CA GLY B 219 31.56 -31.96 -12.76
C GLY B 219 30.36 -31.10 -13.08
N PHE B 220 30.64 -29.97 -13.72
CA PHE B 220 29.62 -28.99 -14.04
C PHE B 220 29.62 -28.71 -15.54
N SER B 221 28.44 -28.61 -16.13
CA SER B 221 28.29 -28.31 -17.55
C SER B 221 26.98 -27.57 -17.75
N ALA B 222 27.06 -26.38 -18.34
CA ALA B 222 25.88 -25.55 -18.58
C ALA B 222 25.27 -25.90 -19.93
N LEU B 223 23.98 -26.21 -19.93
CA LEU B 223 23.28 -26.66 -21.15
C LEU B 223 22.77 -25.42 -21.88
N GLU B 224 23.45 -25.05 -22.95
CA GLU B 224 23.07 -23.86 -23.70
C GLU B 224 21.79 -24.10 -24.51
N PRO B 225 20.99 -23.06 -24.72
CA PRO B 225 19.77 -23.23 -25.50
C PRO B 225 20.05 -23.61 -26.95
N LEU B 226 19.14 -24.40 -27.52
CA LEU B 226 19.21 -24.76 -28.93
C LEU B 226 18.03 -24.27 -29.75
N VAL B 227 16.79 -24.58 -29.35
CA VAL B 227 15.63 -24.24 -30.19
C VAL B 227 14.39 -24.01 -29.33
N ASP B 228 13.47 -23.20 -29.88
CA ASP B 228 12.22 -22.81 -29.22
C ASP B 228 11.11 -22.88 -30.26
N LEU B 229 10.33 -23.97 -30.24
CA LEU B 229 9.24 -24.17 -31.19
C LEU B 229 7.94 -23.60 -30.64
N PRO B 230 7.21 -22.78 -31.42
CA PRO B 230 5.86 -22.31 -31.04
C PRO B 230 4.77 -23.29 -31.49
N ILE B 231 4.63 -24.38 -30.75
CA ILE B 231 3.74 -25.48 -31.13
C ILE B 231 2.41 -25.39 -30.38
N GLY B 232 2.46 -25.27 -29.06
CA GLY B 232 1.24 -25.16 -28.27
C GLY B 232 0.35 -26.39 -28.25
N ILE B 233 0.94 -27.57 -28.07
CA ILE B 233 0.18 -28.81 -27.95
C ILE B 233 0.50 -29.45 -26.60
N ASN B 234 -0.44 -30.26 -26.11
CA ASN B 234 -0.29 -30.92 -24.83
C ASN B 234 0.63 -32.13 -24.97
N ILE B 235 1.57 -32.26 -24.05
CA ILE B 235 2.54 -33.36 -24.05
C ILE B 235 2.58 -33.94 -22.64
N THR B 236 2.05 -35.16 -22.48
CA THR B 236 2.09 -35.87 -21.22
C THR B 236 2.59 -37.31 -21.39
N ARG B 237 3.34 -37.57 -22.46
CA ARG B 237 3.81 -38.90 -22.80
C ARG B 237 4.92 -38.78 -23.84
N PHE B 238 6.06 -39.42 -23.61
CA PHE B 238 7.17 -39.34 -24.55
C PHE B 238 7.88 -40.68 -24.61
N GLN B 239 8.59 -40.88 -25.72
CA GLN B 239 9.30 -42.13 -25.97
C GLN B 239 10.55 -41.82 -26.78
N THR B 240 11.49 -42.77 -26.77
CA THR B 240 12.77 -42.61 -27.45
C THR B 240 12.85 -43.55 -28.64
N LEU B 241 13.83 -43.27 -29.51
CA LEU B 241 14.01 -44.04 -30.73
C LEU B 241 15.50 -44.32 -30.93
N LEU B 242 15.85 -45.60 -30.93
CA LEU B 242 17.23 -46.04 -31.12
C LEU B 242 17.42 -46.60 -32.53
N ALA B 243 18.61 -47.13 -32.78
CA ALA B 243 18.95 -47.76 -34.05
C ALA B 243 19.62 -49.09 -33.78
N LEU B 244 19.35 -50.07 -34.63
CA LEU B 244 19.89 -51.42 -34.49
C LEU B 244 20.73 -51.78 -35.70
N HIS B 245 21.80 -52.53 -35.46
CA HIS B 245 22.69 -52.96 -36.53
C HIS B 245 22.23 -54.30 -37.11
N ARG B 246 22.53 -54.50 -38.39
CA ARG B 246 22.18 -55.73 -39.07
C ARG B 246 23.26 -56.08 -40.08
N SER B 247 23.35 -57.37 -40.40
CA SER B 247 24.35 -57.85 -41.35
C SER B 247 23.87 -59.10 -42.06
N GLY B 252 19.00 -63.79 -38.81
CA GLY B 252 17.79 -64.36 -38.26
C GLY B 252 16.54 -63.89 -38.98
N ASP B 253 15.41 -63.91 -38.27
CA ASP B 253 14.13 -63.49 -38.83
C ASP B 253 14.03 -61.97 -38.79
N SER B 254 12.84 -61.45 -39.10
CA SER B 254 12.63 -60.00 -39.10
C SER B 254 12.66 -59.41 -37.69
N SER B 255 12.42 -60.22 -36.65
CA SER B 255 12.39 -59.74 -35.28
C SER B 255 13.42 -60.44 -34.39
N SER B 256 14.34 -61.21 -34.97
CA SER B 256 15.34 -61.93 -34.20
C SER B 256 16.77 -61.59 -34.59
N GLY B 257 17.03 -61.32 -35.87
CA GLY B 257 18.39 -61.02 -36.30
C GLY B 257 18.73 -59.55 -36.24
N TRP B 258 18.85 -59.02 -35.03
CA TRP B 258 19.16 -57.61 -34.82
C TRP B 258 20.13 -57.46 -33.66
N THR B 259 20.95 -56.42 -33.72
CA THR B 259 21.92 -56.10 -32.68
C THR B 259 21.72 -54.65 -32.25
N ALA B 260 21.63 -54.43 -30.94
CA ALA B 260 21.35 -53.08 -30.44
C ALA B 260 22.57 -52.18 -30.54
N GLY B 261 23.72 -52.65 -30.06
CA GLY B 261 24.91 -51.83 -30.02
C GLY B 261 25.09 -51.17 -28.66
N ALA B 262 26.35 -50.91 -28.32
CA ALA B 262 26.68 -50.38 -27.00
C ALA B 262 26.26 -48.92 -26.90
N ALA B 263 25.39 -48.61 -25.93
CA ALA B 263 24.90 -47.27 -25.68
C ALA B 263 24.18 -47.26 -24.35
N ALA B 264 23.93 -46.06 -23.83
CA ALA B 264 23.16 -45.93 -22.61
C ALA B 264 22.50 -44.57 -22.59
N TYR B 265 21.40 -44.46 -21.84
CA TYR B 265 20.76 -43.16 -21.69
C TYR B 265 20.01 -43.07 -20.37
N TYR B 266 20.11 -41.91 -19.75
CA TYR B 266 19.49 -41.61 -18.47
C TYR B 266 18.37 -40.60 -18.67
N VAL B 267 17.24 -40.85 -18.03
CA VAL B 267 16.05 -40.00 -18.11
C VAL B 267 15.74 -39.49 -16.71
N GLY B 268 15.56 -38.18 -16.59
CA GLY B 268 15.22 -37.57 -15.32
C GLY B 268 14.10 -36.56 -15.47
N TYR B 269 13.40 -36.34 -14.37
CA TYR B 269 12.25 -35.44 -14.34
C TYR B 269 12.62 -34.13 -13.66
N LEU B 270 12.06 -33.03 -14.16
CA LEU B 270 12.34 -31.70 -13.64
C LEU B 270 11.23 -31.27 -12.70
N GLN B 271 11.61 -30.57 -11.64
CA GLN B 271 10.68 -30.06 -10.64
C GLN B 271 10.94 -28.58 -10.41
N PRO B 272 9.92 -27.83 -9.97
CA PRO B 272 10.12 -26.39 -9.72
C PRO B 272 11.00 -26.14 -8.50
N ARG B 273 12.23 -25.69 -8.73
CA ARG B 273 13.18 -25.45 -7.65
C ARG B 273 13.86 -24.10 -7.86
N THR B 274 14.41 -23.57 -6.77
CA THR B 274 15.16 -22.32 -6.80
C THR B 274 16.65 -22.64 -6.80
N PHE B 275 17.37 -22.11 -7.78
CA PHE B 275 18.79 -22.37 -7.94
C PHE B 275 19.57 -21.06 -7.89
N LEU B 276 20.77 -21.12 -7.31
CA LEU B 276 21.68 -19.98 -7.25
C LEU B 276 22.88 -20.28 -8.13
N LEU B 277 23.10 -19.45 -9.13
CA LEU B 277 24.11 -19.67 -10.15
C LEU B 277 25.16 -18.58 -10.12
N LYS B 278 26.42 -18.96 -10.32
CA LYS B 278 27.52 -18.02 -10.39
C LYS B 278 27.95 -17.85 -11.84
N TYR B 279 27.99 -16.61 -12.32
CA TYR B 279 28.40 -16.30 -13.68
C TYR B 279 29.76 -15.62 -13.63
N ASN B 280 30.70 -16.15 -14.41
CA ASN B 280 32.07 -15.64 -14.42
C ASN B 280 32.18 -14.48 -15.41
N GLU B 281 33.41 -13.99 -15.61
CA GLU B 281 33.62 -12.87 -16.51
C GLU B 281 33.35 -13.26 -17.96
N ASN B 282 33.49 -14.55 -18.30
CA ASN B 282 33.21 -14.99 -19.66
C ASN B 282 31.73 -14.91 -19.99
N GLY B 283 30.87 -14.90 -18.97
CA GLY B 283 29.43 -14.87 -19.16
C GLY B 283 28.75 -16.22 -19.11
N THR B 284 29.51 -17.30 -19.17
CA THR B 284 28.95 -18.65 -19.08
C THR B 284 28.72 -19.03 -17.62
N ILE B 285 27.92 -20.06 -17.42
CA ILE B 285 27.60 -20.53 -16.08
C ILE B 285 28.78 -21.34 -15.55
N THR B 286 29.28 -20.95 -14.37
CA THR B 286 30.42 -21.62 -13.75
C THR B 286 30.00 -22.70 -12.76
N ASP B 287 29.09 -22.37 -11.85
CA ASP B 287 28.63 -23.34 -10.86
C ASP B 287 27.22 -22.95 -10.42
N ALA B 288 26.53 -23.92 -9.83
CA ALA B 288 25.17 -23.71 -9.35
C ALA B 288 24.94 -24.55 -8.10
N VAL B 289 24.08 -24.03 -7.22
CA VAL B 289 23.69 -24.73 -6.00
C VAL B 289 22.18 -24.66 -5.87
N ASP B 290 21.64 -25.61 -5.11
CA ASP B 290 20.21 -25.68 -4.87
C ASP B 290 19.84 -24.91 -3.61
N CYS B 291 18.54 -24.65 -3.45
CA CYS B 291 18.01 -24.02 -2.25
C CYS B 291 17.19 -24.99 -1.41
N ALA B 292 17.20 -26.28 -1.75
CA ALA B 292 16.42 -27.25 -0.98
C ALA B 292 17.14 -28.58 -0.80
N LEU B 293 18.40 -28.69 -1.24
CA LEU B 293 19.10 -29.98 -1.15
C LEU B 293 19.54 -30.27 0.28
N ASP B 294 20.42 -29.42 0.82
CA ASP B 294 20.94 -29.57 2.17
C ASP B 294 21.02 -28.20 2.81
N PRO B 295 21.08 -28.14 4.15
CA PRO B 295 21.08 -26.83 4.83
C PRO B 295 22.22 -25.91 4.40
N LEU B 296 23.39 -26.45 4.03
CA LEU B 296 24.48 -25.60 3.58
C LEU B 296 24.12 -24.86 2.30
N SER B 297 23.52 -25.56 1.33
CA SER B 297 23.14 -24.92 0.09
C SER B 297 22.04 -23.89 0.30
N GLU B 298 21.09 -24.15 1.21
CA GLU B 298 20.05 -23.16 1.48
C GLU B 298 20.63 -21.94 2.21
N THR B 299 21.64 -22.15 3.06
CA THR B 299 22.33 -21.02 3.67
C THR B 299 23.04 -20.19 2.61
N LYS B 300 23.68 -20.86 1.64
CA LYS B 300 24.29 -20.14 0.52
C LYS B 300 23.23 -19.37 -0.27
N CYS B 301 22.06 -19.99 -0.48
CA CYS B 301 20.98 -19.33 -1.20
C CYS B 301 20.52 -18.06 -0.48
N THR B 302 20.32 -18.16 0.84
CA THR B 302 19.81 -17.02 1.59
C THR B 302 20.87 -15.96 1.83
N LEU B 303 22.16 -16.32 1.76
CA LEU B 303 23.24 -15.34 1.82
C LEU B 303 23.71 -14.88 0.46
N LYS B 304 23.19 -15.47 -0.62
CA LYS B 304 23.51 -15.07 -2.00
C LYS B 304 25.01 -15.07 -2.25
N SER B 305 25.69 -16.10 -1.73
CA SER B 305 27.13 -16.23 -1.92
C SER B 305 27.51 -17.69 -1.79
N PHE B 306 28.54 -18.09 -2.56
CA PHE B 306 29.06 -19.45 -2.49
C PHE B 306 30.03 -19.66 -1.35
N THR B 307 30.50 -18.59 -0.71
CA THR B 307 31.39 -18.66 0.43
C THR B 307 30.71 -18.03 1.63
N VAL B 308 30.65 -18.76 2.74
CA VAL B 308 29.99 -18.31 3.95
C VAL B 308 31.01 -18.29 5.09
N GLU B 309 30.86 -17.33 5.99
CA GLU B 309 31.73 -17.22 7.15
C GLU B 309 31.11 -17.91 8.35
N LYS B 310 31.94 -18.10 9.39
CA LYS B 310 31.48 -18.77 10.60
C LYS B 310 30.45 -17.90 11.32
N GLY B 311 29.42 -18.55 11.84
CA GLY B 311 28.38 -17.86 12.57
C GLY B 311 27.06 -18.60 12.44
N ILE B 312 26.00 -17.94 12.90
CA ILE B 312 24.65 -18.48 12.88
C ILE B 312 23.77 -17.52 12.09
N TYR B 313 22.99 -18.07 11.15
CA TYR B 313 22.12 -17.28 10.29
C TYR B 313 20.71 -17.83 10.36
N GLN B 314 19.73 -16.95 10.46
CA GLN B 314 18.33 -17.36 10.39
C GLN B 314 18.02 -17.78 8.96
N THR B 315 17.76 -19.07 8.76
CA THR B 315 17.72 -19.65 7.42
C THR B 315 16.31 -19.72 6.85
N SER B 316 15.39 -20.38 7.54
CA SER B 316 14.04 -20.58 7.00
C SER B 316 13.07 -20.80 8.16
N ASN B 317 11.88 -21.28 7.85
CA ASN B 317 10.84 -21.57 8.83
C ASN B 317 10.41 -23.03 8.73
N PHE B 318 10.23 -23.66 9.88
CA PHE B 318 9.81 -25.06 9.96
C PHE B 318 8.38 -25.12 10.48
N ARG B 319 7.53 -25.87 9.78
CA ARG B 319 6.14 -26.07 10.18
C ARG B 319 5.72 -27.48 9.76
N VAL B 320 4.78 -28.05 10.50
CA VAL B 320 4.25 -29.37 10.21
C VAL B 320 2.94 -29.22 9.46
N GLN B 321 2.80 -29.96 8.36
CA GLN B 321 1.60 -29.88 7.55
C GLN B 321 0.43 -30.58 8.25
N PRO B 322 -0.72 -29.93 8.38
CA PRO B 322 -1.88 -30.61 8.99
C PRO B 322 -2.34 -31.78 8.13
N THR B 323 -2.80 -32.82 8.81
CA THR B 323 -3.28 -34.04 8.15
C THR B 323 -4.51 -34.55 8.88
N GLU B 324 -5.22 -35.47 8.22
CA GLU B 324 -6.44 -36.08 8.76
C GLU B 324 -7.49 -35.00 9.08
N SER B 325 -7.94 -34.33 8.03
CA SER B 325 -8.95 -33.29 8.18
C SER B 325 -10.24 -33.89 8.74
N ILE B 326 -10.79 -33.23 9.76
CA ILE B 326 -12.00 -33.70 10.43
C ILE B 326 -12.97 -32.53 10.57
N VAL B 327 -14.25 -32.87 10.65
CA VAL B 327 -15.31 -31.90 10.88
C VAL B 327 -16.25 -32.45 11.95
N ARG B 328 -16.67 -31.59 12.88
CA ARG B 328 -17.55 -31.99 13.97
C ARG B 328 -18.77 -31.09 13.96
N PHE B 329 -19.95 -31.70 13.96
CA PHE B 329 -21.24 -31.03 13.91
C PHE B 329 -22.18 -31.69 14.90
N PRO B 330 -23.21 -30.97 15.37
CA PRO B 330 -24.08 -31.53 16.39
C PRO B 330 -24.92 -32.68 15.85
N ASN B 331 -25.59 -33.36 16.78
CA ASN B 331 -26.32 -34.58 16.46
C ASN B 331 -27.48 -34.31 15.51
N ILE B 332 -27.81 -35.32 14.71
CA ILE B 332 -28.94 -35.27 13.80
C ILE B 332 -30.09 -35.96 14.52
N THR B 333 -30.87 -35.17 15.26
CA THR B 333 -31.97 -35.70 16.06
C THR B 333 -33.24 -34.88 15.83
N ASN B 334 -33.44 -34.40 14.60
CA ASN B 334 -34.64 -33.63 14.27
C ASN B 334 -34.97 -33.91 12.80
N LEU B 335 -35.88 -34.86 12.57
CA LEU B 335 -36.27 -35.25 11.22
C LEU B 335 -37.78 -35.11 11.09
N CYS B 336 -38.21 -34.36 10.08
CA CYS B 336 -39.63 -34.28 9.77
C CYS B 336 -40.10 -35.61 9.18
N PRO B 337 -41.38 -35.95 9.36
CA PRO B 337 -41.88 -37.23 8.84
C PRO B 337 -41.96 -37.25 7.32
N PHE B 338 -40.81 -37.36 6.65
CA PHE B 338 -40.81 -37.48 5.20
C PHE B 338 -41.48 -38.77 4.74
N GLY B 339 -41.45 -39.81 5.58
CA GLY B 339 -42.18 -41.02 5.28
C GLY B 339 -43.67 -40.82 5.23
N GLU B 340 -44.19 -39.91 6.06
CA GLU B 340 -45.62 -39.58 6.01
C GLU B 340 -46.01 -38.96 4.68
N VAL B 341 -45.08 -38.24 4.05
CA VAL B 341 -45.35 -37.66 2.73
C VAL B 341 -45.14 -38.70 1.64
N PHE B 342 -44.15 -39.57 1.80
CA PHE B 342 -43.82 -40.56 0.79
C PHE B 342 -44.66 -41.83 0.93
N ASN B 343 -44.71 -42.42 2.11
CA ASN B 343 -45.37 -43.70 2.35
C ASN B 343 -46.75 -43.54 2.97
N ALA B 344 -47.47 -42.47 2.61
CA ALA B 344 -48.82 -42.30 3.11
C ALA B 344 -49.76 -43.36 2.54
N THR B 345 -50.74 -43.75 3.34
CA THR B 345 -51.67 -44.80 2.92
C THR B 345 -52.50 -44.36 1.71
N ARG B 346 -52.97 -43.11 1.70
CA ARG B 346 -53.85 -42.62 0.66
C ARG B 346 -53.42 -41.23 0.20
N PHE B 347 -53.58 -40.98 -1.09
CA PHE B 347 -53.39 -39.66 -1.68
C PHE B 347 -54.70 -39.16 -2.27
N ALA B 348 -54.77 -37.84 -2.47
CA ALA B 348 -55.95 -37.20 -3.02
C ALA B 348 -55.80 -37.06 -4.54
N SER B 349 -56.73 -36.32 -5.15
CA SER B 349 -56.75 -36.15 -6.59
C SER B 349 -55.69 -35.15 -7.04
N VAL B 350 -55.53 -35.03 -8.35
CA VAL B 350 -54.53 -34.12 -8.91
C VAL B 350 -54.93 -32.67 -8.66
N TYR B 351 -56.24 -32.35 -8.76
CA TYR B 351 -56.71 -31.01 -8.50
C TYR B 351 -56.82 -30.69 -7.01
N ALA B 352 -56.63 -31.69 -6.15
CA ALA B 352 -56.66 -31.52 -4.70
C ALA B 352 -55.38 -32.09 -4.09
N TRP B 353 -54.24 -31.72 -4.68
CA TRP B 353 -52.96 -32.28 -4.26
C TRP B 353 -52.69 -32.02 -2.78
N ASN B 354 -52.16 -33.03 -2.10
CA ASN B 354 -51.85 -32.88 -0.68
C ASN B 354 -50.68 -31.93 -0.50
N ARG B 355 -50.86 -30.94 0.37
CA ARG B 355 -49.86 -29.90 0.62
C ARG B 355 -49.25 -30.10 2.00
N LYS B 356 -47.92 -30.11 2.07
CA LYS B 356 -47.20 -30.29 3.32
C LYS B 356 -46.13 -29.23 3.45
N ARG B 357 -45.92 -28.77 4.68
CA ARG B 357 -44.93 -27.75 4.99
C ARG B 357 -43.78 -28.38 5.77
N ILE B 358 -42.54 -28.12 5.33
CA ILE B 358 -41.35 -28.64 5.97
C ILE B 358 -40.46 -27.45 6.33
N SER B 359 -40.19 -27.28 7.62
CA SER B 359 -39.32 -26.20 8.09
C SER B 359 -38.83 -26.56 9.48
N ASN B 360 -37.72 -25.94 9.87
CA ASN B 360 -37.09 -26.16 11.18
C ASN B 360 -36.82 -27.64 11.41
N CYS B 361 -35.97 -28.21 10.55
CA CYS B 361 -35.68 -29.63 10.60
C CYS B 361 -34.30 -29.89 10.02
N VAL B 362 -33.81 -31.11 10.23
CA VAL B 362 -32.54 -31.54 9.67
C VAL B 362 -32.81 -32.54 8.56
N ALA B 363 -32.86 -32.06 7.32
CA ALA B 363 -33.20 -32.90 6.19
C ALA B 363 -32.04 -33.81 5.81
N ASP B 364 -32.37 -34.90 5.10
CA ASP B 364 -31.36 -35.84 4.61
C ASP B 364 -31.88 -36.41 3.29
N TYR B 365 -31.43 -35.82 2.18
CA TYR B 365 -31.87 -36.24 0.86
C TYR B 365 -31.01 -37.33 0.25
N SER B 366 -29.90 -37.71 0.91
CA SER B 366 -29.05 -38.77 0.38
C SER B 366 -29.78 -40.11 0.38
N VAL B 367 -30.54 -40.40 1.44
CA VAL B 367 -31.24 -41.68 1.52
C VAL B 367 -32.31 -41.76 0.43
N LEU B 368 -32.96 -40.64 0.12
CA LEU B 368 -33.96 -40.64 -0.94
C LEU B 368 -33.34 -40.95 -2.30
N TYR B 369 -32.17 -40.39 -2.57
CA TYR B 369 -31.50 -40.67 -3.84
C TYR B 369 -30.98 -42.10 -3.89
N ASN B 370 -30.49 -42.61 -2.76
CA ASN B 370 -29.94 -43.96 -2.70
C ASN B 370 -31.00 -45.02 -2.47
N SER B 371 -32.27 -44.62 -2.27
CA SER B 371 -33.33 -45.61 -2.09
C SER B 371 -33.60 -46.40 -3.37
N ALA B 372 -33.46 -45.76 -4.53
CA ALA B 372 -33.64 -46.36 -5.84
C ALA B 372 -35.06 -46.84 -6.09
N SER B 373 -36.00 -46.52 -5.20
CA SER B 373 -37.40 -46.89 -5.40
C SER B 373 -38.15 -45.90 -6.28
N PHE B 374 -37.58 -44.73 -6.54
CA PHE B 374 -38.24 -43.74 -7.38
C PHE B 374 -38.22 -44.16 -8.85
N SER B 375 -39.34 -43.96 -9.53
CA SER B 375 -39.41 -44.24 -10.96
C SER B 375 -38.75 -43.14 -11.79
N THR B 376 -38.84 -41.89 -11.34
CA THR B 376 -38.28 -40.77 -12.09
C THR B 376 -37.77 -39.72 -11.10
N PHE B 377 -36.51 -39.32 -11.27
CA PHE B 377 -35.88 -38.29 -10.44
C PHE B 377 -35.09 -37.37 -11.38
N LYS B 378 -35.75 -36.31 -11.84
CA LYS B 378 -35.13 -35.30 -12.68
C LYS B 378 -35.35 -33.93 -12.06
N CYS B 379 -34.27 -33.17 -11.89
CA CYS B 379 -34.34 -31.87 -11.25
C CYS B 379 -33.66 -30.82 -12.11
N TYR B 380 -34.28 -29.63 -12.19
CA TYR B 380 -33.77 -28.52 -12.97
C TYR B 380 -33.33 -27.41 -12.04
N GLY B 381 -32.14 -26.87 -12.30
CA GLY B 381 -31.57 -25.81 -11.50
C GLY B 381 -30.78 -26.29 -10.30
N VAL B 382 -30.90 -27.56 -9.92
CA VAL B 382 -30.14 -28.14 -8.82
C VAL B 382 -29.55 -29.46 -9.27
N SER B 383 -28.29 -29.67 -8.92
CA SER B 383 -27.58 -30.88 -9.30
C SER B 383 -28.11 -32.08 -8.51
N PRO B 384 -27.97 -33.29 -9.06
CA PRO B 384 -28.38 -34.48 -8.30
C PRO B 384 -27.61 -34.66 -7.00
N THR B 385 -26.42 -34.09 -6.90
CA THR B 385 -25.63 -34.07 -5.67
C THR B 385 -25.49 -32.62 -5.19
N LYS B 386 -24.75 -32.46 -4.09
CA LYS B 386 -24.43 -31.17 -3.47
C LYS B 386 -25.64 -30.45 -2.91
N LEU B 387 -26.84 -31.02 -3.01
CA LEU B 387 -28.03 -30.40 -2.43
C LEU B 387 -28.24 -30.80 -0.98
N ASN B 388 -27.48 -31.76 -0.47
CA ASN B 388 -27.64 -32.18 0.92
C ASN B 388 -27.28 -31.05 1.88
N ASP B 389 -26.18 -30.35 1.61
CA ASP B 389 -25.74 -29.25 2.45
C ASP B 389 -26.26 -27.89 2.00
N LEU B 390 -27.08 -27.85 0.96
CA LEU B 390 -27.69 -26.61 0.48
C LEU B 390 -29.15 -26.58 0.92
N CYS B 391 -29.57 -25.45 1.51
CA CYS B 391 -30.90 -25.35 2.07
C CYS B 391 -31.43 -23.93 1.90
N PHE B 392 -32.75 -23.82 1.85
CA PHE B 392 -33.46 -22.56 1.74
C PHE B 392 -34.35 -22.38 2.97
N THR B 393 -35.20 -21.34 2.94
CA THR B 393 -35.97 -20.97 4.12
C THR B 393 -37.03 -22.03 4.46
N ASN B 394 -37.79 -22.46 3.47
CA ASN B 394 -38.91 -23.37 3.73
C ASN B 394 -39.08 -24.31 2.55
N VAL B 395 -39.76 -25.44 2.81
CA VAL B 395 -40.01 -26.46 1.81
C VAL B 395 -41.50 -26.72 1.73
N TYR B 396 -42.02 -26.81 0.50
CA TYR B 396 -43.41 -27.17 0.25
C TYR B 396 -43.46 -28.45 -0.55
N ALA B 397 -44.30 -29.40 -0.12
CA ALA B 397 -44.42 -30.69 -0.77
C ALA B 397 -45.84 -30.85 -1.29
N ASP B 398 -45.95 -31.19 -2.58
CA ASP B 398 -47.24 -31.42 -3.23
C ASP B 398 -47.27 -32.88 -3.68
N SER B 399 -48.15 -33.67 -3.07
CA SER B 399 -48.23 -35.11 -3.33
C SER B 399 -49.55 -35.42 -4.04
N PHE B 400 -49.46 -36.10 -5.18
CA PHE B 400 -50.65 -36.53 -5.91
C PHE B 400 -50.24 -37.62 -6.90
N VAL B 401 -51.14 -37.93 -7.85
CA VAL B 401 -51.02 -39.11 -8.69
C VAL B 401 -51.04 -38.69 -10.16
N ILE B 402 -50.14 -39.29 -10.95
CA ILE B 402 -50.06 -39.07 -12.39
C ILE B 402 -49.99 -40.42 -13.10
N ARG B 403 -50.69 -40.53 -14.21
CA ARG B 403 -50.68 -41.75 -15.02
C ARG B 403 -49.39 -41.80 -15.85
N GLY B 404 -49.33 -42.73 -16.79
CA GLY B 404 -48.13 -42.95 -17.58
C GLY B 404 -47.75 -41.82 -18.51
N ASP B 405 -48.56 -41.58 -19.54
CA ASP B 405 -48.23 -40.57 -20.53
C ASP B 405 -48.31 -39.15 -19.97
N GLU B 406 -48.98 -38.95 -18.84
CA GLU B 406 -49.09 -37.64 -18.22
C GLU B 406 -47.84 -37.23 -17.45
N VAL B 407 -46.89 -38.15 -17.25
CA VAL B 407 -45.68 -37.84 -16.48
C VAL B 407 -44.89 -36.71 -17.13
N ARG B 408 -44.72 -36.78 -18.46
CA ARG B 408 -43.97 -35.74 -19.15
C ARG B 408 -44.67 -34.39 -19.09
N GLN B 409 -45.98 -34.38 -18.91
CA GLN B 409 -46.72 -33.12 -18.83
C GLN B 409 -46.44 -32.37 -17.53
N ILE B 410 -46.01 -33.06 -16.48
CA ILE B 410 -45.73 -32.41 -15.19
C ILE B 410 -44.27 -31.95 -15.26
N ALA B 411 -44.07 -30.77 -15.86
CA ALA B 411 -42.76 -30.17 -16.03
C ALA B 411 -42.91 -28.71 -16.43
N PRO B 412 -42.08 -27.81 -15.88
CA PRO B 412 -42.18 -26.40 -16.28
C PRO B 412 -41.86 -26.22 -17.75
N GLY B 413 -42.59 -25.30 -18.39
CA GLY B 413 -42.37 -25.00 -19.78
C GLY B 413 -42.94 -26.00 -20.76
N GLN B 414 -43.71 -26.98 -20.28
CA GLN B 414 -44.28 -28.02 -21.13
C GLN B 414 -45.77 -27.79 -21.28
N THR B 415 -46.25 -27.79 -22.52
CA THR B 415 -47.66 -27.58 -22.81
C THR B 415 -48.44 -28.88 -22.65
N GLY B 416 -49.75 -28.75 -22.67
CA GLY B 416 -50.66 -29.88 -22.53
C GLY B 416 -51.95 -29.46 -21.85
N LYS B 417 -53.00 -30.23 -22.11
CA LYS B 417 -54.30 -29.92 -21.51
C LYS B 417 -54.23 -30.04 -19.98
N ILE B 418 -53.74 -31.18 -19.49
CA ILE B 418 -53.53 -31.32 -18.06
C ILE B 418 -52.43 -30.39 -17.57
N ALA B 419 -51.38 -30.23 -18.37
CA ALA B 419 -50.28 -29.34 -18.03
C ALA B 419 -50.65 -27.86 -18.08
N ASP B 420 -51.91 -27.54 -18.35
CA ASP B 420 -52.36 -26.15 -18.34
C ASP B 420 -53.59 -25.93 -17.46
N TYR B 421 -54.50 -26.90 -17.38
CA TYR B 421 -55.73 -26.74 -16.62
C TYR B 421 -55.71 -27.45 -15.28
N ASN B 422 -54.64 -28.16 -14.95
CA ASN B 422 -54.54 -28.88 -13.69
C ASN B 422 -53.45 -28.34 -12.78
N TYR B 423 -52.22 -28.27 -13.27
CA TYR B 423 -51.09 -27.82 -12.45
C TYR B 423 -49.98 -27.34 -13.38
N LYS B 424 -49.58 -26.08 -13.23
CA LYS B 424 -48.54 -25.48 -14.04
C LYS B 424 -47.37 -25.07 -13.15
N LEU B 425 -46.18 -25.56 -13.48
CA LEU B 425 -44.99 -25.15 -12.74
C LEU B 425 -44.53 -23.77 -13.21
N PRO B 426 -44.04 -22.93 -12.31
CA PRO B 426 -43.56 -21.60 -12.71
C PRO B 426 -42.28 -21.70 -13.53
N ASP B 427 -42.04 -20.66 -14.32
CA ASP B 427 -40.83 -20.61 -15.14
C ASP B 427 -39.58 -20.55 -14.27
N ASP B 428 -39.65 -19.84 -13.15
CA ASP B 428 -38.54 -19.74 -12.21
C ASP B 428 -38.69 -20.73 -11.06
N PHE B 429 -39.24 -21.91 -11.33
CA PHE B 429 -39.49 -22.90 -10.29
C PHE B 429 -38.20 -23.34 -9.62
N THR B 430 -38.21 -23.37 -8.29
CA THR B 430 -37.10 -23.88 -7.50
C THR B 430 -37.55 -25.16 -6.81
N GLY B 431 -36.79 -26.23 -6.99
CA GLY B 431 -37.17 -27.56 -6.57
C GLY B 431 -37.34 -28.47 -7.76
N CYS B 432 -37.92 -29.64 -7.50
CA CYS B 432 -38.12 -30.61 -8.57
C CYS B 432 -39.17 -31.63 -8.17
N VAL B 433 -39.21 -32.73 -8.92
CA VAL B 433 -40.30 -33.70 -8.90
C VAL B 433 -39.71 -35.10 -8.74
N ILE B 434 -40.35 -35.91 -7.89
CA ILE B 434 -39.97 -37.30 -7.69
C ILE B 434 -41.19 -38.17 -7.94
N ALA B 435 -41.03 -39.22 -8.76
CA ALA B 435 -42.12 -40.11 -9.13
C ALA B 435 -41.73 -41.55 -8.83
N TRP B 436 -42.70 -42.34 -8.37
CA TRP B 436 -42.47 -43.77 -8.17
C TRP B 436 -43.75 -44.52 -8.48
N ASN B 437 -43.60 -45.68 -9.12
CA ASN B 437 -44.74 -46.49 -9.52
C ASN B 437 -45.45 -47.07 -8.31
N SER B 438 -46.77 -47.09 -8.36
CA SER B 438 -47.62 -47.62 -7.29
C SER B 438 -48.67 -48.56 -7.87
N ASN B 439 -48.23 -49.47 -8.74
CA ASN B 439 -49.16 -50.42 -9.36
C ASN B 439 -49.75 -51.38 -8.33
N ASN B 440 -49.00 -51.71 -7.29
CA ASN B 440 -49.48 -52.63 -6.26
C ASN B 440 -50.33 -51.94 -5.20
N LEU B 441 -50.45 -50.61 -5.24
CA LEU B 441 -51.20 -49.87 -4.24
C LEU B 441 -52.39 -49.11 -4.84
N ASP B 442 -52.16 -48.37 -5.93
CA ASP B 442 -53.21 -47.53 -6.51
C ASP B 442 -54.05 -48.26 -7.55
N SER B 443 -53.70 -49.48 -7.92
CA SER B 443 -54.44 -50.26 -8.90
C SER B 443 -55.18 -51.39 -8.21
N LYS B 444 -56.47 -51.53 -8.51
CA LYS B 444 -57.31 -52.56 -7.91
C LYS B 444 -58.07 -53.27 -9.02
N VAL B 445 -58.34 -54.56 -8.80
CA VAL B 445 -59.09 -55.34 -9.78
C VAL B 445 -60.49 -54.76 -9.93
N GLY B 446 -60.97 -54.75 -11.17
CA GLY B 446 -62.26 -54.16 -11.50
C GLY B 446 -62.21 -52.69 -11.83
N GLY B 447 -61.06 -52.04 -11.70
CA GLY B 447 -60.93 -50.64 -12.05
C GLY B 447 -60.96 -49.72 -10.85
N ASN B 448 -59.97 -48.82 -10.77
CA ASN B 448 -59.89 -47.83 -9.71
C ASN B 448 -60.32 -46.48 -10.29
N TYR B 449 -61.43 -45.94 -9.79
CA TYR B 449 -61.99 -44.69 -10.30
C TYR B 449 -62.02 -43.60 -9.24
N ASN B 450 -61.18 -43.71 -8.21
CA ASN B 450 -61.15 -42.72 -7.14
C ASN B 450 -60.33 -41.49 -7.48
N TYR B 451 -59.58 -41.52 -8.57
CA TYR B 451 -58.73 -40.39 -8.98
C TYR B 451 -59.40 -39.64 -10.12
N LEU B 452 -59.58 -38.34 -9.94
CA LEU B 452 -60.25 -37.48 -10.90
C LEU B 452 -59.31 -36.37 -11.35
N TYR B 453 -59.42 -35.99 -12.63
CA TYR B 453 -58.63 -34.91 -13.18
C TYR B 453 -59.53 -33.95 -13.96
N ARG B 454 -59.21 -32.66 -13.86
CA ARG B 454 -60.00 -31.65 -14.56
C ARG B 454 -59.79 -31.77 -16.07
N LEU B 455 -60.89 -31.62 -16.81
CA LEU B 455 -60.87 -31.73 -18.27
C LEU B 455 -61.29 -30.46 -18.96
N PHE B 456 -62.38 -29.84 -18.53
CA PHE B 456 -62.92 -28.63 -19.15
C PHE B 456 -62.74 -27.46 -18.21
N ARG B 457 -62.09 -26.39 -18.70
CA ARG B 457 -61.91 -25.18 -17.93
C ARG B 457 -61.67 -24.02 -18.89
N LYS B 458 -62.17 -22.85 -18.53
CA LYS B 458 -62.02 -21.66 -19.35
C LYS B 458 -60.56 -21.22 -19.42
N ASN B 460 -57.74 -20.95 -17.33
CA ASN B 460 -56.34 -20.74 -17.00
C ASN B 460 -56.15 -20.67 -15.49
N LEU B 461 -54.95 -21.03 -15.03
CA LEU B 461 -54.63 -21.04 -13.61
C LEU B 461 -53.30 -20.33 -13.39
N LYS B 462 -53.18 -19.69 -12.23
CA LYS B 462 -51.93 -19.07 -11.82
C LYS B 462 -50.99 -20.13 -11.24
N PRO B 463 -49.69 -19.87 -11.27
CA PRO B 463 -48.75 -20.81 -10.64
C PRO B 463 -49.02 -20.94 -9.15
N PHE B 464 -48.93 -22.18 -8.66
CA PHE B 464 -49.16 -22.49 -7.25
C PHE B 464 -50.50 -21.95 -6.76
N GLU B 465 -51.55 -22.24 -7.54
CA GLU B 465 -52.90 -21.80 -7.24
C GLU B 465 -53.79 -23.00 -6.95
N ARG B 466 -54.62 -22.87 -5.92
CA ARG B 466 -55.56 -23.92 -5.53
C ARG B 466 -56.95 -23.55 -6.02
N ASP B 467 -57.57 -24.48 -6.76
CA ASP B 467 -58.91 -24.29 -7.30
C ASP B 467 -59.80 -25.43 -6.78
N ILE B 468 -60.37 -25.24 -5.60
CA ILE B 468 -61.26 -26.25 -5.02
C ILE B 468 -62.56 -26.31 -5.81
N SER B 469 -63.11 -25.16 -6.20
CA SER B 469 -64.38 -25.12 -6.90
C SER B 469 -64.26 -25.79 -8.27
N THR B 470 -65.24 -26.61 -8.62
CA THR B 470 -65.31 -27.31 -9.89
C THR B 470 -66.64 -27.02 -10.57
N GLU B 471 -66.98 -25.73 -10.66
CA GLU B 471 -68.25 -25.33 -11.24
C GLU B 471 -68.34 -25.73 -12.71
N ILE B 472 -69.55 -26.03 -13.16
CA ILE B 472 -69.75 -26.59 -14.49
C ILE B 472 -69.29 -25.59 -15.55
N TYR B 473 -68.63 -26.10 -16.59
CA TYR B 473 -68.10 -25.27 -17.66
C TYR B 473 -69.08 -25.20 -18.82
N GLN B 474 -69.28 -24.00 -19.34
CA GLN B 474 -70.18 -23.76 -20.46
C GLN B 474 -69.37 -23.53 -21.72
N ALA B 475 -69.69 -24.27 -22.78
CA ALA B 475 -69.00 -24.17 -24.05
C ALA B 475 -69.55 -23.09 -24.96
N GLY B 476 -70.63 -22.42 -24.54
CA GLY B 476 -71.23 -21.36 -25.35
C GLY B 476 -72.30 -20.58 -24.62
N THR B 478 -76.91 -21.47 -26.11
CA THR B 478 -77.74 -21.22 -24.95
C THR B 478 -77.17 -21.89 -23.71
N PRO B 479 -76.88 -21.10 -22.67
CA PRO B 479 -76.35 -21.67 -21.44
C PRO B 479 -77.32 -22.65 -20.80
N CYS B 480 -76.78 -23.68 -20.17
CA CYS B 480 -77.58 -24.70 -19.52
C CYS B 480 -77.97 -24.34 -18.09
N ASN B 481 -77.47 -23.22 -17.56
CA ASN B 481 -77.81 -22.73 -16.23
C ASN B 481 -77.47 -23.77 -15.16
N GLY B 482 -76.28 -24.36 -15.27
CA GLY B 482 -75.82 -25.29 -14.26
C GLY B 482 -76.51 -26.64 -14.28
N VAL B 483 -77.09 -27.04 -15.41
CA VAL B 483 -77.79 -28.31 -15.56
C VAL B 483 -77.06 -29.11 -16.63
N GLU B 484 -76.80 -30.39 -16.33
CA GLU B 484 -76.13 -31.25 -17.29
C GLU B 484 -76.96 -31.38 -18.56
N GLY B 485 -76.29 -31.23 -19.71
CA GLY B 485 -77.00 -31.28 -20.98
C GLY B 485 -76.14 -30.77 -22.12
N PHE B 486 -76.80 -30.14 -23.08
CA PHE B 486 -76.11 -29.61 -24.25
C PHE B 486 -75.32 -28.36 -23.90
N ASN B 487 -74.29 -28.09 -24.71
CA ASN B 487 -73.44 -26.90 -24.62
C ASN B 487 -72.66 -26.81 -23.32
N CYS B 488 -72.64 -27.87 -22.51
CA CYS B 488 -71.88 -27.87 -21.26
C CYS B 488 -71.67 -29.30 -20.82
N TYR B 489 -70.40 -29.69 -20.63
CA TYR B 489 -70.04 -31.03 -20.23
C TYR B 489 -69.34 -31.01 -18.88
N PHE B 490 -69.28 -32.19 -18.25
CA PHE B 490 -68.65 -32.30 -16.94
C PHE B 490 -67.15 -31.97 -17.04
N PRO B 491 -66.62 -31.19 -16.09
CA PRO B 491 -65.20 -30.82 -16.16
C PRO B 491 -64.25 -31.85 -15.57
N LEU B 492 -64.76 -32.89 -14.91
CA LEU B 492 -63.92 -33.89 -14.26
C LEU B 492 -64.03 -35.22 -14.98
N GLN B 493 -62.89 -35.92 -15.10
CA GLN B 493 -62.85 -37.22 -15.75
C GLN B 493 -62.05 -38.18 -14.87
N SER B 494 -62.47 -39.43 -14.85
CA SER B 494 -61.81 -40.45 -14.04
C SER B 494 -60.72 -41.16 -14.84
N TYR B 495 -59.63 -41.48 -14.14
CA TYR B 495 -58.51 -42.14 -14.80
C TYR B 495 -58.85 -43.58 -15.19
N GLY B 496 -59.59 -44.29 -14.34
CA GLY B 496 -59.96 -45.66 -14.62
C GLY B 496 -58.78 -46.60 -14.69
N PHE B 497 -57.88 -46.52 -13.72
CA PHE B 497 -56.69 -47.37 -13.70
C PHE B 497 -57.09 -48.84 -13.60
N GLN B 498 -56.43 -49.68 -14.39
CA GLN B 498 -56.63 -51.12 -14.39
C GLN B 498 -55.31 -51.84 -14.32
N PRO B 499 -55.27 -53.02 -13.67
CA PRO B 499 -54.02 -53.79 -13.64
C PRO B 499 -53.53 -54.20 -15.02
N THR B 500 -54.43 -54.43 -15.97
CA THR B 500 -54.02 -54.86 -17.30
C THR B 500 -53.24 -53.78 -18.04
N ASN B 501 -53.46 -52.51 -17.70
CA ASN B 501 -52.79 -51.42 -18.37
C ASN B 501 -51.27 -51.52 -18.19
N GLY B 502 -50.54 -51.19 -19.26
CA GLY B 502 -49.09 -51.26 -19.24
C GLY B 502 -48.46 -50.03 -18.62
N VAL B 503 -47.15 -49.92 -18.84
CA VAL B 503 -46.37 -48.83 -18.25
C VAL B 503 -46.86 -47.46 -18.71
N GLY B 504 -47.52 -47.40 -19.86
CA GLY B 504 -48.06 -46.13 -20.35
C GLY B 504 -49.30 -45.65 -19.65
N TYR B 505 -49.89 -46.48 -18.77
CA TYR B 505 -51.09 -46.08 -18.05
C TYR B 505 -51.06 -46.50 -16.58
N GLN B 506 -49.95 -47.05 -16.09
CA GLN B 506 -49.88 -47.44 -14.69
C GLN B 506 -49.89 -46.21 -13.78
N PRO B 507 -50.49 -46.32 -12.60
CA PRO B 507 -50.47 -45.18 -11.67
C PRO B 507 -49.07 -44.89 -11.18
N TYR B 508 -48.83 -43.61 -10.89
CA TYR B 508 -47.53 -43.14 -10.42
C TYR B 508 -47.76 -42.14 -9.30
N ARG B 509 -47.27 -42.46 -8.10
CA ARG B 509 -47.34 -41.54 -6.98
C ARG B 509 -46.17 -40.56 -7.07
N VAL B 510 -46.48 -39.26 -7.01
CA VAL B 510 -45.50 -38.22 -7.29
C VAL B 510 -45.55 -37.18 -6.18
N VAL B 511 -44.37 -36.79 -5.72
CA VAL B 511 -44.21 -35.69 -4.76
C VAL B 511 -43.32 -34.63 -5.39
N VAL B 512 -43.77 -33.39 -5.35
CA VAL B 512 -43.04 -32.25 -5.89
C VAL B 512 -42.55 -31.42 -4.71
N LEU B 513 -41.24 -31.21 -4.64
CA LEU B 513 -40.65 -30.39 -3.59
C LEU B 513 -40.26 -29.04 -4.17
N SER B 514 -40.69 -27.97 -3.49
CA SER B 514 -40.38 -26.61 -3.87
C SER B 514 -39.69 -25.90 -2.71
N PHE B 515 -38.60 -25.21 -3.01
CA PHE B 515 -37.81 -24.50 -2.01
C PHE B 515 -37.90 -23.00 -2.28
N GLU B 516 -38.20 -22.23 -1.25
CA GLU B 516 -38.37 -20.79 -1.36
C GLU B 516 -37.41 -20.08 -0.41
N LEU B 517 -36.84 -18.97 -0.88
CA LEU B 517 -35.94 -18.16 -0.08
C LEU B 517 -36.37 -16.70 -0.19
N LEU B 518 -36.29 -15.99 0.93
CA LEU B 518 -36.65 -14.57 0.97
C LEU B 518 -35.45 -13.69 1.30
N PRO B 521 -34.72 -15.98 6.93
CA PRO B 521 -33.67 -16.86 7.46
C PRO B 521 -34.00 -18.33 7.25
N ALA B 522 -32.96 -19.13 6.96
CA ALA B 522 -33.16 -20.56 6.75
C ALA B 522 -33.55 -21.25 8.05
N THR B 523 -34.50 -22.18 7.95
CA THR B 523 -34.98 -22.95 9.09
C THR B 523 -34.64 -24.43 8.99
N VAL B 524 -34.95 -25.06 7.86
CA VAL B 524 -34.66 -26.47 7.61
C VAL B 524 -33.40 -26.57 6.75
N CYS B 525 -32.50 -27.46 7.13
CA CYS B 525 -31.25 -27.62 6.41
C CYS B 525 -30.85 -29.10 6.42
N GLY B 526 -29.65 -29.39 5.94
CA GLY B 526 -29.20 -30.75 5.74
C GLY B 526 -28.61 -31.40 6.97
N PRO B 527 -28.03 -32.58 6.80
CA PRO B 527 -27.57 -33.37 7.94
C PRO B 527 -26.28 -32.85 8.57
N LYS B 528 -25.39 -32.31 7.74
CA LYS B 528 -24.08 -31.85 8.19
C LYS B 528 -23.31 -32.97 8.91
N LYS B 529 -23.00 -34.01 8.14
CA LYS B 529 -22.37 -35.20 8.70
C LYS B 529 -21.02 -34.87 9.31
N SER B 530 -20.72 -35.53 10.43
CA SER B 530 -19.49 -35.33 11.18
C SER B 530 -18.53 -36.50 10.94
N THR B 531 -17.30 -36.32 11.40
CA THR B 531 -16.25 -37.33 11.29
C THR B 531 -15.71 -37.65 12.68
N ASN B 532 -14.66 -38.46 12.72
CA ASN B 532 -14.06 -38.86 13.99
C ASN B 532 -13.21 -37.73 14.56
N LEU B 533 -12.81 -37.91 15.81
CA LEU B 533 -12.01 -36.92 16.54
C LEU B 533 -10.64 -37.51 16.86
N VAL B 534 -9.59 -36.75 16.59
CA VAL B 534 -8.22 -37.17 16.86
C VAL B 534 -7.52 -36.05 17.63
N LYS B 535 -6.68 -36.44 18.59
CA LYS B 535 -5.98 -35.50 19.45
C LYS B 535 -4.47 -35.67 19.31
N ASN B 536 -3.74 -34.69 19.85
CA ASN B 536 -2.27 -34.70 19.85
C ASN B 536 -1.70 -34.83 18.44
N LYS B 537 -2.28 -34.11 17.48
CA LYS B 537 -1.83 -34.16 16.10
C LYS B 537 -2.32 -32.91 15.38
N CYS B 538 -1.42 -32.26 14.65
CA CYS B 538 -1.77 -31.03 13.94
C CYS B 538 -2.84 -31.31 12.89
N VAL B 539 -4.04 -30.79 13.11
CA VAL B 539 -5.20 -31.07 12.27
C VAL B 539 -5.88 -29.76 11.91
N ASN B 540 -6.32 -29.65 10.67
CA ASN B 540 -7.16 -28.55 10.22
C ASN B 540 -8.62 -28.89 10.55
N PHE B 541 -9.18 -28.20 11.53
CA PHE B 541 -10.50 -28.48 12.06
C PHE B 541 -11.52 -27.44 11.63
N ASN B 542 -12.78 -27.86 11.56
CA ASN B 542 -13.90 -26.98 11.23
C ASN B 542 -15.01 -27.29 12.23
N PHE B 543 -15.12 -26.44 13.26
CA PHE B 543 -16.09 -26.62 14.33
C PHE B 543 -17.20 -25.60 14.16
N ASN B 544 -18.39 -26.07 13.77
CA ASN B 544 -19.58 -25.24 13.64
C ASN B 544 -19.33 -24.03 12.74
N GLY B 545 -18.58 -24.25 11.65
CA GLY B 545 -18.27 -23.21 10.71
C GLY B 545 -17.02 -22.41 11.02
N LEU B 546 -16.41 -22.62 12.18
CA LEU B 546 -15.18 -21.94 12.55
C LEU B 546 -14.00 -22.81 12.12
N THR B 547 -13.17 -22.29 11.21
CA THR B 547 -12.05 -23.03 10.66
C THR B 547 -10.76 -22.64 11.36
N GLY B 548 -9.96 -23.64 11.72
CA GLY B 548 -8.68 -23.39 12.36
C GLY B 548 -7.74 -24.55 12.10
N THR B 549 -6.51 -24.39 12.59
CA THR B 549 -5.49 -25.42 12.44
C THR B 549 -4.70 -25.54 13.73
N GLY B 550 -4.57 -26.76 14.23
CA GLY B 550 -3.78 -26.98 15.43
C GLY B 550 -4.04 -28.36 16.01
N VAL B 551 -3.45 -28.59 17.18
CA VAL B 551 -3.60 -29.83 17.91
C VAL B 551 -4.65 -29.63 19.00
N LEU B 552 -5.31 -30.72 19.36
CA LEU B 552 -6.35 -30.73 20.38
C LEU B 552 -5.90 -31.58 21.56
N THR B 553 -6.20 -31.13 22.77
CA THR B 553 -5.81 -31.84 23.98
C THR B 553 -6.92 -31.70 25.02
N GLU B 554 -6.84 -32.53 26.04
CA GLU B 554 -7.79 -32.44 27.15
C GLU B 554 -7.56 -31.16 27.93
N SER B 555 -8.65 -30.48 28.27
CA SER B 555 -8.60 -29.20 28.96
C SER B 555 -9.32 -29.32 30.28
N ASN B 556 -8.68 -28.81 31.35
CA ASN B 556 -9.29 -28.82 32.68
C ASN B 556 -10.24 -27.66 32.90
N LYS B 557 -10.30 -26.70 31.98
CA LYS B 557 -11.20 -25.56 32.14
C LYS B 557 -12.65 -26.01 32.03
N LYS B 558 -13.50 -25.42 32.87
CA LYS B 558 -14.93 -25.71 32.87
C LYS B 558 -15.66 -24.53 32.25
N PHE B 559 -16.45 -24.81 31.21
CA PHE B 559 -17.18 -23.77 30.50
C PHE B 559 -18.60 -23.66 31.07
N LEU B 560 -19.44 -22.87 30.40
CA LEU B 560 -20.84 -22.73 30.73
C LEU B 560 -21.70 -23.42 29.67
N PRO B 561 -22.89 -23.89 30.04
CA PRO B 561 -23.69 -24.70 29.09
C PRO B 561 -24.03 -23.97 27.80
N PHE B 562 -24.24 -22.65 27.85
CA PHE B 562 -24.62 -21.89 26.66
C PHE B 562 -23.43 -21.39 25.86
N GLN B 563 -22.21 -21.62 26.32
CA GLN B 563 -21.01 -21.12 25.65
C GLN B 563 -20.38 -22.23 24.82
N GLN B 564 -20.12 -21.94 23.55
CA GLN B 564 -19.57 -22.92 22.62
C GLN B 564 -18.05 -22.99 22.70
N PHE B 565 -17.37 -21.89 22.43
CA PHE B 565 -15.91 -21.85 22.36
C PHE B 565 -15.37 -20.68 23.15
N GLY B 566 -14.16 -20.86 23.67
CA GLY B 566 -13.49 -19.84 24.46
C GLY B 566 -12.34 -19.22 23.68
N ARG B 567 -12.32 -17.89 23.65
CA ARG B 567 -11.33 -17.11 22.92
C ARG B 567 -10.29 -16.54 23.88
N ASP B 568 -9.03 -16.63 23.49
CA ASP B 568 -7.91 -16.17 24.31
C ASP B 568 -7.80 -14.65 24.15
N ILE B 569 -7.01 -14.03 25.05
CA ILE B 569 -6.83 -12.58 25.03
C ILE B 569 -6.27 -12.16 23.67
N ALA B 570 -6.64 -10.94 23.24
CA ALA B 570 -6.29 -10.36 21.95
C ALA B 570 -7.00 -11.04 20.78
N ASP B 571 -8.17 -11.62 21.03
CA ASP B 571 -9.07 -12.14 20.00
C ASP B 571 -8.39 -13.23 19.16
N THR B 572 -7.98 -14.29 19.84
CA THR B 572 -7.46 -15.49 19.18
C THR B 572 -8.11 -16.71 19.81
N THR B 573 -8.44 -17.70 18.97
CA THR B 573 -9.15 -18.88 19.44
C THR B 573 -8.28 -19.67 20.40
N ASP B 574 -8.88 -20.10 21.52
CA ASP B 574 -8.19 -20.88 22.53
C ASP B 574 -8.73 -22.30 22.65
N ALA B 575 -10.04 -22.46 22.76
CA ALA B 575 -10.62 -23.79 22.89
C ALA B 575 -11.98 -23.81 22.24
N VAL B 576 -12.38 -24.98 21.76
CA VAL B 576 -13.71 -25.20 21.19
C VAL B 576 -14.27 -26.49 21.75
N ARG B 577 -15.52 -26.45 22.20
CA ARG B 577 -16.21 -27.64 22.69
C ARG B 577 -16.80 -28.39 21.51
N ASP B 578 -16.57 -29.71 21.47
CA ASP B 578 -17.16 -30.51 20.42
C ASP B 578 -18.66 -30.69 20.65
N PRO B 579 -19.49 -30.43 19.65
CA PRO B 579 -20.94 -30.49 19.86
C PRO B 579 -21.48 -31.88 20.14
N GLN B 580 -20.74 -32.94 19.84
CA GLN B 580 -21.30 -34.28 19.93
C GLN B 580 -21.43 -34.73 21.38
N THR B 581 -20.32 -34.77 22.12
CA THR B 581 -20.34 -35.19 23.52
C THR B 581 -20.25 -34.02 24.50
N LEU B 582 -20.16 -32.78 24.01
CA LEU B 582 -20.06 -31.59 24.85
C LEU B 582 -18.88 -31.68 25.80
N GLU B 583 -17.69 -31.88 25.23
CA GLU B 583 -16.45 -32.00 25.99
C GLU B 583 -15.55 -30.83 25.68
N ILE B 584 -14.94 -30.26 26.71
CA ILE B 584 -14.02 -29.13 26.55
C ILE B 584 -12.69 -29.65 26.03
N LEU B 585 -12.23 -29.11 24.90
CA LEU B 585 -10.97 -29.49 24.28
C LEU B 585 -10.15 -28.23 24.03
N ASP B 586 -8.93 -28.20 24.57
CA ASP B 586 -8.03 -27.08 24.36
C ASP B 586 -7.33 -27.24 23.01
N ILE B 587 -7.41 -26.20 22.18
CA ILE B 587 -6.82 -26.21 20.84
C ILE B 587 -5.63 -25.26 20.85
N THR B 588 -4.44 -25.79 20.57
CA THR B 588 -3.27 -24.93 20.45
C THR B 588 -2.56 -25.24 19.14
N PRO B 589 -2.06 -24.21 18.44
CA PRO B 589 -1.47 -24.46 17.11
C PRO B 589 -0.30 -25.42 17.20
N CYS B 590 -0.18 -26.27 16.18
CA CYS B 590 0.92 -27.22 16.14
C CYS B 590 2.25 -26.49 16.01
N SER B 591 3.29 -27.11 16.56
CA SER B 591 4.57 -26.42 16.75
C SER B 591 5.15 -25.92 15.43
N PHE B 592 5.55 -24.65 15.43
CA PHE B 592 6.25 -24.05 14.31
C PHE B 592 7.43 -23.25 14.86
N GLY B 593 8.46 -23.10 14.05
CA GLY B 593 9.64 -22.41 14.51
C GLY B 593 10.51 -21.94 13.38
N GLY B 594 11.70 -21.46 13.75
CA GLY B 594 12.69 -21.00 12.79
C GLY B 594 13.84 -21.98 12.68
N VAL B 595 14.24 -22.27 11.44
CA VAL B 595 15.37 -23.14 11.15
C VAL B 595 16.58 -22.26 10.90
N SER B 596 17.65 -22.51 11.65
CA SER B 596 18.90 -21.79 11.51
C SER B 596 20.04 -22.80 11.31
N VAL B 597 21.10 -22.33 10.67
CA VAL B 597 22.24 -23.17 10.32
C VAL B 597 23.47 -22.62 11.03
N ILE B 598 24.12 -23.48 11.83
CA ILE B 598 25.37 -23.14 12.51
C ILE B 598 26.50 -23.83 11.77
N THR B 599 27.40 -23.05 11.20
CA THR B 599 28.52 -23.56 10.44
C THR B 599 29.78 -22.79 10.79
N PRO B 600 30.95 -23.44 10.73
CA PRO B 600 32.21 -22.74 10.86
C PRO B 600 32.70 -22.06 9.57
N GLY B 601 31.87 -22.07 8.52
CA GLY B 601 32.26 -21.50 7.25
C GLY B 601 32.86 -22.53 6.32
N THR B 602 32.63 -22.37 5.01
CA THR B 602 33.20 -23.29 4.03
C THR B 602 34.72 -23.21 3.99
N ASN B 603 35.31 -22.15 4.55
CA ASN B 603 36.76 -22.05 4.61
C ASN B 603 37.35 -23.13 5.50
N THR B 604 36.65 -23.53 6.56
CA THR B 604 37.14 -24.55 7.47
C THR B 604 36.61 -25.94 7.09
N SER B 605 35.29 -26.10 7.09
CA SER B 605 34.69 -27.40 6.78
C SER B 605 33.26 -27.19 6.31
N ASN B 606 32.70 -28.22 5.69
CA ASN B 606 31.34 -28.17 5.18
C ASN B 606 30.31 -28.70 6.17
N GLN B 607 30.74 -29.19 7.33
CA GLN B 607 29.80 -29.70 8.32
C GLN B 607 28.97 -28.57 8.91
N VAL B 608 27.66 -28.81 9.05
CA VAL B 608 26.73 -27.82 9.57
C VAL B 608 25.85 -28.47 10.62
N ALA B 609 25.22 -27.63 11.43
CA ALA B 609 24.24 -28.06 12.42
C ALA B 609 22.94 -27.29 12.22
N VAL B 610 21.83 -27.96 12.48
CA VAL B 610 20.49 -27.40 12.27
C VAL B 610 19.86 -27.11 13.63
N LEU B 611 19.39 -25.88 13.80
CA LEU B 611 18.75 -25.45 15.04
C LEU B 611 17.29 -25.11 14.75
N TYR B 612 16.39 -25.75 15.46
CA TYR B 612 14.96 -25.42 15.43
C TYR B 612 14.65 -24.58 16.67
N GLN B 613 14.21 -23.35 16.45
CA GLN B 613 14.02 -22.40 17.55
C GLN B 613 12.65 -22.60 18.20
N ASP B 614 12.65 -22.77 19.52
CA ASP B 614 11.43 -22.91 20.31
C ASP B 614 10.57 -24.06 19.81
N VAL B 615 11.22 -25.17 19.44
CA VAL B 615 10.54 -26.35 18.95
C VAL B 615 11.03 -27.56 19.74
N ASN B 616 10.09 -28.30 20.32
CA ASN B 616 10.39 -29.56 20.98
C ASN B 616 10.54 -30.62 19.90
N CYS B 617 11.77 -31.10 19.70
CA CYS B 617 12.09 -31.99 18.58
C CYS B 617 11.72 -33.44 18.84
N THR B 618 10.87 -33.71 19.84
CA THR B 618 10.36 -35.07 20.02
C THR B 618 9.30 -35.42 18.98
N GLU B 619 8.83 -34.45 18.20
CA GLU B 619 7.81 -34.68 17.19
C GLU B 619 8.28 -34.40 15.78
N VAL B 620 9.55 -34.02 15.58
CA VAL B 620 10.06 -33.73 14.25
C VAL B 620 10.48 -35.01 13.55
N ASN B 641 23.87 -36.02 16.42
CA ASN B 641 23.37 -36.00 17.78
C ASN B 641 22.25 -34.97 17.94
N VAL B 642 21.37 -35.21 18.91
CA VAL B 642 20.23 -34.34 19.18
C VAL B 642 20.36 -33.81 20.60
N PHE B 643 20.30 -32.49 20.75
CA PHE B 643 20.42 -31.84 22.04
C PHE B 643 19.29 -30.83 22.20
N GLN B 644 18.81 -30.67 23.43
CA GLN B 644 17.69 -29.80 23.75
C GLN B 644 18.21 -28.63 24.58
N THR B 645 18.03 -27.41 24.07
CA THR B 645 18.39 -26.19 24.77
C THR B 645 17.14 -25.35 24.98
N ARG B 646 17.26 -24.34 25.85
CA ARG B 646 16.14 -23.44 26.09
C ARG B 646 15.76 -22.65 24.84
N ALA B 647 16.66 -22.57 23.86
CA ALA B 647 16.35 -21.93 22.59
C ALA B 647 15.73 -22.87 21.57
N GLY B 648 15.63 -24.16 21.89
CA GLY B 648 15.03 -25.11 20.96
C GLY B 648 15.77 -26.44 20.90
N CYS B 649 15.99 -26.93 19.68
CA CYS B 649 16.66 -28.21 19.47
C CYS B 649 17.81 -28.04 18.49
N LEU B 650 18.89 -28.79 18.71
CA LEU B 650 20.07 -28.75 17.86
C LEU B 650 20.39 -30.16 17.38
N ILE B 651 20.57 -30.31 16.07
CA ILE B 651 20.92 -31.59 15.45
C ILE B 651 22.19 -31.41 14.65
N GLY B 652 23.13 -32.35 14.82
CA GLY B 652 24.40 -32.30 14.16
C GLY B 652 25.56 -31.81 15.01
N ALA B 653 25.33 -31.51 16.28
CA ALA B 653 26.36 -31.07 17.20
C ALA B 653 26.38 -31.96 18.42
N GLU B 654 27.59 -32.29 18.89
CA GLU B 654 27.77 -33.16 20.05
C GLU B 654 27.97 -32.30 21.29
N HIS B 655 27.12 -32.51 22.29
CA HIS B 655 27.22 -31.76 23.54
C HIS B 655 28.42 -32.24 24.36
N VAL B 656 29.10 -31.30 24.99
CA VAL B 656 30.26 -31.60 25.83
C VAL B 656 30.05 -30.95 27.19
N ASN B 657 30.76 -31.50 28.19
CA ASN B 657 30.65 -31.02 29.56
C ASN B 657 31.68 -29.96 29.91
N ASN B 658 32.51 -29.55 28.96
CA ASN B 658 33.50 -28.51 29.19
C ASN B 658 32.88 -27.13 28.97
N SER B 659 33.72 -26.10 29.06
CA SER B 659 33.26 -24.72 28.87
C SER B 659 34.41 -23.90 28.31
N TYR B 660 34.16 -23.23 27.19
CA TYR B 660 35.15 -22.36 26.54
C TYR B 660 34.48 -21.03 26.22
N GLU B 661 35.26 -20.14 25.60
CA GLU B 661 34.72 -18.86 25.17
C GLU B 661 33.70 -19.06 24.06
N CYS B 662 32.66 -18.22 24.07
CA CYS B 662 31.58 -18.33 23.11
C CYS B 662 32.10 -18.02 21.70
N ASP B 663 32.06 -19.02 20.82
CA ASP B 663 32.50 -18.84 19.44
C ASP B 663 31.35 -18.46 18.53
N ILE B 664 30.33 -19.32 18.44
CA ILE B 664 29.12 -19.07 17.66
C ILE B 664 27.98 -18.92 18.66
N PRO B 665 27.41 -17.72 18.82
CA PRO B 665 26.34 -17.54 19.81
C PRO B 665 25.03 -18.19 19.39
N ILE B 666 24.65 -19.28 20.07
CA ILE B 666 23.37 -19.93 19.81
C ILE B 666 22.26 -19.32 20.65
N GLY B 667 22.48 -19.20 21.95
CA GLY B 667 21.52 -18.54 22.83
C GLY B 667 21.30 -19.34 24.10
N ALA B 668 20.68 -18.65 25.07
CA ALA B 668 20.36 -19.22 26.38
C ALA B 668 21.61 -19.77 27.06
N GLY B 669 22.73 -19.06 26.92
CA GLY B 669 23.98 -19.49 27.50
C GLY B 669 24.65 -20.63 26.77
N ILE B 670 24.17 -20.99 25.59
CA ILE B 670 24.71 -22.11 24.82
C ILE B 670 25.38 -21.55 23.57
N CYS B 671 26.61 -22.02 23.31
CA CYS B 671 27.37 -21.61 22.15
C CYS B 671 27.97 -22.83 21.46
N ALA B 672 28.14 -22.73 20.15
CA ALA B 672 28.71 -23.80 19.34
C ALA B 672 30.09 -23.41 18.84
N SER B 673 30.93 -24.43 18.64
CA SER B 673 32.27 -24.23 18.14
C SER B 673 32.72 -25.46 17.35
N TYR B 674 33.73 -25.27 16.52
CA TYR B 674 34.26 -26.35 15.70
C TYR B 674 35.56 -26.89 16.29
N SER B 691 34.71 -31.60 14.00
CA SER B 691 33.32 -31.84 14.41
C SER B 691 32.73 -30.60 15.06
N ILE B 692 31.40 -30.52 15.06
CA ILE B 692 30.67 -29.41 15.65
C ILE B 692 30.26 -29.79 17.07
N ILE B 693 30.63 -28.95 18.03
CA ILE B 693 30.30 -29.18 19.43
C ILE B 693 29.49 -28.01 19.95
N ALA B 694 28.61 -28.30 20.92
CA ALA B 694 27.81 -27.30 21.59
C ALA B 694 28.04 -27.40 23.09
N TYR B 695 28.17 -26.25 23.75
CA TYR B 695 28.52 -26.22 25.16
C TYR B 695 27.92 -24.98 25.80
N THR B 696 28.17 -24.83 27.09
CA THR B 696 27.79 -23.64 27.84
C THR B 696 28.98 -22.68 27.87
N MET B 697 28.74 -21.42 27.53
CA MET B 697 29.81 -20.44 27.44
C MET B 697 30.46 -20.22 28.79
N SER B 698 31.77 -19.98 28.76
CA SER B 698 32.56 -19.70 29.96
C SER B 698 32.65 -18.19 30.14
N LEU B 699 32.21 -17.71 31.30
CA LEU B 699 32.20 -16.27 31.55
C LEU B 699 33.60 -15.69 31.68
N GLY B 700 34.59 -16.51 31.97
CA GLY B 700 35.96 -16.04 32.08
C GLY B 700 36.73 -16.90 33.06
N ALA B 701 38.02 -16.57 33.18
CA ALA B 701 38.90 -17.29 34.11
C ALA B 701 38.52 -16.94 35.54
N GLU B 702 38.37 -17.95 36.37
CA GLU B 702 38.00 -17.77 37.77
C GLU B 702 39.26 -17.67 38.62
N ASN B 703 39.41 -16.56 39.33
CA ASN B 703 40.55 -16.34 40.21
C ASN B 703 40.08 -15.62 41.47
N SER B 704 40.68 -15.97 42.61
CA SER B 704 40.33 -15.39 43.88
C SER B 704 41.42 -14.43 44.31
N VAL B 705 41.04 -13.19 44.62
CA VAL B 705 42.00 -12.19 45.06
C VAL B 705 42.42 -12.50 46.49
N ALA B 706 43.73 -12.46 46.74
CA ALA B 706 44.25 -12.73 48.07
C ALA B 706 44.00 -11.56 49.00
N TYR B 707 42.73 -11.33 49.35
CA TYR B 707 42.36 -10.20 50.17
C TYR B 707 42.73 -10.44 51.63
N SER B 708 43.24 -9.39 52.27
CA SER B 708 43.57 -9.43 53.69
C SER B 708 43.47 -8.02 54.23
N ASN B 709 43.31 -7.92 55.56
CA ASN B 709 43.15 -6.61 56.19
C ASN B 709 44.46 -5.87 56.39
N ASN B 710 45.60 -6.53 56.17
CA ASN B 710 46.91 -5.90 56.30
C ASN B 710 47.84 -6.32 55.17
N SER B 711 47.30 -6.45 53.97
CA SER B 711 48.09 -6.87 52.82
C SER B 711 47.67 -6.08 51.58
N ILE B 712 48.66 -5.68 50.79
CA ILE B 712 48.42 -4.93 49.56
C ILE B 712 49.29 -5.53 48.46
N ALA B 713 48.88 -5.26 47.22
CA ALA B 713 49.67 -5.60 46.03
C ALA B 713 50.06 -4.31 45.33
N ILE B 714 51.35 -4.17 45.05
CA ILE B 714 51.86 -2.97 44.40
C ILE B 714 52.66 -3.36 43.17
N PRO B 715 52.44 -2.71 42.02
CA PRO B 715 53.20 -3.05 40.82
C PRO B 715 54.61 -2.50 40.86
N THR B 716 55.57 -3.34 40.47
CA THR B 716 56.95 -2.94 40.39
C THR B 716 57.39 -2.62 38.97
N ASN B 717 56.50 -2.74 37.99
CA ASN B 717 56.83 -2.44 36.60
C ASN B 717 55.57 -1.98 35.89
N PHE B 718 55.72 -1.63 34.62
CA PHE B 718 54.59 -1.11 33.85
C PHE B 718 54.85 -1.30 32.37
N THR B 719 53.78 -1.18 31.60
CA THR B 719 53.81 -1.31 30.15
C THR B 719 53.04 -0.16 29.51
N ILE B 720 53.43 0.17 28.28
CA ILE B 720 52.78 1.19 27.49
C ILE B 720 51.93 0.47 26.44
N SER B 721 50.61 0.63 26.52
CA SER B 721 49.69 -0.10 25.66
C SER B 721 49.00 0.86 24.70
N VAL B 722 48.99 0.52 23.42
CA VAL B 722 48.31 1.31 22.40
C VAL B 722 47.10 0.51 21.94
N THR B 723 45.92 1.11 22.10
CA THR B 723 44.66 0.49 21.76
C THR B 723 43.99 1.23 20.60
N THR B 724 43.47 0.47 19.65
CA THR B 724 42.84 1.04 18.46
C THR B 724 41.32 1.00 18.60
N GLU B 725 40.69 2.16 18.45
CA GLU B 725 39.24 2.28 18.52
C GLU B 725 38.72 2.95 17.26
N ILE B 726 37.74 2.32 16.60
CA ILE B 726 37.21 2.81 15.33
C ILE B 726 35.80 3.35 15.59
N LEU B 727 35.55 4.59 15.16
CA LEU B 727 34.26 5.24 15.37
C LEU B 727 33.77 5.83 14.06
N PRO B 728 32.62 5.39 13.54
CA PRO B 728 32.09 6.02 12.33
C PRO B 728 31.70 7.47 12.56
N VAL B 729 31.83 8.29 11.52
CA VAL B 729 31.56 9.72 11.64
C VAL B 729 30.50 10.14 10.64
N SER B 730 30.41 9.42 9.51
CA SER B 730 29.46 9.79 8.47
C SER B 730 29.25 8.60 7.54
N MET B 731 28.21 8.69 6.72
CA MET B 731 27.92 7.71 5.68
C MET B 731 27.98 8.39 4.32
N THR B 732 27.60 7.65 3.28
CA THR B 732 27.51 8.22 1.95
C THR B 732 26.24 9.06 1.85
N LYS B 733 26.37 10.25 1.26
CA LYS B 733 25.23 11.15 1.08
C LYS B 733 24.51 10.79 -0.21
N THR B 734 23.24 10.45 -0.10
CA THR B 734 22.44 10.00 -1.23
C THR B 734 21.23 10.90 -1.42
N SER B 735 20.93 11.22 -2.67
CA SER B 735 19.76 12.01 -3.04
C SER B 735 18.95 11.24 -4.07
N VAL B 736 17.62 11.31 -3.93
CA VAL B 736 16.70 10.57 -4.77
C VAL B 736 15.77 11.56 -5.46
N ASP B 737 15.69 11.48 -6.78
CA ASP B 737 14.75 12.28 -7.57
C ASP B 737 13.51 11.43 -7.84
N CYS B 738 12.49 11.59 -6.99
CA CYS B 738 11.33 10.71 -7.04
C CYS B 738 10.64 10.78 -8.40
N THR B 739 10.51 11.98 -8.97
CA THR B 739 9.76 12.15 -10.21
C THR B 739 10.32 11.27 -11.33
N MET B 740 11.64 11.19 -11.44
CA MET B 740 12.25 10.34 -12.45
C MET B 740 12.62 8.96 -11.92
N TYR B 741 12.86 8.84 -10.62
CA TYR B 741 13.15 7.53 -10.04
C TYR B 741 11.97 6.57 -10.21
N ILE B 742 10.75 7.09 -10.05
CA ILE B 742 9.58 6.22 -10.02
C ILE B 742 9.39 5.51 -11.35
N CYS B 743 9.37 6.27 -12.45
CA CYS B 743 9.06 5.66 -13.74
C CYS B 743 9.88 6.16 -14.93
N GLY B 744 10.75 7.14 -14.74
CA GLY B 744 11.65 7.53 -15.82
C GLY B 744 11.01 8.25 -16.99
N ASP B 745 10.61 9.51 -16.77
CA ASP B 745 10.18 10.41 -17.85
C ASP B 745 8.93 9.90 -18.57
N SER B 746 7.84 9.80 -17.82
CA SER B 746 6.52 9.58 -18.40
C SER B 746 5.59 10.67 -17.89
N THR B 747 4.86 11.29 -18.82
CA THR B 747 3.97 12.39 -18.45
C THR B 747 2.81 11.91 -17.59
N GLU B 748 2.38 10.66 -17.79
CA GLU B 748 1.29 10.12 -16.98
C GLU B 748 1.68 10.02 -15.51
N CYS B 749 2.94 9.74 -15.21
CA CYS B 749 3.38 9.73 -13.82
C CYS B 749 3.25 11.11 -13.19
N SER B 750 3.66 12.15 -13.90
CA SER B 750 3.51 13.51 -13.37
C SER B 750 2.04 13.86 -13.21
N ASN B 751 1.20 13.47 -14.17
CA ASN B 751 -0.22 13.76 -14.09
C ASN B 751 -0.87 13.09 -12.89
N LEU B 752 -0.49 11.84 -12.61
CA LEU B 752 -1.06 11.11 -11.49
C LEU B 752 -0.39 11.42 -10.16
N LEU B 753 0.77 12.08 -10.17
CA LEU B 753 1.47 12.44 -8.95
C LEU B 753 1.19 13.86 -8.49
N LEU B 754 0.85 14.77 -9.41
CA LEU B 754 0.50 16.12 -8.99
C LEU B 754 -0.75 16.13 -8.13
N GLN B 755 -1.69 15.24 -8.42
CA GLN B 755 -2.90 15.10 -7.60
C GLN B 755 -2.69 14.20 -6.38
N TYR B 756 -1.61 13.43 -6.34
CA TYR B 756 -1.36 12.56 -5.19
C TYR B 756 -0.95 13.37 -3.97
N GLY B 757 -0.16 14.42 -4.17
CA GLY B 757 0.30 15.25 -3.08
C GLY B 757 1.71 15.71 -3.32
N SER B 758 2.41 15.99 -2.22
CA SER B 758 3.78 16.50 -2.26
C SER B 758 4.71 15.66 -1.38
N PHE B 759 4.62 14.34 -1.50
CA PHE B 759 5.54 13.48 -0.75
C PHE B 759 6.96 13.59 -1.27
N CYS B 760 7.12 13.86 -2.57
CA CYS B 760 8.45 13.98 -3.15
C CYS B 760 9.22 15.13 -2.51
N THR B 761 8.55 16.26 -2.25
CA THR B 761 9.19 17.37 -1.57
C THR B 761 9.59 16.96 -0.15
N GLN B 762 8.74 16.20 0.54
CA GLN B 762 9.09 15.71 1.87
C GLN B 762 10.36 14.87 1.84
N LEU B 763 10.43 13.92 0.89
CA LEU B 763 11.59 13.05 0.81
C LEU B 763 12.85 13.83 0.44
N ASN B 764 12.74 14.78 -0.48
CA ASN B 764 13.88 15.59 -0.86
C ASN B 764 14.37 16.42 0.32
N ARG B 765 13.44 17.02 1.08
CA ARG B 765 13.83 17.80 2.26
C ARG B 765 14.50 16.91 3.30
N ALA B 766 13.97 15.70 3.51
CA ALA B 766 14.58 14.80 4.48
C ALA B 766 15.98 14.40 4.06
N LEU B 767 16.19 14.10 2.77
CA LEU B 767 17.52 13.73 2.30
C LEU B 767 18.48 14.90 2.39
N THR B 768 18.03 16.10 2.05
CA THR B 768 18.89 17.28 2.18
C THR B 768 19.28 17.52 3.63
N GLY B 769 18.31 17.39 4.54
CA GLY B 769 18.63 17.54 5.96
C GLY B 769 19.62 16.49 6.45
N ILE B 770 19.46 15.25 5.97
CA ILE B 770 20.40 14.20 6.36
C ILE B 770 21.80 14.53 5.85
N ALA B 771 21.91 14.96 4.61
CA ALA B 771 23.23 15.31 4.07
C ALA B 771 23.86 16.47 4.83
N VAL B 772 23.07 17.49 5.15
CA VAL B 772 23.58 18.62 5.93
C VAL B 772 24.02 18.16 7.31
N GLU B 773 23.26 17.23 7.92
CA GLU B 773 23.62 16.73 9.24
C GLU B 773 24.93 15.96 9.20
N GLN B 774 25.15 15.13 8.17
CA GLN B 774 26.42 14.42 8.06
C GLN B 774 27.57 15.38 7.82
N ASP B 775 27.36 16.40 6.99
CA ASP B 775 28.42 17.40 6.78
C ASP B 775 28.76 18.11 8.08
N LYS B 776 27.74 18.47 8.86
CA LYS B 776 27.98 19.13 10.15
C LYS B 776 28.69 18.20 11.12
N ASN B 777 28.33 16.92 11.11
CA ASN B 777 28.99 15.95 11.99
C ASN B 777 30.46 15.82 11.65
N THR B 778 30.78 15.73 10.36
CA THR B 778 32.19 15.67 9.95
C THR B 778 32.92 16.95 10.33
N GLN B 779 32.28 18.11 10.11
CA GLN B 779 32.88 19.39 10.44
C GLN B 779 33.20 19.49 11.93
N GLU B 780 32.28 19.03 12.78
CA GLU B 780 32.49 19.08 14.21
C GLU B 780 33.55 18.09 14.66
N VAL B 781 33.53 16.88 14.09
CA VAL B 781 34.43 15.83 14.55
C VAL B 781 35.88 16.16 14.18
N PHE B 782 36.11 16.56 12.94
CA PHE B 782 37.48 16.65 12.46
C PHE B 782 38.12 18.02 12.64
N ALA B 783 37.33 19.10 12.62
CA ALA B 783 37.87 20.45 12.74
C ALA B 783 37.73 20.93 14.18
N GLN B 784 38.57 20.34 15.05
CA GLN B 784 38.63 20.76 16.45
C GLN B 784 39.51 21.97 16.67
N VAL B 785 40.34 22.35 15.69
CA VAL B 785 41.21 23.50 15.79
C VAL B 785 41.10 24.32 14.52
N LYS B 786 41.43 25.60 14.64
CA LYS B 786 41.37 26.54 13.52
C LYS B 786 42.75 26.90 12.98
N GLN B 787 43.81 26.28 13.48
CA GLN B 787 45.17 26.52 13.02
C GLN B 787 45.82 25.21 12.62
N ILE B 788 46.43 25.19 11.44
CA ILE B 788 47.06 23.99 10.91
C ILE B 788 48.51 24.00 11.35
N TYR B 789 48.81 23.31 12.45
CA TYR B 789 50.17 23.20 12.94
C TYR B 789 50.96 22.21 12.11
N LYS B 790 52.28 22.43 12.02
CA LYS B 790 53.17 21.59 11.24
C LYS B 790 54.31 21.08 12.11
N THR B 791 54.65 19.81 11.92
CA THR B 791 55.77 19.23 12.65
C THR B 791 57.08 19.87 12.20
N PRO B 792 57.97 20.21 13.13
CA PRO B 792 59.26 20.77 12.73
C PRO B 792 60.06 19.75 11.94
N PRO B 793 60.93 20.22 11.03
CA PRO B 793 61.72 19.28 10.22
C PRO B 793 62.59 18.34 11.05
N ILE B 794 63.12 18.80 12.17
CA ILE B 794 63.91 17.96 13.06
C ILE B 794 62.96 17.28 14.05
N LYS B 795 63.16 15.99 14.26
CA LYS B 795 62.30 15.18 15.12
C LYS B 795 63.14 14.61 16.26
N ASP B 796 63.17 15.33 17.37
CA ASP B 796 63.86 14.91 18.58
C ASP B 796 62.86 14.89 19.74
N PHE B 797 62.14 13.77 19.86
CA PHE B 797 61.09 13.61 20.86
C PHE B 797 61.51 12.71 22.01
N GLY B 798 62.80 12.72 22.37
CA GLY B 798 63.27 11.91 23.47
C GLY B 798 63.28 10.43 23.20
N GLY B 799 63.39 10.03 21.93
CA GLY B 799 63.39 8.64 21.54
C GLY B 799 62.08 8.13 21.00
N PHE B 800 60.98 8.85 21.23
CA PHE B 800 59.70 8.46 20.68
C PHE B 800 59.69 8.64 19.17
N ASN B 801 59.13 7.65 18.47
CA ASN B 801 59.08 7.66 17.01
C ASN B 801 57.66 7.94 16.57
N PHE B 802 57.48 9.01 15.79
CA PHE B 802 56.16 9.38 15.27
C PHE B 802 56.12 9.42 13.75
N SER B 803 57.21 9.02 13.08
CA SER B 803 57.18 8.94 11.62
C SER B 803 56.17 7.92 11.13
N GLN B 804 55.75 6.99 12.00
CA GLN B 804 54.71 6.03 11.65
C GLN B 804 53.35 6.70 11.47
N ILE B 805 53.03 7.69 12.29
CA ILE B 805 51.74 8.36 12.21
C ILE B 805 51.82 9.75 11.62
N LEU B 806 53.01 10.31 11.44
CA LEU B 806 53.15 11.62 10.81
C LEU B 806 53.18 11.47 9.29
N PRO B 807 52.73 12.49 8.55
CA PRO B 807 52.78 12.42 7.09
C PRO B 807 54.20 12.41 6.57
N ASP B 808 54.38 11.81 5.39
CA ASP B 808 55.67 11.69 4.74
C ASP B 808 55.68 12.45 3.42
N PRO B 809 56.84 12.95 2.99
CA PRO B 809 56.92 13.71 1.73
C PRO B 809 56.82 12.88 0.47
N SER B 810 56.47 11.59 0.56
CA SER B 810 56.31 10.76 -0.62
C SER B 810 55.01 11.01 -1.36
N LYS B 811 54.14 11.88 -0.82
CA LYS B 811 52.83 12.22 -1.38
C LYS B 811 51.94 11.00 -1.56
N PRO B 812 51.60 10.27 -0.49
CA PRO B 812 50.54 9.25 -0.58
C PRO B 812 49.17 9.83 -0.23
N SER B 813 48.77 10.85 -0.99
CA SER B 813 47.58 11.65 -0.69
C SER B 813 47.68 12.32 0.68
N LYS B 814 48.91 12.66 1.08
CA LYS B 814 49.18 13.34 2.35
C LYS B 814 48.61 12.56 3.54
N ARG B 815 48.82 11.25 3.54
CA ARG B 815 48.34 10.38 4.60
C ARG B 815 49.50 9.55 5.15
N SER B 816 49.40 9.19 6.43
CA SER B 816 50.41 8.35 7.05
C SER B 816 50.26 6.90 6.59
N PHE B 817 51.25 6.07 6.95
CA PHE B 817 51.21 4.67 6.56
C PHE B 817 50.04 3.95 7.20
N ILE B 818 49.76 4.24 8.48
CA ILE B 818 48.58 3.68 9.13
C ILE B 818 47.31 4.14 8.44
N GLU B 819 47.24 5.42 8.08
CA GLU B 819 46.09 5.91 7.33
C GLU B 819 45.98 5.24 5.97
N ASP B 820 47.12 4.99 5.32
CA ASP B 820 47.10 4.29 4.04
C ASP B 820 46.55 2.88 4.20
N LEU B 821 46.97 2.17 5.25
CA LEU B 821 46.45 0.83 5.50
C LEU B 821 44.96 0.87 5.80
N LEU B 822 44.52 1.86 6.58
CA LEU B 822 43.10 1.98 6.89
C LEU B 822 42.27 2.22 5.63
N PHE B 823 42.77 3.07 4.73
CA PHE B 823 42.05 3.34 3.50
C PHE B 823 42.04 2.12 2.58
N ASN B 824 43.17 1.39 2.51
CA ASN B 824 43.24 0.24 1.62
C ASN B 824 42.40 -0.92 2.12
N LYS B 825 42.37 -1.14 3.43
CA LYS B 825 41.63 -2.27 3.99
C LYS B 825 40.14 -2.12 3.75
N VAL B 826 39.61 -0.92 3.89
CA VAL B 826 38.19 -0.68 3.68
C VAL B 826 37.92 -0.68 2.17
N THR B 827 37.01 -1.55 1.74
CA THR B 827 36.66 -1.69 0.33
C THR B 827 35.25 -1.19 0.10
N LEU B 828 35.09 -0.30 -0.89
CA LEU B 828 33.78 0.26 -1.21
C LEU B 828 32.98 -0.72 -2.08
N PHE B 855 21.54 6.60 -13.73
CA PHE B 855 20.92 5.46 -13.08
C PHE B 855 19.40 5.58 -13.07
N ASN B 856 18.81 5.49 -11.87
CA ASN B 856 17.36 5.53 -11.69
C ASN B 856 16.99 6.58 -10.64
N GLY B 857 17.54 7.78 -10.78
CA GLY B 857 17.23 8.86 -9.87
C GLY B 857 18.04 8.89 -8.59
N LEU B 858 18.99 7.99 -8.41
CA LEU B 858 19.82 7.94 -7.21
C LEU B 858 21.18 8.56 -7.52
N THR B 859 21.58 9.57 -6.76
CA THR B 859 22.86 10.22 -6.93
C THR B 859 23.57 10.30 -5.59
N VAL B 860 24.90 10.38 -5.64
CA VAL B 860 25.73 10.45 -4.45
C VAL B 860 26.38 11.81 -4.40
N LEU B 861 26.04 12.60 -3.39
CA LEU B 861 26.65 13.91 -3.22
C LEU B 861 28.03 13.76 -2.59
N PRO B 862 29.08 14.32 -3.19
CA PRO B 862 30.40 14.21 -2.58
C PRO B 862 30.45 14.96 -1.27
N PRO B 863 31.23 14.48 -0.30
CA PRO B 863 31.33 15.18 0.99
C PRO B 863 31.97 16.55 0.85
N LEU B 864 31.57 17.46 1.73
CA LEU B 864 32.16 18.80 1.71
C LEU B 864 33.65 18.76 2.02
N LEU B 865 34.06 17.93 2.97
CA LEU B 865 35.46 17.78 3.33
C LEU B 865 36.02 16.56 2.61
N THR B 866 37.05 16.79 1.80
CA THR B 866 37.67 15.70 1.05
C THR B 866 38.62 14.90 1.95
N ASP B 867 39.12 13.79 1.40
CA ASP B 867 40.03 12.95 2.16
C ASP B 867 41.33 13.69 2.48
N GLU B 868 41.84 14.48 1.53
CA GLU B 868 43.05 15.25 1.78
C GLU B 868 42.85 16.28 2.88
N MET B 869 41.69 16.94 2.88
CA MET B 869 41.40 17.94 3.89
C MET B 869 41.30 17.32 5.28
N ILE B 870 40.63 16.17 5.39
CA ILE B 870 40.54 15.47 6.67
C ILE B 870 41.92 14.99 7.10
N ALA B 871 42.73 14.52 6.16
CA ALA B 871 44.08 14.06 6.49
C ALA B 871 44.93 15.23 7.00
N GLN B 872 44.76 16.41 6.43
CA GLN B 872 45.54 17.56 6.89
C GLN B 872 45.05 18.04 8.26
N TYR B 873 43.73 17.97 8.51
CA TYR B 873 43.25 18.16 9.88
C TYR B 873 43.91 17.19 10.85
N THR B 874 44.00 15.92 10.45
CA THR B 874 44.62 14.92 11.31
C THR B 874 46.10 15.24 11.55
N SER B 875 46.80 15.68 10.50
CA SER B 875 48.21 16.04 10.65
C SER B 875 48.37 17.22 11.60
N ALA B 876 47.50 18.23 11.48
CA ALA B 876 47.55 19.37 12.37
C ALA B 876 47.29 18.96 13.82
N LEU B 877 46.31 18.08 14.03
CA LEU B 877 46.01 17.61 15.37
C LEU B 877 47.19 16.83 15.95
N LEU B 878 47.82 15.98 15.13
CA LEU B 878 48.98 15.23 15.59
C LEU B 878 50.13 16.16 15.96
N ALA B 879 50.39 17.17 15.12
CA ALA B 879 51.46 18.11 15.39
C ALA B 879 51.20 18.86 16.69
N GLY B 880 49.96 19.32 16.88
CA GLY B 880 49.61 20.00 18.12
C GLY B 880 49.76 19.11 19.34
N THR B 881 49.30 17.86 19.23
CA THR B 881 49.39 16.95 20.38
C THR B 881 50.83 16.62 20.73
N ILE B 882 51.68 16.39 19.73
CA ILE B 882 53.06 15.99 20.00
C ILE B 882 53.99 17.16 20.24
N THR B 883 53.56 18.39 19.97
CA THR B 883 54.39 19.56 20.23
C THR B 883 53.93 20.34 21.45
N SER B 884 52.67 20.76 21.49
CA SER B 884 52.16 21.62 22.55
C SER B 884 51.39 20.85 23.62
N GLY B 885 51.31 19.53 23.52
CA GLY B 885 50.54 18.78 24.49
C GLY B 885 49.06 19.15 24.41
N TRP B 886 48.47 19.48 25.55
CA TRP B 886 47.08 19.88 25.62
C TRP B 886 46.89 21.39 25.64
N THR B 887 47.98 22.16 25.53
CA THR B 887 47.86 23.62 25.62
C THR B 887 47.17 24.20 24.39
N PHE B 888 47.37 23.60 23.21
CA PHE B 888 46.76 24.13 21.99
C PHE B 888 45.25 23.92 21.97
N GLY B 889 44.74 22.95 22.74
CA GLY B 889 43.30 22.76 22.81
C GLY B 889 42.58 23.78 23.67
N ALA B 890 43.30 24.50 24.52
CA ALA B 890 42.73 25.54 25.36
C ALA B 890 43.10 26.93 24.90
N GLY B 891 43.71 27.06 23.73
CA GLY B 891 44.12 28.36 23.22
C GLY B 891 45.32 28.29 22.30
N ALA B 892 46.29 29.18 22.53
CA ALA B 892 47.49 29.20 21.71
C ALA B 892 48.37 27.99 22.02
N ALA B 893 48.98 27.44 20.97
CA ALA B 893 49.87 26.31 21.14
C ALA B 893 51.15 26.74 21.88
N LEU B 894 51.58 25.92 22.83
CA LEU B 894 52.73 26.23 23.67
C LEU B 894 53.76 25.12 23.52
N GLN B 895 54.89 25.43 22.89
CA GLN B 895 55.92 24.42 22.68
C GLN B 895 56.46 23.91 24.01
N ILE B 896 56.77 22.63 24.04
CA ILE B 896 57.26 21.97 25.25
C ILE B 896 57.92 20.65 24.83
N PRO B 897 59.07 20.29 25.39
CA PRO B 897 59.69 19.01 25.03
C PRO B 897 58.76 17.85 25.34
N PHE B 898 58.79 16.84 24.46
CA PHE B 898 57.87 15.71 24.61
C PHE B 898 58.12 14.94 25.90
N ALA B 899 59.38 14.93 26.38
CA ALA B 899 59.66 14.29 27.66
C ALA B 899 58.93 15.00 28.80
N MET B 900 58.91 16.34 28.78
CA MET B 900 58.22 17.08 29.83
C MET B 900 56.71 16.90 29.72
N GLN B 901 56.19 16.83 28.48
CA GLN B 901 54.76 16.56 28.31
C GLN B 901 54.39 15.19 28.85
N MET B 902 55.22 14.18 28.58
CA MET B 902 54.95 12.85 29.11
C MET B 902 55.07 12.84 30.64
N ALA B 903 55.98 13.63 31.19
CA ALA B 903 56.08 13.74 32.64
C ALA B 903 54.82 14.37 33.22
N TYR B 904 54.29 15.39 32.56
CA TYR B 904 53.04 16.00 33.00
C TYR B 904 51.90 14.98 32.95
N ARG B 905 51.84 14.20 31.87
CA ARG B 905 50.79 13.19 31.75
C ARG B 905 50.93 12.10 32.81
N PHE B 906 52.17 11.70 33.13
CA PHE B 906 52.40 10.76 34.22
C PHE B 906 51.95 11.34 35.55
N ASN B 907 52.23 12.62 35.78
CA ASN B 907 51.74 13.29 36.99
C ASN B 907 50.22 13.32 37.02
N GLY B 908 49.58 13.37 35.85
CA GLY B 908 48.13 13.36 35.80
C GLY B 908 47.53 12.06 36.32
N ILE B 909 48.20 10.94 36.05
CA ILE B 909 47.68 9.63 36.45
C ILE B 909 48.26 9.24 37.80
N GLY B 910 48.91 10.18 38.49
CA GLY B 910 49.42 9.94 39.82
C GLY B 910 50.79 9.29 39.88
N VAL B 911 51.60 9.40 38.84
CA VAL B 911 52.94 8.84 38.81
C VAL B 911 53.94 10.00 38.74
N THR B 912 54.96 9.96 39.59
CA THR B 912 55.91 11.05 39.68
C THR B 912 56.77 11.13 38.43
N GLN B 913 57.38 12.30 38.23
CA GLN B 913 58.16 12.56 37.02
C GLN B 913 59.42 11.72 36.96
N ASN B 914 60.03 11.41 38.12
CA ASN B 914 61.27 10.64 38.12
C ASN B 914 61.08 9.26 37.54
N VAL B 915 59.86 8.70 37.63
CA VAL B 915 59.60 7.39 37.02
C VAL B 915 59.81 7.45 35.52
N LEU B 916 59.28 8.50 34.87
CA LEU B 916 59.57 8.71 33.47
C LEU B 916 61.05 9.00 33.23
N TYR B 917 61.64 9.88 34.05
CA TYR B 917 62.96 10.39 33.73
C TYR B 917 64.05 9.33 33.90
N GLU B 918 63.83 8.35 34.76
CA GLU B 918 64.79 7.26 34.93
C GLU B 918 64.47 6.04 34.07
N ASN B 919 63.37 6.07 33.32
CA ASN B 919 63.01 4.98 32.40
C ASN B 919 62.55 5.53 31.06
N GLN B 920 63.13 6.65 30.62
CA GLN B 920 62.68 7.28 29.37
C GLN B 920 62.95 6.37 28.17
N LYS B 921 64.14 5.77 28.12
CA LYS B 921 64.47 4.90 26.99
C LYS B 921 63.57 3.68 26.96
N LEU B 922 63.31 3.07 28.12
CA LEU B 922 62.44 1.90 28.17
C LEU B 922 61.03 2.23 27.72
N ILE B 923 60.49 3.38 28.15
CA ILE B 923 59.14 3.76 27.77
C ILE B 923 59.07 4.09 26.28
N ALA B 924 60.10 4.75 25.75
CA ALA B 924 60.13 5.01 24.32
C ALA B 924 60.16 3.72 23.52
N ASN B 925 60.98 2.76 23.95
CA ASN B 925 61.04 1.46 23.27
C ASN B 925 59.70 0.74 23.36
N GLN B 926 59.05 0.80 24.52
CA GLN B 926 57.75 0.15 24.67
C GLN B 926 56.71 0.78 23.75
N PHE B 927 56.71 2.12 23.65
CA PHE B 927 55.79 2.79 22.75
C PHE B 927 56.04 2.42 21.30
N ASN B 928 57.31 2.37 20.90
CA ASN B 928 57.64 1.98 19.53
C ASN B 928 57.21 0.54 19.25
N SER B 929 57.43 -0.36 20.21
CA SER B 929 56.99 -1.74 20.03
C SER B 929 55.48 -1.84 19.94
N ALA B 930 54.76 -1.08 20.76
CA ALA B 930 53.29 -1.09 20.70
C ALA B 930 52.80 -0.60 19.34
N ILE B 931 53.44 0.45 18.81
CA ILE B 931 53.07 0.93 17.48
C ILE B 931 53.38 -0.13 16.42
N GLY B 932 54.48 -0.86 16.61
CA GLY B 932 54.81 -1.94 15.68
C GLY B 932 53.77 -3.05 15.68
N LYS B 933 53.34 -3.48 16.87
CA LYS B 933 52.26 -4.45 16.94
C LYS B 933 50.96 -3.90 16.35
N ILE B 934 50.70 -2.60 16.53
CA ILE B 934 49.50 -2.01 15.96
C ILE B 934 49.53 -2.09 14.44
N GLN B 935 50.66 -1.71 13.83
CA GLN B 935 50.75 -1.76 12.37
C GLN B 935 50.73 -3.21 11.87
N ASP B 936 51.33 -4.14 12.61
CA ASP B 936 51.28 -5.55 12.21
C ASP B 936 49.85 -6.07 12.25
N SER B 937 49.08 -5.71 13.28
CA SER B 937 47.68 -6.11 13.35
C SER B 937 46.87 -5.49 12.22
N LEU B 938 47.11 -4.21 11.91
CA LEU B 938 46.38 -3.57 10.83
C LEU B 938 46.83 -4.05 9.46
N SER B 939 47.98 -4.72 9.36
CA SER B 939 48.47 -5.18 8.07
C SER B 939 47.86 -6.54 7.71
N SER B 940 47.99 -7.53 8.58
CA SER B 940 47.56 -8.89 8.31
C SER B 940 46.23 -9.24 8.94
N THR B 941 46.05 -8.95 10.23
CA THR B 941 44.83 -9.34 10.92
C THR B 941 43.64 -8.53 10.42
N ALA B 942 42.58 -9.23 10.02
CA ALA B 942 41.37 -8.62 9.51
C ALA B 942 40.34 -8.48 10.62
N SER B 943 39.11 -8.13 10.25
CA SER B 943 38.00 -7.99 11.18
C SER B 943 38.26 -6.93 12.25
N ALA B 944 39.05 -5.92 11.90
CA ALA B 944 39.32 -4.80 12.81
C ALA B 944 38.54 -3.54 12.44
N LEU B 945 38.23 -3.35 11.16
CA LEU B 945 37.46 -2.20 10.69
C LEU B 945 36.00 -2.57 10.46
N GLY B 946 35.44 -3.41 11.34
CA GLY B 946 34.12 -3.96 11.11
C GLY B 946 33.01 -2.93 11.08
N LYS B 947 33.14 -1.86 11.87
CA LYS B 947 32.06 -0.88 11.96
C LYS B 947 31.89 -0.10 10.66
N LEU B 948 32.99 0.43 10.12
CA LEU B 948 32.91 1.19 8.87
C LEU B 948 32.48 0.30 7.71
N GLN B 949 33.04 -0.91 7.64
CA GLN B 949 32.65 -1.84 6.57
C GLN B 949 31.18 -2.20 6.69
N ASP B 950 30.69 -2.41 7.90
CA ASP B 950 29.29 -2.73 8.11
C ASP B 950 28.39 -1.57 7.69
N VAL B 951 28.79 -0.34 8.00
CA VAL B 951 28.00 0.82 7.61
C VAL B 951 27.94 0.95 6.09
N VAL B 952 29.10 0.78 5.44
CA VAL B 952 29.15 0.88 3.98
C VAL B 952 28.31 -0.23 3.35
N ASN B 953 28.41 -1.45 3.89
CA ASN B 953 27.62 -2.56 3.36
C ASN B 953 26.14 -2.31 3.55
N GLN B 954 25.74 -1.75 4.70
CA GLN B 954 24.33 -1.44 4.92
C GLN B 954 23.82 -0.41 3.94
N ASN B 955 24.60 0.64 3.68
CA ASN B 955 24.18 1.66 2.72
C ASN B 955 24.07 1.06 1.31
N ALA B 956 25.05 0.26 0.91
CA ALA B 956 25.02 -0.35 -0.41
C ALA B 956 23.85 -1.32 -0.54
N GLN B 957 23.59 -2.09 0.51
CA GLN B 957 22.47 -3.02 0.50
C GLN B 957 21.14 -2.27 0.41
N ALA B 958 21.01 -1.15 1.13
CA ALA B 958 19.78 -0.36 1.03
C ALA B 958 19.58 0.17 -0.37
N LEU B 959 20.64 0.69 -0.99
CA LEU B 959 20.52 1.19 -2.36
C LEU B 959 20.15 0.07 -3.33
N ASN B 960 20.81 -1.08 -3.20
CA ASN B 960 20.52 -2.21 -4.09
C ASN B 960 19.10 -2.71 -3.89
N THR B 961 18.64 -2.75 -2.64
CA THR B 961 17.27 -3.19 -2.36
C THR B 961 16.26 -2.21 -2.96
N LEU B 962 16.53 -0.91 -2.88
CA LEU B 962 15.65 0.06 -3.51
C LEU B 962 15.61 -0.13 -5.03
N VAL B 963 16.78 -0.35 -5.65
CA VAL B 963 16.83 -0.53 -7.10
C VAL B 963 16.07 -1.80 -7.51
N LYS B 964 16.26 -2.90 -6.77
CA LYS B 964 15.52 -4.12 -7.06
C LYS B 964 14.02 -3.93 -6.86
N GLN B 965 13.63 -3.23 -5.79
CA GLN B 965 12.22 -3.03 -5.51
C GLN B 965 11.56 -2.14 -6.55
N LEU B 966 12.35 -1.30 -7.22
CA LEU B 966 11.85 -0.55 -8.37
C LEU B 966 11.30 -1.48 -9.44
N SER B 967 11.85 -2.69 -9.57
CA SER B 967 11.46 -3.63 -10.62
C SER B 967 10.47 -4.67 -10.11
N SER B 968 9.58 -4.27 -9.21
CA SER B 968 8.55 -5.14 -8.67
C SER B 968 7.20 -4.79 -9.27
N ASN B 969 6.38 -5.82 -9.51
CA ASN B 969 5.08 -5.61 -10.14
C ASN B 969 4.11 -4.89 -9.21
N PHE B 970 4.16 -5.21 -7.92
CA PHE B 970 3.20 -4.69 -6.94
C PHE B 970 1.77 -5.03 -7.34
N GLY B 971 1.58 -6.22 -7.90
CA GLY B 971 0.28 -6.67 -8.35
C GLY B 971 -0.13 -6.20 -9.73
N ALA B 972 0.71 -5.40 -10.40
CA ALA B 972 0.38 -4.91 -11.72
C ALA B 972 0.67 -5.96 -12.78
N ILE B 973 0.25 -5.66 -14.02
CA ILE B 973 0.48 -6.57 -15.13
C ILE B 973 1.96 -6.71 -15.42
N SER B 974 2.70 -5.61 -15.42
CA SER B 974 4.12 -5.62 -15.73
C SER B 974 4.83 -4.59 -14.89
N SER B 975 6.16 -4.74 -14.80
CA SER B 975 6.99 -3.83 -14.03
C SER B 975 7.47 -2.63 -14.84
N VAL B 976 7.19 -2.59 -16.13
CA VAL B 976 7.59 -1.49 -17.00
C VAL B 976 6.34 -0.77 -17.49
N LEU B 977 6.35 0.56 -17.43
CA LEU B 977 5.15 1.34 -17.72
C LEU B 977 4.86 1.44 -19.21
N ASN B 978 5.90 1.43 -20.05
CA ASN B 978 5.67 1.54 -21.49
C ASN B 978 4.88 0.36 -22.03
N ASP B 979 5.22 -0.85 -21.58
CA ASP B 979 4.48 -2.03 -22.01
C ASP B 979 3.04 -2.00 -21.51
N ILE B 980 2.84 -1.53 -20.28
CA ILE B 980 1.48 -1.42 -19.74
C ILE B 980 0.66 -0.44 -20.56
N LEU B 981 1.25 0.70 -20.92
CA LEU B 981 0.55 1.67 -21.75
C LEU B 981 0.23 1.09 -23.12
N SER B 982 1.17 0.34 -23.70
CA SER B 982 0.94 -0.23 -25.02
C SER B 982 -0.16 -1.28 -25.00
N ARG B 983 -0.16 -2.15 -24.00
CA ARG B 983 -1.10 -3.28 -24.00
C ARG B 983 -2.50 -2.87 -23.58
N LEU B 984 -2.63 -1.93 -22.65
CA LEU B 984 -3.91 -1.64 -22.02
C LEU B 984 -4.51 -0.33 -22.49
N ASP B 985 -5.83 -0.24 -22.35
CA ASP B 985 -6.57 0.99 -22.59
C ASP B 985 -6.31 2.00 -21.48
N PRO B 986 -6.58 3.28 -21.72
CA PRO B 986 -6.20 4.32 -20.75
C PRO B 986 -6.76 4.07 -19.35
N PRO B 987 -8.03 3.61 -19.19
CA PRO B 987 -8.52 3.38 -17.81
C PRO B 987 -7.78 2.28 -17.07
N GLU B 988 -7.70 1.09 -17.65
CA GLU B 988 -7.02 -0.01 -16.98
C GLU B 988 -5.53 0.26 -16.81
N ALA B 989 -4.90 0.84 -17.83
CA ALA B 989 -3.50 1.21 -17.72
C ALA B 989 -3.28 2.22 -16.61
N GLU B 990 -4.18 3.20 -16.48
CA GLU B 990 -4.08 4.18 -15.41
C GLU B 990 -4.24 3.52 -14.05
N VAL B 991 -5.16 2.55 -13.93
CA VAL B 991 -5.35 1.86 -12.65
C VAL B 991 -4.09 1.09 -12.27
N GLN B 992 -3.52 0.33 -13.22
CA GLN B 992 -2.31 -0.41 -12.93
C GLN B 992 -1.14 0.51 -12.61
N ILE B 993 -1.04 1.62 -13.33
CA ILE B 993 0.02 2.60 -13.06
C ILE B 993 -0.15 3.18 -11.67
N ASP B 994 -1.39 3.48 -11.26
CA ASP B 994 -1.62 4.01 -9.93
C ASP B 994 -1.21 3.01 -8.86
N ARG B 995 -1.53 1.72 -9.07
CA ARG B 995 -1.08 0.70 -8.12
C ARG B 995 0.43 0.66 -8.04
N LEU B 996 1.10 0.74 -9.19
CA LEU B 996 2.56 0.74 -9.20
C LEU B 996 3.12 1.98 -8.50
N ILE B 997 2.47 3.13 -8.68
CA ILE B 997 2.90 4.36 -8.01
C ILE B 997 2.80 4.19 -6.51
N THR B 998 1.68 3.64 -6.03
CA THR B 998 1.50 3.46 -4.60
C THR B 998 2.58 2.52 -4.04
N GLY B 999 2.84 1.42 -4.73
CA GLY B 999 3.86 0.49 -4.26
C GLY B 999 5.24 1.11 -4.22
N ARG B 1000 5.62 1.83 -5.28
CA ARG B 1000 6.95 2.41 -5.33
C ARG B 1000 7.10 3.55 -4.32
N LEU B 1001 6.05 4.34 -4.11
CA LEU B 1001 6.12 5.36 -3.08
C LEU B 1001 6.23 4.76 -1.69
N GLN B 1002 5.51 3.66 -1.43
CA GLN B 1002 5.67 2.99 -0.13
C GLN B 1002 7.09 2.49 0.06
N SER B 1003 7.68 1.92 -0.99
CA SER B 1003 9.07 1.48 -0.91
C SER B 1003 10.00 2.65 -0.63
N LEU B 1004 9.76 3.79 -1.28
CA LEU B 1004 10.59 4.97 -1.05
C LEU B 1004 10.44 5.49 0.37
N GLN B 1005 9.22 5.45 0.92
CA GLN B 1005 9.02 5.85 2.31
C GLN B 1005 9.80 4.94 3.25
N THR B 1006 9.75 3.63 3.01
CA THR B 1006 10.50 2.71 3.85
C THR B 1006 11.99 2.99 3.77
N TYR B 1007 12.51 3.23 2.55
CA TYR B 1007 13.92 3.53 2.39
C TYR B 1007 14.30 4.81 3.11
N VAL B 1008 13.46 5.84 3.01
CA VAL B 1008 13.75 7.13 3.65
C VAL B 1008 13.75 6.98 5.17
N THR B 1009 12.78 6.22 5.71
CA THR B 1009 12.74 5.99 7.15
C THR B 1009 13.98 5.24 7.63
N GLN B 1010 14.40 4.22 6.89
CA GLN B 1010 15.61 3.49 7.26
C GLN B 1010 16.83 4.40 7.20
N GLN B 1011 16.92 5.24 6.17
CA GLN B 1011 18.02 6.17 6.06
C GLN B 1011 18.03 7.17 7.21
N LEU B 1012 16.85 7.64 7.63
CA LEU B 1012 16.77 8.58 8.75
C LEU B 1012 17.23 7.92 10.05
N ILE B 1013 16.82 6.66 10.27
CA ILE B 1013 17.24 5.95 11.48
C ILE B 1013 18.75 5.76 11.47
N ARG B 1014 19.30 5.34 10.33
CA ARG B 1014 20.75 5.17 10.22
C ARG B 1014 21.48 6.49 10.41
N ALA B 1015 20.92 7.58 9.90
CA ALA B 1015 21.52 8.89 10.08
C ALA B 1015 21.52 9.31 11.54
N ALA B 1016 20.43 9.01 12.26
CA ALA B 1016 20.42 9.31 13.70
C ALA B 1016 21.48 8.50 14.44
N GLU B 1017 21.61 7.21 14.11
CA GLU B 1017 22.63 6.39 14.74
C GLU B 1017 24.03 6.92 14.45
N ILE B 1018 24.29 7.28 13.19
CA ILE B 1018 25.59 7.81 12.80
C ILE B 1018 25.86 9.16 13.46
N ARG B 1019 24.82 9.98 13.63
CA ARG B 1019 24.99 11.25 14.33
C ARG B 1019 25.37 11.02 15.79
N ALA B 1020 24.73 10.05 16.44
CA ALA B 1020 25.11 9.72 17.82
C ALA B 1020 26.55 9.24 17.88
N SER B 1021 26.94 8.37 16.94
CA SER B 1021 28.32 7.88 16.91
C SER B 1021 29.31 9.02 16.67
N ALA B 1022 28.95 9.95 15.79
CA ALA B 1022 29.83 11.09 15.51
C ALA B 1022 29.94 12.02 16.70
N ASN B 1023 28.84 12.21 17.45
CA ASN B 1023 28.92 12.99 18.67
C ASN B 1023 29.84 12.33 19.69
N LEU B 1024 29.74 11.01 19.82
CA LEU B 1024 30.64 10.29 20.71
C LEU B 1024 32.09 10.44 20.27
N ALA B 1025 32.35 10.32 18.96
CA ALA B 1025 33.71 10.45 18.45
C ALA B 1025 34.25 11.86 18.67
N ALA B 1026 33.42 12.88 18.47
CA ALA B 1026 33.83 14.25 18.72
C ALA B 1026 34.16 14.47 20.19
N THR B 1027 33.33 13.91 21.08
CA THR B 1027 33.63 14.02 22.51
C THR B 1027 34.95 13.34 22.85
N LYS B 1028 35.20 12.16 22.27
CA LYS B 1028 36.45 11.45 22.52
C LYS B 1028 37.64 12.26 22.02
N MET B 1029 37.52 12.84 20.82
CA MET B 1029 38.60 13.65 20.28
C MET B 1029 38.85 14.88 21.15
N SER B 1030 37.78 15.52 21.64
CA SER B 1030 37.95 16.71 22.45
C SER B 1030 38.59 16.38 23.79
N GLU B 1031 38.19 15.28 24.43
CA GLU B 1031 38.60 14.98 25.79
C GLU B 1031 39.79 14.04 25.89
N CYS B 1032 40.31 13.53 24.77
CA CYS B 1032 41.44 12.60 24.85
C CYS B 1032 42.58 13.01 23.93
N VAL B 1033 42.27 13.69 22.82
CA VAL B 1033 43.31 14.18 21.93
C VAL B 1033 43.75 15.59 22.32
N LEU B 1034 42.80 16.44 22.68
CA LEU B 1034 43.11 17.81 23.11
C LEU B 1034 43.42 17.91 24.59
N GLY B 1035 43.40 16.79 25.31
CA GLY B 1035 43.69 16.81 26.73
C GLY B 1035 43.78 15.40 27.27
N GLN B 1036 43.97 15.32 28.59
CA GLN B 1036 44.06 14.05 29.29
C GLN B 1036 42.77 13.80 30.05
N SER B 1037 42.19 12.62 29.86
CA SER B 1037 40.89 12.27 30.43
C SER B 1037 41.09 11.39 31.66
N LYS B 1038 40.49 11.79 32.78
CA LYS B 1038 40.52 11.00 34.00
C LYS B 1038 39.43 9.95 34.05
N ARG B 1039 38.52 9.93 33.08
CA ARG B 1039 37.45 8.94 33.07
C ARG B 1039 38.01 7.55 32.80
N VAL B 1040 37.47 6.57 33.51
CA VAL B 1040 37.96 5.20 33.42
C VAL B 1040 37.35 4.53 32.19
N ASP B 1041 38.21 3.91 31.37
CA ASP B 1041 37.83 3.14 30.20
C ASP B 1041 37.16 3.97 29.11
N PHE B 1042 37.19 5.30 29.21
CA PHE B 1042 36.62 6.13 28.17
C PHE B 1042 37.47 6.11 26.91
N CYS B 1043 38.79 6.00 27.06
CA CYS B 1043 39.73 5.98 25.95
C CYS B 1043 40.73 4.85 26.11
N GLY B 1044 40.22 3.66 26.37
CA GLY B 1044 41.07 2.49 26.44
C GLY B 1044 41.27 2.00 27.86
N LYS B 1045 41.57 0.71 27.99
CA LYS B 1045 41.81 0.11 29.29
C LYS B 1045 43.10 0.65 29.89
N GLY B 1046 43.11 0.80 31.21
CA GLY B 1046 44.26 1.32 31.92
C GLY B 1046 44.19 2.83 32.10
N TYR B 1047 45.24 3.36 32.70
CA TYR B 1047 45.33 4.80 32.94
C TYR B 1047 45.68 5.51 31.65
N HIS B 1048 44.77 6.34 31.16
CA HIS B 1048 44.95 7.02 29.88
C HIS B 1048 46.11 8.02 29.97
N LEU B 1049 47.00 7.96 28.98
CA LEU B 1049 48.10 8.91 28.86
C LEU B 1049 47.89 9.90 27.74
N MET B 1050 47.63 9.43 26.52
CA MET B 1050 47.40 10.33 25.40
C MET B 1050 46.62 9.57 24.32
N SER B 1051 46.25 10.30 23.27
CA SER B 1051 45.52 9.70 22.15
C SER B 1051 45.94 10.40 20.86
N PHE B 1052 45.90 9.64 19.76
CA PHE B 1052 46.25 10.15 18.45
C PHE B 1052 45.14 9.80 17.47
N PRO B 1053 44.59 10.78 16.75
CA PRO B 1053 43.58 10.49 15.73
C PRO B 1053 44.19 10.13 14.39
N GLN B 1054 43.42 9.36 13.62
CA GLN B 1054 43.79 8.95 12.28
C GLN B 1054 42.54 8.96 11.41
N SER B 1055 42.70 9.46 10.18
CA SER B 1055 41.57 9.56 9.26
C SER B 1055 41.18 8.18 8.74
N ALA B 1056 39.89 8.01 8.50
CA ALA B 1056 39.31 6.79 7.93
C ALA B 1056 38.36 7.19 6.82
N PRO B 1057 38.07 6.28 5.88
CA PRO B 1057 37.20 6.65 4.76
C PRO B 1057 35.84 7.16 5.19
N HIS B 1058 35.24 6.59 6.24
CA HIS B 1058 33.94 7.05 6.72
C HIS B 1058 33.93 7.07 8.24
N GLY B 1059 35.04 7.46 8.85
CA GLY B 1059 35.11 7.48 10.30
C GLY B 1059 36.44 8.00 10.78
N VAL B 1060 36.77 7.65 12.03
CA VAL B 1060 38.02 8.05 12.66
C VAL B 1060 38.55 6.86 13.45
N VAL B 1061 39.87 6.83 13.61
CA VAL B 1061 40.56 5.78 14.35
C VAL B 1061 41.40 6.44 15.44
N PHE B 1062 41.12 6.11 16.69
CA PHE B 1062 41.86 6.65 17.83
C PHE B 1062 42.86 5.60 18.31
N LEU B 1063 44.14 5.98 18.35
CA LEU B 1063 45.19 5.18 18.97
C LEU B 1063 45.43 5.75 20.36
N HIS B 1064 45.00 5.03 21.38
CA HIS B 1064 45.11 5.46 22.76
C HIS B 1064 46.35 4.86 23.38
N VAL B 1065 47.26 5.71 23.85
CA VAL B 1065 48.45 5.30 24.57
C VAL B 1065 48.15 5.40 26.05
N THR B 1066 48.24 4.27 26.75
CA THR B 1066 47.86 4.16 28.15
C THR B 1066 48.95 3.43 28.93
N TYR B 1067 48.89 3.60 30.26
CA TYR B 1067 49.85 3.06 31.20
C TYR B 1067 49.20 1.90 31.94
N VAL B 1068 49.82 0.73 31.89
CA VAL B 1068 49.26 -0.48 32.49
C VAL B 1068 50.26 -1.02 33.51
N PRO B 1069 49.91 -1.08 34.79
CA PRO B 1069 50.82 -1.64 35.79
C PRO B 1069 51.02 -3.14 35.59
N ALA B 1070 52.17 -3.64 36.05
CA ALA B 1070 52.50 -5.04 35.91
C ALA B 1070 53.63 -5.39 36.89
N GLN B 1071 53.92 -6.68 36.98
CA GLN B 1071 54.94 -7.21 37.88
C GLN B 1071 54.65 -6.82 39.33
N GLU B 1072 53.53 -7.32 39.83
CA GLU B 1072 53.03 -6.99 41.14
C GLU B 1072 53.79 -7.74 42.23
N LYS B 1073 53.82 -7.14 43.42
CA LYS B 1073 54.45 -7.76 44.58
C LYS B 1073 53.61 -7.48 45.83
N ASN B 1074 53.66 -8.43 46.77
CA ASN B 1074 52.96 -8.29 48.04
C ASN B 1074 53.71 -7.36 48.99
N PHE B 1075 52.94 -6.65 49.81
CA PHE B 1075 53.48 -5.81 50.88
C PHE B 1075 52.48 -5.80 52.03
N THR B 1076 52.97 -5.42 53.20
CA THR B 1076 52.14 -5.28 54.40
C THR B 1076 51.97 -3.80 54.72
N THR B 1077 50.72 -3.36 54.84
CA THR B 1077 50.39 -1.96 55.06
C THR B 1077 49.87 -1.74 56.47
N ALA B 1078 49.57 -0.48 56.78
CA ALA B 1078 48.99 -0.05 58.04
C ALA B 1078 48.31 1.28 57.81
N PRO B 1079 47.14 1.52 58.41
CA PRO B 1079 46.46 2.81 58.19
C PRO B 1079 47.30 4.01 58.62
N ALA B 1080 48.11 3.89 59.66
CA ALA B 1080 48.92 4.99 60.14
C ALA B 1080 50.15 4.44 60.84
N ILE B 1081 51.03 5.34 61.24
CA ILE B 1081 52.26 4.99 61.95
C ILE B 1081 52.21 5.65 63.33
N CYS B 1082 52.45 4.86 64.36
CA CYS B 1082 52.40 5.34 65.74
C CYS B 1082 53.81 5.71 66.18
N HIS B 1083 54.00 6.97 66.56
CA HIS B 1083 55.29 7.46 67.00
C HIS B 1083 55.09 8.61 67.97
N ASP B 1084 55.79 8.54 69.11
CA ASP B 1084 55.74 9.57 70.16
C ASP B 1084 54.28 9.85 70.55
N GLY B 1085 53.52 8.78 70.76
CA GLY B 1085 52.13 8.91 71.13
C GLY B 1085 51.25 9.61 70.12
N LYS B 1086 51.67 9.66 68.85
CA LYS B 1086 50.94 10.37 67.81
C LYS B 1086 50.78 9.46 66.60
N ALA B 1087 49.74 9.75 65.81
CA ALA B 1087 49.43 9.00 64.60
C ALA B 1087 49.83 9.81 63.38
N HIS B 1088 50.58 9.19 62.48
CA HIS B 1088 51.06 9.82 61.26
C HIS B 1088 50.44 9.13 60.06
N PHE B 1089 49.88 9.93 59.15
CA PHE B 1089 49.27 9.44 57.93
C PHE B 1089 50.05 9.94 56.72
N PRO B 1090 50.14 9.16 55.65
CA PRO B 1090 50.92 9.58 54.48
C PRO B 1090 50.29 10.78 53.79
N ARG B 1091 51.15 11.58 53.16
CA ARG B 1091 50.68 12.78 52.48
C ARG B 1091 50.08 12.45 51.12
N GLU B 1092 50.88 11.88 50.22
CA GLU B 1092 50.39 11.40 48.93
C GLU B 1092 50.88 9.98 48.65
N GLY B 1093 51.10 9.19 49.70
CA GLY B 1093 51.59 7.84 49.53
C GLY B 1093 50.89 6.82 50.39
N VAL B 1094 51.59 5.73 50.72
CA VAL B 1094 51.04 4.66 51.53
C VAL B 1094 52.19 3.95 52.24
N PHE B 1095 51.95 3.50 53.46
CA PHE B 1095 52.94 2.77 54.23
C PHE B 1095 52.96 1.31 53.81
N VAL B 1096 54.14 0.79 53.52
CA VAL B 1096 54.33 -0.61 53.18
C VAL B 1096 55.50 -1.15 54.00
N SER B 1097 55.61 -2.47 54.04
CA SER B 1097 56.71 -3.12 54.73
C SER B 1097 57.12 -4.37 53.96
N ASN B 1098 58.43 -4.55 53.78
CA ASN B 1098 58.95 -5.73 53.12
C ASN B 1098 59.20 -6.89 54.08
N GLY B 1099 58.90 -6.71 55.37
CA GLY B 1099 59.07 -7.76 56.35
C GLY B 1099 59.74 -7.31 57.62
N THR B 1100 60.69 -6.37 57.51
CA THR B 1100 61.44 -5.92 58.68
C THR B 1100 61.40 -4.40 58.81
N HIS B 1101 61.29 -3.68 57.69
CA HIS B 1101 61.34 -2.23 57.69
C HIS B 1101 60.11 -1.67 56.99
N TRP B 1102 59.74 -0.45 57.39
CA TRP B 1102 58.58 0.23 56.84
C TRP B 1102 59.02 1.41 55.98
N PHE B 1103 58.32 1.62 54.87
CA PHE B 1103 58.64 2.67 53.93
C PHE B 1103 57.35 3.30 53.43
N VAL B 1104 57.49 4.45 52.76
CA VAL B 1104 56.38 5.17 52.14
C VAL B 1104 56.55 5.09 50.64
N THR B 1105 55.52 4.63 49.94
CA THR B 1105 55.60 4.49 48.49
C THR B 1105 54.31 5.01 47.85
N GLN B 1106 54.43 5.46 46.61
CA GLN B 1106 53.27 5.92 45.87
C GLN B 1106 52.40 4.72 45.46
N ARG B 1107 51.13 5.01 45.19
CA ARG B 1107 50.15 3.94 44.99
C ARG B 1107 50.43 3.14 43.73
N ASN B 1108 50.76 3.83 42.63
CA ASN B 1108 50.84 3.19 41.32
C ASN B 1108 52.22 2.68 40.96
N PHE B 1109 53.21 2.86 41.83
CA PHE B 1109 54.56 2.37 41.55
C PHE B 1109 55.30 2.13 42.85
N TYR B 1110 56.20 1.16 42.83
CA TYR B 1110 56.93 0.77 44.04
C TYR B 1110 58.22 1.58 44.12
N GLU B 1111 58.18 2.67 44.90
CA GLU B 1111 59.36 3.48 45.19
C GLU B 1111 59.45 3.69 46.69
N PRO B 1112 59.99 2.73 47.42
CA PRO B 1112 60.07 2.86 48.88
C PRO B 1112 60.93 4.04 49.29
N GLN B 1113 60.51 4.73 50.36
CA GLN B 1113 61.22 5.89 50.88
C GLN B 1113 61.19 5.85 52.40
N ILE B 1114 62.19 6.49 53.01
CA ILE B 1114 62.27 6.52 54.47
C ILE B 1114 61.12 7.36 55.01
N ILE B 1115 60.46 6.84 56.05
CA ILE B 1115 59.33 7.54 56.66
C ILE B 1115 59.86 8.72 57.45
N THR B 1116 59.58 9.94 56.96
CA THR B 1116 60.02 11.15 57.64
C THR B 1116 58.84 12.06 57.94
N THR B 1117 59.11 13.27 58.41
CA THR B 1117 58.07 14.25 58.67
C THR B 1117 57.71 15.08 57.45
N ASP B 1118 58.43 14.92 56.34
CA ASP B 1118 58.16 15.66 55.12
C ASP B 1118 57.15 14.98 54.21
N ASN B 1119 56.74 13.75 54.52
CA ASN B 1119 55.76 13.02 53.73
C ASN B 1119 54.62 12.46 54.58
N THR B 1120 54.58 12.79 55.86
CA THR B 1120 53.52 12.34 56.75
C THR B 1120 53.01 13.52 57.57
N PHE B 1121 51.74 13.43 57.99
CA PHE B 1121 51.12 14.46 58.79
C PHE B 1121 50.46 13.83 60.01
N VAL B 1122 50.46 14.58 61.12
CA VAL B 1122 49.94 14.10 62.40
C VAL B 1122 48.55 14.65 62.60
N SER B 1123 47.58 13.77 62.84
CA SER B 1123 46.19 14.18 63.04
C SER B 1123 45.55 13.38 64.17
N GLY B 1124 46.25 13.22 65.29
CA GLY B 1124 45.65 12.60 66.44
C GLY B 1124 46.64 11.70 67.16
N ASN B 1125 46.10 10.80 67.97
CA ASN B 1125 46.86 9.89 68.80
C ASN B 1125 46.62 8.44 68.35
N CYS B 1126 47.16 7.50 69.11
CA CYS B 1126 47.19 6.08 68.74
C CYS B 1126 46.12 5.27 69.44
N ASP B 1127 44.93 5.83 69.69
CA ASP B 1127 43.87 5.11 70.37
C ASP B 1127 42.55 5.10 69.63
N VAL B 1128 42.48 5.68 68.44
CA VAL B 1128 41.23 5.74 67.68
C VAL B 1128 41.40 5.03 66.35
N VAL B 1129 42.62 4.97 65.85
CA VAL B 1129 42.89 4.34 64.56
C VAL B 1129 42.97 2.83 64.74
N ILE B 1130 42.24 2.10 63.92
CA ILE B 1130 42.23 0.64 63.98
C ILE B 1130 43.28 0.13 62.98
N GLY B 1131 44.24 -0.64 63.49
CA GLY B 1131 45.31 -1.18 62.67
C GLY B 1131 46.62 -0.43 62.72
N ILE B 1132 46.76 0.56 63.61
CA ILE B 1132 48.00 1.30 63.71
C ILE B 1132 49.12 0.39 64.19
N VAL B 1133 50.35 0.73 63.83
CA VAL B 1133 51.53 -0.06 64.17
C VAL B 1133 52.60 0.88 64.74
N ASN B 1134 53.31 0.41 65.75
CA ASN B 1134 54.38 1.19 66.36
C ASN B 1134 55.58 1.26 65.41
N ASN B 1135 56.14 2.46 65.26
CA ASN B 1135 57.30 2.66 64.39
C ASN B 1135 57.94 3.98 64.76
N THR B 1136 59.07 4.26 64.12
CA THR B 1136 59.80 5.52 64.30
C THR B 1136 59.72 6.35 63.03
N VAL B 1137 59.64 7.67 63.21
CA VAL B 1137 59.55 8.61 62.10
C VAL B 1137 60.81 9.46 62.11
N TYR B 1138 61.53 9.47 61.00
CA TYR B 1138 62.76 10.24 60.89
C TYR B 1138 62.47 11.73 60.91
N ASP B 1139 63.31 12.48 61.61
CA ASP B 1139 63.22 13.94 61.67
C ASP B 1139 64.47 14.54 61.06
N PRO B 1140 64.41 15.06 59.83
CA PRO B 1140 65.59 15.61 59.16
C PRO B 1140 65.94 17.02 59.63
N LEU B 1141 65.90 17.24 60.93
CA LEU B 1141 66.30 18.50 61.55
C LEU B 1141 67.29 18.30 62.68
N GLN B 1142 67.16 17.22 63.45
CA GLN B 1142 68.11 16.97 64.54
C GLN B 1142 69.53 16.75 64.05
N PRO B 1143 69.80 15.93 63.03
CA PRO B 1143 71.18 15.83 62.54
C PRO B 1143 71.76 17.14 62.03
N GLU B 1144 70.92 18.02 61.49
CA GLU B 1144 71.40 19.31 61.02
C GLU B 1144 71.91 20.15 62.18
N LEU B 1145 71.21 20.13 63.30
CA LEU B 1145 71.66 20.88 64.48
C LEU B 1145 72.97 20.33 65.02
N ASP B 1146 73.11 19.01 65.05
CA ASP B 1146 74.32 18.38 65.55
C ASP B 1146 75.48 18.55 64.57
N GLN C 14 -63.68 -16.63 24.33
CA GLN C 14 -63.97 -15.20 24.21
C GLN C 14 -63.31 -14.41 25.33
N CYS C 15 -63.05 -13.13 25.08
CA CYS C 15 -62.43 -12.24 26.06
C CYS C 15 -63.33 -11.03 26.26
N VAL C 16 -63.56 -10.67 27.52
CA VAL C 16 -64.34 -9.51 27.89
C VAL C 16 -63.42 -8.46 28.49
N ASN C 17 -63.56 -7.22 28.04
CA ASN C 17 -62.69 -6.15 28.52
C ASN C 17 -62.99 -5.84 29.97
N LEU C 18 -61.93 -5.68 30.77
CA LEU C 18 -62.06 -5.57 32.21
C LEU C 18 -62.44 -4.14 32.60
N THR C 19 -63.57 -4.00 33.28
CA THR C 19 -64.01 -2.71 33.81
C THR C 19 -63.50 -2.56 35.24
N THR C 20 -63.99 -1.54 35.94
CA THR C 20 -63.68 -1.29 37.35
C THR C 20 -62.16 -1.19 37.56
N ARG C 21 -61.59 -0.13 36.98
CA ARG C 21 -60.15 0.11 37.10
C ARG C 21 -59.91 1.62 37.06
N THR C 22 -59.55 2.19 38.20
CA THR C 22 -59.28 3.62 38.29
C THR C 22 -57.93 3.93 37.64
N GLN C 23 -57.91 4.98 36.83
CA GLN C 23 -56.69 5.37 36.13
C GLN C 23 -55.76 6.13 37.07
N LEU C 24 -54.48 5.83 36.98
CA LEU C 24 -53.44 6.47 37.77
C LEU C 24 -52.33 6.94 36.86
N PRO C 25 -51.61 8.00 37.23
CA PRO C 25 -50.51 8.48 36.39
C PRO C 25 -49.40 7.44 36.32
N PRO C 26 -48.68 7.38 35.20
CA PRO C 26 -47.58 6.41 35.09
C PRO C 26 -46.46 6.71 36.07
N ALA C 27 -45.75 5.66 36.47
CA ALA C 27 -44.68 5.76 37.44
C ALA C 27 -43.36 5.32 36.82
N TYR C 28 -42.29 6.02 37.18
CA TYR C 28 -40.95 5.71 36.72
C TYR C 28 -40.03 5.47 37.91
N THR C 29 -39.04 4.63 37.72
CA THR C 29 -38.08 4.32 38.78
C THR C 29 -36.68 4.22 38.19
N ASN C 30 -35.69 4.44 39.04
CA ASN C 30 -34.29 4.41 38.63
C ASN C 30 -33.74 2.98 38.76
N SER C 31 -33.40 2.38 37.63
CA SER C 31 -32.80 1.05 37.60
C SER C 31 -31.30 1.17 37.82
N PHE C 32 -30.78 0.44 38.80
CA PHE C 32 -29.38 0.52 39.21
C PHE C 32 -28.64 -0.73 38.71
N THR C 33 -27.76 -0.53 37.73
CA THR C 33 -26.89 -1.58 37.21
C THR C 33 -27.67 -2.83 36.83
N ARG C 34 -28.57 -2.67 35.86
CA ARG C 34 -29.38 -3.75 35.35
C ARG C 34 -29.37 -3.73 33.83
N GLY C 35 -29.92 -4.79 33.23
CA GLY C 35 -29.97 -4.88 31.79
C GLY C 35 -28.69 -5.33 31.13
N VAL C 36 -27.85 -6.08 31.84
CA VAL C 36 -26.58 -6.58 31.31
C VAL C 36 -26.71 -8.07 31.05
N TYR C 37 -26.21 -8.50 29.89
CA TYR C 37 -26.30 -9.89 29.47
C TYR C 37 -25.01 -10.27 28.73
N TYR C 38 -24.93 -11.54 28.34
CA TYR C 38 -23.80 -12.01 27.55
C TYR C 38 -23.98 -11.58 26.10
N PRO C 39 -23.05 -10.80 25.53
CA PRO C 39 -23.20 -10.38 24.13
C PRO C 39 -22.97 -11.50 23.13
N ASP C 40 -22.34 -12.60 23.55
CA ASP C 40 -22.08 -13.72 22.66
C ASP C 40 -21.88 -14.98 23.51
N LYS C 41 -21.76 -16.11 22.83
CA LYS C 41 -21.51 -17.39 23.47
C LYS C 41 -20.04 -17.75 23.56
N VAL C 42 -19.17 -16.74 23.64
CA VAL C 42 -17.73 -16.95 23.67
C VAL C 42 -17.25 -16.91 25.12
N PHE C 43 -16.58 -17.99 25.52
CA PHE C 43 -16.02 -18.07 26.87
C PHE C 43 -14.79 -17.18 26.98
N ARG C 44 -14.71 -16.40 28.07
CA ARG C 44 -13.56 -15.57 28.35
C ARG C 44 -13.23 -15.69 29.83
N SER C 45 -11.94 -15.88 30.14
CA SER C 45 -11.48 -16.16 31.49
C SER C 45 -10.70 -14.97 32.02
N SER C 46 -11.30 -14.24 32.96
CA SER C 46 -10.65 -13.14 33.67
C SER C 46 -10.05 -12.12 32.70
N VAL C 47 -10.94 -11.51 31.91
CA VAL C 47 -10.53 -10.51 30.92
C VAL C 47 -11.49 -9.33 31.00
N LEU C 48 -11.07 -8.21 30.42
CA LEU C 48 -11.89 -7.01 30.31
C LEU C 48 -12.15 -6.76 28.84
N HIS C 49 -13.39 -6.98 28.40
CA HIS C 49 -13.73 -6.94 26.98
C HIS C 49 -14.69 -5.79 26.71
N SER C 50 -14.36 -4.99 25.70
CA SER C 50 -15.21 -3.88 25.27
C SER C 50 -15.95 -4.28 24.00
N THR C 51 -17.28 -4.15 24.03
CA THR C 51 -18.09 -4.51 22.88
C THR C 51 -19.28 -3.57 22.75
N GLN C 52 -19.67 -3.27 21.51
CA GLN C 52 -20.79 -2.39 21.23
C GLN C 52 -21.99 -3.25 20.86
N ASP C 53 -23.10 -3.06 21.56
CA ASP C 53 -24.28 -3.89 21.37
C ASP C 53 -25.48 -3.16 21.98
N LEU C 54 -26.67 -3.73 21.80
CA LEU C 54 -27.89 -3.16 22.36
C LEU C 54 -27.96 -3.52 23.84
N PHE C 55 -27.71 -2.54 24.70
CA PHE C 55 -27.69 -2.76 26.14
C PHE C 55 -28.55 -1.71 26.83
N LEU C 56 -28.99 -2.03 28.04
CA LEU C 56 -29.72 -1.09 28.87
C LEU C 56 -28.74 -0.19 29.61
N PRO C 57 -28.84 1.13 29.49
CA PRO C 57 -27.90 2.02 30.18
C PRO C 57 -27.98 1.87 31.69
N PHE C 58 -26.84 2.07 32.34
CA PHE C 58 -26.77 2.01 33.80
C PHE C 58 -27.54 3.16 34.42
N PHE C 59 -28.14 2.91 35.58
CA PHE C 59 -28.90 3.90 36.34
C PHE C 59 -30.00 4.50 35.46
N SER C 60 -30.66 3.65 34.70
CA SER C 60 -31.64 4.12 33.72
C SER C 60 -32.94 4.48 34.43
N ASN C 61 -33.94 4.89 33.64
CA ASN C 61 -35.26 5.23 34.16
C ASN C 61 -36.28 4.37 33.44
N VAL C 62 -36.89 3.43 34.17
CA VAL C 62 -37.77 2.43 33.59
C VAL C 62 -39.18 2.63 34.14
N THR C 63 -40.15 2.14 33.36
CA THR C 63 -41.56 2.30 33.71
C THR C 63 -42.00 1.18 34.65
N TRP C 64 -42.80 1.54 35.65
CA TRP C 64 -43.20 0.64 36.73
C TRP C 64 -44.68 0.35 36.59
N PHE C 65 -45.06 -0.93 36.70
CA PHE C 65 -46.45 -1.33 36.67
C PHE C 65 -46.74 -2.20 37.89
N HIS C 66 -47.81 -1.89 38.59
CA HIS C 66 -48.19 -2.53 39.83
C HIS C 66 -49.34 -3.51 39.62
N ALA C 67 -49.55 -4.37 40.62
CA ALA C 67 -50.74 -5.21 40.69
C ALA C 67 -50.98 -5.49 42.18
N ILE C 68 -51.87 -4.72 42.78
CA ILE C 68 -52.14 -4.80 44.22
C ILE C 68 -53.64 -4.80 44.44
N HIS C 69 -54.12 -5.69 45.31
CA HIS C 69 -55.53 -5.73 45.65
C HIS C 69 -55.97 -4.44 46.33
N VAL C 70 -55.14 -3.92 47.23
CA VAL C 70 -55.39 -2.69 48.02
C VAL C 70 -56.86 -2.47 48.36
N THR C 76 -60.24 -0.02 42.23
CA THR C 76 -58.99 0.16 41.49
C THR C 76 -58.38 -1.19 41.13
N LYS C 77 -57.71 -1.79 42.11
CA LYS C 77 -57.08 -3.11 42.02
C LYS C 77 -55.83 -3.07 41.13
N ARG C 78 -55.60 -1.94 40.47
CA ARG C 78 -54.41 -1.68 39.66
C ARG C 78 -54.09 -2.87 38.76
N PHE C 79 -54.99 -3.12 37.81
CA PHE C 79 -54.76 -4.15 36.80
C PHE C 79 -54.19 -3.50 35.54
N ASP C 80 -52.96 -3.03 35.67
CA ASP C 80 -52.29 -2.29 34.62
C ASP C 80 -51.63 -3.27 33.65
N ASN C 81 -52.21 -3.40 32.46
CA ASN C 81 -51.63 -4.20 31.37
C ASN C 81 -51.68 -3.38 30.08
N PRO C 82 -50.90 -2.30 29.99
CA PRO C 82 -50.95 -1.46 28.79
C PRO C 82 -50.24 -2.09 27.61
N VAL C 83 -50.29 -1.42 26.46
CA VAL C 83 -49.60 -1.86 25.26
C VAL C 83 -48.47 -0.88 24.97
N LEU C 84 -47.30 -1.42 24.61
CA LEU C 84 -46.10 -0.61 24.43
C LEU C 84 -45.43 -0.95 23.11
N PRO C 85 -44.72 -0.01 22.51
CA PRO C 85 -44.03 -0.28 21.26
C PRO C 85 -42.69 -0.97 21.48
N PHE C 86 -42.13 -1.47 20.38
CA PHE C 86 -40.88 -2.23 20.37
C PHE C 86 -39.94 -1.58 19.36
N ASN C 87 -39.02 -0.74 19.84
CA ASN C 87 -38.08 -0.08 18.94
C ASN C 87 -36.90 -0.98 18.58
N ASP C 88 -36.10 -1.34 19.58
CA ASP C 88 -34.92 -2.17 19.36
C ASP C 88 -34.74 -3.31 20.35
N GLY C 89 -35.42 -3.29 21.49
CA GLY C 89 -35.29 -4.34 22.49
C GLY C 89 -36.02 -4.00 23.76
N VAL C 90 -36.31 -4.99 24.60
CA VAL C 90 -37.07 -4.79 25.82
C VAL C 90 -36.37 -5.46 26.98
N TYR C 91 -36.16 -4.72 28.06
CA TYR C 91 -35.68 -5.27 29.32
C TYR C 91 -36.86 -5.35 30.29
N PHE C 92 -37.11 -6.55 30.81
CA PHE C 92 -38.27 -6.83 31.64
C PHE C 92 -37.81 -7.30 33.02
N ALA C 93 -38.32 -6.67 34.06
CA ALA C 93 -38.08 -7.11 35.43
C ALA C 93 -39.41 -7.46 36.08
N SER C 94 -39.39 -8.46 36.96
CA SER C 94 -40.62 -8.92 37.59
C SER C 94 -40.33 -9.28 39.04
N THR C 95 -40.98 -8.59 39.97
CA THR C 95 -40.96 -8.93 41.39
C THR C 95 -42.32 -9.53 41.72
N GLU C 96 -42.34 -10.84 41.97
CA GLU C 96 -43.58 -11.57 42.17
C GLU C 96 -43.35 -12.69 43.17
N LYS C 97 -44.45 -13.18 43.74
CA LYS C 97 -44.42 -14.34 44.62
C LYS C 97 -45.51 -15.36 44.30
N SER C 98 -46.36 -15.09 43.29
CA SER C 98 -47.44 -16.01 42.95
C SER C 98 -47.58 -16.21 41.45
N ASN C 99 -46.55 -15.86 40.66
CA ASN C 99 -46.56 -16.06 39.21
C ASN C 99 -47.74 -15.37 38.55
N ILE C 100 -47.89 -14.07 38.84
CA ILE C 100 -49.00 -13.30 38.29
C ILE C 100 -48.84 -13.14 36.79
N ILE C 101 -47.67 -12.71 36.34
CA ILE C 101 -47.41 -12.59 34.91
C ILE C 101 -47.20 -13.97 34.32
N ARG C 102 -47.66 -14.17 33.08
CA ARG C 102 -47.64 -15.48 32.47
C ARG C 102 -47.10 -15.52 31.04
N GLY C 103 -46.89 -14.38 30.39
CA GLY C 103 -46.37 -14.42 29.04
C GLY C 103 -46.33 -13.05 28.41
N TRP C 104 -46.13 -13.05 27.09
CA TRP C 104 -45.99 -11.83 26.32
C TRP C 104 -46.56 -12.03 24.92
N ILE C 105 -46.84 -10.91 24.27
CA ILE C 105 -47.36 -10.88 22.91
C ILE C 105 -46.54 -9.86 22.12
N PHE C 106 -46.13 -10.24 20.90
CA PHE C 106 -45.36 -9.37 20.02
C PHE C 106 -45.99 -9.35 18.65
N GLY C 107 -45.93 -8.19 18.00
CA GLY C 107 -46.48 -8.04 16.67
C GLY C 107 -46.48 -6.60 16.23
N THR C 108 -47.12 -6.36 15.09
CA THR C 108 -47.25 -5.03 14.51
C THR C 108 -48.65 -4.47 14.62
N THR C 109 -49.67 -5.25 14.23
CA THR C 109 -51.06 -4.82 14.30
C THR C 109 -51.87 -5.58 15.35
N LEU C 110 -51.54 -6.84 15.61
CA LEU C 110 -52.23 -7.66 16.61
C LEU C 110 -53.72 -7.80 16.29
N ASP C 111 -54.07 -7.75 15.02
CA ASP C 111 -55.45 -7.87 14.56
C ASP C 111 -55.55 -8.84 13.39
N SER C 112 -54.75 -9.91 13.45
CA SER C 112 -54.70 -10.96 12.43
C SER C 112 -54.26 -10.46 11.07
N LYS C 113 -53.79 -9.21 10.97
CA LYS C 113 -53.33 -8.66 9.71
C LYS C 113 -51.84 -8.86 9.47
N THR C 114 -51.11 -9.41 10.44
CA THR C 114 -49.68 -9.62 10.32
C THR C 114 -49.27 -10.76 11.24
N GLN C 115 -48.06 -11.26 11.01
CA GLN C 115 -47.52 -12.34 11.83
C GLN C 115 -47.36 -11.88 13.27
N SER C 116 -47.77 -12.72 14.20
CA SER C 116 -47.77 -12.38 15.62
C SER C 116 -47.14 -13.51 16.44
N LEU C 117 -46.30 -13.14 17.39
CA LEU C 117 -45.67 -14.07 18.31
C LEU C 117 -46.36 -14.02 19.66
N LEU C 118 -46.49 -15.19 20.29
CA LEU C 118 -47.21 -15.32 21.54
C LEU C 118 -46.48 -16.30 22.44
N ILE C 119 -46.33 -15.95 23.71
CA ILE C 119 -45.75 -16.84 24.71
C ILE C 119 -46.66 -16.84 25.93
N VAL C 120 -47.13 -18.01 26.34
CA VAL C 120 -48.04 -18.15 27.47
C VAL C 120 -47.57 -19.31 28.33
N ASN C 121 -47.81 -19.19 29.64
CA ASN C 121 -47.60 -20.28 30.58
C ASN C 121 -48.95 -20.74 31.08
N ASN C 122 -49.36 -21.95 30.70
CA ASN C 122 -50.60 -22.53 31.20
C ASN C 122 -50.35 -23.04 32.62
N ALA C 123 -51.27 -23.85 33.13
CA ALA C 123 -51.04 -24.50 34.41
C ALA C 123 -50.07 -25.67 34.33
N THR C 124 -49.70 -26.11 33.13
CA THR C 124 -48.91 -27.33 33.00
C THR C 124 -47.62 -27.17 32.20
N ASN C 125 -47.64 -26.39 31.13
CA ASN C 125 -46.53 -26.35 30.18
C ASN C 125 -46.21 -24.90 29.84
N VAL C 126 -45.38 -24.70 28.82
CA VAL C 126 -45.09 -23.39 28.26
C VAL C 126 -45.36 -23.45 26.76
N VAL C 127 -46.21 -22.57 26.27
CA VAL C 127 -46.65 -22.58 24.88
C VAL C 127 -46.07 -21.36 24.19
N ILE C 128 -45.29 -21.60 23.14
CA ILE C 128 -44.72 -20.54 22.31
C ILE C 128 -45.25 -20.75 20.89
N LYS C 129 -45.92 -19.73 20.35
CA LYS C 129 -46.54 -19.82 19.04
C LYS C 129 -46.17 -18.62 18.20
N VAL C 130 -46.08 -18.86 16.90
CA VAL C 130 -45.95 -17.81 15.89
C VAL C 130 -47.06 -18.07 14.89
N CYS C 131 -48.11 -17.24 14.95
CA CYS C 131 -49.36 -17.49 14.23
C CYS C 131 -50.05 -16.15 14.01
N GLU C 132 -51.31 -16.20 13.60
CA GLU C 132 -52.14 -15.01 13.41
C GLU C 132 -53.33 -15.11 14.35
N PHE C 133 -53.36 -14.25 15.37
CA PHE C 133 -54.42 -14.24 16.37
C PHE C 133 -55.20 -12.93 16.28
N GLN C 134 -56.47 -13.00 16.68
CA GLN C 134 -57.32 -11.82 16.76
C GLN C 134 -57.32 -11.33 18.21
N PHE C 135 -56.25 -10.63 18.57
CA PHE C 135 -56.08 -10.16 19.93
C PHE C 135 -57.11 -9.08 20.26
N CYS C 136 -57.56 -9.07 21.51
CA CYS C 136 -58.50 -8.08 22.00
C CYS C 136 -57.80 -7.14 22.98
N ASN C 137 -58.57 -6.23 23.57
CA ASN C 137 -57.98 -5.19 24.41
C ASN C 137 -57.37 -5.76 25.69
N ASP C 138 -58.01 -6.76 26.29
CA ASP C 138 -57.61 -7.28 27.60
C ASP C 138 -57.42 -8.79 27.55
N PRO C 139 -56.30 -9.27 27.03
CA PRO C 139 -55.96 -10.69 27.20
C PRO C 139 -55.41 -10.95 28.60
N PHE C 140 -55.83 -12.05 29.20
CA PHE C 140 -55.39 -12.39 30.55
C PHE C 140 -55.70 -13.84 30.85
N LEU C 141 -55.31 -14.26 32.06
CA LEU C 141 -55.58 -15.57 32.61
C LEU C 141 -56.26 -15.40 33.97
N GLY C 142 -56.90 -16.47 34.43
CA GLY C 142 -57.62 -16.42 35.68
C GLY C 142 -57.64 -17.75 36.41
N VAL C 143 -57.22 -17.72 37.68
CA VAL C 143 -57.11 -18.90 38.53
C VAL C 143 -58.21 -18.86 39.57
N TYR C 144 -58.98 -19.93 39.68
CA TYR C 144 -60.07 -20.03 40.64
C TYR C 144 -59.57 -20.63 41.95
N TYR C 145 -60.01 -20.04 43.06
CA TYR C 145 -59.72 -20.55 44.39
C TYR C 145 -61.01 -21.05 45.03
N HIS C 146 -60.98 -22.28 45.54
CA HIS C 146 -62.15 -22.91 46.13
C HIS C 146 -62.01 -22.93 47.64
N LYS C 147 -63.05 -22.49 48.35
CA LYS C 147 -63.04 -22.48 49.80
C LYS C 147 -63.42 -23.82 50.40
N ASN C 148 -63.99 -24.73 49.62
CA ASN C 148 -64.38 -26.04 50.15
C ASN C 148 -63.16 -26.93 50.38
N ASN C 149 -62.22 -26.94 49.44
CA ASN C 149 -60.97 -27.66 49.61
C ASN C 149 -59.81 -26.79 49.13
N LYS C 150 -58.62 -27.06 49.67
CA LYS C 150 -57.43 -26.27 49.37
C LYS C 150 -56.84 -26.75 48.05
N SER C 151 -57.14 -26.03 46.98
CA SER C 151 -56.61 -26.36 45.65
C SER C 151 -56.80 -25.16 44.73
N TRP C 152 -55.74 -24.80 44.01
CA TRP C 152 -55.77 -23.71 43.05
C TRP C 152 -55.48 -24.25 41.65
N MET C 153 -56.32 -23.92 40.69
CA MET C 153 -56.11 -24.29 39.30
C MET C 153 -56.48 -23.13 38.39
N GLU C 154 -55.72 -22.96 37.31
CA GLU C 154 -56.05 -21.98 36.29
C GLU C 154 -57.29 -22.42 35.53
N SER C 155 -58.24 -21.50 35.38
CA SER C 155 -59.51 -21.82 34.72
C SER C 155 -59.77 -20.99 33.49
N GLU C 156 -59.60 -19.67 33.56
CA GLU C 156 -59.96 -18.77 32.48
C GLU C 156 -58.75 -18.40 31.65
N PHE C 157 -58.91 -18.41 30.33
CA PHE C 157 -57.84 -18.05 29.39
C PHE C 157 -58.49 -17.22 28.29
N ARG C 158 -58.32 -15.89 28.35
CA ARG C 158 -58.96 -14.98 27.41
C ARG C 158 -57.89 -14.14 26.72
N VAL C 159 -57.32 -14.69 25.64
CA VAL C 159 -56.25 -14.02 24.93
C VAL C 159 -56.64 -13.78 23.48
N TYR C 160 -56.94 -14.85 22.74
CA TYR C 160 -57.27 -14.75 21.33
C TYR C 160 -58.58 -15.47 21.07
N SER C 161 -59.22 -15.08 19.96
CA SER C 161 -60.49 -15.66 19.54
C SER C 161 -60.38 -16.57 18.33
N SER C 162 -59.27 -16.51 17.60
CA SER C 162 -59.12 -17.34 16.41
C SER C 162 -57.63 -17.53 16.12
N ALA C 163 -57.33 -18.56 15.32
CA ALA C 163 -55.97 -18.85 14.89
C ALA C 163 -56.06 -19.46 13.50
N ASN C 164 -55.89 -18.62 12.47
CA ASN C 164 -56.10 -19.04 11.09
C ASN C 164 -54.84 -19.65 10.48
N ASN C 165 -53.74 -18.88 10.43
CA ASN C 165 -52.51 -19.29 9.76
C ASN C 165 -51.40 -19.34 10.81
N CYS C 166 -51.11 -20.53 11.32
CA CYS C 166 -50.08 -20.73 12.33
C CYS C 166 -48.83 -21.29 11.69
N THR C 167 -47.68 -20.76 12.10
CA THR C 167 -46.39 -21.14 11.54
C THR C 167 -45.52 -21.93 12.51
N PHE C 168 -45.29 -21.41 13.71
CA PHE C 168 -44.40 -22.04 14.68
C PHE C 168 -45.17 -22.44 15.92
N GLU C 169 -44.88 -23.64 16.44
CA GLU C 169 -45.52 -24.15 17.64
C GLU C 169 -44.49 -24.88 18.50
N TYR C 170 -44.54 -24.62 19.81
CA TYR C 170 -43.61 -25.25 20.73
C TYR C 170 -44.28 -25.40 22.10
N VAL C 171 -44.24 -26.61 22.65
CA VAL C 171 -44.75 -26.90 23.98
C VAL C 171 -43.71 -27.72 24.72
N SER C 172 -43.33 -27.28 25.92
CA SER C 172 -42.30 -27.96 26.70
C SER C 172 -42.92 -29.10 27.50
N GLN C 173 -42.11 -29.74 28.34
CA GLN C 173 -42.59 -30.84 29.15
C GLN C 173 -43.56 -30.33 30.23
N PRO C 174 -44.55 -31.14 30.61
CA PRO C 174 -45.51 -30.69 31.63
C PRO C 174 -44.86 -30.53 33.00
N PHE C 175 -45.43 -29.62 33.77
CA PHE C 175 -45.00 -29.38 35.15
C PHE C 175 -46.18 -28.84 35.94
N LEU C 176 -45.96 -28.63 37.23
CA LEU C 176 -47.00 -28.12 38.13
C LEU C 176 -46.36 -27.19 39.14
N MET C 177 -46.75 -25.91 39.11
CA MET C 177 -46.28 -24.93 40.07
C MET C 177 -47.31 -24.74 41.18
N ASP C 178 -47.05 -23.78 42.07
CA ASP C 178 -47.82 -23.69 43.31
C ASP C 178 -49.25 -23.25 43.07
N LEU C 179 -49.47 -22.27 42.18
CA LEU C 179 -50.75 -21.64 41.89
C LEU C 179 -51.30 -20.85 43.06
N GLU C 180 -50.56 -20.71 44.16
CA GLU C 180 -51.05 -20.07 45.37
C GLU C 180 -50.31 -18.77 45.62
N GLY C 181 -51.00 -17.83 46.28
CA GLY C 181 -50.43 -16.54 46.61
C GLY C 181 -49.89 -16.48 48.02
N LYS C 182 -48.56 -16.52 48.17
CA LYS C 182 -47.94 -16.46 49.48
C LYS C 182 -48.13 -15.08 50.09
N GLN C 183 -48.26 -15.05 51.42
CA GLN C 183 -48.44 -13.82 52.17
C GLN C 183 -47.10 -13.33 52.68
N GLY C 184 -46.80 -12.06 52.42
CA GLY C 184 -45.56 -11.43 52.81
C GLY C 184 -44.89 -10.76 51.64
N ASN C 185 -43.59 -10.54 51.75
CA ASN C 185 -42.83 -9.91 50.69
C ASN C 185 -42.61 -10.89 49.53
N PHE C 186 -42.21 -10.32 48.39
CA PHE C 186 -41.97 -11.14 47.20
C PHE C 186 -40.73 -12.01 47.39
N LYS C 187 -40.78 -13.22 46.83
CA LYS C 187 -39.67 -14.16 46.90
C LYS C 187 -39.23 -14.63 45.51
N ASN C 188 -39.61 -13.90 44.46
CA ASN C 188 -39.29 -14.28 43.09
C ASN C 188 -38.93 -13.05 42.29
N LEU C 189 -37.76 -13.08 41.64
CA LEU C 189 -37.33 -12.02 40.74
C LEU C 189 -36.99 -12.65 39.40
N ARG C 190 -37.64 -12.18 38.34
CA ARG C 190 -37.43 -12.69 36.99
C ARG C 190 -36.95 -11.56 36.10
N GLU C 191 -35.82 -11.76 35.43
CA GLU C 191 -35.25 -10.74 34.56
C GLU C 191 -35.12 -11.31 33.15
N PHE C 192 -35.60 -10.55 32.17
CA PHE C 192 -35.67 -11.00 30.79
C PHE C 192 -35.16 -9.91 29.86
N VAL C 193 -34.55 -10.33 28.76
CA VAL C 193 -34.13 -9.44 27.69
C VAL C 193 -34.68 -10.00 26.38
N PHE C 194 -35.43 -9.19 25.65
CA PHE C 194 -36.00 -9.57 24.36
C PHE C 194 -35.35 -8.71 23.28
N LYS C 195 -34.78 -9.36 22.27
CA LYS C 195 -34.14 -8.67 21.15
C LYS C 195 -34.61 -9.29 19.84
N ASN C 196 -34.55 -8.49 18.78
CA ASN C 196 -34.92 -8.96 17.44
C ASN C 196 -33.87 -8.43 16.46
N ILE C 197 -32.92 -9.28 16.09
CA ILE C 197 -31.81 -8.88 15.23
C ILE C 197 -31.62 -9.93 14.13
N ASP C 198 -31.49 -9.46 12.89
CA ASP C 198 -31.23 -10.30 11.73
C ASP C 198 -32.30 -11.38 11.56
N GLY C 199 -33.54 -11.06 11.88
CA GLY C 199 -34.62 -12.01 11.78
C GLY C 199 -34.68 -13.03 12.89
N TYR C 200 -33.80 -12.94 13.88
CA TYR C 200 -33.77 -13.86 15.01
C TYR C 200 -34.29 -13.14 16.25
N PHE C 201 -35.21 -13.77 16.95
CA PHE C 201 -35.78 -13.22 18.18
C PHE C 201 -35.14 -13.94 19.37
N LYS C 202 -34.32 -13.21 20.12
CA LYS C 202 -33.53 -13.79 21.19
C LYS C 202 -34.14 -13.41 22.54
N ILE C 203 -34.34 -14.41 23.39
CA ILE C 203 -34.85 -14.22 24.74
C ILE C 203 -33.80 -14.71 25.72
N TYR C 204 -33.40 -13.83 26.64
CA TYR C 204 -32.44 -14.15 27.70
C TYR C 204 -33.16 -14.07 29.03
N SER C 205 -32.96 -15.06 29.90
CA SER C 205 -33.73 -15.18 31.13
C SER C 205 -32.80 -15.35 32.33
N LYS C 206 -33.31 -14.94 33.49
CA LYS C 206 -32.60 -15.12 34.76
C LYS C 206 -33.61 -15.15 35.90
N HIS C 207 -33.41 -16.08 36.83
CA HIS C 207 -34.28 -16.26 37.99
C HIS C 207 -33.45 -16.03 39.25
N THR C 208 -34.04 -15.32 40.23
CA THR C 208 -33.32 -14.96 41.43
C THR C 208 -34.23 -14.96 42.64
N PRO C 209 -33.77 -15.46 43.79
CA PRO C 209 -34.48 -15.20 45.05
C PRO C 209 -34.32 -13.74 45.45
N ILE C 210 -35.34 -13.23 46.14
CA ILE C 210 -35.35 -11.82 46.55
C ILE C 210 -36.05 -11.71 47.89
N ASN C 211 -35.46 -10.91 48.79
CA ASN C 211 -36.08 -10.57 50.08
C ASN C 211 -35.96 -9.06 50.27
N LEU C 212 -36.91 -8.32 49.70
CA LEU C 212 -36.96 -6.87 49.80
C LEU C 212 -38.29 -6.41 49.20
N VAL C 213 -38.77 -5.26 49.66
CA VAL C 213 -40.16 -4.87 49.40
C VAL C 213 -40.32 -4.25 48.01
N ARG C 214 -39.66 -3.13 47.76
CA ARG C 214 -39.99 -2.30 46.60
C ARG C 214 -38.75 -1.60 46.05
N ASP C 215 -38.93 -0.98 44.89
CA ASP C 215 -37.96 -0.05 44.30
C ASP C 215 -36.70 -0.74 43.82
N LEU C 216 -36.85 -1.92 43.20
CA LEU C 216 -35.80 -2.56 42.41
C LEU C 216 -34.48 -2.68 43.18
N PRO C 217 -34.37 -3.64 44.11
CA PRO C 217 -33.15 -3.75 44.92
C PRO C 217 -31.91 -3.93 44.05
N GLN C 218 -30.81 -3.31 44.52
CA GLN C 218 -29.57 -3.28 43.76
C GLN C 218 -28.97 -4.68 43.65
N GLY C 219 -27.92 -4.78 42.83
CA GLY C 219 -27.26 -6.05 42.60
C GLY C 219 -26.84 -6.23 41.16
N PHE C 220 -25.92 -7.17 40.92
CA PHE C 220 -25.42 -7.46 39.58
C PHE C 220 -25.64 -8.92 39.26
N SER C 221 -26.12 -9.19 38.04
CA SER C 221 -26.39 -10.57 37.61
C SER C 221 -26.42 -10.60 36.09
N ALA C 222 -25.48 -11.33 35.49
CA ALA C 222 -25.48 -11.50 34.05
C ALA C 222 -26.64 -12.41 33.62
N LEU C 223 -27.20 -12.11 32.45
CA LEU C 223 -28.38 -12.82 31.95
C LEU C 223 -27.92 -13.90 30.97
N GLU C 224 -28.03 -15.15 31.39
CA GLU C 224 -27.71 -16.26 30.51
C GLU C 224 -28.75 -16.37 29.40
N PRO C 225 -28.33 -16.68 28.17
CA PRO C 225 -29.29 -16.84 27.08
C PRO C 225 -30.24 -18.00 27.33
N LEU C 226 -31.48 -17.82 26.88
CA LEU C 226 -32.53 -18.81 27.07
C LEU C 226 -32.95 -19.46 25.76
N VAL C 227 -33.32 -18.67 24.75
CA VAL C 227 -33.84 -19.23 23.50
C VAL C 227 -33.58 -18.24 22.37
N ASP C 228 -33.54 -18.75 21.15
CA ASP C 228 -33.38 -17.93 19.95
C ASP C 228 -34.28 -18.52 18.86
N LEU C 229 -35.36 -17.81 18.53
CA LEU C 229 -36.31 -18.27 17.54
C LEU C 229 -35.98 -17.67 16.18
N PRO C 230 -35.70 -18.49 15.16
CA PRO C 230 -35.52 -17.97 13.78
C PRO C 230 -36.85 -17.70 13.09
N ILE C 231 -37.57 -16.70 13.59
CA ILE C 231 -38.91 -16.42 13.08
C ILE C 231 -38.84 -15.57 11.81
N GLY C 232 -37.91 -14.62 11.75
CA GLY C 232 -37.80 -13.75 10.60
C GLY C 232 -38.99 -12.85 10.36
N ILE C 233 -39.54 -12.26 11.42
CA ILE C 233 -40.69 -11.38 11.32
C ILE C 233 -40.31 -10.02 11.91
N ASN C 234 -41.20 -9.05 11.72
CA ASN C 234 -41.01 -7.69 12.19
C ASN C 234 -41.87 -7.46 13.42
N ILE C 235 -41.24 -6.99 14.51
CA ILE C 235 -41.93 -6.70 15.76
C ILE C 235 -41.72 -5.23 16.07
N THR C 236 -42.83 -4.50 16.20
CA THR C 236 -42.80 -3.07 16.52
C THR C 236 -43.62 -2.70 17.75
N ARG C 237 -44.33 -3.66 18.34
CA ARG C 237 -45.19 -3.37 19.48
C ARG C 237 -45.40 -4.65 20.27
N PHE C 238 -45.44 -4.54 21.59
CA PHE C 238 -45.56 -5.70 22.46
C PHE C 238 -46.52 -5.40 23.61
N GLN C 239 -46.92 -6.46 24.30
CA GLN C 239 -47.84 -6.35 25.41
C GLN C 239 -47.48 -7.41 26.46
N THR C 240 -47.92 -7.18 27.68
CA THR C 240 -47.62 -8.05 28.81
C THR C 240 -48.90 -8.71 29.30
N LEU C 241 -48.85 -10.03 29.52
CA LEU C 241 -50.00 -10.80 29.97
C LEU C 241 -49.79 -11.24 31.42
N LEU C 242 -50.79 -10.97 32.26
CA LEU C 242 -50.74 -11.35 33.66
C LEU C 242 -52.02 -12.11 34.02
N ALA C 243 -51.91 -12.95 35.06
CA ALA C 243 -53.00 -13.78 35.50
C ALA C 243 -53.62 -13.21 36.78
N LEU C 244 -54.93 -13.09 36.80
CA LEU C 244 -55.65 -12.59 37.96
C LEU C 244 -56.14 -13.74 38.83
N HIS C 245 -56.73 -13.41 39.98
CA HIS C 245 -57.23 -14.39 40.92
C HIS C 245 -58.70 -14.15 41.17
N ARG C 246 -59.47 -15.24 41.30
CA ARG C 246 -60.89 -15.17 41.59
C ARG C 246 -61.23 -16.16 42.70
N SER C 247 -62.05 -15.71 43.65
CA SER C 247 -62.44 -16.56 44.77
C SER C 247 -63.92 -16.38 45.10
N GLY C 252 -69.38 -11.59 41.94
CA GLY C 252 -70.52 -12.00 41.14
C GLY C 252 -70.18 -12.15 39.67
N ASP C 253 -70.35 -11.08 38.92
CA ASP C 253 -70.06 -11.10 37.48
C ASP C 253 -68.56 -11.20 37.25
N SER C 254 -68.20 -11.78 36.10
CA SER C 254 -66.80 -11.90 35.74
C SER C 254 -66.13 -10.54 35.51
N SER C 255 -66.91 -9.50 35.22
CA SER C 255 -66.39 -8.17 35.02
C SER C 255 -66.22 -7.39 36.32
N SER C 256 -66.58 -7.97 37.46
CA SER C 256 -66.41 -7.31 38.75
C SER C 256 -65.69 -8.18 39.78
N GLY C 257 -65.96 -9.48 39.78
CA GLY C 257 -65.46 -10.36 40.83
C GLY C 257 -64.10 -11.00 40.61
N TRP C 258 -63.02 -10.22 40.75
CA TRP C 258 -61.68 -10.78 40.67
C TRP C 258 -60.82 -10.19 41.77
N THR C 259 -59.72 -10.86 42.06
CA THR C 259 -58.71 -10.39 43.00
C THR C 259 -57.40 -10.18 42.25
N ALA C 260 -56.73 -9.05 42.54
CA ALA C 260 -55.54 -8.68 41.79
C ALA C 260 -54.35 -9.57 42.13
N GLY C 261 -53.93 -9.56 43.38
CA GLY C 261 -52.74 -10.29 43.79
C GLY C 261 -51.49 -9.48 43.58
N ALA C 262 -50.65 -9.40 44.61
CA ALA C 262 -49.48 -8.51 44.58
C ALA C 262 -48.47 -8.97 43.54
N ALA C 263 -47.95 -8.01 42.77
CA ALA C 263 -46.94 -8.24 41.75
C ALA C 263 -46.48 -6.89 41.22
N ALA C 264 -45.28 -6.86 40.65
CA ALA C 264 -44.80 -5.65 40.01
C ALA C 264 -43.89 -6.02 38.85
N TYR C 265 -43.94 -5.22 37.77
CA TYR C 265 -43.05 -5.45 36.65
C TYR C 265 -42.55 -4.14 36.07
N TYR C 266 -41.32 -4.18 35.59
CA TYR C 266 -40.57 -3.01 35.16
C TYR C 266 -40.22 -3.18 33.69
N VAL C 267 -40.44 -2.13 32.90
CA VAL C 267 -40.20 -2.17 31.46
C VAL C 267 -39.16 -1.10 31.12
N GLY C 268 -38.13 -1.50 30.38
CA GLY C 268 -37.12 -0.57 29.92
C GLY C 268 -36.72 -0.85 28.49
N TYR C 269 -36.09 0.15 27.88
CA TYR C 269 -35.71 0.09 26.48
C TYR C 269 -34.19 0.00 26.35
N LEU C 270 -33.74 -0.82 25.40
CA LEU C 270 -32.32 -0.98 25.14
C LEU C 270 -31.85 0.04 24.11
N GLN C 271 -30.58 0.43 24.23
CA GLN C 271 -29.97 1.39 23.32
C GLN C 271 -28.64 0.86 22.83
N PRO C 272 -28.20 1.28 21.64
CA PRO C 272 -26.87 0.86 21.16
C PRO C 272 -25.76 1.53 21.93
N ARG C 273 -25.08 0.77 22.79
CA ARG C 273 -24.09 1.32 23.70
C ARG C 273 -22.85 0.42 23.70
N THR C 274 -21.72 1.02 24.07
CA THR C 274 -20.46 0.31 24.23
C THR C 274 -20.28 -0.04 25.70
N PHE C 275 -20.08 -1.33 25.98
CA PHE C 275 -20.00 -1.84 27.33
C PHE C 275 -18.65 -2.52 27.56
N LEU C 276 -18.07 -2.28 28.73
CA LEU C 276 -16.90 -2.98 29.20
C LEU C 276 -17.33 -4.04 30.20
N LEU C 277 -17.08 -5.31 29.89
CA LEU C 277 -17.51 -6.43 30.70
C LEU C 277 -16.30 -7.13 31.30
N LYS C 278 -16.41 -7.50 32.57
CA LYS C 278 -15.37 -8.26 33.27
C LYS C 278 -15.77 -9.72 33.26
N TYR C 279 -15.10 -10.51 32.42
CA TYR C 279 -15.36 -11.94 32.30
C TYR C 279 -14.50 -12.67 33.32
N ASN C 280 -15.14 -13.33 34.28
CA ASN C 280 -14.42 -14.09 35.30
C ASN C 280 -13.86 -15.37 34.69
N GLU C 281 -13.01 -16.04 35.47
CA GLU C 281 -12.43 -17.31 35.03
C GLU C 281 -13.49 -18.39 34.87
N ASN C 282 -14.67 -18.22 35.46
CA ASN C 282 -15.79 -19.11 35.25
C ASN C 282 -16.56 -18.82 33.97
N GLY C 283 -16.20 -17.75 33.26
CA GLY C 283 -16.91 -17.38 32.06
C GLY C 283 -18.16 -16.55 32.27
N THR C 284 -18.36 -16.02 33.48
CA THR C 284 -19.51 -15.20 33.80
C THR C 284 -19.11 -13.75 33.97
N ILE C 285 -20.09 -12.86 33.82
CA ILE C 285 -19.86 -11.43 33.95
C ILE C 285 -20.25 -10.99 35.35
N THR C 286 -19.35 -10.28 36.02
CA THR C 286 -19.60 -9.78 37.36
C THR C 286 -19.57 -8.26 37.48
N ASP C 287 -18.84 -7.57 36.60
CA ASP C 287 -18.75 -6.12 36.64
C ASP C 287 -18.84 -5.56 35.22
N ALA C 288 -19.41 -4.36 35.10
CA ALA C 288 -19.60 -3.76 33.80
C ALA C 288 -19.49 -2.24 33.90
N VAL C 289 -19.11 -1.62 32.78
CA VAL C 289 -18.95 -0.18 32.66
C VAL C 289 -19.70 0.28 31.41
N ASP C 290 -20.51 1.33 31.55
CA ASP C 290 -21.31 1.85 30.45
C ASP C 290 -20.48 2.61 29.43
N CYS C 291 -19.27 3.03 29.79
CA CYS C 291 -18.32 3.71 28.91
C CYS C 291 -18.75 5.14 28.59
N ALA C 292 -19.95 5.53 28.98
CA ALA C 292 -20.40 6.91 28.80
C ALA C 292 -21.26 7.43 29.93
N LEU C 293 -21.48 6.65 31.00
CA LEU C 293 -22.34 7.10 32.08
C LEU C 293 -21.72 8.26 32.85
N ASP C 294 -20.45 8.16 33.17
CA ASP C 294 -19.72 9.19 33.89
C ASP C 294 -18.35 9.35 33.26
N PRO C 295 -17.71 10.51 33.44
CA PRO C 295 -16.33 10.65 32.95
C PRO C 295 -15.38 9.62 33.53
N LEU C 296 -15.57 9.25 34.79
CA LEU C 296 -14.77 8.17 35.37
C LEU C 296 -15.03 6.85 34.66
N SER C 297 -16.29 6.56 34.34
CA SER C 297 -16.62 5.35 33.59
C SER C 297 -15.99 5.37 32.20
N GLU C 298 -16.02 6.54 31.54
CA GLU C 298 -15.39 6.66 30.23
C GLU C 298 -13.89 6.44 30.32
N THR C 299 -13.25 6.98 31.35
CA THR C 299 -11.81 6.77 31.54
C THR C 299 -11.50 5.30 31.78
N LYS C 300 -12.31 4.63 32.62
CA LYS C 300 -12.11 3.20 32.84
C LYS C 300 -12.27 2.41 31.56
N CYS C 301 -13.27 2.77 30.75
CA CYS C 301 -13.54 2.04 29.52
C CYS C 301 -12.41 2.24 28.50
N THR C 302 -11.92 3.47 28.37
CA THR C 302 -10.85 3.75 27.41
C THR C 302 -9.49 3.25 27.89
N LEU C 303 -9.32 3.04 29.20
CA LEU C 303 -8.09 2.46 29.72
C LEU C 303 -8.16 0.95 29.86
N LYS C 304 -9.31 0.34 29.55
CA LYS C 304 -9.51 -1.11 29.62
C LYS C 304 -9.16 -1.65 31.00
N SER C 305 -9.53 -0.90 32.04
CA SER C 305 -9.26 -1.31 33.41
C SER C 305 -10.37 -0.79 34.32
N PHE C 306 -10.75 -1.59 35.30
CA PHE C 306 -11.76 -1.18 36.27
C PHE C 306 -11.20 -0.26 37.34
N THR C 307 -9.88 -0.15 37.45
CA THR C 307 -9.22 0.78 38.36
C THR C 307 -8.31 1.68 37.55
N VAL C 308 -8.24 2.95 37.93
CA VAL C 308 -7.45 3.96 37.22
C VAL C 308 -6.47 4.58 38.20
N GLU C 309 -5.21 4.68 37.78
CA GLU C 309 -4.20 5.33 38.60
C GLU C 309 -4.42 6.84 38.62
N LYS C 310 -3.91 7.48 39.66
CA LYS C 310 -4.07 8.92 39.81
C LYS C 310 -3.30 9.65 38.70
N GLY C 311 -3.98 10.57 38.04
CA GLY C 311 -3.38 11.31 36.95
C GLY C 311 -4.45 11.87 36.03
N ILE C 312 -3.99 12.30 34.86
CA ILE C 312 -4.84 12.88 33.83
C ILE C 312 -4.74 12.01 32.58
N TYR C 313 -5.88 11.75 31.95
CA TYR C 313 -5.96 10.93 30.76
C TYR C 313 -6.79 11.64 29.70
N GLN C 314 -6.27 11.69 28.48
CA GLN C 314 -7.02 12.23 27.34
C GLN C 314 -8.16 11.28 27.02
N THR C 315 -9.39 11.66 27.39
CA THR C 315 -10.50 10.72 27.40
C THR C 315 -11.29 10.74 26.09
N SER C 316 -11.86 11.88 25.73
CA SER C 316 -12.79 11.91 24.60
C SER C 316 -12.64 13.24 23.85
N ASN C 317 -13.60 13.53 22.98
CA ASN C 317 -13.61 14.76 22.20
C ASN C 317 -14.96 15.43 22.35
N PHE C 318 -14.94 16.75 22.57
CA PHE C 318 -16.15 17.56 22.68
C PHE C 318 -16.37 18.30 21.38
N ARG C 319 -17.57 18.18 20.82
CA ARG C 319 -17.96 18.86 19.58
C ARG C 319 -19.38 19.38 19.74
N VAL C 320 -19.62 20.59 19.24
CA VAL C 320 -20.95 21.20 19.32
C VAL C 320 -21.79 20.68 18.16
N GLN C 321 -22.87 19.99 18.49
CA GLN C 321 -23.75 19.43 17.47
C GLN C 321 -24.59 20.54 16.84
N PRO C 322 -24.87 20.46 15.53
CA PRO C 322 -25.71 21.47 14.90
C PRO C 322 -27.17 21.29 15.29
N THR C 323 -27.92 22.38 15.16
CA THR C 323 -29.34 22.41 15.52
C THR C 323 -30.26 22.67 14.34
N GLU C 324 -29.81 23.38 13.31
CA GLU C 324 -30.67 23.79 12.22
C GLU C 324 -29.89 23.72 10.91
N SER C 325 -30.63 23.63 9.80
CA SER C 325 -30.08 23.70 8.46
C SER C 325 -30.64 24.91 7.74
N ILE C 326 -29.78 25.64 7.04
CA ILE C 326 -30.16 26.84 6.32
C ILE C 326 -29.86 26.66 4.83
N VAL C 327 -30.71 27.27 4.00
CA VAL C 327 -30.63 27.15 2.55
C VAL C 327 -30.68 28.55 1.95
N ARG C 328 -29.76 28.83 1.02
CA ARG C 328 -29.61 30.15 0.41
C ARG C 328 -29.51 30.05 -1.11
N PHE C 329 -30.41 29.28 -1.72
CA PHE C 329 -30.47 29.21 -3.16
C PHE C 329 -30.95 30.54 -3.75
N PRO C 330 -30.60 30.82 -5.00
CA PRO C 330 -30.98 32.11 -5.61
C PRO C 330 -32.49 32.25 -5.77
N ASN C 331 -32.89 33.44 -6.23
CA ASN C 331 -34.30 33.81 -6.29
C ASN C 331 -35.02 33.18 -7.47
N ILE C 332 -34.30 32.86 -8.56
CA ILE C 332 -34.95 32.48 -9.81
C ILE C 332 -35.76 31.19 -9.62
N THR C 333 -36.84 31.07 -10.41
CA THR C 333 -37.70 29.91 -10.32
C THR C 333 -38.17 29.40 -11.69
N ASN C 334 -37.63 29.93 -12.78
CA ASN C 334 -38.04 29.49 -14.11
C ASN C 334 -37.59 28.06 -14.36
N LEU C 335 -38.46 27.27 -14.98
CA LEU C 335 -38.18 25.87 -15.24
C LEU C 335 -37.28 25.72 -16.47
N CYS C 336 -36.68 24.54 -16.58
CA CYS C 336 -35.82 24.25 -17.72
C CYS C 336 -36.63 24.11 -19.00
N PRO C 337 -36.03 24.43 -20.15
CA PRO C 337 -36.66 24.16 -21.46
C PRO C 337 -36.44 22.73 -21.94
N PHE C 338 -36.75 21.77 -21.08
CA PHE C 338 -36.56 20.36 -21.41
C PHE C 338 -37.55 19.85 -22.44
N GLY C 339 -38.57 20.63 -22.78
CA GLY C 339 -39.54 20.17 -23.77
C GLY C 339 -38.91 19.92 -25.14
N GLU C 340 -38.03 20.81 -25.57
CA GLU C 340 -37.34 20.65 -26.84
C GLU C 340 -36.11 19.76 -26.74
N VAL C 341 -35.74 19.33 -25.53
CA VAL C 341 -34.58 18.47 -25.35
C VAL C 341 -34.97 17.01 -25.37
N PHE C 342 -36.05 16.65 -24.68
CA PHE C 342 -36.50 15.26 -24.60
C PHE C 342 -37.64 14.98 -25.57
N ASN C 343 -38.74 15.72 -25.46
CA ASN C 343 -39.90 15.51 -26.32
C ASN C 343 -39.85 16.43 -27.53
N ALA C 344 -38.83 16.21 -28.36
CA ALA C 344 -38.64 16.97 -29.58
C ALA C 344 -39.06 16.14 -30.79
N THR C 345 -39.50 16.82 -31.84
CA THR C 345 -39.98 16.14 -33.04
C THR C 345 -38.85 15.36 -33.72
N ARG C 346 -37.67 15.97 -33.82
CA ARG C 346 -36.55 15.34 -34.50
C ARG C 346 -35.26 15.60 -33.73
N PHE C 347 -34.31 14.67 -33.88
CA PHE C 347 -32.98 14.79 -33.30
C PHE C 347 -31.94 14.78 -34.41
N ALA C 348 -30.79 15.38 -34.13
CA ALA C 348 -29.72 15.46 -35.11
C ALA C 348 -28.91 14.16 -35.13
N SER C 349 -28.00 14.08 -36.09
CA SER C 349 -27.17 12.90 -36.25
C SER C 349 -26.13 12.81 -35.14
N VAL C 350 -25.52 11.62 -35.01
CA VAL C 350 -24.54 11.40 -33.95
C VAL C 350 -23.28 12.22 -34.19
N TYR C 351 -22.87 12.36 -35.45
CA TYR C 351 -21.68 13.13 -35.78
C TYR C 351 -21.95 14.63 -35.81
N ALA C 352 -23.22 15.04 -35.72
CA ALA C 352 -23.62 16.44 -35.66
C ALA C 352 -24.65 16.62 -34.55
N TRP C 353 -24.32 16.10 -33.37
CA TRP C 353 -25.28 16.05 -32.26
C TRP C 353 -25.75 17.45 -31.88
N ASN C 354 -27.03 17.55 -31.53
CA ASN C 354 -27.62 18.83 -31.16
C ASN C 354 -27.07 19.26 -29.80
N ARG C 355 -26.46 20.45 -29.75
CA ARG C 355 -25.86 20.97 -28.54
C ARG C 355 -26.71 22.10 -27.99
N LYS C 356 -27.09 22.00 -26.73
CA LYS C 356 -27.92 22.99 -26.06
C LYS C 356 -27.30 23.36 -24.72
N ARG C 357 -27.45 24.62 -24.34
CA ARG C 357 -26.91 25.13 -23.08
C ARG C 357 -28.05 25.54 -22.16
N ILE C 358 -28.02 25.05 -20.93
CA ILE C 358 -29.06 25.29 -19.94
C ILE C 358 -28.44 25.99 -18.74
N SER C 359 -29.00 27.14 -18.38
CA SER C 359 -28.53 27.94 -17.26
C SER C 359 -29.60 28.98 -16.93
N ASN C 360 -29.45 29.61 -15.76
CA ASN C 360 -30.31 30.71 -15.31
C ASN C 360 -31.77 30.27 -15.27
N CYS C 361 -32.01 29.06 -14.78
CA CYS C 361 -33.36 28.53 -14.64
C CYS C 361 -33.36 27.55 -13.48
N VAL C 362 -34.38 26.70 -13.39
CA VAL C 362 -34.49 25.70 -12.35
C VAL C 362 -34.66 24.33 -13.00
N ALA C 363 -33.85 23.36 -12.55
CA ALA C 363 -33.85 22.01 -13.10
C ALA C 363 -34.48 21.05 -12.11
N ASP C 364 -35.41 20.23 -12.60
CA ASP C 364 -36.12 19.26 -11.77
C ASP C 364 -35.89 17.89 -12.43
N TYR C 365 -34.91 17.15 -11.91
CA TYR C 365 -34.62 15.80 -12.40
C TYR C 365 -35.44 14.72 -11.72
N SER C 366 -36.23 15.09 -10.70
CA SER C 366 -37.05 14.10 -10.00
C SER C 366 -38.10 13.50 -10.93
N VAL C 367 -38.72 14.34 -11.76
CA VAL C 367 -39.72 13.83 -12.69
C VAL C 367 -39.07 12.96 -13.76
N LEU C 368 -37.87 13.32 -14.21
CA LEU C 368 -37.16 12.51 -15.18
C LEU C 368 -36.78 11.15 -14.62
N TYR C 369 -36.29 11.13 -13.37
CA TYR C 369 -35.92 9.86 -12.75
C TYR C 369 -37.14 8.97 -12.51
N ASN C 370 -38.26 9.58 -12.09
CA ASN C 370 -39.48 8.84 -11.81
C ASN C 370 -40.33 8.59 -13.04
N SER C 371 -39.93 9.12 -14.20
CA SER C 371 -40.71 8.90 -15.42
C SER C 371 -40.73 7.42 -15.81
N ALA C 372 -39.61 6.73 -15.64
CA ALA C 372 -39.43 5.31 -15.95
C ALA C 372 -39.64 5.01 -17.43
N SER C 373 -39.62 6.02 -18.29
CA SER C 373 -39.74 5.82 -19.73
C SER C 373 -38.40 5.77 -20.43
N PHE C 374 -37.30 5.84 -19.69
CA PHE C 374 -35.95 5.83 -20.26
C PHE C 374 -35.32 4.47 -20.02
N SER C 375 -34.79 3.86 -21.09
CA SER C 375 -34.19 2.54 -20.97
C SER C 375 -32.93 2.57 -20.12
N THR C 376 -32.07 3.58 -20.33
CA THR C 376 -30.79 3.67 -19.64
C THR C 376 -30.65 5.04 -19.01
N PHE C 377 -30.31 5.06 -17.71
CA PHE C 377 -30.02 6.28 -16.96
C PHE C 377 -28.69 6.02 -16.26
N LYS C 378 -27.57 6.27 -16.95
CA LYS C 378 -26.28 5.79 -16.48
C LYS C 378 -25.31 6.97 -16.32
N CYS C 379 -24.67 7.05 -15.15
CA CYS C 379 -23.82 8.21 -14.89
C CYS C 379 -22.87 8.12 -13.71
N TYR C 380 -21.94 9.09 -13.73
CA TYR C 380 -20.79 9.11 -12.85
C TYR C 380 -20.49 10.55 -12.45
N GLY C 381 -19.78 10.70 -11.33
CA GLY C 381 -19.47 12.00 -10.79
C GLY C 381 -20.59 12.51 -9.90
N VAL C 382 -21.82 12.17 -10.25
CA VAL C 382 -23.01 12.52 -9.48
C VAL C 382 -23.90 11.30 -9.38
N SER C 383 -24.54 11.13 -8.22
CA SER C 383 -25.45 10.01 -8.03
C SER C 383 -26.68 10.17 -8.92
N PRO C 384 -27.35 9.07 -9.27
CA PRO C 384 -28.60 9.20 -10.04
C PRO C 384 -29.64 10.04 -9.33
N THR C 385 -29.72 9.94 -8.00
CA THR C 385 -30.59 10.77 -7.19
C THR C 385 -29.80 11.95 -6.64
N LYS C 386 -30.41 12.69 -5.73
CA LYS C 386 -29.78 13.80 -5.02
C LYS C 386 -29.39 14.93 -5.98
N LEU C 387 -30.14 15.09 -7.08
CA LEU C 387 -29.91 16.21 -7.99
C LEU C 387 -30.69 17.45 -7.60
N ASN C 388 -31.62 17.35 -6.63
CA ASN C 388 -32.44 18.49 -6.27
C ASN C 388 -31.68 19.49 -5.43
N ASP C 389 -30.76 19.03 -4.59
CA ASP C 389 -29.99 19.90 -3.70
C ASP C 389 -28.63 20.28 -4.27
N LEU C 390 -28.37 19.94 -5.53
CA LEU C 390 -27.09 20.21 -6.17
C LEU C 390 -27.29 21.10 -7.39
N CYS C 391 -26.31 21.97 -7.63
CA CYS C 391 -26.29 22.74 -8.87
C CYS C 391 -24.89 23.24 -9.14
N PHE C 392 -24.64 23.57 -10.40
CA PHE C 392 -23.31 23.93 -10.88
C PHE C 392 -23.44 25.14 -11.80
N THR C 393 -22.34 25.45 -12.51
CA THR C 393 -22.29 26.66 -13.32
C THR C 393 -23.24 26.59 -14.51
N ASN C 394 -23.19 25.49 -15.27
CA ASN C 394 -23.96 25.40 -16.50
C ASN C 394 -24.22 23.93 -16.81
N VAL C 395 -25.19 23.70 -17.70
CA VAL C 395 -25.55 22.36 -18.14
C VAL C 395 -25.40 22.31 -19.66
N TYR C 396 -24.74 21.26 -20.15
CA TYR C 396 -24.61 21.03 -21.58
C TYR C 396 -25.38 19.78 -21.97
N ALA C 397 -26.28 19.91 -22.93
CA ALA C 397 -27.12 18.80 -23.39
C ALA C 397 -26.73 18.45 -24.82
N ASP C 398 -26.38 17.19 -25.04
CA ASP C 398 -25.99 16.68 -26.35
C ASP C 398 -26.99 15.61 -26.76
N SER C 399 -27.85 15.91 -27.73
CA SER C 399 -28.90 15.01 -28.16
C SER C 399 -28.50 14.36 -29.48
N PHE C 400 -28.68 13.05 -29.56
CA PHE C 400 -28.34 12.30 -30.77
C PHE C 400 -29.11 10.98 -30.78
N VAL C 401 -28.99 10.25 -31.88
CA VAL C 401 -29.63 8.95 -32.06
C VAL C 401 -28.58 7.95 -32.49
N ILE C 402 -28.56 6.78 -31.85
CA ILE C 402 -27.61 5.72 -32.16
C ILE C 402 -28.36 4.39 -32.19
N ARG C 403 -27.60 3.31 -32.39
CA ARG C 403 -28.17 1.97 -32.45
C ARG C 403 -28.21 1.35 -31.06
N GLY C 404 -28.50 0.06 -30.98
CA GLY C 404 -28.64 -0.63 -29.72
C GLY C 404 -27.35 -0.82 -28.96
N ASP C 405 -26.38 -1.52 -29.58
CA ASP C 405 -25.11 -1.79 -28.91
C ASP C 405 -24.25 -0.56 -28.72
N GLU C 406 -24.59 0.55 -29.38
CA GLU C 406 -23.81 1.78 -29.24
C GLU C 406 -24.00 2.43 -27.87
N VAL C 407 -25.03 2.02 -27.13
CA VAL C 407 -25.27 2.60 -25.81
C VAL C 407 -24.09 2.34 -24.88
N ARG C 408 -23.53 1.12 -24.94
CA ARG C 408 -22.37 0.80 -24.12
C ARG C 408 -21.17 1.67 -24.46
N GLN C 409 -20.96 1.93 -25.76
CA GLN C 409 -19.81 2.73 -26.19
C GLN C 409 -19.92 4.19 -25.74
N ILE C 410 -21.12 4.66 -25.41
CA ILE C 410 -21.30 6.03 -24.94
C ILE C 410 -21.09 6.00 -23.42
N ALA C 411 -19.82 6.10 -23.02
CA ALA C 411 -19.44 6.04 -21.63
C ALA C 411 -18.02 6.59 -21.50
N PRO C 412 -17.67 7.19 -20.37
CA PRO C 412 -16.30 7.71 -20.21
C PRO C 412 -15.32 6.57 -19.97
N GLY C 413 -14.25 6.55 -20.75
CA GLY C 413 -13.26 5.50 -20.66
C GLY C 413 -13.59 4.23 -21.41
N GLN C 414 -14.68 4.22 -22.16
CA GLN C 414 -15.10 3.03 -22.91
C GLN C 414 -14.60 3.13 -24.35
N THR C 415 -13.95 2.07 -24.81
CA THR C 415 -13.42 2.03 -26.17
C THR C 415 -14.52 1.68 -27.16
N GLY C 416 -14.22 1.91 -28.44
CA GLY C 416 -15.17 1.63 -29.49
C GLY C 416 -14.88 2.41 -30.76
N LYS C 417 -15.21 1.84 -31.91
CA LYS C 417 -14.94 2.51 -33.18
C LYS C 417 -15.79 3.76 -33.33
N ILE C 418 -17.10 3.65 -33.08
CA ILE C 418 -18.00 4.79 -33.22
C ILE C 418 -17.72 5.82 -32.12
N ALA C 419 -17.45 5.35 -30.90
CA ALA C 419 -17.16 6.28 -29.81
C ALA C 419 -15.88 7.06 -30.05
N ASP C 420 -14.88 6.44 -30.67
CA ASP C 420 -13.62 7.11 -30.99
C ASP C 420 -13.71 7.96 -32.24
N TYR C 421 -14.75 7.79 -33.07
CA TYR C 421 -14.87 8.51 -34.33
C TYR C 421 -15.95 9.57 -34.32
N ASN C 422 -16.98 9.44 -33.48
CA ASN C 422 -18.10 10.35 -33.48
C ASN C 422 -18.19 11.18 -32.20
N TYR C 423 -18.26 10.54 -31.04
CA TYR C 423 -18.44 11.25 -29.78
C TYR C 423 -17.82 10.44 -28.66
N LYS C 424 -16.86 11.04 -27.96
CA LYS C 424 -16.18 10.39 -26.84
C LYS C 424 -16.29 11.26 -25.61
N LEU C 425 -16.52 10.62 -24.46
CA LEU C 425 -16.54 11.34 -23.20
C LEU C 425 -15.12 11.42 -22.62
N PRO C 426 -14.81 12.50 -21.91
CA PRO C 426 -13.48 12.62 -21.29
C PRO C 426 -13.28 11.62 -20.17
N ASP C 427 -12.01 11.40 -19.84
CA ASP C 427 -11.68 10.46 -18.77
C ASP C 427 -12.24 10.92 -17.43
N ASP C 428 -12.19 12.23 -17.16
CA ASP C 428 -12.72 12.80 -15.94
C ASP C 428 -14.13 13.34 -16.12
N PHE C 429 -14.92 12.69 -16.98
CA PHE C 429 -16.27 13.15 -17.26
C PHE C 429 -17.16 13.04 -16.02
N THR C 430 -17.94 14.09 -15.79
CA THR C 430 -19.00 14.08 -14.79
C THR C 430 -20.32 14.37 -15.50
N GLY C 431 -21.36 13.64 -15.10
CA GLY C 431 -22.63 13.74 -15.78
C GLY C 431 -23.06 12.39 -16.28
N CYS C 432 -23.99 12.41 -17.26
CA CYS C 432 -24.60 11.15 -17.66
C CYS C 432 -25.46 11.15 -18.91
N VAL C 433 -25.93 9.93 -19.19
CA VAL C 433 -26.60 9.60 -20.45
C VAL C 433 -27.98 9.06 -20.12
N ILE C 434 -28.98 9.55 -20.86
CA ILE C 434 -30.36 9.09 -20.80
C ILE C 434 -30.71 8.57 -22.19
N ALA C 435 -30.98 7.27 -22.28
CA ALA C 435 -31.26 6.61 -23.54
C ALA C 435 -32.64 5.97 -23.48
N TRP C 436 -33.45 6.22 -24.51
CA TRP C 436 -34.78 5.65 -24.59
C TRP C 436 -35.03 5.10 -25.99
N ASN C 437 -35.83 4.03 -26.05
CA ASN C 437 -36.15 3.40 -27.32
C ASN C 437 -37.12 4.27 -28.12
N SER C 438 -36.90 4.32 -29.43
CA SER C 438 -37.75 5.11 -30.33
C SER C 438 -38.07 4.29 -31.58
N ASN C 439 -38.47 3.03 -31.36
CA ASN C 439 -38.83 2.17 -32.47
C ASN C 439 -40.09 2.63 -33.20
N ASN C 440 -40.96 3.39 -32.52
CA ASN C 440 -42.19 3.89 -33.12
C ASN C 440 -42.04 5.28 -33.73
N LEU C 441 -40.87 5.90 -33.60
CA LEU C 441 -40.65 7.24 -34.13
C LEU C 441 -39.49 7.33 -35.10
N ASP C 442 -38.38 6.66 -34.81
CA ASP C 442 -37.19 6.73 -35.66
C ASP C 442 -37.06 5.55 -36.61
N SER C 443 -38.03 4.64 -36.64
CA SER C 443 -38.01 3.48 -37.51
C SER C 443 -39.16 3.56 -38.50
N LYS C 444 -38.85 3.41 -39.78
CA LYS C 444 -39.83 3.46 -40.85
C LYS C 444 -39.70 2.22 -41.71
N VAL C 445 -40.85 1.75 -42.23
CA VAL C 445 -40.85 0.57 -43.09
C VAL C 445 -40.07 0.88 -44.36
N GLY C 446 -39.28 -0.11 -44.81
CA GLY C 446 -38.43 0.05 -45.96
C GLY C 446 -37.04 0.60 -45.65
N GLY C 447 -36.77 0.97 -44.40
CA GLY C 447 -35.46 1.46 -44.03
C GLY C 447 -35.40 2.97 -43.92
N ASN C 448 -34.98 3.47 -42.77
CA ASN C 448 -34.82 4.91 -42.54
C ASN C 448 -33.33 5.25 -42.64
N TYR C 449 -33.00 6.14 -43.57
CA TYR C 449 -31.62 6.48 -43.89
C TYR C 449 -31.35 7.97 -43.66
N ASN C 450 -31.97 8.55 -42.65
CA ASN C 450 -31.77 9.95 -42.31
C ASN C 450 -30.77 10.15 -41.18
N TYR C 451 -30.18 9.08 -40.65
CA TYR C 451 -29.18 9.17 -39.59
C TYR C 451 -27.85 8.67 -40.11
N LEU C 452 -26.80 9.47 -39.91
CA LEU C 452 -25.48 9.19 -40.43
C LEU C 452 -24.46 9.12 -39.30
N TYR C 453 -23.40 8.33 -39.52
CA TYR C 453 -22.30 8.24 -38.57
C TYR C 453 -21.00 8.12 -39.33
N ARG C 454 -19.94 8.70 -38.75
CA ARG C 454 -18.62 8.64 -39.35
C ARG C 454 -18.08 7.21 -39.29
N LEU C 455 -17.44 6.79 -40.37
CA LEU C 455 -16.90 5.43 -40.48
C LEU C 455 -15.38 5.42 -40.59
N PHE C 456 -14.81 6.24 -41.47
CA PHE C 456 -13.38 6.28 -41.70
C PHE C 456 -12.85 7.68 -41.37
N ARG C 457 -11.76 7.74 -40.60
CA ARG C 457 -11.12 8.99 -40.27
C ARG C 457 -9.67 8.71 -39.90
N LYS C 458 -8.88 9.78 -39.87
CA LYS C 458 -7.46 9.67 -39.55
C LYS C 458 -7.27 9.26 -38.09
N ASN C 460 -5.96 12.40 -33.71
CA ASN C 460 -7.02 11.89 -32.86
C ASN C 460 -8.09 12.94 -32.62
N LEU C 461 -9.16 12.56 -31.94
CA LEU C 461 -10.26 13.45 -31.62
C LEU C 461 -10.24 13.79 -30.14
N LYS C 462 -10.22 15.09 -29.84
CA LYS C 462 -10.25 15.53 -28.45
C LYS C 462 -11.65 15.34 -27.88
N PRO C 463 -11.77 15.24 -26.55
CA PRO C 463 -13.10 15.19 -25.95
C PRO C 463 -13.90 16.45 -26.24
N PHE C 464 -15.20 16.27 -26.44
CA PHE C 464 -16.13 17.36 -26.73
C PHE C 464 -15.68 18.16 -27.96
N GLU C 465 -15.30 17.44 -29.02
CA GLU C 465 -14.87 18.04 -30.27
C GLU C 465 -15.86 17.72 -31.37
N ARG C 466 -16.24 18.74 -32.14
CA ARG C 466 -17.22 18.59 -33.21
C ARG C 466 -16.49 18.58 -34.55
N ASP C 467 -16.83 17.61 -35.40
CA ASP C 467 -16.24 17.47 -36.73
C ASP C 467 -17.38 17.44 -37.74
N ILE C 468 -17.79 18.63 -38.20
CA ILE C 468 -18.87 18.71 -39.16
C ILE C 468 -18.38 18.44 -40.58
N SER C 469 -17.09 18.66 -40.83
CA SER C 469 -16.54 18.42 -42.16
C SER C 469 -16.51 16.93 -42.48
N THR C 470 -16.91 16.58 -43.70
CA THR C 470 -16.91 15.19 -44.13
C THR C 470 -15.99 15.01 -45.33
N GLU C 471 -14.80 15.60 -45.27
CA GLU C 471 -13.84 15.49 -46.37
C GLU C 471 -13.37 14.03 -46.51
N ILE C 472 -13.05 13.66 -47.74
CA ILE C 472 -12.73 12.27 -48.04
C ILE C 472 -11.48 11.84 -47.28
N TYR C 473 -11.44 10.56 -46.90
CA TYR C 473 -10.35 10.00 -46.12
C TYR C 473 -9.46 9.13 -47.01
N GLN C 474 -8.17 9.40 -46.99
CA GLN C 474 -7.19 8.64 -47.76
C GLN C 474 -6.50 7.65 -46.85
N ALA C 475 -6.60 6.36 -47.19
CA ALA C 475 -5.97 5.30 -46.41
C ALA C 475 -4.60 4.91 -46.95
N GLY C 476 -4.13 5.55 -48.01
CA GLY C 476 -2.83 5.24 -48.58
C GLY C 476 -2.26 6.36 -49.43
N THR C 478 -1.33 5.69 -54.36
CA THR C 478 -1.61 6.90 -55.12
C THR C 478 -2.88 7.58 -54.62
N PRO C 479 -2.75 8.82 -54.15
CA PRO C 479 -3.92 9.56 -53.67
C PRO C 479 -4.94 9.75 -54.77
N CYS C 480 -6.21 9.68 -54.39
CA CYS C 480 -7.31 9.88 -55.33
C CYS C 480 -7.68 11.34 -55.53
N ASN C 481 -7.14 12.24 -54.71
CA ASN C 481 -7.34 13.69 -54.85
C ASN C 481 -8.83 14.05 -54.79
N GLY C 482 -9.49 13.57 -53.74
CA GLY C 482 -10.89 13.91 -53.53
C GLY C 482 -11.86 13.30 -54.51
N VAL C 483 -11.49 12.19 -55.15
CA VAL C 483 -12.34 11.51 -56.12
C VAL C 483 -12.63 10.11 -55.59
N GLU C 484 -13.91 9.72 -55.59
CA GLU C 484 -14.30 8.41 -55.11
C GLU C 484 -13.68 7.32 -55.99
N GLY C 485 -13.13 6.30 -55.34
CA GLY C 485 -12.49 5.21 -56.06
C GLY C 485 -11.65 4.33 -55.16
N PHE C 486 -10.45 3.98 -55.63
CA PHE C 486 -9.55 3.14 -54.85
C PHE C 486 -8.78 3.98 -53.84
N ASN C 487 -8.34 3.32 -52.77
CA ASN C 487 -7.54 3.87 -51.68
C ASN C 487 -8.28 4.93 -50.86
N CYS C 488 -9.55 5.20 -51.17
CA CYS C 488 -10.33 6.17 -50.41
C CYS C 488 -11.80 5.81 -50.51
N TYR C 489 -12.51 5.97 -49.39
CA TYR C 489 -13.93 5.65 -49.32
C TYR C 489 -14.65 6.76 -48.55
N PHE C 490 -15.95 6.86 -48.78
CA PHE C 490 -16.74 7.87 -48.12
C PHE C 490 -16.76 7.61 -46.61
N PRO C 491 -16.59 8.64 -45.78
CA PRO C 491 -16.49 8.42 -44.33
C PRO C 491 -17.84 8.32 -43.61
N LEU C 492 -18.95 8.51 -44.31
CA LEU C 492 -20.27 8.53 -43.69
C LEU C 492 -21.03 7.28 -44.06
N GLN C 493 -21.70 6.67 -43.07
CA GLN C 493 -22.52 5.49 -43.29
C GLN C 493 -23.86 5.68 -42.58
N SER C 494 -24.90 5.08 -43.16
CA SER C 494 -26.26 5.21 -42.63
C SER C 494 -26.63 3.98 -41.83
N TYR C 495 -27.34 4.20 -40.72
CA TYR C 495 -27.77 3.10 -39.86
C TYR C 495 -28.78 2.20 -40.58
N GLY C 496 -29.71 2.79 -41.32
CA GLY C 496 -30.73 2.02 -42.00
C GLY C 496 -31.68 1.31 -41.06
N PHE C 497 -32.18 2.02 -40.04
CA PHE C 497 -33.12 1.41 -39.10
C PHE C 497 -34.40 1.00 -39.81
N GLN C 498 -34.86 -0.21 -39.48
CA GLN C 498 -36.12 -0.74 -40.01
C GLN C 498 -36.79 -1.57 -38.92
N PRO C 499 -38.13 -1.64 -38.93
CA PRO C 499 -38.84 -2.19 -37.76
C PRO C 499 -38.49 -3.63 -37.41
N THR C 500 -38.18 -4.48 -38.40
CA THR C 500 -37.91 -5.88 -38.11
C THR C 500 -36.65 -6.09 -37.29
N ASN C 501 -35.78 -5.08 -37.18
CA ASN C 501 -34.55 -5.22 -36.42
C ASN C 501 -34.84 -5.49 -34.95
N GLY C 502 -33.95 -6.26 -34.32
CA GLY C 502 -34.10 -6.63 -32.94
C GLY C 502 -33.70 -5.52 -31.98
N VAL C 503 -33.65 -5.88 -30.69
CA VAL C 503 -33.33 -4.91 -29.65
C VAL C 503 -31.94 -4.32 -29.86
N GLY C 504 -30.99 -5.16 -30.25
CA GLY C 504 -29.63 -4.70 -30.47
C GLY C 504 -29.45 -3.79 -31.67
N TYR C 505 -30.47 -3.68 -32.53
CA TYR C 505 -30.40 -2.82 -33.70
C TYR C 505 -31.49 -1.76 -33.75
N GLN C 506 -32.42 -1.75 -32.80
CA GLN C 506 -33.47 -0.74 -32.79
C GLN C 506 -32.88 0.63 -32.50
N PRO C 507 -33.46 1.69 -33.07
CA PRO C 507 -32.96 3.04 -32.80
C PRO C 507 -33.14 3.42 -31.34
N TYR C 508 -32.19 4.20 -30.83
CA TYR C 508 -32.19 4.67 -29.46
C TYR C 508 -31.83 6.14 -29.44
N ARG C 509 -32.67 6.95 -28.78
CA ARG C 509 -32.41 8.38 -28.63
C ARG C 509 -31.68 8.59 -27.32
N VAL C 510 -30.50 9.22 -27.38
CA VAL C 510 -29.63 9.41 -26.23
C VAL C 510 -29.36 10.90 -26.07
N VAL C 511 -29.56 11.39 -24.85
CA VAL C 511 -29.23 12.75 -24.48
C VAL C 511 -28.19 12.71 -23.36
N VAL C 512 -27.13 13.50 -23.52
CA VAL C 512 -26.02 13.54 -22.59
C VAL C 512 -26.08 14.87 -21.85
N LEU C 513 -26.23 14.80 -20.53
CA LEU C 513 -26.19 15.98 -19.67
C LEU C 513 -24.85 16.03 -18.97
N SER C 514 -24.09 17.10 -19.23
CA SER C 514 -22.77 17.27 -18.65
C SER C 514 -22.73 18.55 -17.82
N PHE C 515 -22.07 18.48 -16.68
CA PHE C 515 -21.99 19.57 -15.72
C PHE C 515 -20.55 20.07 -15.66
N GLU C 516 -20.34 21.12 -14.86
CA GLU C 516 -19.00 21.68 -14.66
C GLU C 516 -18.79 21.94 -13.18
N LEU C 517 -17.63 21.54 -12.67
CA LEU C 517 -17.28 21.71 -11.26
C LEU C 517 -16.33 22.89 -11.15
N LEU C 518 -16.90 24.07 -10.93
CA LEU C 518 -16.12 25.30 -10.78
C LEU C 518 -16.40 25.97 -9.44
N PRO C 521 -20.10 30.17 -9.28
CA PRO C 521 -21.21 30.93 -9.88
C PRO C 521 -22.31 30.02 -10.44
N ALA C 522 -23.07 29.39 -9.55
CA ALA C 522 -24.15 28.52 -9.97
C ALA C 522 -25.27 29.35 -10.62
N THR C 523 -25.82 28.82 -11.71
CA THR C 523 -26.89 29.49 -12.45
C THR C 523 -28.21 28.75 -12.37
N VAL C 524 -28.24 27.47 -12.74
CA VAL C 524 -29.45 26.66 -12.70
C VAL C 524 -29.38 25.75 -11.47
N CYS C 525 -30.34 25.91 -10.57
CA CYS C 525 -30.41 25.12 -9.34
C CYS C 525 -31.79 24.50 -9.18
N GLY C 526 -31.82 23.36 -8.49
CA GLY C 526 -33.05 22.62 -8.32
C GLY C 526 -34.00 23.29 -7.36
N PRO C 527 -35.26 22.82 -7.36
CA PRO C 527 -36.28 23.44 -6.50
C PRO C 527 -36.19 22.99 -5.05
N LYS C 528 -35.80 23.91 -4.18
CA LYS C 528 -35.79 23.66 -2.74
C LYS C 528 -35.93 24.99 -2.01
N LYS C 529 -36.70 24.99 -0.93
CA LYS C 529 -37.03 26.20 -0.22
C LYS C 529 -35.77 26.82 0.41
N SER C 530 -35.59 28.12 0.20
CA SER C 530 -34.48 28.85 0.81
C SER C 530 -34.95 29.43 2.14
N THR C 531 -34.40 28.91 3.23
CA THR C 531 -34.82 29.32 4.56
C THR C 531 -34.15 30.63 4.96
N ASN C 532 -34.44 31.09 6.17
CA ASN C 532 -33.87 32.33 6.67
C ASN C 532 -32.41 32.14 7.05
N LEU C 533 -31.75 33.25 7.37
CA LEU C 533 -30.34 33.26 7.73
C LEU C 533 -30.20 33.22 9.24
N VAL C 534 -29.42 32.26 9.73
CA VAL C 534 -29.15 32.09 11.15
C VAL C 534 -27.65 32.24 11.37
N LYS C 535 -27.27 33.08 12.33
CA LYS C 535 -25.87 33.39 12.58
C LYS C 535 -25.57 33.26 14.07
N ASN C 536 -24.27 33.39 14.40
CA ASN C 536 -23.78 33.38 15.78
C ASN C 536 -24.08 32.07 16.49
N LYS C 537 -24.15 30.96 15.75
CA LYS C 537 -24.33 29.64 16.33
C LYS C 537 -23.96 28.60 15.30
N CYS C 538 -23.55 27.43 15.80
CA CYS C 538 -23.22 26.31 14.90
C CYS C 538 -24.47 25.88 14.14
N VAL C 539 -24.35 25.75 12.83
CA VAL C 539 -25.50 25.53 11.96
C VAL C 539 -25.02 24.82 10.71
N ASN C 540 -25.92 24.07 10.08
CA ASN C 540 -25.67 23.46 8.78
C ASN C 540 -26.05 24.44 7.68
N PHE C 541 -25.12 24.67 6.75
CA PHE C 541 -25.35 25.60 5.65
C PHE C 541 -25.16 24.89 4.32
N ASN C 542 -25.91 25.34 3.32
CA ASN C 542 -25.85 24.79 1.96
C ASN C 542 -26.00 25.97 1.00
N PHE C 543 -24.87 26.52 0.57
CA PHE C 543 -24.83 27.68 -0.33
C PHE C 543 -24.53 27.19 -1.75
N ASN C 544 -25.53 27.23 -2.62
CA ASN C 544 -25.37 26.91 -4.04
C ASN C 544 -24.75 25.53 -4.24
N GLY C 545 -25.15 24.57 -3.40
CA GLY C 545 -24.65 23.22 -3.47
C GLY C 545 -23.45 22.94 -2.58
N LEU C 546 -22.76 23.97 -2.11
CA LEU C 546 -21.64 23.79 -1.19
C LEU C 546 -22.19 23.64 0.22
N THR C 547 -22.09 22.44 0.78
CA THR C 547 -22.64 22.15 2.09
C THR C 547 -21.53 22.12 3.13
N GLY C 548 -21.90 22.39 4.38
CA GLY C 548 -20.94 22.37 5.46
C GLY C 548 -21.61 22.65 6.79
N THR C 549 -20.80 22.56 7.84
CA THR C 549 -21.24 22.83 9.21
C THR C 549 -20.34 23.91 9.80
N GLY C 550 -20.94 24.93 10.40
CA GLY C 550 -20.16 25.99 10.98
C GLY C 550 -21.04 27.14 11.41
N VAL C 551 -20.37 28.21 11.87
CA VAL C 551 -21.02 29.40 12.39
C VAL C 551 -20.91 30.51 11.36
N LEU C 552 -22.03 31.15 11.06
CA LEU C 552 -22.05 32.30 10.16
C LEU C 552 -21.79 33.56 10.98
N THR C 553 -20.83 34.36 10.54
CA THR C 553 -20.44 35.57 11.25
C THR C 553 -20.35 36.74 10.28
N GLU C 554 -20.65 37.93 10.79
CA GLU C 554 -20.46 39.15 10.00
C GLU C 554 -18.97 39.32 9.68
N SER C 555 -18.69 39.64 8.43
CA SER C 555 -17.32 39.71 7.92
C SER C 555 -16.90 41.16 7.74
N ASN C 556 -15.75 41.52 8.31
CA ASN C 556 -15.17 42.84 8.10
C ASN C 556 -14.31 42.91 6.84
N LYS C 557 -14.01 41.78 6.22
CA LYS C 557 -13.23 41.77 5.00
C LYS C 557 -14.07 42.26 3.82
N LYS C 558 -13.38 42.79 2.81
CA LYS C 558 -14.02 43.37 1.63
C LYS C 558 -13.78 42.44 0.44
N PHE C 559 -14.86 41.99 -0.19
CA PHE C 559 -14.78 41.16 -1.37
C PHE C 559 -14.83 42.03 -2.64
N LEU C 560 -14.96 41.37 -3.78
CA LEU C 560 -15.08 42.01 -5.08
C LEU C 560 -16.33 41.53 -5.78
N PRO C 561 -16.88 42.31 -6.71
CA PRO C 561 -18.11 41.88 -7.41
C PRO C 561 -17.96 40.55 -8.12
N PHE C 562 -16.78 40.24 -8.65
CA PHE C 562 -16.57 38.99 -9.36
C PHE C 562 -16.23 37.82 -8.45
N GLN C 563 -16.00 38.07 -7.16
CA GLN C 563 -15.62 37.02 -6.21
C GLN C 563 -16.85 36.56 -5.43
N GLN C 564 -17.03 35.25 -5.36
CA GLN C 564 -18.13 34.65 -4.61
C GLN C 564 -17.65 33.92 -3.36
N PHE C 565 -16.70 32.99 -3.50
CA PHE C 565 -16.15 32.24 -2.38
C PHE C 565 -14.81 32.84 -1.97
N GLY C 566 -14.39 32.51 -0.75
CA GLY C 566 -13.10 32.92 -0.27
C GLY C 566 -12.47 31.88 0.63
N ARG C 567 -11.26 31.44 0.27
CA ARG C 567 -10.56 30.37 0.97
C ARG C 567 -9.25 30.91 1.54
N ASP C 568 -9.00 30.64 2.82
CA ASP C 568 -7.76 30.99 3.46
C ASP C 568 -6.73 29.89 3.22
N ILE C 569 -5.64 29.90 3.98
CA ILE C 569 -4.64 28.85 3.90
C ILE C 569 -5.32 27.49 4.14
N ALA C 570 -4.74 26.45 3.54
CA ALA C 570 -5.21 25.05 3.53
C ALA C 570 -6.30 24.81 2.50
N ASP C 571 -6.62 25.81 1.67
CA ASP C 571 -7.61 25.66 0.59
C ASP C 571 -8.95 25.14 1.11
N THR C 572 -9.38 25.69 2.24
CA THR C 572 -10.66 25.34 2.85
C THR C 572 -11.59 26.54 2.82
N THR C 573 -12.89 26.27 2.77
CA THR C 573 -13.87 27.34 2.68
C THR C 573 -13.85 28.18 3.94
N ASP C 574 -13.70 29.50 3.76
CA ASP C 574 -13.65 30.45 4.86
C ASP C 574 -14.80 31.45 4.82
N ALA C 575 -15.10 32.01 3.65
CA ALA C 575 -16.17 32.99 3.50
C ALA C 575 -17.01 32.65 2.27
N VAL C 576 -18.32 32.81 2.41
CA VAL C 576 -19.27 32.55 1.33
C VAL C 576 -20.22 33.73 1.21
N ARG C 577 -20.56 34.08 -0.03
CA ARG C 577 -21.47 35.19 -0.28
C ARG C 577 -22.92 34.72 -0.28
N ILE C 584 -21.36 39.60 2.65
CA ILE C 584 -20.31 38.61 2.81
C ILE C 584 -20.36 38.05 4.23
N LEU C 585 -20.34 36.73 4.34
CA LEU C 585 -20.45 36.03 5.61
C LEU C 585 -19.23 35.14 5.81
N ASP C 586 -18.63 35.19 7.00
CA ASP C 586 -17.49 34.36 7.32
C ASP C 586 -17.97 33.07 7.97
N ILE C 587 -17.29 31.96 7.65
CA ILE C 587 -17.60 30.64 8.19
C ILE C 587 -16.55 30.33 9.24
N THR C 588 -16.99 30.23 10.48
CA THR C 588 -16.10 29.85 11.60
C THR C 588 -16.70 28.65 12.31
N PRO C 589 -16.07 27.48 12.23
CA PRO C 589 -16.65 26.28 12.84
C PRO C 589 -16.84 26.44 14.34
N CYS C 590 -17.92 25.85 14.85
CA CYS C 590 -18.25 25.95 16.26
C CYS C 590 -17.18 25.27 17.11
N SER C 591 -17.17 25.64 18.40
CA SER C 591 -16.10 25.22 19.29
C SER C 591 -16.02 23.70 19.39
N PHE C 592 -14.78 23.18 19.34
CA PHE C 592 -14.53 21.76 19.49
C PHE C 592 -13.14 21.59 20.09
N GLY C 593 -12.92 20.42 20.68
CA GLY C 593 -11.63 20.16 21.29
C GLY C 593 -11.61 18.81 21.98
N GLY C 594 -10.60 18.62 22.81
CA GLY C 594 -10.45 17.40 23.59
C GLY C 594 -11.02 17.52 24.98
N VAL C 595 -11.27 16.37 25.60
CA VAL C 595 -11.81 16.29 26.95
C VAL C 595 -10.97 15.30 27.74
N SER C 596 -10.38 15.76 28.84
CA SER C 596 -9.57 14.93 29.71
C SER C 596 -10.23 14.81 31.08
N VAL C 597 -9.90 13.75 31.79
CA VAL C 597 -10.47 13.48 33.11
C VAL C 597 -9.33 13.45 34.13
N ILE C 598 -9.47 14.25 35.18
CA ILE C 598 -8.51 14.30 36.28
C ILE C 598 -9.15 13.59 37.47
N THR C 599 -8.50 12.53 37.94
CA THR C 599 -9.00 11.75 39.06
C THR C 599 -7.85 11.45 40.02
N PRO C 600 -8.13 11.36 41.32
CA PRO C 600 -7.11 10.91 42.28
C PRO C 600 -6.95 9.40 42.35
N GLY C 601 -7.67 8.65 41.52
CA GLY C 601 -7.61 7.21 41.55
C GLY C 601 -8.76 6.59 42.31
N THR C 602 -9.26 5.45 41.81
CA THR C 602 -10.37 4.76 42.48
C THR C 602 -9.97 4.18 43.82
N ASN C 603 -8.67 4.12 44.13
CA ASN C 603 -8.25 3.58 45.42
C ASN C 603 -8.73 4.45 46.57
N THR C 604 -8.69 5.77 46.41
CA THR C 604 -9.01 6.70 47.48
C THR C 604 -10.37 7.35 47.35
N SER C 605 -10.86 7.59 46.13
CA SER C 605 -12.13 8.29 45.95
C SER C 605 -12.64 8.01 44.54
N ASN C 606 -13.82 8.56 44.23
CA ASN C 606 -14.42 8.41 42.91
C ASN C 606 -14.72 9.74 42.23
N GLN C 607 -14.50 10.87 42.91
CA GLN C 607 -14.76 12.17 42.30
C GLN C 607 -13.77 12.44 41.18
N VAL C 608 -14.24 13.08 40.11
CA VAL C 608 -13.42 13.40 38.95
C VAL C 608 -13.69 14.84 38.53
N ALA C 609 -12.75 15.39 37.76
CA ALA C 609 -12.87 16.72 37.17
C ALA C 609 -12.67 16.60 35.67
N VAL C 610 -13.34 17.49 34.93
CA VAL C 610 -13.34 17.44 33.47
C VAL C 610 -12.60 18.66 32.94
N LEU C 611 -11.61 18.43 32.09
CA LEU C 611 -10.81 19.49 31.50
C LEU C 611 -11.11 19.58 30.01
N TYR C 612 -11.57 20.75 29.57
CA TYR C 612 -11.76 21.05 28.15
C TYR C 612 -10.59 21.91 27.70
N GLN C 613 -9.74 21.36 26.85
CA GLN C 613 -8.54 22.06 26.41
C GLN C 613 -8.81 22.85 25.14
N ASP C 614 -8.23 24.06 25.07
CA ASP C 614 -8.38 24.96 23.92
C ASP C 614 -9.84 25.30 23.65
N VAL C 615 -10.66 25.33 24.71
CA VAL C 615 -12.08 25.63 24.60
C VAL C 615 -12.44 26.64 25.68
N ASN C 616 -13.00 27.77 25.27
CA ASN C 616 -13.54 28.75 26.21
C ASN C 616 -14.99 28.33 26.48
N CYS C 617 -15.17 27.53 27.55
CA CYS C 617 -16.43 26.88 27.83
C CYS C 617 -17.40 27.75 28.63
N THR C 618 -17.24 29.07 28.57
CA THR C 618 -18.24 29.95 29.18
C THR C 618 -19.57 29.84 28.44
N GLU C 619 -19.53 29.62 27.13
CA GLU C 619 -20.76 29.40 26.37
C GLU C 619 -21.46 28.11 26.81
N VAL C 620 -20.70 27.06 27.05
CA VAL C 620 -21.26 25.79 27.50
C VAL C 620 -20.94 25.55 28.97
N ASN C 641 -18.40 25.12 40.12
CA ASN C 641 -16.96 24.95 40.12
C ASN C 641 -16.41 25.05 38.70
N VAL C 642 -16.21 26.29 38.23
CA VAL C 642 -15.69 26.56 36.90
C VAL C 642 -14.40 27.36 37.04
N PHE C 643 -13.34 26.87 36.39
CA PHE C 643 -12.06 27.55 36.41
C PHE C 643 -11.55 27.69 34.99
N GLN C 644 -10.86 28.79 34.71
CA GLN C 644 -10.29 29.06 33.38
C GLN C 644 -8.78 29.24 33.51
N THR C 645 -8.03 28.47 32.71
CA THR C 645 -6.58 28.56 32.65
C THR C 645 -6.15 28.68 31.21
N ARG C 646 -4.86 28.96 31.01
CA ARG C 646 -4.33 29.09 29.65
C ARG C 646 -4.44 27.78 28.88
N ALA C 647 -4.55 26.65 29.58
CA ALA C 647 -4.74 25.35 28.95
C ALA C 647 -6.19 25.03 28.64
N GLY C 648 -7.12 25.94 28.96
CA GLY C 648 -8.53 25.71 28.69
C GLY C 648 -9.42 26.01 29.88
N CYS C 649 -10.34 25.11 30.19
CA CYS C 649 -11.19 25.28 31.36
C CYS C 649 -11.35 23.95 32.09
N LEU C 650 -11.63 24.05 33.38
CA LEU C 650 -11.75 22.89 34.26
C LEU C 650 -13.04 22.99 35.05
N ILE C 651 -13.77 21.87 35.11
CA ILE C 651 -15.07 21.80 35.77
C ILE C 651 -15.00 20.70 36.83
N GLY C 652 -15.45 21.03 38.04
CA GLY C 652 -15.50 20.07 39.12
C GLY C 652 -14.39 20.18 40.14
N ALA C 653 -13.50 21.16 40.00
CA ALA C 653 -12.40 21.35 40.94
C ALA C 653 -12.45 22.77 41.50
N GLU C 654 -12.21 22.89 42.80
CA GLU C 654 -12.20 24.18 43.48
C GLU C 654 -10.82 24.81 43.38
N HIS C 655 -10.77 26.06 42.93
CA HIS C 655 -9.50 26.76 42.78
C HIS C 655 -9.04 27.32 44.11
N VAL C 656 -7.92 26.82 44.61
CA VAL C 656 -7.34 27.28 45.86
C VAL C 656 -6.13 28.15 45.54
N ASN C 657 -5.92 29.19 46.34
CA ASN C 657 -4.84 30.14 46.14
C ASN C 657 -3.57 29.75 46.89
N ASN C 658 -3.41 28.48 47.22
CA ASN C 658 -2.21 28.00 47.90
C ASN C 658 -1.17 27.55 46.88
N SER C 659 -0.03 27.06 47.37
CA SER C 659 1.06 26.60 46.52
C SER C 659 1.56 25.27 47.07
N TYR C 660 1.24 24.19 46.37
CA TYR C 660 1.68 22.85 46.73
C TYR C 660 2.47 22.23 45.60
N GLU C 661 3.18 21.15 45.91
CA GLU C 661 3.88 20.40 44.89
C GLU C 661 2.88 19.74 43.94
N CYS C 662 3.22 19.68 42.66
CA CYS C 662 2.30 19.16 41.66
C CYS C 662 2.07 17.67 41.88
N ASP C 663 0.80 17.27 41.79
CA ASP C 663 0.41 15.87 41.90
C ASP C 663 -0.14 15.33 40.59
N ILE C 664 -1.13 16.01 40.02
CA ILE C 664 -1.70 15.66 38.72
C ILE C 664 -1.40 16.81 37.77
N PRO C 665 -0.48 16.65 36.81
CA PRO C 665 -0.13 17.77 35.93
C PRO C 665 -1.21 18.12 34.93
N ILE C 666 -1.83 19.29 35.09
CA ILE C 666 -2.85 19.76 34.16
C ILE C 666 -2.23 20.55 33.01
N GLY C 667 -1.39 21.52 33.33
CA GLY C 667 -0.69 22.29 32.31
C GLY C 667 -0.72 23.77 32.62
N ALA C 668 0.14 24.52 31.93
CA ALA C 668 0.24 25.97 32.06
C ALA C 668 0.53 26.37 33.51
N GLY C 669 1.38 25.60 34.18
CA GLY C 669 1.70 25.87 35.56
C GLY C 669 0.61 25.52 36.55
N ILE C 670 -0.45 24.83 36.11
CA ILE C 670 -1.59 24.50 36.95
C ILE C 670 -1.62 22.99 37.13
N CYS C 671 -1.80 22.55 38.38
CA CYS C 671 -1.96 21.14 38.70
C CYS C 671 -3.18 20.96 39.59
N ALA C 672 -3.53 19.69 39.83
CA ALA C 672 -4.65 19.34 40.67
C ALA C 672 -4.23 18.29 41.68
N SER C 673 -4.89 18.31 42.84
CA SER C 673 -4.59 17.38 43.91
C SER C 673 -5.84 17.15 44.75
N TYR C 674 -5.83 16.06 45.49
CA TYR C 674 -6.95 15.71 46.36
C TYR C 674 -6.80 16.34 47.73
N SER C 691 -12.61 16.15 48.19
CA SER C 691 -12.70 17.27 47.27
C SER C 691 -11.42 17.40 46.44
N ILE C 692 -11.59 17.74 45.16
CA ILE C 692 -10.47 17.92 44.24
C ILE C 692 -10.22 19.42 44.09
N ILE C 693 -8.97 19.81 44.32
CA ILE C 693 -8.57 21.21 44.25
C ILE C 693 -7.58 21.38 43.11
N ALA C 694 -7.57 22.58 42.52
CA ALA C 694 -6.64 22.95 41.47
C ALA C 694 -5.87 24.20 41.91
N TYR C 695 -4.56 24.20 41.67
CA TYR C 695 -3.71 25.27 42.15
C TYR C 695 -2.55 25.46 41.19
N THR C 696 -1.68 26.41 41.52
CA THR C 696 -0.47 26.68 40.75
C THR C 696 0.69 25.96 41.41
N MET C 697 1.62 25.45 40.59
CA MET C 697 2.72 24.66 41.10
C MET C 697 3.58 25.47 42.05
N SER C 698 4.02 24.83 43.14
CA SER C 698 4.98 25.42 44.06
C SER C 698 6.37 24.98 43.63
N LEU C 699 7.20 25.94 43.20
CA LEU C 699 8.46 25.59 42.58
C LEU C 699 9.45 24.98 43.55
N GLY C 700 9.26 25.17 44.84
CA GLY C 700 10.14 24.60 45.84
C GLY C 700 10.21 25.49 47.06
N ALA C 701 10.96 25.01 48.05
CA ALA C 701 11.16 25.79 49.26
C ALA C 701 12.00 27.02 48.93
N GLU C 702 11.54 28.18 49.39
CA GLU C 702 12.21 29.45 49.12
C GLU C 702 13.02 29.85 50.35
N ASN C 703 14.33 29.98 50.16
CA ASN C 703 15.23 30.42 51.23
C ASN C 703 16.27 31.34 50.66
N SER C 704 16.73 32.28 51.49
CA SER C 704 17.76 33.25 51.11
C SER C 704 19.07 32.85 51.77
N VAL C 705 20.09 32.62 50.97
CA VAL C 705 21.41 32.28 51.49
C VAL C 705 22.01 33.52 52.14
N ALA C 706 22.53 33.35 53.36
CA ALA C 706 23.14 34.46 54.10
C ALA C 706 24.51 34.80 53.52
N TYR C 707 24.49 35.31 52.29
CA TYR C 707 25.73 35.65 51.60
C TYR C 707 26.30 36.96 52.14
N SER C 708 27.58 36.94 52.46
CA SER C 708 28.30 38.14 52.85
C SER C 708 29.79 37.87 52.68
N ASN C 709 30.56 38.95 52.58
CA ASN C 709 32.00 38.80 52.49
C ASN C 709 32.57 38.35 53.83
N ASN C 710 33.80 37.83 53.77
CA ASN C 710 34.55 37.29 54.91
C ASN C 710 33.71 36.40 55.83
N SER C 711 32.75 35.68 55.26
CA SER C 711 31.91 34.75 56.01
C SER C 711 31.69 33.49 55.18
N ILE C 712 31.80 32.32 55.82
CA ILE C 712 31.63 31.05 55.14
C ILE C 712 30.79 30.14 56.03
N ALA C 713 30.20 29.12 55.41
CA ALA C 713 29.55 28.02 56.12
C ALA C 713 30.34 26.75 55.82
N ILE C 714 30.83 26.10 56.86
CA ILE C 714 31.67 24.91 56.73
C ILE C 714 30.96 23.76 57.45
N PRO C 715 30.78 22.61 56.81
CA PRO C 715 30.15 21.48 57.50
C PRO C 715 31.02 20.94 58.61
N THR C 716 30.37 20.42 59.64
CA THR C 716 31.04 19.79 60.77
C THR C 716 30.73 18.31 60.90
N ASN C 717 29.97 17.75 59.94
CA ASN C 717 29.61 16.34 60.00
C ASN C 717 29.38 15.84 58.57
N PHE C 718 29.35 14.52 58.44
CA PHE C 718 29.21 13.87 57.15
C PHE C 718 28.06 12.87 57.18
N THR C 719 27.55 12.56 56.00
CA THR C 719 26.51 11.56 55.83
C THR C 719 26.86 10.67 54.64
N ILE C 720 26.73 9.36 54.83
CA ILE C 720 26.95 8.39 53.77
C ILE C 720 25.59 8.04 53.19
N SER C 721 25.37 8.38 51.92
CA SER C 721 24.07 8.22 51.29
C SER C 721 24.17 7.23 50.15
N VAL C 722 23.24 6.27 50.11
CA VAL C 722 23.14 5.29 49.04
C VAL C 722 21.93 5.64 48.20
N THR C 723 22.17 5.89 46.92
CA THR C 723 21.12 6.31 45.97
C THR C 723 20.94 5.22 44.92
N THR C 724 19.70 4.83 44.69
CA THR C 724 19.38 3.77 43.74
C THR C 724 18.98 4.38 42.40
N GLU C 725 19.65 3.93 41.33
CA GLU C 725 19.34 4.36 39.97
C GLU C 725 19.10 3.15 39.10
N ILE C 726 18.10 3.23 38.23
CA ILE C 726 17.71 2.11 37.38
C ILE C 726 17.87 2.53 35.92
N LEU C 727 18.56 1.72 35.13
CA LEU C 727 18.80 2.02 33.71
C LEU C 727 18.53 0.77 32.89
N PRO C 728 17.61 0.81 31.94
CA PRO C 728 17.39 -0.34 31.06
C PRO C 728 18.63 -0.63 30.23
N VAL C 729 18.87 -1.93 29.98
CA VAL C 729 20.06 -2.35 29.26
C VAL C 729 19.64 -3.01 27.95
N SER C 730 18.48 -3.66 27.95
CA SER C 730 18.01 -4.39 26.78
C SER C 730 16.50 -4.58 26.89
N MET C 731 15.90 -5.02 25.79
CA MET C 731 14.49 -5.32 25.73
C MET C 731 14.29 -6.69 25.11
N THR C 732 13.03 -7.15 25.14
CA THR C 732 12.71 -8.47 24.60
C THR C 732 12.97 -8.53 23.11
N LYS C 733 13.65 -9.59 22.67
CA LYS C 733 13.96 -9.79 21.26
C LYS C 733 12.81 -10.57 20.63
N THR C 734 12.07 -9.92 19.73
CA THR C 734 10.92 -10.51 19.06
C THR C 734 11.21 -10.65 17.57
N SER C 735 10.89 -11.82 17.03
CA SER C 735 11.06 -12.10 15.60
C SER C 735 9.69 -12.37 14.98
N VAL C 736 9.43 -11.72 13.85
CA VAL C 736 8.14 -11.81 13.16
C VAL C 736 8.40 -12.34 11.76
N ASP C 737 7.73 -13.42 11.40
CA ASP C 737 7.79 -13.96 10.04
C ASP C 737 6.64 -13.35 9.25
N CYS C 738 6.98 -12.51 8.27
CA CYS C 738 5.95 -11.79 7.53
C CYS C 738 5.10 -12.74 6.68
N THR C 739 5.72 -13.80 6.15
CA THR C 739 4.97 -14.74 5.31
C THR C 739 3.84 -15.40 6.09
N MET C 740 4.12 -15.85 7.31
CA MET C 740 3.06 -16.47 8.13
C MET C 740 2.11 -15.43 8.69
N TYR C 741 2.61 -14.24 9.06
CA TYR C 741 1.76 -13.23 9.66
C TYR C 741 0.73 -12.71 8.67
N ILE C 742 1.17 -12.32 7.48
CA ILE C 742 0.27 -11.73 6.50
C ILE C 742 -0.70 -12.79 5.94
N CYS C 743 -0.17 -13.97 5.59
CA CYS C 743 -0.96 -14.99 4.92
C CYS C 743 -1.55 -16.01 5.88
N GLY C 744 -0.71 -16.70 6.64
CA GLY C 744 -1.18 -17.74 7.53
C GLY C 744 -1.48 -19.05 6.81
N ASP C 745 -0.43 -19.66 6.24
CA ASP C 745 -0.54 -20.94 5.54
C ASP C 745 -1.50 -20.86 4.36
N SER C 746 -1.14 -20.00 3.41
CA SER C 746 -1.91 -19.85 2.17
C SER C 746 -0.90 -19.66 1.04
N THR C 747 -0.75 -20.68 0.19
CA THR C 747 0.24 -20.63 -0.88
C THR C 747 -0.12 -19.56 -1.91
N GLU C 748 -1.41 -19.40 -2.23
CA GLU C 748 -1.82 -18.37 -3.19
C GLU C 748 -1.61 -16.97 -2.63
N CYS C 749 -1.85 -16.78 -1.32
CA CYS C 749 -1.55 -15.50 -0.70
C CYS C 749 -0.06 -15.19 -0.79
N SER C 750 0.79 -16.17 -0.50
CA SER C 750 2.22 -15.96 -0.62
C SER C 750 2.61 -15.63 -2.05
N ASN C 751 2.06 -16.35 -3.02
CA ASN C 751 2.37 -16.09 -4.42
C ASN C 751 1.98 -14.68 -4.82
N LEU C 752 0.82 -14.22 -4.36
CA LEU C 752 0.44 -12.82 -4.57
C LEU C 752 1.42 -11.88 -3.86
N LEU C 753 1.99 -12.33 -2.74
CA LEU C 753 2.91 -11.48 -1.99
C LEU C 753 4.26 -11.33 -2.68
N LEU C 754 4.68 -12.33 -3.44
CA LEU C 754 5.96 -12.22 -4.15
C LEU C 754 6.00 -11.02 -5.08
N GLN C 755 4.85 -10.63 -5.65
CA GLN C 755 4.83 -9.48 -6.54
C GLN C 755 5.04 -8.15 -5.81
N TYR C 756 4.97 -8.14 -4.48
CA TYR C 756 5.23 -6.93 -3.71
C TYR C 756 6.71 -6.64 -3.53
N GLY C 757 7.59 -7.54 -3.95
CA GLY C 757 9.02 -7.32 -3.81
C GLY C 757 9.57 -7.86 -2.52
N SER C 758 10.74 -7.32 -2.14
CA SER C 758 11.46 -7.76 -0.95
C SER C 758 11.17 -6.80 0.20
N PHE C 759 10.01 -6.99 0.82
CA PHE C 759 9.68 -6.33 2.07
C PHE C 759 9.89 -7.21 3.28
N CYS C 760 9.53 -8.49 3.17
CA CYS C 760 9.70 -9.42 4.29
C CYS C 760 11.17 -9.59 4.64
N THR C 761 12.04 -9.63 3.62
CA THR C 761 13.48 -9.72 3.88
C THR C 761 13.96 -8.50 4.66
N GLN C 762 13.49 -7.30 4.28
CA GLN C 762 13.90 -6.09 4.99
C GLN C 762 13.42 -6.13 6.44
N LEU C 763 12.17 -6.54 6.67
CA LEU C 763 11.64 -6.57 8.03
C LEU C 763 12.38 -7.60 8.88
N ASN C 764 12.66 -8.78 8.31
CA ASN C 764 13.40 -9.80 9.05
C ASN C 764 14.81 -9.35 9.37
N ARG C 765 15.47 -8.68 8.40
CA ARG C 765 16.82 -8.18 8.65
C ARG C 765 16.81 -7.10 9.73
N ALA C 766 15.81 -6.22 9.72
CA ALA C 766 15.71 -5.20 10.75
C ALA C 766 15.50 -5.82 12.13
N LEU C 767 14.64 -6.84 12.21
CA LEU C 767 14.40 -7.49 13.50
C LEU C 767 15.64 -8.23 14.00
N THR C 768 16.36 -8.91 13.08
CA THR C 768 17.60 -9.57 13.46
C THR C 768 18.64 -8.55 13.94
N GLY C 769 18.73 -7.42 13.25
CA GLY C 769 19.63 -6.36 13.69
C GLY C 769 19.26 -5.84 15.07
N ILE C 770 17.97 -5.70 15.34
CA ILE C 770 17.52 -5.26 16.66
C ILE C 770 17.93 -6.27 17.72
N ALA C 771 17.74 -7.56 17.44
CA ALA C 771 18.09 -8.60 18.40
C ALA C 771 19.59 -8.63 18.69
N VAL C 772 20.40 -8.59 17.63
CA VAL C 772 21.85 -8.59 17.84
C VAL C 772 22.30 -7.31 18.51
N GLU C 773 21.60 -6.19 18.27
CA GLU C 773 21.90 -4.95 18.97
C GLU C 773 21.63 -5.08 20.46
N GLN C 774 20.51 -5.70 20.83
CA GLN C 774 20.22 -5.91 22.25
C GLN C 774 21.28 -6.81 22.89
N ASP C 775 21.68 -7.87 22.19
CA ASP C 775 22.75 -8.73 22.70
C ASP C 775 24.05 -7.95 22.88
N LYS C 776 24.38 -7.10 21.91
CA LYS C 776 25.60 -6.30 21.99
C LYS C 776 25.56 -5.34 23.18
N ASN C 777 24.42 -4.69 23.40
CA ASN C 777 24.31 -3.79 24.55
C ASN C 777 24.43 -4.55 25.86
N THR C 778 23.80 -5.72 25.96
CA THR C 778 23.92 -6.51 27.18
C THR C 778 25.38 -6.92 27.42
N GLN C 779 26.07 -7.36 26.37
CA GLN C 779 27.47 -7.74 26.52
C GLN C 779 28.33 -6.56 26.92
N GLU C 780 28.11 -5.40 26.31
CA GLU C 780 28.92 -4.23 26.66
C GLU C 780 28.67 -3.79 28.09
N VAL C 781 27.41 -3.84 28.54
CA VAL C 781 27.09 -3.38 29.89
C VAL C 781 27.65 -4.33 30.93
N PHE C 782 27.48 -5.64 30.74
CA PHE C 782 27.72 -6.59 31.82
C PHE C 782 29.04 -7.35 31.70
N ALA C 783 29.67 -7.37 30.54
CA ALA C 783 30.93 -8.09 30.34
C ALA C 783 32.12 -7.14 30.31
N GLN C 784 32.10 -6.12 31.16
CA GLN C 784 33.21 -5.17 31.21
C GLN C 784 34.51 -5.85 31.63
N VAL C 785 34.44 -6.73 32.61
CA VAL C 785 35.63 -7.42 33.11
C VAL C 785 35.82 -8.72 32.33
N LYS C 786 37.05 -9.22 32.35
CA LYS C 786 37.41 -10.46 31.68
C LYS C 786 37.71 -11.60 32.63
N GLN C 787 37.66 -11.36 33.94
CA GLN C 787 37.92 -12.39 34.94
C GLN C 787 36.82 -12.38 35.98
N ILE C 788 36.52 -13.56 36.51
CA ILE C 788 35.45 -13.73 37.50
C ILE C 788 36.13 -13.77 38.86
N TYR C 789 36.22 -12.60 39.50
CA TYR C 789 36.78 -12.52 40.84
C TYR C 789 35.82 -13.09 41.87
N LYS C 790 36.38 -13.63 42.95
CA LYS C 790 35.59 -14.25 44.01
C LYS C 790 35.96 -13.61 45.35
N THR C 791 34.95 -13.37 46.17
CA THR C 791 35.18 -12.81 47.49
C THR C 791 35.87 -13.83 48.40
N PRO C 792 36.69 -13.36 49.33
CA PRO C 792 37.34 -14.29 50.26
C PRO C 792 36.32 -14.95 51.17
N PRO C 793 36.60 -16.15 51.66
CA PRO C 793 35.63 -16.82 52.55
C PRO C 793 35.34 -16.04 53.82
N ILE C 794 36.30 -15.29 54.33
CA ILE C 794 36.11 -14.47 55.53
C ILE C 794 35.85 -13.04 55.11
N LYS C 795 34.87 -12.40 55.74
CA LYS C 795 34.47 -11.03 55.41
C LYS C 795 35.01 -10.10 56.50
N ASP C 796 36.11 -9.43 56.20
CA ASP C 796 36.73 -8.46 57.10
C ASP C 796 36.99 -7.21 56.28
N PHE C 797 35.99 -6.32 56.22
CA PHE C 797 36.06 -5.10 55.43
C PHE C 797 36.06 -3.85 56.30
N GLY C 798 36.63 -3.95 57.50
CA GLY C 798 36.69 -2.80 58.39
C GLY C 798 35.35 -2.42 58.99
N GLY C 799 34.41 -3.36 59.09
CA GLY C 799 33.10 -3.10 59.64
C GLY C 799 32.01 -2.92 58.60
N PHE C 800 32.38 -2.67 57.34
CA PHE C 800 31.39 -2.55 56.28
C PHE C 800 30.74 -3.90 56.01
N ASN C 801 29.42 -3.88 55.80
CA ASN C 801 28.64 -5.10 55.56
C ASN C 801 28.18 -5.12 54.11
N PHE C 802 28.55 -6.19 53.39
CA PHE C 802 28.14 -6.38 52.01
C PHE C 802 27.38 -7.68 51.80
N SER C 803 26.91 -8.33 52.87
CA SER C 803 26.23 -9.61 52.73
C SER C 803 24.93 -9.48 51.97
N GLN C 804 24.28 -8.32 52.00
CA GLN C 804 23.01 -8.13 51.32
C GLN C 804 23.16 -7.94 49.82
N ILE C 805 24.36 -7.59 49.34
CA ILE C 805 24.61 -7.44 47.91
C ILE C 805 25.47 -8.57 47.35
N LEU C 806 26.21 -9.28 48.19
CA LEU C 806 26.97 -10.44 47.74
C LEU C 806 26.08 -11.68 47.72
N PRO C 807 26.43 -12.68 46.92
CA PRO C 807 25.63 -13.92 46.92
C PRO C 807 25.61 -14.59 48.29
N ASP C 808 24.47 -15.18 48.62
CA ASP C 808 24.22 -15.81 49.90
C ASP C 808 24.32 -17.32 49.81
N PRO C 809 24.58 -18.01 50.93
CA PRO C 809 24.68 -19.48 50.88
C PRO C 809 23.40 -20.18 50.47
N SER C 810 22.25 -19.52 50.56
CA SER C 810 20.99 -20.14 50.16
C SER C 810 20.97 -20.51 48.69
N LYS C 811 21.74 -19.81 47.86
CA LYS C 811 21.86 -20.09 46.44
C LYS C 811 20.51 -20.09 45.70
N PRO C 812 19.84 -18.94 45.61
CA PRO C 812 18.65 -18.83 44.73
C PRO C 812 19.10 -18.49 43.31
N SER C 813 19.59 -19.50 42.61
CA SER C 813 20.27 -19.33 41.33
C SER C 813 21.49 -18.41 41.45
N LYS C 814 22.20 -18.52 42.58
CA LYS C 814 23.41 -17.74 42.85
C LYS C 814 23.13 -16.24 42.74
N ARG C 815 22.17 -15.78 43.53
CA ARG C 815 21.68 -14.42 43.45
C ARG C 815 21.62 -13.80 44.85
N SER C 816 21.86 -12.49 44.90
CA SER C 816 21.86 -11.77 46.17
C SER C 816 20.43 -11.43 46.60
N PHE C 817 20.30 -10.96 47.85
CA PHE C 817 18.99 -10.63 48.39
C PHE C 817 18.38 -9.42 47.69
N ILE C 818 19.20 -8.40 47.40
CA ILE C 818 18.69 -7.22 46.72
C ILE C 818 18.20 -7.58 45.32
N GLU C 819 19.02 -8.34 44.58
CA GLU C 819 18.59 -8.79 43.25
C GLU C 819 17.37 -9.69 43.34
N ASP C 820 17.24 -10.43 44.44
CA ASP C 820 16.02 -11.20 44.67
C ASP C 820 14.82 -10.28 44.80
N LEU C 821 14.96 -9.17 45.52
CA LEU C 821 13.86 -8.22 45.65
C LEU C 821 13.49 -7.61 44.30
N LEU C 822 14.51 -7.19 43.52
CA LEU C 822 14.23 -6.60 42.21
C LEU C 822 13.57 -7.59 41.26
N PHE C 823 14.05 -8.84 41.23
CA PHE C 823 13.46 -9.81 40.32
C PHE C 823 12.04 -10.21 40.75
N ASN C 824 11.68 -9.99 42.00
CA ASN C 824 10.32 -10.26 42.47
C ASN C 824 9.41 -9.04 42.40
N LYS C 825 9.95 -7.86 42.14
CA LYS C 825 9.14 -6.64 42.04
C LYS C 825 8.72 -6.32 40.62
N VAL C 826 9.14 -7.10 39.63
CA VAL C 826 8.80 -6.87 38.23
C VAL C 826 8.01 -8.08 37.74
N THR C 827 6.82 -7.82 37.20
CA THR C 827 5.94 -8.86 36.67
C THR C 827 5.94 -8.81 35.15
N LEU C 828 6.18 -9.95 34.52
CA LEU C 828 6.21 -10.04 33.06
C LEU C 828 4.81 -10.27 32.50
N PHE C 855 2.02 -16.71 18.28
CA PHE C 855 1.18 -17.82 17.82
C PHE C 855 0.78 -17.64 16.37
N ASN C 856 1.11 -16.48 15.81
CA ASN C 856 0.81 -16.14 14.43
C ASN C 856 2.06 -15.63 13.72
N GLY C 857 3.16 -16.35 13.89
CA GLY C 857 4.44 -15.92 13.38
C GLY C 857 5.29 -15.14 14.34
N LEU C 858 4.92 -15.10 15.62
CA LEU C 858 5.63 -14.34 16.64
C LEU C 858 6.51 -15.30 17.44
N THR C 859 7.80 -15.00 17.52
CA THR C 859 8.72 -15.80 18.32
C THR C 859 9.52 -14.88 19.23
N VAL C 860 9.88 -15.41 20.40
CA VAL C 860 10.65 -14.66 21.39
C VAL C 860 12.01 -15.36 21.49
N LEU C 861 13.03 -14.74 20.91
CA LEU C 861 14.37 -15.32 20.97
C LEU C 861 14.95 -15.14 22.38
N PRO C 862 15.38 -16.21 23.04
CA PRO C 862 15.94 -16.07 24.38
C PRO C 862 17.24 -15.29 24.33
N PRO C 863 17.57 -14.54 25.38
CA PRO C 863 18.82 -13.78 25.38
C PRO C 863 20.03 -14.71 25.43
N LEU C 864 21.13 -14.22 24.84
CA LEU C 864 22.37 -14.99 24.86
C LEU C 864 22.87 -15.18 26.29
N LEU C 865 22.79 -14.13 27.11
CA LEU C 865 23.22 -14.17 28.50
C LEU C 865 22.01 -14.42 29.38
N THR C 866 22.04 -15.51 30.14
CA THR C 866 20.95 -15.84 31.04
C THR C 866 21.04 -15.00 32.31
N ASP C 867 20.03 -15.13 33.17
CA ASP C 867 20.00 -14.35 34.41
C ASP C 867 21.16 -14.74 35.33
N GLU C 868 21.47 -16.04 35.40
CA GLU C 868 22.56 -16.48 36.27
C GLU C 868 23.90 -15.94 35.81
N MET C 869 24.13 -15.87 34.50
CA MET C 869 25.40 -15.35 34.00
C MET C 869 25.54 -13.86 34.29
N ILE C 870 24.45 -13.09 34.13
CA ILE C 870 24.49 -11.68 34.47
C ILE C 870 24.72 -11.49 35.97
N ALA C 871 24.09 -12.33 36.79
CA ALA C 871 24.30 -12.27 38.22
C ALA C 871 25.75 -12.58 38.58
N GLN C 872 26.36 -13.55 37.89
CA GLN C 872 27.76 -13.86 38.11
C GLN C 872 28.67 -12.70 37.70
N TYR C 873 28.33 -12.05 36.58
CA TYR C 873 29.08 -10.87 36.17
C TYR C 873 29.02 -9.78 37.24
N THR C 874 27.82 -9.52 37.77
CA THR C 874 27.68 -8.52 38.82
C THR C 874 28.43 -8.92 40.08
N SER C 875 28.38 -10.21 40.45
CA SER C 875 29.09 -10.66 41.64
C SER C 875 30.60 -10.50 41.47
N ALA C 876 31.12 -10.79 40.27
CA ALA C 876 32.53 -10.57 40.01
C ALA C 876 32.88 -9.08 40.09
N LEU C 877 31.99 -8.21 39.58
CA LEU C 877 32.24 -6.78 39.68
C LEU C 877 32.28 -6.31 41.13
N LEU C 878 31.33 -6.79 41.95
CA LEU C 878 31.35 -6.46 43.38
C LEU C 878 32.63 -6.96 44.04
N ALA C 879 33.04 -8.20 43.75
CA ALA C 879 34.24 -8.74 44.36
C ALA C 879 35.47 -7.92 43.99
N GLY C 880 35.60 -7.58 42.71
CA GLY C 880 36.72 -6.75 42.28
C GLY C 880 36.71 -5.38 42.92
N THR C 881 35.54 -4.75 42.99
CA THR C 881 35.45 -3.41 43.58
C THR C 881 35.80 -3.43 45.06
N ILE C 882 35.33 -4.43 45.79
CA ILE C 882 35.54 -4.45 47.24
C ILE C 882 36.87 -5.06 47.64
N THR C 883 37.57 -5.75 46.73
CA THR C 883 38.86 -6.32 47.07
C THR C 883 40.04 -5.61 46.42
N SER C 884 39.81 -4.78 45.41
CA SER C 884 40.90 -4.11 44.70
C SER C 884 40.61 -2.66 44.37
N GLY C 885 39.48 -2.13 44.81
CA GLY C 885 39.13 -0.76 44.46
C GLY C 885 38.95 -0.60 42.96
N TRP C 886 39.57 0.42 42.40
CA TRP C 886 39.53 0.66 40.95
C TRP C 886 40.74 0.10 40.22
N THR C 887 41.65 -0.57 40.93
CA THR C 887 42.86 -1.09 40.28
C THR C 887 42.53 -2.17 39.27
N PHE C 888 41.58 -3.04 39.59
CA PHE C 888 41.24 -4.14 38.68
C PHE C 888 40.60 -3.64 37.40
N GLY C 889 40.02 -2.44 37.39
CA GLY C 889 39.46 -1.89 36.17
C GLY C 889 40.50 -1.43 35.17
N ALA C 890 41.72 -1.12 35.63
CA ALA C 890 42.80 -0.68 34.77
C ALA C 890 43.76 -1.80 34.41
N GLY C 891 43.50 -3.03 34.85
CA GLY C 891 44.38 -4.14 34.57
C GLY C 891 44.28 -5.24 35.59
N ALA C 892 45.44 -5.73 36.05
CA ALA C 892 45.45 -6.79 37.06
C ALA C 892 44.95 -6.24 38.40
N ALA C 893 44.24 -7.08 39.15
CA ALA C 893 43.68 -6.66 40.43
C ALA C 893 44.78 -6.49 41.47
N LEU C 894 44.73 -5.37 42.19
CA LEU C 894 45.65 -5.08 43.28
C LEU C 894 44.88 -5.17 44.59
N GLN C 895 45.11 -6.23 45.36
CA GLN C 895 44.39 -6.40 46.61
C GLN C 895 44.72 -5.27 47.56
N ILE C 896 43.71 -4.82 48.31
CA ILE C 896 43.86 -3.70 49.23
C ILE C 896 42.73 -3.74 50.25
N PRO C 897 43.02 -3.55 51.55
CA PRO C 897 41.94 -3.52 52.54
C PRO C 897 40.99 -2.36 52.29
N PHE C 898 39.73 -2.57 52.67
CA PHE C 898 38.69 -1.59 52.40
C PHE C 898 38.94 -0.26 53.12
N ALA C 899 39.70 -0.28 54.22
CA ALA C 899 39.97 0.96 54.94
C ALA C 899 40.78 1.93 54.10
N MET C 900 41.89 1.47 53.53
CA MET C 900 42.69 2.36 52.68
C MET C 900 41.99 2.67 51.36
N GLN C 901 41.12 1.78 50.88
CA GLN C 901 40.32 2.11 49.71
C GLN C 901 39.37 3.26 50.01
N MET C 902 38.73 3.23 51.18
CA MET C 902 37.89 4.34 51.60
C MET C 902 38.69 5.61 51.79
N ALA C 903 39.91 5.48 52.33
CA ALA C 903 40.78 6.66 52.50
C ALA C 903 41.14 7.26 51.14
N TYR C 904 41.46 6.42 50.16
CA TYR C 904 41.78 6.90 48.82
C TYR C 904 40.57 7.58 48.19
N ARG C 905 39.38 7.00 48.36
CA ARG C 905 38.18 7.59 47.78
C ARG C 905 37.84 8.93 48.45
N PHE C 906 38.09 9.04 49.76
CA PHE C 906 37.93 10.33 50.43
C PHE C 906 38.94 11.34 49.91
N ASN C 907 40.18 10.90 49.67
CA ASN C 907 41.18 11.79 49.07
C ASN C 907 40.74 12.25 47.70
N GLY C 908 39.99 11.41 46.97
CA GLY C 908 39.50 11.81 45.67
C GLY C 908 38.54 12.99 45.74
N ILE C 909 37.76 13.08 46.81
CA ILE C 909 36.79 14.15 46.98
C ILE C 909 37.33 15.28 47.86
N GLY C 910 38.65 15.32 48.08
CA GLY C 910 39.24 16.40 48.85
C GLY C 910 39.13 16.26 50.35
N VAL C 911 38.96 15.06 50.87
CA VAL C 911 38.88 14.81 52.30
C VAL C 911 40.05 13.93 52.71
N THR C 912 40.75 14.34 53.76
CA THR C 912 41.94 13.61 54.19
C THR C 912 41.56 12.27 54.81
N GLN C 913 42.56 11.38 54.89
CA GLN C 913 42.32 10.03 55.40
C GLN C 913 42.00 10.03 56.88
N ASN C 914 42.53 10.99 57.64
CA ASN C 914 42.29 11.02 59.08
C ASN C 914 40.82 11.21 59.40
N VAL C 915 40.07 11.86 58.51
CA VAL C 915 38.63 12.00 58.71
C VAL C 915 37.97 10.63 58.70
N LEU C 916 38.36 9.76 57.76
CA LEU C 916 37.85 8.40 57.75
C LEU C 916 38.31 7.62 58.98
N TYR C 917 39.60 7.71 59.29
CA TYR C 917 40.15 6.85 60.34
C TYR C 917 39.64 7.24 61.73
N GLU C 918 39.32 8.51 61.94
CA GLU C 918 38.77 8.93 63.22
C GLU C 918 37.36 8.40 63.44
N ASN C 919 36.57 8.29 62.36
CA ASN C 919 35.18 7.87 62.44
C ASN C 919 34.90 6.72 61.50
N GLN C 920 35.79 5.72 61.49
CA GLN C 920 35.58 4.55 60.63
C GLN C 920 34.34 3.77 61.06
N LYS C 921 34.16 3.57 62.38
CA LYS C 921 32.99 2.84 62.86
C LYS C 921 31.71 3.58 62.53
N LEU C 922 31.70 4.90 62.69
CA LEU C 922 30.51 5.69 62.37
C LEU C 922 30.20 5.63 60.88
N ILE C 923 31.24 5.66 60.03
CA ILE C 923 31.03 5.58 58.60
C ILE C 923 30.46 4.21 58.22
N ALA C 924 31.00 3.15 58.82
CA ALA C 924 30.47 1.81 58.55
C ALA C 924 29.02 1.69 59.00
N ASN C 925 28.70 2.24 60.18
CA ASN C 925 27.33 2.20 60.66
C ASN C 925 26.39 2.97 59.74
N GLN C 926 26.83 4.13 59.26
CA GLN C 926 26.01 4.91 58.33
C GLN C 926 25.79 4.15 57.03
N PHE C 927 26.84 3.50 56.52
CA PHE C 927 26.68 2.72 55.30
C PHE C 927 25.71 1.57 55.50
N ASN C 928 25.81 0.87 56.64
CA ASN C 928 24.88 -0.23 56.91
C ASN C 928 23.45 0.28 57.04
N SER C 929 23.27 1.43 57.69
CA SER C 929 21.93 2.01 57.82
C SER C 929 21.38 2.40 56.46
N ALA C 930 22.22 2.95 55.58
CA ALA C 930 21.77 3.30 54.23
C ALA C 930 21.37 2.06 53.45
N ILE C 931 22.14 0.98 53.56
CA ILE C 931 21.78 -0.26 52.89
C ILE C 931 20.46 -0.79 53.42
N GLY C 932 20.26 -0.71 54.74
CA GLY C 932 18.99 -1.14 55.31
C GLY C 932 17.82 -0.29 54.83
N LYS C 933 18.03 1.01 54.70
CA LYS C 933 16.97 1.89 54.19
C LYS C 933 16.64 1.56 52.74
N ILE C 934 17.66 1.28 51.92
CA ILE C 934 17.40 0.85 50.54
C ILE C 934 16.64 -0.46 50.52
N GLN C 935 17.01 -1.39 51.39
CA GLN C 935 16.27 -2.65 51.52
C GLN C 935 14.80 -2.40 51.84
N ASP C 936 14.54 -1.54 52.83
CA ASP C 936 13.17 -1.26 53.22
C ASP C 936 12.40 -0.58 52.10
N SER C 937 13.04 0.35 51.40
CA SER C 937 12.37 1.04 50.29
C SER C 937 12.02 0.07 49.17
N LEU C 938 12.94 -0.85 48.85
CA LEU C 938 12.67 -1.83 47.81
C LEU C 938 11.57 -2.80 48.23
N SER C 939 11.53 -3.15 49.52
CA SER C 939 10.53 -4.12 49.98
C SER C 939 9.15 -3.50 50.06
N SER C 940 9.04 -2.26 50.56
CA SER C 940 7.77 -1.63 50.83
C SER C 940 7.30 -0.73 49.68
N THR C 941 8.11 0.27 49.33
CA THR C 941 7.69 1.24 48.31
C THR C 941 7.58 0.58 46.95
N ALA C 942 6.50 0.88 46.25
CA ALA C 942 6.22 0.32 44.93
C ALA C 942 6.64 1.29 43.84
N SER C 943 6.59 0.81 42.60
CA SER C 943 6.93 1.59 41.41
C SER C 943 8.36 2.11 41.46
N ALA C 944 9.25 1.38 42.14
CA ALA C 944 10.66 1.76 42.16
C ALA C 944 11.36 1.43 40.85
N LEU C 945 10.93 0.37 40.17
CA LEU C 945 11.51 -0.06 38.90
C LEU C 945 10.63 0.32 37.72
N GLY C 946 10.05 1.51 37.77
CA GLY C 946 9.05 1.91 36.79
C GLY C 946 9.55 1.99 35.36
N LYS C 947 10.86 2.20 35.16
CA LYS C 947 11.38 2.32 33.80
C LYS C 947 11.31 0.98 33.07
N LEU C 948 11.80 -0.09 33.71
CA LEU C 948 11.74 -1.40 33.09
C LEU C 948 10.30 -1.87 32.91
N GLN C 949 9.44 -1.58 33.88
CA GLN C 949 8.02 -1.92 33.75
C GLN C 949 7.39 -1.18 32.58
N ASP C 950 7.73 0.10 32.40
CA ASP C 950 7.22 0.85 31.27
C ASP C 950 7.73 0.27 29.95
N VAL C 951 8.99 -0.14 29.90
CA VAL C 951 9.55 -0.70 28.68
C VAL C 951 8.83 -2.00 28.31
N VAL C 952 8.68 -2.90 29.29
CA VAL C 952 8.03 -4.18 28.99
C VAL C 952 6.55 -3.97 28.68
N ASN C 953 5.90 -3.01 29.33
CA ASN C 953 4.50 -2.71 29.00
C ASN C 953 4.37 -2.17 27.59
N GLN C 954 5.30 -1.31 27.17
CA GLN C 954 5.27 -0.81 25.79
C GLN C 954 5.47 -1.94 24.79
N ASN C 955 6.40 -2.85 25.07
CA ASN C 955 6.61 -3.97 24.17
C ASN C 955 5.36 -4.86 24.10
N ALA C 956 4.75 -5.15 25.24
CA ALA C 956 3.55 -5.97 25.26
C ALA C 956 2.41 -5.28 24.53
N GLN C 957 2.29 -3.96 24.69
CA GLN C 957 1.25 -3.21 23.99
C GLN C 957 1.49 -3.24 22.49
N ALA C 958 2.74 -3.14 22.05
CA ALA C 958 3.04 -3.21 20.62
C ALA C 958 2.66 -4.58 20.05
N LEU C 959 3.02 -5.65 20.75
CA LEU C 959 2.66 -6.98 20.28
C LEU C 959 1.14 -7.17 20.27
N ASN C 960 0.45 -6.69 21.31
CA ASN C 960 -1.00 -6.82 21.35
C ASN C 960 -1.66 -6.02 20.22
N THR C 961 -1.12 -4.84 19.93
CA THR C 961 -1.65 -4.04 18.82
C THR C 961 -1.44 -4.75 17.49
N LEU C 962 -0.28 -5.38 17.31
CA LEU C 962 -0.04 -6.14 16.09
C LEU C 962 -1.02 -7.30 15.96
N VAL C 963 -1.26 -8.02 17.06
CA VAL C 963 -2.21 -9.13 17.03
C VAL C 963 -3.62 -8.63 16.71
N LYS C 964 -4.02 -7.51 17.32
CA LYS C 964 -5.34 -6.96 17.06
C LYS C 964 -5.48 -6.51 15.60
N GLN C 965 -4.44 -5.87 15.06
CA GLN C 965 -4.46 -5.46 13.66
C GLN C 965 -4.48 -6.66 12.72
N LEU C 966 -3.94 -7.80 13.15
CA LEU C 966 -4.03 -9.00 12.33
C LEU C 966 -5.47 -9.39 12.03
N SER C 967 -6.38 -9.22 12.99
CA SER C 967 -7.78 -9.60 12.84
C SER C 967 -8.66 -8.40 12.45
N SER C 968 -8.11 -7.46 11.71
CA SER C 968 -8.85 -6.28 11.26
C SER C 968 -9.29 -6.47 9.81
N ASN C 969 -10.43 -5.85 9.46
CA ASN C 969 -11.02 -6.06 8.14
C ASN C 969 -10.20 -5.42 7.03
N PHE C 970 -9.59 -4.25 7.29
CA PHE C 970 -8.78 -3.54 6.30
C PHE C 970 -9.56 -3.23 5.04
N GLY C 971 -10.84 -2.89 5.21
CA GLY C 971 -11.68 -2.52 4.10
C GLY C 971 -12.21 -3.67 3.27
N ALA C 972 -11.92 -4.91 3.66
CA ALA C 972 -12.40 -6.07 2.92
C ALA C 972 -13.79 -6.46 3.42
N ILE C 973 -14.29 -7.60 2.98
CA ILE C 973 -15.59 -8.06 3.44
C ILE C 973 -15.50 -8.73 4.81
N SER C 974 -14.39 -9.41 5.09
CA SER C 974 -14.20 -10.09 6.36
C SER C 974 -12.73 -10.08 6.72
N SER C 975 -12.46 -10.24 8.02
CA SER C 975 -11.09 -10.26 8.51
C SER C 975 -10.44 -11.63 8.39
N VAL C 976 -11.18 -12.65 7.98
CA VAL C 976 -10.68 -14.01 7.82
C VAL C 976 -10.54 -14.31 6.33
N LEU C 977 -9.43 -14.95 5.96
CA LEU C 977 -9.10 -15.17 4.56
C LEU C 977 -9.62 -16.51 4.04
N ASN C 978 -9.71 -17.51 4.92
CA ASN C 978 -10.22 -18.82 4.49
C ASN C 978 -11.66 -18.73 4.03
N ASP C 979 -12.49 -17.96 4.74
CA ASP C 979 -13.87 -17.77 4.32
C ASP C 979 -13.95 -17.05 2.98
N ILE C 980 -13.04 -16.09 2.77
CA ILE C 980 -12.98 -15.40 1.48
C ILE C 980 -12.65 -16.40 0.37
N LEU C 981 -11.72 -17.31 0.62
CA LEU C 981 -11.39 -18.35 -0.36
C LEU C 981 -12.59 -19.23 -0.63
N SER C 982 -13.29 -19.65 0.42
CA SER C 982 -14.39 -20.61 0.29
C SER C 982 -15.68 -19.98 -0.21
N ARG C 983 -15.77 -18.65 -0.26
CA ARG C 983 -16.99 -17.97 -0.65
C ARG C 983 -16.92 -17.26 -1.98
N LEU C 984 -15.78 -16.68 -2.34
CA LEU C 984 -15.67 -15.85 -3.52
C LEU C 984 -14.98 -16.59 -4.67
N ASP C 985 -15.22 -16.08 -5.88
CA ASP C 985 -14.53 -16.57 -7.06
C ASP C 985 -13.07 -16.09 -7.05
N PRO C 986 -12.20 -16.72 -7.82
CA PRO C 986 -10.76 -16.41 -7.75
C PRO C 986 -10.46 -14.93 -7.97
N PRO C 987 -11.13 -14.22 -8.90
CA PRO C 987 -10.82 -12.79 -9.03
C PRO C 987 -11.15 -11.96 -7.80
N GLU C 988 -12.38 -12.05 -7.30
CA GLU C 988 -12.74 -11.31 -6.09
C GLU C 988 -11.92 -11.78 -4.90
N ALA C 989 -11.66 -13.10 -4.82
CA ALA C 989 -10.86 -13.62 -3.72
C ALA C 989 -9.46 -13.03 -3.73
N GLU C 990 -8.82 -12.95 -4.91
CA GLU C 990 -7.47 -12.40 -4.95
C GLU C 990 -7.48 -10.89 -4.75
N VAL C 991 -8.55 -10.20 -5.14
CA VAL C 991 -8.65 -8.77 -4.85
C VAL C 991 -8.71 -8.54 -3.34
N GLN C 992 -9.55 -9.31 -2.65
CA GLN C 992 -9.63 -9.17 -1.19
C GLN C 992 -8.32 -9.57 -0.53
N ILE C 993 -7.67 -10.62 -1.05
CA ILE C 993 -6.38 -11.04 -0.51
C ILE C 993 -5.34 -9.94 -0.69
N ASP C 994 -5.35 -9.28 -1.85
CA ASP C 994 -4.42 -8.17 -2.10
C ASP C 994 -4.66 -7.03 -1.12
N ARG C 995 -5.94 -6.69 -0.88
CA ARG C 995 -6.25 -5.62 0.07
C ARG C 995 -5.78 -5.97 1.46
N LEU C 996 -6.05 -7.21 1.90
CA LEU C 996 -5.62 -7.65 3.22
C LEU C 996 -4.09 -7.66 3.33
N ILE C 997 -3.41 -8.07 2.25
CA ILE C 997 -1.95 -8.09 2.24
C ILE C 997 -1.41 -6.68 2.39
N THR C 998 -1.99 -5.72 1.68
CA THR C 998 -1.54 -4.34 1.79
C THR C 998 -1.74 -3.81 3.19
N GLY C 999 -2.91 -4.07 3.79
CA GLY C 999 -3.17 -3.59 5.14
C GLY C 999 -2.23 -4.21 6.17
N ARG C 1000 -2.04 -5.52 6.08
CA ARG C 1000 -1.18 -6.21 7.04
C ARG C 1000 0.28 -5.79 6.86
N LEU C 1001 0.71 -5.56 5.62
CA LEU C 1001 2.06 -5.07 5.39
C LEU C 1001 2.25 -3.68 5.98
N GLN C 1002 1.25 -2.81 5.83
CA GLN C 1002 1.34 -1.48 6.43
C GLN C 1002 1.44 -1.58 7.95
N SER C 1003 0.61 -2.43 8.55
CA SER C 1003 0.66 -2.59 10.01
C SER C 1003 2.01 -3.13 10.46
N LEU C 1004 2.54 -4.12 9.74
CA LEU C 1004 3.83 -4.70 10.11
C LEU C 1004 4.97 -3.69 9.95
N GLN C 1005 4.93 -2.87 8.90
CA GLN C 1005 5.94 -1.84 8.73
C GLN C 1005 5.86 -0.79 9.84
N THR C 1006 4.65 -0.41 10.24
CA THR C 1006 4.51 0.52 11.35
C THR C 1006 5.08 -0.08 12.64
N TYR C 1007 4.78 -1.36 12.89
CA TYR C 1007 5.32 -2.03 14.07
C TYR C 1007 6.84 -2.09 14.03
N VAL C 1008 7.41 -2.38 12.85
CA VAL C 1008 8.86 -2.47 12.71
C VAL C 1008 9.50 -1.11 12.95
N THR C 1009 8.91 -0.04 12.42
CA THR C 1009 9.45 1.29 12.64
C THR C 1009 9.41 1.66 14.13
N GLN C 1010 8.29 1.37 14.80
CA GLN C 1010 8.21 1.64 16.22
C GLN C 1010 9.23 0.83 17.01
N GLN C 1011 9.41 -0.43 16.64
CA GLN C 1011 10.41 -1.27 17.30
C GLN C 1011 11.81 -0.74 17.08
N LEU C 1012 12.11 -0.24 15.88
CA LEU C 1012 13.42 0.32 15.60
C LEU C 1012 13.67 1.57 16.43
N ILE C 1013 12.66 2.43 16.55
CA ILE C 1013 12.82 3.63 17.38
C ILE C 1013 13.04 3.26 18.84
N ARG C 1014 12.25 2.29 19.35
CA ARG C 1014 12.41 1.86 20.73
C ARG C 1014 13.77 1.20 20.94
N ALA C 1015 14.26 0.45 19.95
CA ALA C 1015 15.56 -0.17 20.05
C ALA C 1015 16.67 0.87 20.07
N ALA C 1016 16.53 1.95 19.28
CA ALA C 1016 17.50 3.03 19.34
C ALA C 1016 17.51 3.70 20.72
N GLU C 1017 16.33 3.93 21.28
CA GLU C 1017 16.26 4.53 22.61
C GLU C 1017 16.89 3.61 23.66
N ILE C 1018 16.61 2.30 23.57
CA ILE C 1018 17.17 1.34 24.50
C ILE C 1018 18.68 1.25 24.33
N ARG C 1019 19.17 1.37 23.10
CA ARG C 1019 20.61 1.36 22.86
C ARG C 1019 21.27 2.58 23.48
N ALA C 1020 20.64 3.75 23.37
CA ALA C 1020 21.19 4.93 24.03
C ALA C 1020 21.22 4.75 25.54
N SER C 1021 20.14 4.22 26.11
CA SER C 1021 20.10 3.99 27.55
C SER C 1021 21.15 2.98 27.98
N ALA C 1022 21.37 1.95 27.18
CA ALA C 1022 22.37 0.94 27.50
C ALA C 1022 23.79 1.48 27.40
N ASN C 1023 24.04 2.36 26.41
CA ASN C 1023 25.32 3.04 26.34
C ASN C 1023 25.56 3.88 27.58
N LEU C 1024 24.51 4.59 28.03
CA LEU C 1024 24.63 5.37 29.26
C LEU C 1024 24.92 4.47 30.46
N ALA C 1025 24.21 3.34 30.56
CA ALA C 1025 24.41 2.43 31.68
C ALA C 1025 25.83 1.85 31.69
N ALA C 1026 26.33 1.47 30.51
CA ALA C 1026 27.69 0.93 30.43
C ALA C 1026 28.72 1.98 30.77
N THR C 1027 28.49 3.23 30.35
CA THR C 1027 29.40 4.32 30.70
C THR C 1027 29.40 4.59 32.21
N LYS C 1028 28.22 4.55 32.83
CA LYS C 1028 28.14 4.68 34.27
C LYS C 1028 28.88 3.56 34.97
N MET C 1029 28.76 2.34 34.46
CA MET C 1029 29.53 1.22 34.97
C MET C 1029 31.03 1.46 34.80
N SER C 1030 31.42 2.08 33.68
CA SER C 1030 32.83 2.23 33.37
C SER C 1030 33.51 3.22 34.31
N GLU C 1031 32.96 4.42 34.50
CA GLU C 1031 33.62 5.33 35.43
C GLU C 1031 32.90 5.53 36.76
N CYS C 1032 32.02 4.64 37.18
CA CYS C 1032 31.46 4.76 38.52
C CYS C 1032 31.60 3.45 39.31
N VAL C 1033 31.64 2.32 38.61
CA VAL C 1033 31.91 1.05 39.25
C VAL C 1033 33.39 0.69 39.16
N LEU C 1034 34.00 0.91 38.00
CA LEU C 1034 35.42 0.61 37.80
C LEU C 1034 36.33 1.74 38.24
N GLY C 1035 35.78 2.83 38.78
CA GLY C 1035 36.59 3.94 39.23
C GLY C 1035 35.73 4.97 39.92
N GLN C 1036 36.40 6.03 40.36
CA GLN C 1036 35.73 7.15 41.03
C GLN C 1036 35.54 8.30 40.05
N SER C 1037 34.34 8.85 40.02
CA SER C 1037 33.98 9.90 39.07
C SER C 1037 33.91 11.24 39.77
N LYS C 1038 34.60 12.23 39.21
CA LYS C 1038 34.56 13.60 39.71
C LYS C 1038 33.41 14.42 39.13
N ARG C 1039 32.66 13.85 38.19
CA ARG C 1039 31.55 14.58 37.58
C ARG C 1039 30.44 14.82 38.59
N VAL C 1040 29.86 16.01 38.53
CA VAL C 1040 28.84 16.42 39.50
C VAL C 1040 27.50 15.84 39.09
N ASP C 1041 26.83 15.17 40.03
CA ASP C 1041 25.49 14.61 39.88
C ASP C 1041 25.41 13.52 38.82
N PHE C 1042 26.54 13.02 38.33
CA PHE C 1042 26.51 11.96 37.32
C PHE C 1042 26.09 10.62 37.93
N CYS C 1043 26.61 10.31 39.11
CA CYS C 1043 26.36 9.05 39.79
C CYS C 1043 25.95 9.29 41.24
N GLY C 1044 24.98 10.18 41.43
CA GLY C 1044 24.45 10.45 42.75
C GLY C 1044 24.46 11.92 43.12
N LYS C 1045 23.60 12.29 44.06
CA LYS C 1045 23.52 13.67 44.56
C LYS C 1045 24.50 13.81 45.72
N GLY C 1046 25.63 14.46 45.46
CA GLY C 1046 26.68 14.65 46.44
C GLY C 1046 28.02 14.23 45.87
N TYR C 1047 29.02 14.22 46.74
CA TYR C 1047 30.37 13.81 46.35
C TYR C 1047 30.39 12.30 46.21
N HIS C 1048 30.57 11.82 44.98
CA HIS C 1048 30.51 10.38 44.71
C HIS C 1048 31.71 9.68 45.33
N LEU C 1049 31.44 8.57 46.04
CA LEU C 1049 32.49 7.74 46.61
C LEU C 1049 32.70 6.45 45.84
N MET C 1050 31.64 5.67 45.62
CA MET C 1050 31.74 4.45 44.83
C MET C 1050 30.33 4.02 44.41
N SER C 1051 30.26 2.89 43.71
CA SER C 1051 28.99 2.39 43.22
C SER C 1051 28.99 0.87 43.25
N PHE C 1052 27.79 0.30 43.31
CA PHE C 1052 27.60 -1.15 43.32
C PHE C 1052 26.61 -1.50 42.24
N PRO C 1053 26.95 -2.38 41.29
CA PRO C 1053 26.00 -2.77 40.25
C PRO C 1053 25.20 -4.02 40.61
N GLN C 1054 23.92 -4.02 40.20
CA GLN C 1054 23.04 -5.14 40.41
C GLN C 1054 22.23 -5.39 39.15
N SER C 1055 21.83 -6.64 38.96
CA SER C 1055 21.05 -7.01 37.78
C SER C 1055 19.60 -6.57 37.94
N ALA C 1056 18.88 -6.60 36.82
CA ALA C 1056 17.45 -6.31 36.78
C ALA C 1056 16.87 -7.02 35.57
N PRO C 1057 15.59 -7.43 35.62
CA PRO C 1057 15.02 -8.30 34.57
C PRO C 1057 15.40 -7.92 33.15
N HIS C 1058 15.51 -6.62 32.86
CA HIS C 1058 15.98 -6.16 31.57
C HIS C 1058 16.88 -4.95 31.69
N GLY C 1059 17.64 -4.84 32.77
CA GLY C 1059 18.48 -3.68 32.94
C GLY C 1059 19.45 -3.83 34.08
N VAL C 1060 20.02 -2.69 34.48
CA VAL C 1060 21.00 -2.64 35.56
C VAL C 1060 20.54 -1.60 36.57
N VAL C 1061 21.01 -1.77 37.81
CA VAL C 1061 20.69 -0.86 38.90
C VAL C 1061 21.97 -0.53 39.65
N PHE C 1062 22.25 0.75 39.78
CA PHE C 1062 23.44 1.23 40.46
C PHE C 1062 23.06 1.76 41.84
N LEU C 1063 23.69 1.23 42.88
CA LEU C 1063 23.61 1.77 44.22
C LEU C 1063 24.85 2.63 44.44
N HIS C 1064 24.68 3.94 44.41
CA HIS C 1064 25.79 4.88 44.52
C HIS C 1064 25.97 5.27 45.98
N VAL C 1065 27.15 4.97 46.53
CA VAL C 1065 27.54 5.41 47.85
C VAL C 1065 28.26 6.75 47.69
N THR C 1066 27.73 7.78 48.33
CA THR C 1066 28.20 9.15 48.16
C THR C 1066 28.33 9.83 49.51
N TYR C 1067 29.11 10.90 49.51
CA TYR C 1067 29.42 11.69 50.70
C TYR C 1067 28.63 12.99 50.65
N VAL C 1068 27.93 13.32 51.74
CA VAL C 1068 27.10 14.50 51.83
C VAL C 1068 27.50 15.31 53.06
N PRO C 1069 27.89 16.57 52.92
CA PRO C 1069 28.16 17.40 54.10
C PRO C 1069 26.88 17.68 54.88
N ALA C 1070 27.05 17.89 56.19
CA ALA C 1070 25.91 18.17 57.05
C ALA C 1070 26.42 18.86 58.31
N GLN C 1071 25.48 19.47 59.04
CA GLN C 1071 25.76 20.19 60.29
C GLN C 1071 26.78 21.30 60.05
N GLU C 1072 26.40 22.24 59.19
CA GLU C 1072 27.27 23.36 58.86
C GLU C 1072 27.27 24.40 59.97
N LYS C 1073 28.37 25.15 60.04
CA LYS C 1073 28.54 26.21 61.01
C LYS C 1073 29.14 27.43 60.33
N ASN C 1074 28.82 28.61 60.87
CA ASN C 1074 29.32 29.86 60.33
C ASN C 1074 30.73 30.14 60.84
N PHE C 1075 31.54 30.74 59.97
CA PHE C 1075 32.90 31.12 60.33
C PHE C 1075 33.26 32.41 59.60
N THR C 1076 34.21 33.15 60.18
CA THR C 1076 34.71 34.39 59.60
C THR C 1076 36.05 34.11 58.92
N THR C 1077 36.15 34.49 57.66
CA THR C 1077 37.30 34.16 56.83
C THR C 1077 38.07 35.39 56.40
N ALA C 1078 39.18 35.14 55.70
CA ALA C 1078 40.03 36.17 55.14
C ALA C 1078 40.76 35.56 53.95
N PRO C 1079 40.91 36.30 52.85
CA PRO C 1079 41.65 35.75 51.69
C PRO C 1079 43.08 35.37 52.01
N ALA C 1080 43.75 36.10 52.90
CA ALA C 1080 45.14 35.84 53.23
C ALA C 1080 45.41 36.36 54.64
N ILE C 1081 46.63 36.11 55.12
CA ILE C 1081 47.05 36.53 56.45
C ILE C 1081 48.26 37.45 56.31
N CYS C 1082 48.21 38.61 56.96
CA CYS C 1082 49.30 39.57 56.93
C CYS C 1082 50.22 39.33 58.13
N HIS C 1083 51.46 38.95 57.86
CA HIS C 1083 52.45 38.73 58.90
C HIS C 1083 53.81 39.21 58.41
N ASP C 1084 54.47 40.04 59.24
CA ASP C 1084 55.78 40.59 58.92
C ASP C 1084 55.78 41.31 57.58
N GLY C 1085 54.70 42.01 57.28
CA GLY C 1085 54.58 42.70 56.01
C GLY C 1085 54.48 41.79 54.81
N LYS C 1086 54.04 40.55 55.00
CA LYS C 1086 53.95 39.58 53.92
C LYS C 1086 52.58 38.92 53.94
N ALA C 1087 52.12 38.51 52.77
CA ALA C 1087 50.82 37.88 52.60
C ALA C 1087 50.98 36.37 52.51
N HIS C 1088 50.27 35.65 53.37
CA HIS C 1088 50.32 34.20 53.43
C HIS C 1088 48.98 33.64 52.97
N PHE C 1089 49.03 32.66 52.07
CA PHE C 1089 47.86 31.97 51.55
C PHE C 1089 47.95 30.49 51.87
N PRO C 1090 46.85 29.83 52.21
CA PRO C 1090 46.91 28.41 52.55
C PRO C 1090 47.20 27.56 51.32
N ARG C 1091 47.99 26.50 51.53
CA ARG C 1091 48.25 25.56 50.44
C ARG C 1091 46.98 24.83 50.03
N GLU C 1092 46.25 24.28 51.00
CA GLU C 1092 44.94 23.72 50.78
C GLU C 1092 44.07 23.99 52.01
N GLY C 1093 42.80 24.31 51.78
CA GLY C 1093 41.88 24.62 52.85
C GLY C 1093 41.42 26.07 52.80
N VAL C 1094 41.13 26.61 53.98
CA VAL C 1094 40.61 27.96 54.09
C VAL C 1094 40.95 28.49 55.48
N PHE C 1095 41.22 29.78 55.56
CA PHE C 1095 41.40 30.46 56.83
C PHE C 1095 40.04 30.81 57.43
N VAL C 1096 39.82 30.43 58.68
CA VAL C 1096 38.56 30.68 59.36
C VAL C 1096 38.84 31.27 60.74
N SER C 1097 37.80 31.87 61.31
CA SER C 1097 37.88 32.44 62.65
C SER C 1097 36.61 32.11 63.41
N ASN C 1098 36.76 31.70 64.66
CA ASN C 1098 35.65 31.38 65.53
C ASN C 1098 35.24 32.56 66.41
N GLY C 1099 35.80 33.74 66.18
CA GLY C 1099 35.46 34.92 66.94
C GLY C 1099 36.66 35.59 67.57
N THR C 1100 37.61 34.80 68.04
CA THR C 1100 38.81 35.32 68.70
C THR C 1100 40.10 34.88 68.05
N HIS C 1101 40.20 33.62 67.63
CA HIS C 1101 41.42 33.06 67.07
C HIS C 1101 41.19 32.64 65.63
N TRP C 1102 42.26 32.68 64.84
CA TRP C 1102 42.24 32.31 63.43
C TRP C 1102 42.93 30.97 63.25
N PHE C 1103 42.28 30.07 62.52
CA PHE C 1103 42.82 28.76 62.22
C PHE C 1103 42.74 28.52 60.72
N VAL C 1104 43.34 27.40 60.28
CA VAL C 1104 43.27 26.96 58.90
C VAL C 1104 42.68 25.56 58.87
N THR C 1105 41.71 25.34 58.00
CA THR C 1105 41.03 24.05 57.92
C THR C 1105 40.94 23.64 56.45
N GLN C 1106 40.18 22.58 56.19
CA GLN C 1106 39.91 22.15 54.83
C GLN C 1106 38.48 22.50 54.44
N ARG C 1107 38.21 22.43 53.13
CA ARG C 1107 36.96 22.97 52.61
C ARG C 1107 35.77 22.11 52.97
N ASN C 1108 35.92 20.79 52.88
CA ASN C 1108 34.79 19.87 53.03
C ASN C 1108 34.58 19.38 54.45
N PHE C 1109 35.45 19.75 55.40
CA PHE C 1109 35.29 19.31 56.77
C PHE C 1109 35.95 20.33 57.68
N TYR C 1110 35.53 20.33 58.95
CA TYR C 1110 36.03 21.27 59.95
C TYR C 1110 37.15 20.61 60.74
N GLU C 1111 38.40 20.94 60.37
CA GLU C 1111 39.58 20.47 61.07
C GLU C 1111 40.45 21.70 61.37
N PRO C 1112 40.11 22.46 62.41
CA PRO C 1112 40.85 23.69 62.68
C PRO C 1112 42.27 23.39 63.14
N GLN C 1113 43.24 24.05 62.48
CA GLN C 1113 44.65 23.92 62.83
C GLN C 1113 45.28 25.30 62.87
N ILE C 1114 46.28 25.46 63.72
CA ILE C 1114 46.95 26.75 63.86
C ILE C 1114 47.67 27.09 62.55
N ILE C 1115 47.75 28.40 62.27
CA ILE C 1115 48.41 28.85 61.05
C ILE C 1115 49.91 28.67 61.19
N THR C 1116 50.50 28.00 60.21
CA THR C 1116 51.92 27.64 60.26
C THR C 1116 52.53 27.89 58.88
N THR C 1117 53.86 28.09 58.87
CA THR C 1117 54.55 28.27 57.61
C THR C 1117 54.56 27.01 56.74
N ASP C 1118 54.26 25.84 57.33
CA ASP C 1118 54.29 24.60 56.56
C ASP C 1118 53.11 24.49 55.61
N ASN C 1119 51.92 24.88 56.06
CA ASN C 1119 50.71 24.78 55.24
C ASN C 1119 50.31 26.11 54.62
N THR C 1120 51.20 27.11 54.65
CA THR C 1120 50.96 28.41 54.04
C THR C 1120 52.17 28.81 53.21
N PHE C 1121 51.92 29.61 52.17
CA PHE C 1121 52.97 30.09 51.30
C PHE C 1121 52.84 31.61 51.12
N VAL C 1122 53.98 32.26 50.93
CA VAL C 1122 54.06 33.71 50.79
C VAL C 1122 54.19 34.07 49.32
N SER C 1123 53.33 34.96 48.85
CA SER C 1123 53.36 35.39 47.45
C SER C 1123 53.13 36.89 47.34
N GLY C 1124 53.77 37.67 48.20
CA GLY C 1124 53.68 39.11 48.11
C GLY C 1124 53.52 39.83 49.43
N ASN C 1125 52.95 41.04 49.38
CA ASN C 1125 52.76 41.88 50.55
C ASN C 1125 51.26 42.06 50.81
N CYS C 1126 50.94 42.89 51.79
CA CYS C 1126 49.56 43.12 52.22
C CYS C 1126 48.97 44.39 51.62
N ASP C 1127 49.66 45.03 50.68
CA ASP C 1127 49.20 46.27 50.07
C ASP C 1127 48.38 46.05 48.82
N VAL C 1128 48.15 44.80 48.41
CA VAL C 1128 47.41 44.52 47.19
C VAL C 1128 46.22 43.60 47.41
N VAL C 1129 46.23 42.74 48.42
CA VAL C 1129 45.13 41.80 48.63
C VAL C 1129 43.95 42.52 49.27
N ILE C 1130 42.78 42.36 48.67
CA ILE C 1130 41.55 42.96 49.19
C ILE C 1130 40.98 42.01 50.25
N GLY C 1131 40.85 42.51 51.48
CA GLY C 1131 40.38 41.71 52.58
C GLY C 1131 41.46 41.16 53.48
N ILE C 1132 42.69 41.68 53.40
CA ILE C 1132 43.79 41.16 54.21
C ILE C 1132 43.48 41.39 55.69
N VAL C 1133 43.90 40.44 56.52
CA VAL C 1133 43.66 40.48 57.96
C VAL C 1133 44.98 40.25 58.68
N ASN C 1134 45.28 41.14 59.63
CA ASN C 1134 46.50 41.01 60.42
C ASN C 1134 46.41 39.81 61.35
N ASN C 1135 47.50 39.04 61.40
CA ASN C 1135 47.59 37.89 62.30
C ASN C 1135 49.05 37.45 62.34
N THR C 1136 49.35 36.59 63.32
CA THR C 1136 50.68 36.01 63.46
C THR C 1136 50.70 34.60 62.88
N VAL C 1137 51.85 34.21 62.34
CA VAL C 1137 52.05 32.90 61.75
C VAL C 1137 53.12 32.18 62.56
N TYR C 1138 52.78 31.02 63.11
CA TYR C 1138 53.71 30.26 63.93
C TYR C 1138 54.76 29.59 63.07
N ASP C 1139 56.03 29.77 63.45
CA ASP C 1139 57.14 29.13 62.74
C ASP C 1139 57.72 28.03 63.61
N PRO C 1140 57.63 26.76 63.20
CA PRO C 1140 58.14 25.65 64.01
C PRO C 1140 59.64 25.41 63.85
N LEU C 1141 60.40 26.49 63.90
CA LEU C 1141 61.86 26.43 63.84
C LEU C 1141 62.52 27.20 64.96
N GLN C 1142 61.96 28.34 65.37
CA GLN C 1142 62.53 29.11 66.47
C GLN C 1142 62.54 28.34 67.78
N PRO C 1143 61.47 27.68 68.22
CA PRO C 1143 61.56 26.90 69.47
C PRO C 1143 62.60 25.80 69.42
N GLU C 1144 62.82 25.18 68.27
CA GLU C 1144 63.85 24.15 68.16
C GLU C 1144 65.24 24.73 68.39
N LEU C 1145 65.50 25.91 67.84
CA LEU C 1145 66.80 26.55 68.06
C LEU C 1145 67.00 26.93 69.52
N ASP C 1146 65.96 27.43 70.17
CA ASP C 1146 66.04 27.83 71.57
C ASP C 1146 65.75 26.65 72.49
N GLN D 1 7.95 -35.82 -77.15
CA GLN D 1 7.23 -34.58 -76.96
C GLN D 1 5.75 -34.85 -76.70
N VAL D 2 5.10 -33.95 -75.96
CA VAL D 2 3.68 -34.06 -75.68
C VAL D 2 2.91 -33.60 -76.91
N GLN D 3 1.97 -34.44 -77.36
CA GLN D 3 1.20 -34.14 -78.56
C GLN D 3 -0.10 -34.92 -78.52
N LEU D 4 -1.08 -34.42 -79.27
CA LEU D 4 -2.38 -35.06 -79.40
C LEU D 4 -2.57 -35.47 -80.85
N VAL D 5 -2.97 -36.73 -81.07
CA VAL D 5 -3.19 -37.25 -82.41
C VAL D 5 -4.66 -37.68 -82.52
N GLU D 6 -5.31 -37.26 -83.60
CA GLU D 6 -6.73 -37.54 -83.81
C GLU D 6 -6.91 -38.32 -85.11
N SER D 7 -7.77 -39.33 -85.06
CA SER D 7 -8.02 -40.19 -86.21
C SER D 7 -9.49 -40.58 -86.22
N GLY D 8 -9.91 -41.18 -87.33
CA GLY D 8 -11.28 -41.63 -87.52
C GLY D 8 -12.15 -40.69 -88.32
N GLY D 9 -11.66 -39.51 -88.68
CA GLY D 9 -12.46 -38.59 -89.46
C GLY D 9 -12.67 -39.08 -90.87
N GLY D 10 -13.76 -38.61 -91.48
CA GLY D 10 -14.08 -39.01 -92.83
C GLY D 10 -15.43 -38.45 -93.25
N LEU D 11 -15.88 -38.91 -94.40
CA LEU D 11 -17.16 -38.49 -94.97
C LEU D 11 -18.20 -39.58 -94.76
N VAL D 12 -19.33 -39.20 -94.16
CA VAL D 12 -20.41 -40.13 -93.87
C VAL D 12 -21.72 -39.49 -94.31
N GLN D 13 -22.68 -40.35 -94.66
CA GLN D 13 -23.99 -39.89 -95.10
C GLN D 13 -24.84 -39.50 -93.89
N ALA D 14 -26.02 -38.96 -94.17
CA ALA D 14 -26.93 -38.53 -93.12
C ALA D 14 -27.44 -39.73 -92.33
N GLY D 15 -27.53 -39.57 -91.01
CA GLY D 15 -28.00 -40.63 -90.15
C GLY D 15 -27.00 -41.71 -89.82
N GLY D 16 -25.73 -41.53 -90.20
CA GLY D 16 -24.72 -42.53 -89.94
C GLY D 16 -24.10 -42.40 -88.56
N SER D 17 -23.10 -43.23 -88.32
CA SER D 17 -22.37 -43.25 -87.06
C SER D 17 -20.88 -43.24 -87.33
N LEU D 18 -20.13 -42.64 -86.40
CA LEU D 18 -18.68 -42.54 -86.55
C LEU D 18 -18.03 -42.67 -85.18
N ARG D 19 -16.74 -42.98 -85.18
CA ARG D 19 -15.97 -43.17 -83.95
C ARG D 19 -14.64 -42.44 -84.08
N LEU D 20 -14.60 -41.20 -83.61
CA LEU D 20 -13.35 -40.46 -83.56
C LEU D 20 -12.49 -40.95 -82.41
N SER D 21 -11.17 -40.78 -82.55
CA SER D 21 -10.23 -41.21 -81.52
C SER D 21 -9.18 -40.12 -81.32
N CYS D 22 -8.93 -39.75 -80.06
CA CYS D 22 -7.91 -38.78 -79.71
C CYS D 22 -6.97 -39.43 -78.69
N ALA D 23 -5.68 -39.45 -79.01
CA ALA D 23 -4.68 -40.09 -78.18
C ALA D 23 -3.63 -39.06 -77.76
N ALA D 24 -3.23 -39.13 -76.49
CA ALA D 24 -2.26 -38.22 -75.90
C ALA D 24 -0.99 -38.98 -75.54
N SER D 25 0.16 -38.33 -75.72
CA SER D 25 1.46 -38.92 -75.42
C SER D 25 2.18 -38.07 -74.38
N GLY D 26 2.79 -38.73 -73.40
CA GLY D 26 3.56 -38.05 -72.38
C GLY D 26 2.85 -37.82 -71.07
N PHE D 27 1.55 -38.06 -71.00
CA PHE D 27 0.79 -37.84 -69.77
C PHE D 27 -0.46 -38.71 -69.81
N PRO D 28 -0.94 -39.17 -68.66
CA PRO D 28 -2.11 -40.06 -68.67
C PRO D 28 -3.39 -39.30 -69.01
N VAL D 29 -4.37 -40.07 -69.50
CA VAL D 29 -5.64 -39.48 -69.93
C VAL D 29 -6.42 -38.96 -68.72
N GLU D 30 -6.36 -39.66 -67.59
CA GLU D 30 -7.12 -39.29 -66.41
C GLU D 30 -6.54 -38.09 -65.67
N SER D 31 -5.37 -37.60 -66.07
CA SER D 31 -4.74 -36.50 -65.34
C SER D 31 -5.58 -35.23 -65.39
N GLU D 32 -6.16 -34.92 -66.55
CA GLU D 32 -6.94 -33.71 -66.71
C GLU D 32 -8.22 -34.02 -67.47
N ASN D 33 -9.24 -33.18 -67.25
CA ASN D 33 -10.55 -33.41 -67.84
C ASN D 33 -10.50 -33.18 -69.34
N MET D 34 -10.90 -34.19 -70.11
CA MET D 34 -10.89 -34.09 -71.56
C MET D 34 -11.95 -33.11 -72.05
N HIS D 35 -11.65 -32.43 -73.15
CA HIS D 35 -12.59 -31.49 -73.75
C HIS D 35 -12.66 -31.75 -75.25
N TRP D 36 -13.86 -31.54 -75.81
CA TRP D 36 -14.10 -31.70 -77.23
C TRP D 36 -14.88 -30.48 -77.72
N TYR D 37 -14.30 -29.76 -78.68
CA TYR D 37 -14.88 -28.55 -79.23
C TYR D 37 -15.17 -28.76 -80.71
N ARG D 38 -16.11 -27.97 -81.23
CA ARG D 38 -16.41 -27.96 -82.65
C ARG D 38 -16.46 -26.52 -83.15
N GLN D 39 -16.04 -26.34 -84.40
CA GLN D 39 -16.04 -25.03 -85.04
C GLN D 39 -16.76 -25.14 -86.38
N ALA D 40 -17.73 -24.26 -86.59
CA ALA D 40 -18.54 -24.20 -87.80
C ALA D 40 -18.59 -22.75 -88.28
N PRO D 41 -18.82 -22.55 -89.58
CA PRO D 41 -18.93 -21.17 -90.09
C PRO D 41 -20.09 -20.44 -89.44
N GLY D 42 -19.76 -19.34 -88.76
CA GLY D 42 -20.75 -18.56 -88.04
C GLY D 42 -20.15 -17.61 -87.03
N LYS D 43 -20.71 -17.60 -85.82
CA LYS D 43 -20.25 -16.67 -84.79
C LYS D 43 -18.81 -16.95 -84.37
N GLU D 44 -18.55 -18.10 -83.79
CA GLU D 44 -17.23 -18.45 -83.27
C GLU D 44 -17.27 -19.93 -82.87
N ARG D 45 -16.14 -20.41 -82.36
CA ARG D 45 -16.03 -21.80 -81.90
C ARG D 45 -16.95 -22.02 -80.70
N GLU D 46 -17.44 -23.26 -80.59
CA GLU D 46 -18.34 -23.64 -79.49
C GLU D 46 -17.90 -24.98 -78.92
N TRP D 47 -18.25 -25.19 -77.66
CA TRP D 47 -17.91 -26.41 -76.92
C TRP D 47 -19.07 -27.40 -77.01
N VAL D 48 -18.75 -28.68 -77.20
CA VAL D 48 -19.75 -29.72 -77.33
C VAL D 48 -19.64 -30.79 -76.25
N ALA D 49 -18.43 -31.23 -75.90
CA ALA D 49 -18.30 -32.36 -75.00
C ALA D 49 -17.22 -32.11 -73.95
N ALA D 50 -17.41 -32.70 -72.78
CA ALA D 50 -16.44 -32.64 -71.69
C ALA D 50 -16.76 -33.73 -70.67
N ILE D 51 -15.72 -34.37 -70.15
CA ILE D 51 -15.84 -35.35 -69.08
C ILE D 51 -14.78 -35.03 -68.03
N TYR D 52 -15.20 -34.97 -66.78
CA TYR D 52 -14.32 -34.66 -65.66
C TYR D 52 -13.83 -35.94 -65.00
N SER D 53 -12.86 -35.78 -64.11
CA SER D 53 -12.26 -36.91 -63.41
C SER D 53 -13.14 -37.33 -62.23
N THR D 54 -12.66 -38.33 -61.49
CA THR D 54 -13.38 -38.90 -60.35
C THR D 54 -14.79 -39.33 -60.75
N GLY D 55 -14.83 -40.31 -61.65
CA GLY D 55 -16.08 -40.80 -62.21
C GLY D 55 -16.40 -40.15 -63.54
N GLY D 56 -17.42 -40.71 -64.20
CA GLY D 56 -17.83 -40.21 -65.49
C GLY D 56 -18.40 -38.80 -65.43
N TRP D 57 -19.58 -38.66 -64.81
CA TRP D 57 -20.24 -37.37 -64.64
C TRP D 57 -20.36 -36.63 -65.97
N THR D 58 -20.77 -37.36 -66.99
CA THR D 58 -20.83 -36.81 -68.34
C THR D 58 -21.88 -35.72 -68.44
N LEU D 59 -21.53 -34.62 -69.10
CA LEU D 59 -22.44 -33.52 -69.37
C LEU D 59 -22.34 -33.14 -70.84
N TYR D 60 -23.47 -32.79 -71.43
CA TYR D 60 -23.54 -32.44 -72.85
C TYR D 60 -24.39 -31.20 -73.04
N ALA D 61 -24.17 -30.52 -74.15
CA ALA D 61 -24.97 -29.36 -74.50
C ALA D 61 -26.40 -29.78 -74.81
N ASP D 62 -27.33 -28.83 -74.64
CA ASP D 62 -28.75 -29.14 -74.83
C ASP D 62 -29.04 -29.58 -76.27
N SER D 63 -28.40 -28.93 -77.25
CA SER D 63 -28.63 -29.29 -78.64
C SER D 63 -28.08 -30.66 -79.01
N VAL D 64 -27.12 -31.18 -78.24
CA VAL D 64 -26.49 -32.46 -78.53
C VAL D 64 -26.66 -33.46 -77.41
N LYS D 65 -27.52 -33.18 -76.44
CA LYS D 65 -27.70 -34.08 -75.31
C LYS D 65 -28.42 -35.35 -75.72
N GLY D 66 -27.93 -36.48 -75.21
CA GLY D 66 -28.59 -37.76 -75.42
C GLY D 66 -28.32 -38.45 -76.73
N ARG D 67 -27.40 -37.93 -77.55
CA ARG D 67 -27.11 -38.53 -78.84
C ARG D 67 -25.63 -38.78 -79.10
N PHE D 68 -24.74 -38.34 -78.23
CA PHE D 68 -23.31 -38.57 -78.37
C PHE D 68 -22.83 -39.52 -77.28
N THR D 69 -21.68 -40.16 -77.53
CA THR D 69 -21.11 -41.06 -76.54
C THR D 69 -19.62 -40.78 -76.42
N ILE D 70 -19.09 -40.93 -75.20
CA ILE D 70 -17.67 -40.77 -74.93
C ILE D 70 -17.19 -41.97 -74.12
N SER D 71 -16.08 -42.57 -74.53
CA SER D 71 -15.48 -43.69 -73.82
C SER D 71 -13.99 -43.43 -73.64
N ARG D 72 -13.41 -44.07 -72.62
CA ARG D 72 -12.01 -43.88 -72.28
C ARG D 72 -11.29 -45.22 -72.27
N ASP D 73 -10.24 -45.34 -73.08
CA ASP D 73 -9.32 -46.47 -73.01
C ASP D 73 -8.20 -46.06 -72.06
N ASN D 74 -8.36 -46.42 -70.79
CA ASN D 74 -7.39 -46.03 -69.77
C ASN D 74 -6.07 -46.78 -69.93
N ALA D 75 -6.14 -48.04 -70.35
CA ALA D 75 -4.93 -48.84 -70.52
C ALA D 75 -4.04 -48.31 -71.65
N LYS D 76 -4.60 -47.53 -72.57
CA LYS D 76 -3.83 -46.95 -73.68
C LYS D 76 -4.07 -45.45 -73.79
N ASN D 77 -4.48 -44.83 -72.68
CA ASN D 77 -4.66 -43.38 -72.53
C ASN D 77 -5.21 -42.73 -73.80
N THR D 78 -6.38 -43.21 -74.22
CA THR D 78 -7.04 -42.72 -75.41
C THR D 78 -8.50 -42.40 -75.09
N VAL D 79 -9.09 -41.49 -75.86
CA VAL D 79 -10.50 -41.16 -75.72
C VAL D 79 -11.19 -41.40 -77.05
N TYR D 80 -12.31 -42.12 -77.01
CA TYR D 80 -13.12 -42.42 -78.19
C TYR D 80 -14.44 -41.67 -78.11
N LEU D 81 -14.88 -41.16 -79.26
CA LEU D 81 -16.04 -40.27 -79.35
C LEU D 81 -16.98 -40.84 -80.41
N GLN D 82 -18.13 -41.33 -79.98
CA GLN D 82 -19.10 -41.98 -80.86
C GLN D 82 -20.21 -41.01 -81.23
N MET D 83 -20.38 -40.82 -82.54
CA MET D 83 -21.39 -39.96 -83.12
C MET D 83 -22.49 -40.80 -83.74
N ASN D 84 -23.73 -40.57 -83.32
CA ASN D 84 -24.89 -41.26 -83.84
C ASN D 84 -25.99 -40.25 -84.15
N SER D 85 -26.80 -40.60 -85.16
CA SER D 85 -27.95 -39.79 -85.57
C SER D 85 -27.52 -38.38 -85.96
N LEU D 86 -26.68 -38.30 -86.99
CA LEU D 86 -26.19 -37.02 -87.47
C LEU D 86 -27.25 -36.30 -88.29
N LYS D 87 -27.07 -34.99 -88.41
CA LYS D 87 -27.92 -34.11 -89.19
C LYS D 87 -27.06 -33.23 -90.09
N PRO D 88 -27.63 -32.71 -91.18
CA PRO D 88 -26.80 -31.89 -92.10
C PRO D 88 -26.18 -30.68 -91.45
N GLU D 89 -26.78 -30.13 -90.39
CA GLU D 89 -26.23 -28.97 -89.71
C GLU D 89 -25.02 -29.33 -88.85
N ASP D 90 -24.74 -30.61 -88.64
CA ASP D 90 -23.64 -31.04 -87.77
C ASP D 90 -22.27 -30.91 -88.42
N THR D 91 -22.19 -30.55 -89.69
CA THR D 91 -20.89 -30.39 -90.34
C THR D 91 -20.06 -29.32 -89.64
N ALA D 92 -18.82 -29.65 -89.33
CA ALA D 92 -17.93 -28.77 -88.58
C ALA D 92 -16.56 -29.44 -88.47
N VAL D 93 -15.60 -28.72 -87.91
CA VAL D 93 -14.28 -29.24 -87.62
C VAL D 93 -14.17 -29.48 -86.13
N TYR D 94 -13.69 -30.67 -85.76
CA TYR D 94 -13.68 -31.12 -84.37
C TYR D 94 -12.26 -31.07 -83.82
N TYR D 95 -12.13 -30.59 -82.59
CA TYR D 95 -10.88 -30.50 -81.86
C TYR D 95 -11.00 -31.24 -80.54
N CYS D 96 -9.95 -32.00 -80.19
CA CYS D 96 -9.82 -32.60 -78.87
C CYS D 96 -8.73 -31.86 -78.10
N ALA D 97 -9.06 -31.42 -76.89
CA ALA D 97 -8.17 -30.56 -76.12
C ALA D 97 -8.06 -31.05 -74.69
N VAL D 98 -6.83 -31.09 -74.18
CA VAL D 98 -6.52 -31.36 -72.78
C VAL D 98 -5.49 -30.35 -72.31
N GLN D 99 -5.34 -30.24 -71.00
CA GLN D 99 -4.42 -29.28 -70.40
C GLN D 99 -3.43 -29.98 -69.50
N VAL D 100 -2.14 -29.71 -69.71
CA VAL D 100 -1.07 -30.18 -68.84
C VAL D 100 -0.22 -28.96 -68.49
N GLY D 101 -0.79 -27.77 -68.69
CA GLY D 101 -0.05 -26.53 -68.58
C GLY D 101 -0.68 -25.48 -69.46
N TYR D 102 0.09 -24.90 -70.38
CA TYR D 102 -0.47 -23.98 -71.37
C TYR D 102 -1.48 -24.72 -72.24
N TRP D 103 -2.45 -23.97 -72.75
CA TRP D 103 -3.52 -24.57 -73.55
C TRP D 103 -2.97 -25.29 -74.77
N TYR D 104 -3.46 -26.50 -75.01
CA TYR D 104 -3.06 -27.31 -76.14
C TYR D 104 -4.23 -27.44 -77.11
N GLU D 105 -4.00 -27.12 -78.37
CA GLU D 105 -5.02 -27.16 -79.40
C GLU D 105 -4.65 -28.22 -80.43
N GLY D 106 -5.57 -29.14 -80.69
CA GLY D 106 -5.34 -30.18 -81.69
C GLY D 106 -5.64 -29.70 -83.10
N GLN D 107 -5.18 -30.49 -84.07
CA GLN D 107 -5.42 -30.15 -85.47
C GLN D 107 -6.88 -30.31 -85.85
N GLY D 108 -7.57 -31.28 -85.24
CA GLY D 108 -8.98 -31.50 -85.53
C GLY D 108 -9.20 -32.22 -86.84
N THR D 109 -10.46 -32.50 -87.13
CA THR D 109 -10.85 -33.15 -88.37
C THR D 109 -12.18 -32.60 -88.85
N GLN D 110 -12.34 -32.52 -90.16
CA GLN D 110 -13.55 -31.99 -90.77
C GLN D 110 -14.57 -33.10 -91.00
N VAL D 111 -15.81 -32.85 -90.60
CA VAL D 111 -16.89 -33.81 -90.76
C VAL D 111 -18.05 -33.11 -91.45
N THR D 112 -18.51 -33.67 -92.57
CA THR D 112 -19.63 -33.15 -93.33
C THR D 112 -20.72 -34.20 -93.43
N VAL D 113 -21.97 -33.74 -93.40
CA VAL D 113 -23.14 -34.60 -93.43
C VAL D 113 -23.92 -34.30 -94.71
N SER D 114 -24.22 -35.34 -95.47
CA SER D 114 -24.97 -35.20 -96.72
C SER D 114 -26.18 -36.11 -96.74
N GLN E 1 -69.44 -53.59 14.61
CA GLN E 1 -68.47 -53.72 13.53
C GLN E 1 -68.93 -52.95 12.30
N VAL E 2 -67.97 -52.50 11.50
CA VAL E 2 -68.27 -51.79 10.25
C VAL E 2 -68.68 -52.81 9.20
N GLN E 3 -69.82 -52.56 8.54
CA GLN E 3 -70.33 -53.47 7.54
C GLN E 3 -71.25 -52.72 6.60
N LEU E 4 -71.40 -53.25 5.39
CA LEU E 4 -72.29 -52.71 4.38
C LEU E 4 -73.39 -53.73 4.11
N VAL E 5 -74.64 -53.27 4.11
CA VAL E 5 -75.79 -54.13 3.86
C VAL E 5 -76.52 -53.62 2.62
N GLU E 6 -76.83 -54.53 1.71
CA GLU E 6 -77.49 -54.20 0.45
C GLU E 6 -78.84 -54.89 0.38
N SER E 7 -79.86 -54.14 -0.05
CA SER E 7 -81.21 -54.64 -0.14
C SER E 7 -81.91 -54.04 -1.36
N GLY E 8 -83.08 -54.58 -1.67
CA GLY E 8 -83.86 -54.13 -2.82
C GLY E 8 -83.67 -54.96 -4.07
N GLY E 9 -82.74 -55.91 -4.07
CA GLY E 9 -82.54 -56.73 -5.25
C GLY E 9 -83.70 -57.67 -5.50
N GLY E 10 -83.85 -58.06 -6.76
CA GLY E 10 -84.92 -58.96 -7.13
C GLY E 10 -84.99 -59.13 -8.63
N LEU E 11 -86.05 -59.80 -9.07
CA LEU E 11 -86.29 -60.06 -10.49
C LEU E 11 -87.25 -59.02 -11.05
N VAL E 12 -86.86 -58.41 -12.16
CA VAL E 12 -87.66 -57.39 -12.82
C VAL E 12 -87.77 -57.72 -14.30
N GLN E 13 -88.85 -57.28 -14.93
CA GLN E 13 -89.09 -57.52 -16.34
C GLN E 13 -88.42 -56.42 -17.17
N ALA E 14 -88.55 -56.53 -18.48
CA ALA E 14 -87.96 -55.55 -19.38
C ALA E 14 -88.67 -54.21 -19.25
N GLY E 15 -87.88 -53.14 -19.22
CA GLY E 15 -88.42 -51.79 -19.10
C GLY E 15 -88.86 -51.39 -17.71
N GLY E 16 -88.57 -52.21 -16.70
CA GLY E 16 -88.97 -51.90 -15.35
C GLY E 16 -88.00 -50.97 -14.64
N SER E 17 -88.28 -50.75 -13.36
CA SER E 17 -87.47 -49.90 -12.51
C SER E 17 -87.23 -50.59 -11.17
N LEU E 18 -86.11 -50.25 -10.54
CA LEU E 18 -85.73 -50.85 -9.27
C LEU E 18 -85.05 -49.81 -8.39
N ARG E 19 -85.00 -50.09 -7.09
CA ARG E 19 -84.39 -49.16 -6.13
C ARG E 19 -83.53 -49.98 -5.16
N LEU E 20 -82.24 -50.07 -5.47
CA LEU E 20 -81.30 -50.70 -4.56
C LEU E 20 -80.95 -49.76 -3.41
N SER E 21 -80.60 -50.35 -2.27
CA SER E 21 -80.24 -49.56 -1.10
C SER E 21 -79.02 -50.17 -0.44
N CYS E 22 -78.00 -49.35 -0.19
CA CYS E 22 -76.79 -49.76 0.51
C CYS E 22 -76.64 -48.91 1.76
N ALA E 23 -76.56 -49.56 2.92
CA ALA E 23 -76.46 -48.89 4.20
C ALA E 23 -75.15 -49.27 4.87
N ALA E 24 -74.47 -48.26 5.43
CA ALA E 24 -73.19 -48.43 6.10
C ALA E 24 -73.34 -48.13 7.58
N SER E 25 -72.61 -48.88 8.40
CA SER E 25 -72.63 -48.72 9.85
C SER E 25 -71.23 -48.38 10.35
N GLY E 26 -71.15 -47.37 11.21
CA GLY E 26 -69.89 -46.98 11.82
C GLY E 26 -69.24 -45.75 11.23
N PHE E 27 -69.73 -45.24 10.10
CA PHE E 27 -69.15 -44.07 9.47
C PHE E 27 -70.20 -43.41 8.60
N PRO E 28 -70.17 -42.09 8.46
CA PRO E 28 -71.18 -41.40 7.67
C PRO E 28 -70.89 -41.48 6.16
N VAL E 29 -71.95 -41.22 5.39
CA VAL E 29 -71.82 -41.25 3.93
C VAL E 29 -70.94 -40.12 3.43
N GLU E 30 -70.98 -38.96 4.08
CA GLU E 30 -70.19 -37.81 3.62
C GLU E 30 -68.69 -38.02 3.78
N SER E 31 -68.27 -39.01 4.56
CA SER E 31 -66.85 -39.16 4.85
C SER E 31 -66.04 -39.52 3.60
N GLU E 32 -66.58 -40.40 2.76
CA GLU E 32 -65.87 -40.94 1.60
C GLU E 32 -66.83 -40.99 0.42
N ASN E 33 -66.27 -41.26 -0.77
CA ASN E 33 -67.06 -41.37 -1.99
C ASN E 33 -67.62 -42.79 -2.16
N MET E 34 -68.96 -42.91 -2.14
CA MET E 34 -69.58 -44.17 -2.53
C MET E 34 -69.23 -44.56 -3.96
N HIS E 35 -69.03 -45.86 -4.16
CA HIS E 35 -68.80 -46.44 -5.47
C HIS E 35 -69.80 -47.58 -5.67
N TRP E 36 -70.17 -47.81 -6.92
CA TRP E 36 -71.09 -48.87 -7.28
C TRP E 36 -70.51 -49.60 -8.49
N TYR E 37 -70.22 -50.88 -8.31
CA TYR E 37 -69.64 -51.71 -9.34
C TYR E 37 -70.62 -52.81 -9.74
N ARG E 38 -70.45 -53.33 -10.95
CA ARG E 38 -71.23 -54.45 -11.43
C ARG E 38 -70.30 -55.49 -12.04
N GLN E 39 -70.68 -56.76 -11.88
CA GLN E 39 -69.92 -57.88 -12.43
C GLN E 39 -70.86 -58.73 -13.26
N ALA E 40 -70.47 -58.98 -14.50
CA ALA E 40 -71.22 -59.79 -15.46
C ALA E 40 -70.27 -60.79 -16.11
N PRO E 41 -70.80 -61.91 -16.60
CA PRO E 41 -69.93 -62.88 -17.27
C PRO E 41 -69.27 -62.26 -18.49
N GLY E 42 -67.94 -62.25 -18.49
CA GLY E 42 -67.18 -61.64 -19.56
C GLY E 42 -65.74 -61.38 -19.19
N LYS E 43 -65.23 -60.18 -19.52
CA LYS E 43 -63.83 -59.85 -19.28
C LYS E 43 -63.50 -59.82 -17.80
N GLU E 44 -64.10 -58.90 -17.05
CA GLU E 44 -63.82 -58.71 -15.63
C GLU E 44 -64.84 -57.74 -15.08
N ARG E 45 -64.72 -57.44 -13.78
CA ARG E 45 -65.61 -56.50 -13.13
C ARG E 45 -65.43 -55.09 -13.70
N GLU E 46 -66.53 -54.33 -13.74
CA GLU E 46 -66.51 -52.98 -14.27
C GLU E 46 -67.26 -52.05 -13.32
N TRP E 47 -66.93 -50.76 -13.41
CA TRP E 47 -67.51 -49.73 -12.57
C TRP E 47 -68.65 -49.05 -13.30
N VAL E 48 -69.75 -48.78 -12.59
CA VAL E 48 -70.94 -48.19 -13.17
C VAL E 48 -71.28 -46.85 -12.55
N ALA E 49 -71.15 -46.69 -11.23
CA ALA E 49 -71.61 -45.46 -10.60
C ALA E 49 -70.62 -44.98 -9.55
N ALA E 50 -70.59 -43.67 -9.34
CA ALA E 50 -69.77 -43.07 -8.30
C ALA E 50 -70.31 -41.69 -7.98
N ILE E 51 -70.54 -41.42 -6.70
CA ILE E 51 -70.97 -40.11 -6.22
C ILE E 51 -69.97 -39.63 -5.19
N TYR E 52 -69.55 -38.37 -5.32
CA TYR E 52 -68.50 -37.79 -4.50
C TYR E 52 -69.07 -36.80 -3.50
N SER E 53 -68.23 -36.40 -2.55
CA SER E 53 -68.62 -35.46 -1.51
C SER E 53 -68.55 -34.02 -2.03
N THR E 54 -68.84 -33.07 -1.15
CA THR E 54 -68.86 -31.65 -1.47
C THR E 54 -69.75 -31.38 -2.69
N GLY E 55 -71.04 -31.69 -2.51
CA GLY E 55 -72.00 -31.61 -3.59
C GLY E 55 -72.22 -32.96 -4.26
N GLY E 56 -73.21 -33.00 -5.13
CA GLY E 56 -73.54 -34.23 -5.84
C GLY E 56 -72.43 -34.68 -6.77
N TRP E 57 -72.23 -33.92 -7.85
CA TRP E 57 -71.16 -34.19 -8.82
C TRP E 57 -71.16 -35.66 -9.26
N THR E 58 -72.34 -36.13 -9.70
CA THR E 58 -72.49 -37.52 -10.10
C THR E 58 -71.81 -37.78 -11.43
N LEU E 59 -71.19 -38.95 -11.56
CA LEU E 59 -70.59 -39.41 -12.80
C LEU E 59 -71.19 -40.75 -13.21
N TYR E 60 -71.45 -40.90 -14.49
CA TYR E 60 -72.00 -42.14 -15.04
C TYR E 60 -71.21 -42.54 -16.29
N ALA E 61 -71.13 -43.84 -16.53
CA ALA E 61 -70.47 -44.34 -17.72
C ALA E 61 -71.27 -43.98 -18.97
N ASP E 62 -70.57 -43.95 -20.11
CA ASP E 62 -71.21 -43.56 -21.36
C ASP E 62 -72.36 -44.50 -21.73
N SER E 63 -72.22 -45.80 -21.43
CA SER E 63 -73.28 -46.75 -21.74
C SER E 63 -74.47 -46.63 -20.81
N VAL E 64 -74.29 -46.04 -19.63
CA VAL E 64 -75.35 -45.92 -18.63
C VAL E 64 -75.65 -44.48 -18.27
N LYS E 65 -75.14 -43.52 -19.05
CA LYS E 65 -75.34 -42.11 -18.73
C LYS E 65 -76.78 -41.70 -18.98
N GLY E 66 -77.35 -40.95 -18.03
CA GLY E 66 -78.68 -40.40 -18.18
C GLY E 66 -79.83 -41.34 -17.88
N ARG E 67 -79.55 -42.56 -17.42
CA ARG E 67 -80.61 -43.51 -17.11
C ARG E 67 -80.55 -44.08 -15.70
N PHE E 68 -79.54 -43.76 -14.91
CA PHE E 68 -79.44 -44.18 -13.51
C PHE E 68 -79.58 -42.98 -12.60
N THR E 69 -80.04 -43.23 -11.37
CA THR E 69 -80.20 -42.16 -10.40
C THR E 69 -79.52 -42.54 -9.09
N ILE E 70 -78.92 -41.55 -8.43
CA ILE E 70 -78.27 -41.74 -7.15
C ILE E 70 -78.82 -40.74 -6.15
N SER E 71 -79.22 -41.22 -4.98
CA SER E 71 -79.73 -40.35 -3.92
C SER E 71 -79.10 -40.77 -2.59
N ARG E 72 -79.04 -39.82 -1.66
CA ARG E 72 -78.43 -40.04 -0.35
C ARG E 72 -79.42 -39.73 0.75
N ASP E 73 -79.65 -40.70 1.64
CA ASP E 73 -80.36 -40.47 2.89
C ASP E 73 -79.30 -40.12 3.92
N ASN E 74 -79.08 -38.81 4.08
CA ASN E 74 -78.00 -38.34 4.94
C ASN E 74 -78.31 -38.56 6.41
N ALA E 75 -79.57 -38.38 6.80
CA ALA E 75 -79.95 -38.56 8.20
C ALA E 75 -79.83 -40.02 8.65
N LYS E 76 -79.83 -40.97 7.71
CA LYS E 76 -79.72 -42.38 8.04
C LYS E 76 -78.57 -43.03 7.29
N ASN E 77 -77.59 -42.23 6.87
CA ASN E 77 -76.34 -42.65 6.21
C ASN E 77 -76.55 -43.83 5.28
N THR E 78 -77.45 -43.64 4.31
CA THR E 78 -77.80 -44.68 3.34
C THR E 78 -77.69 -44.10 1.94
N VAL E 79 -77.46 -44.97 0.96
CA VAL E 79 -77.43 -44.57 -0.44
C VAL E 79 -78.45 -45.39 -1.22
N TYR E 80 -79.25 -44.71 -2.02
CA TYR E 80 -80.26 -45.35 -2.85
C TYR E 80 -79.88 -45.19 -4.33
N LEU E 81 -80.03 -46.28 -5.08
CA LEU E 81 -79.64 -46.33 -6.48
C LEU E 81 -80.86 -46.75 -7.29
N GLN E 82 -81.34 -45.85 -8.14
CA GLN E 82 -82.55 -46.07 -8.93
C GLN E 82 -82.18 -46.51 -10.34
N MET E 83 -82.71 -47.67 -10.74
CA MET E 83 -82.52 -48.24 -12.07
C MET E 83 -83.79 -48.00 -12.88
N ASN E 84 -83.65 -47.36 -14.03
CA ASN E 84 -84.77 -47.07 -14.92
C ASN E 84 -84.40 -47.46 -16.35
N SER E 85 -85.43 -47.82 -17.12
CA SER E 85 -85.25 -48.23 -18.51
C SER E 85 -84.25 -49.39 -18.64
N LEU E 86 -84.43 -50.39 -17.78
CA LEU E 86 -83.53 -51.54 -17.77
C LEU E 86 -83.68 -52.35 -19.04
N LYS E 87 -82.60 -53.01 -19.44
CA LYS E 87 -82.53 -53.85 -20.62
C LYS E 87 -82.02 -55.23 -20.25
N PRO E 88 -82.30 -56.25 -21.05
CA PRO E 88 -81.85 -57.62 -20.71
C PRO E 88 -80.34 -57.73 -20.55
N GLU E 89 -79.56 -56.91 -21.25
CA GLU E 89 -78.10 -56.94 -21.12
C GLU E 89 -77.63 -56.41 -19.77
N ASP E 90 -78.49 -55.76 -18.99
CA ASP E 90 -78.10 -55.18 -17.72
C ASP E 90 -77.98 -56.22 -16.60
N THR E 91 -78.32 -57.48 -16.86
CA THR E 91 -78.22 -58.50 -15.82
C THR E 91 -76.79 -58.65 -15.34
N ALA E 92 -76.60 -58.62 -14.03
CA ALA E 92 -75.28 -58.65 -13.41
C ALA E 92 -75.45 -58.68 -11.90
N VAL E 93 -74.35 -58.82 -11.18
CA VAL E 93 -74.34 -58.74 -9.72
C VAL E 93 -73.74 -57.40 -9.31
N TYR E 94 -74.44 -56.69 -8.43
CA TYR E 94 -74.11 -55.32 -8.07
C TYR E 94 -73.49 -55.28 -6.68
N TYR E 95 -72.43 -54.48 -6.54
CA TYR E 95 -71.72 -54.27 -5.29
C TYR E 95 -71.66 -52.78 -4.98
N CYS E 96 -71.85 -52.43 -3.70
CA CYS E 96 -71.64 -51.09 -3.21
C CYS E 96 -70.36 -51.07 -2.38
N ALA E 97 -69.46 -50.13 -2.68
CA ALA E 97 -68.12 -50.12 -2.12
C ALA E 97 -67.82 -48.76 -1.49
N VAL E 98 -67.16 -48.81 -0.34
CA VAL E 98 -66.72 -47.63 0.40
C VAL E 98 -65.26 -47.83 0.78
N GLN E 99 -64.64 -46.77 1.29
CA GLN E 99 -63.26 -46.82 1.75
C GLN E 99 -63.14 -46.08 3.07
N VAL E 100 -62.76 -46.81 4.12
CA VAL E 100 -62.48 -46.22 5.43
C VAL E 100 -61.12 -46.73 5.87
N GLY E 101 -60.35 -47.25 4.91
CA GLY E 101 -59.11 -47.95 5.19
C GLY E 101 -58.83 -48.96 4.11
N TYR E 102 -58.65 -50.22 4.50
CA TYR E 102 -58.54 -51.30 3.52
C TYR E 102 -59.83 -51.40 2.71
N TRP E 103 -59.70 -51.86 1.48
CA TRP E 103 -60.84 -51.94 0.57
C TRP E 103 -61.95 -52.82 1.16
N TYR E 104 -63.18 -52.33 1.10
CA TYR E 104 -64.35 -53.05 1.59
C TYR E 104 -65.21 -53.46 0.41
N GLU E 105 -65.55 -54.76 0.35
CA GLU E 105 -66.37 -55.30 -0.71
C GLU E 105 -67.68 -55.81 -0.13
N GLY E 106 -68.79 -55.32 -0.67
CA GLY E 106 -70.09 -55.75 -0.21
C GLY E 106 -70.53 -57.06 -0.84
N GLN E 107 -71.56 -57.66 -0.24
CA GLN E 107 -72.11 -58.91 -0.78
C GLN E 107 -72.73 -58.70 -2.14
N GLY E 108 -73.46 -57.59 -2.33
CA GLY E 108 -74.09 -57.31 -3.59
C GLY E 108 -75.38 -58.11 -3.78
N THR E 109 -75.97 -57.95 -4.96
CA THR E 109 -77.19 -58.67 -5.29
C THR E 109 -77.27 -58.90 -6.79
N GLN E 110 -77.88 -60.02 -7.16
CA GLN E 110 -78.03 -60.38 -8.57
C GLN E 110 -79.31 -59.78 -9.14
N VAL E 111 -79.19 -59.18 -10.33
CA VAL E 111 -80.32 -58.57 -11.02
C VAL E 111 -80.37 -59.12 -12.43
N THR E 112 -81.51 -59.69 -12.81
CA THR E 112 -81.74 -60.23 -14.14
C THR E 112 -82.94 -59.56 -14.77
N VAL E 113 -82.84 -59.25 -16.06
CA VAL E 113 -83.90 -58.58 -16.80
C VAL E 113 -84.35 -59.51 -17.92
N SER E 114 -85.65 -59.77 -17.99
CA SER E 114 -86.21 -60.65 -19.02
C SER E 114 -87.28 -59.93 -19.82
N GLN F 1 -51.65 23.44 -50.58
CA GLN F 1 -51.29 22.31 -49.74
C GLN F 1 -49.94 21.73 -50.13
N VAL F 2 -49.24 21.14 -49.17
CA VAL F 2 -47.95 20.51 -49.44
C VAL F 2 -48.18 19.16 -50.10
N GLN F 3 -47.53 18.93 -51.23
CA GLN F 3 -47.71 17.69 -51.97
C GLN F 3 -46.48 17.45 -52.84
N LEU F 4 -46.26 16.18 -53.18
CA LEU F 4 -45.18 15.77 -54.06
C LEU F 4 -45.77 15.20 -55.34
N VAL F 5 -45.29 15.68 -56.48
CA VAL F 5 -45.77 15.23 -57.78
C VAL F 5 -44.62 14.59 -58.53
N GLU F 6 -44.86 13.41 -59.10
CA GLU F 6 -43.84 12.65 -59.79
C GLU F 6 -44.25 12.42 -61.24
N SER F 7 -43.29 12.59 -62.16
CA SER F 7 -43.56 12.44 -63.58
C SER F 7 -42.34 11.81 -64.24
N GLY F 8 -42.51 11.45 -65.52
CA GLY F 8 -41.46 10.84 -66.30
C GLY F 8 -41.50 9.33 -66.36
N GLY F 9 -42.44 8.70 -65.65
CA GLY F 9 -42.52 7.25 -65.67
C GLY F 9 -43.01 6.73 -67.01
N GLY F 10 -42.64 5.49 -67.31
CA GLY F 10 -43.04 4.88 -68.57
C GLY F 10 -42.37 3.54 -68.74
N LEU F 11 -42.54 2.99 -69.94
CA LEU F 11 -41.97 1.69 -70.30
C LEU F 11 -40.68 1.90 -71.07
N VAL F 12 -39.62 1.18 -70.66
CA VAL F 12 -38.32 1.28 -71.29
C VAL F 12 -37.82 -0.13 -71.58
N GLN F 13 -36.99 -0.25 -72.62
CA GLN F 13 -36.42 -1.52 -73.01
C GLN F 13 -35.13 -1.78 -72.23
N ALA F 14 -34.51 -2.93 -72.48
CA ALA F 14 -33.28 -3.29 -71.80
C ALA F 14 -32.13 -2.37 -72.22
N GLY F 15 -31.36 -1.92 -71.25
CA GLY F 15 -30.25 -1.05 -71.51
C GLY F 15 -30.59 0.40 -71.80
N GLY F 16 -31.85 0.79 -71.60
CA GLY F 16 -32.27 2.14 -71.89
C GLY F 16 -31.97 3.11 -70.74
N SER F 17 -32.43 4.34 -70.92
CA SER F 17 -32.24 5.39 -69.94
C SER F 17 -33.58 6.08 -69.68
N LEU F 18 -33.75 6.59 -68.46
CA LEU F 18 -34.99 7.26 -68.09
C LEU F 18 -34.67 8.45 -67.18
N ARG F 19 -35.63 9.38 -67.10
CA ARG F 19 -35.46 10.60 -66.30
C ARG F 19 -36.75 10.86 -65.53
N LEU F 20 -36.80 10.37 -64.30
CA LEU F 20 -37.91 10.67 -63.40
C LEU F 20 -37.73 12.05 -62.80
N SER F 21 -38.84 12.67 -62.42
CA SER F 21 -38.82 14.00 -61.82
C SER F 21 -39.81 14.05 -60.66
N CYS F 22 -39.33 14.52 -59.50
CA CYS F 22 -40.17 14.69 -58.33
C CYS F 22 -40.12 16.16 -57.91
N ALA F 23 -41.27 16.80 -57.83
CA ALA F 23 -41.39 18.21 -57.50
C ALA F 23 -42.19 18.37 -56.21
N ALA F 24 -41.74 19.28 -55.36
CA ALA F 24 -42.34 19.55 -54.07
C ALA F 24 -42.87 20.97 -54.02
N SER F 25 -43.98 21.16 -53.30
CA SER F 25 -44.61 22.46 -53.15
C SER F 25 -44.78 22.78 -51.67
N GLY F 26 -44.50 24.02 -51.29
CA GLY F 26 -44.68 24.47 -49.92
C GLY F 26 -43.41 24.55 -49.09
N PHE F 27 -42.28 24.07 -49.60
CA PHE F 27 -41.03 24.08 -48.86
C PHE F 27 -39.88 23.99 -49.85
N PRO F 28 -38.73 24.56 -49.54
CA PRO F 28 -37.62 24.59 -50.51
C PRO F 28 -36.92 23.23 -50.61
N VAL F 29 -36.18 23.10 -51.70
CA VAL F 29 -35.49 21.83 -52.00
C VAL F 29 -34.38 21.56 -50.99
N GLU F 30 -33.67 22.60 -50.56
CA GLU F 30 -32.53 22.42 -49.66
C GLU F 30 -32.95 22.26 -48.20
N SER F 31 -34.24 22.39 -47.89
CA SER F 31 -34.69 22.32 -46.50
C SER F 31 -34.45 20.93 -45.91
N GLU F 32 -34.75 19.88 -46.68
CA GLU F 32 -34.67 18.52 -46.18
C GLU F 32 -33.99 17.63 -47.21
N ASN F 33 -33.40 16.53 -46.72
CA ASN F 33 -32.70 15.59 -47.57
C ASN F 33 -33.70 14.67 -48.26
N MET F 34 -33.77 14.74 -49.58
CA MET F 34 -34.69 13.91 -50.35
C MET F 34 -34.28 12.45 -50.27
N HIS F 35 -35.27 11.57 -50.37
CA HIS F 35 -35.03 10.13 -50.38
C HIS F 35 -35.80 9.49 -51.53
N TRP F 36 -35.22 8.43 -52.09
CA TRP F 36 -35.84 7.68 -53.18
C TRP F 36 -35.86 6.21 -52.78
N TYR F 37 -37.06 5.62 -52.77
CA TYR F 37 -37.26 4.22 -52.42
C TYR F 37 -37.86 3.48 -53.59
N ARG F 38 -37.66 2.17 -53.62
CA ARG F 38 -38.26 1.30 -54.61
C ARG F 38 -38.90 0.11 -53.93
N GLN F 39 -40.01 -0.34 -54.50
CA GLN F 39 -40.74 -1.50 -54.00
C GLN F 39 -40.94 -2.49 -55.12
N ALA F 40 -40.55 -3.74 -54.88
CA ALA F 40 -40.67 -4.83 -55.83
C ALA F 40 -41.28 -6.04 -55.12
N PRO F 41 -41.92 -6.93 -55.86
CA PRO F 41 -42.47 -8.14 -55.22
C PRO F 41 -41.38 -8.95 -54.55
N GLY F 42 -41.63 -9.34 -53.31
CA GLY F 42 -40.65 -10.05 -52.51
C GLY F 42 -40.77 -9.78 -51.03
N LYS F 43 -39.64 -9.51 -50.37
CA LYS F 43 -39.62 -9.30 -48.93
C LYS F 43 -40.42 -8.07 -48.52
N GLU F 44 -39.97 -6.88 -48.92
CA GLU F 44 -40.58 -5.62 -48.51
C GLU F 44 -39.93 -4.50 -49.31
N ARG F 45 -40.36 -3.27 -49.05
CA ARG F 45 -39.79 -2.11 -49.71
C ARG F 45 -38.33 -1.92 -49.30
N GLU F 46 -37.54 -1.36 -50.21
CA GLU F 46 -36.13 -1.12 -49.97
C GLU F 46 -35.75 0.29 -50.44
N TRP F 47 -34.68 0.81 -49.86
CA TRP F 47 -34.18 2.14 -50.15
C TRP F 47 -33.09 2.06 -51.22
N VAL F 48 -33.10 3.02 -52.15
CA VAL F 48 -32.14 3.05 -53.25
C VAL F 48 -31.30 4.32 -53.25
N ALA F 49 -31.89 5.49 -53.00
CA ALA F 49 -31.14 6.72 -53.17
C ALA F 49 -31.42 7.70 -52.03
N ALA F 50 -30.42 8.52 -51.74
CA ALA F 50 -30.55 9.57 -50.74
C ALA F 50 -29.42 10.58 -50.91
N ILE F 51 -29.77 11.86 -50.92
CA ILE F 51 -28.80 12.96 -50.95
C ILE F 51 -29.12 13.91 -49.82
N TYR F 52 -28.09 14.30 -49.07
CA TYR F 52 -28.24 15.14 -47.89
C TYR F 52 -27.85 16.58 -48.21
N SER F 53 -28.11 17.45 -47.23
CA SER F 53 -27.84 18.87 -47.39
C SER F 53 -26.36 19.17 -47.17
N THR F 54 -26.00 20.45 -47.26
CA THR F 54 -24.63 20.92 -47.11
C THR F 54 -23.69 20.19 -48.07
N GLY F 55 -23.95 20.38 -49.36
CA GLY F 55 -23.22 19.69 -50.41
C GLY F 55 -23.95 18.47 -50.91
N GLY F 56 -23.44 17.92 -52.01
CA GLY F 56 -24.05 16.76 -52.61
C GLY F 56 -23.97 15.52 -51.73
N TRP F 57 -22.75 14.99 -51.55
CA TRP F 57 -22.51 13.83 -50.70
C TRP F 57 -23.45 12.68 -51.06
N THR F 58 -23.45 12.33 -52.34
CA THR F 58 -24.37 11.31 -52.84
C THR F 58 -24.02 9.94 -52.28
N LEU F 59 -25.05 9.19 -51.90
CA LEU F 59 -24.90 7.83 -51.40
C LEU F 59 -25.80 6.90 -52.20
N TYR F 60 -25.26 5.78 -52.63
CA TYR F 60 -26.00 4.78 -53.40
C TYR F 60 -25.77 3.41 -52.81
N ALA F 61 -26.77 2.53 -52.98
CA ALA F 61 -26.64 1.15 -52.55
C ALA F 61 -25.61 0.42 -53.40
N ASP F 62 -25.04 -0.64 -52.82
CA ASP F 62 -23.99 -1.39 -53.51
C ASP F 62 -24.50 -1.99 -54.81
N SER F 63 -25.76 -2.42 -54.86
CA SER F 63 -26.32 -3.01 -56.07
C SER F 63 -26.57 -1.97 -57.16
N VAL F 64 -26.72 -0.69 -56.79
CA VAL F 64 -27.03 0.37 -57.74
C VAL F 64 -25.96 1.45 -57.75
N LYS F 65 -24.79 1.19 -57.16
CA LYS F 65 -23.75 2.20 -57.09
C LYS F 65 -23.12 2.42 -58.46
N GLY F 66 -22.96 3.69 -58.84
CA GLY F 66 -22.27 4.05 -60.06
C GLY F 66 -23.07 3.94 -61.34
N ARG F 67 -24.39 3.75 -61.25
CA ARG F 67 -25.22 3.65 -62.45
C ARG F 67 -26.43 4.55 -62.45
N PHE F 68 -26.78 5.18 -61.34
CA PHE F 68 -27.87 6.14 -61.27
C PHE F 68 -27.31 7.55 -61.10
N THR F 69 -28.09 8.54 -61.53
CA THR F 69 -27.68 9.93 -61.42
C THR F 69 -28.78 10.72 -60.72
N ILE F 70 -28.39 11.69 -59.88
CA ILE F 70 -29.34 12.56 -59.20
C ILE F 70 -28.90 14.01 -59.42
N SER F 71 -29.86 14.86 -59.80
CA SER F 71 -29.61 16.28 -59.99
C SER F 71 -30.72 17.07 -59.32
N ARG F 72 -30.40 18.31 -58.95
CA ARG F 72 -31.33 19.18 -58.24
C ARG F 72 -31.53 20.48 -59.01
N ASP F 73 -32.78 20.79 -59.32
CA ASP F 73 -33.17 22.09 -59.85
C ASP F 73 -33.56 22.95 -58.64
N ASN F 74 -32.60 23.72 -58.14
CA ASN F 74 -32.83 24.52 -56.94
C ASN F 74 -33.77 25.69 -57.24
N ALA F 75 -33.64 26.29 -58.42
CA ALA F 75 -34.48 27.43 -58.78
C ALA F 75 -35.96 27.03 -58.91
N LYS F 76 -36.25 25.75 -59.13
CA LYS F 76 -37.62 25.28 -59.25
C LYS F 76 -37.88 24.11 -58.31
N ASN F 77 -37.07 24.00 -57.26
CA ASN F 77 -37.22 23.03 -56.16
C ASN F 77 -37.71 21.66 -56.64
N THR F 78 -36.95 21.09 -57.56
CA THR F 78 -37.29 19.81 -58.17
C THR F 78 -36.07 18.90 -58.13
N VAL F 79 -36.30 17.59 -58.14
CA VAL F 79 -35.21 16.62 -58.20
C VAL F 79 -35.40 15.73 -59.42
N TYR F 80 -34.34 15.59 -60.21
CA TYR F 80 -34.33 14.74 -61.39
C TYR F 80 -33.46 13.53 -61.13
N LEU F 81 -33.96 12.37 -61.55
CA LEU F 81 -33.34 11.08 -61.20
C LEU F 81 -33.21 10.27 -62.49
N GLN F 82 -31.96 10.00 -62.88
CA GLN F 82 -31.63 9.41 -64.17
C GLN F 82 -31.23 7.95 -64.02
N MET F 83 -31.95 7.07 -64.73
CA MET F 83 -31.60 5.67 -64.88
C MET F 83 -30.75 5.49 -66.12
N ASN F 84 -29.59 4.84 -65.96
CA ASN F 84 -28.76 4.41 -67.07
C ASN F 84 -28.40 2.94 -66.88
N SER F 85 -28.27 2.23 -68.00
CA SER F 85 -27.91 0.81 -68.02
C SER F 85 -28.89 -0.02 -67.19
N LEU F 86 -30.17 0.15 -67.46
CA LEU F 86 -31.21 -0.59 -66.74
C LEU F 86 -31.17 -2.06 -67.11
N LYS F 87 -31.62 -2.90 -66.18
CA LYS F 87 -31.71 -4.34 -66.35
C LYS F 87 -33.14 -4.80 -66.06
N PRO F 88 -33.55 -5.96 -66.59
CA PRO F 88 -34.93 -6.42 -66.36
C PRO F 88 -35.28 -6.60 -64.89
N GLU F 89 -34.30 -6.88 -64.04
CA GLU F 89 -34.57 -7.04 -62.61
C GLU F 89 -34.90 -5.72 -61.93
N ASP F 90 -34.67 -4.59 -62.59
CA ASP F 90 -34.92 -3.28 -61.98
C ASP F 90 -36.39 -2.89 -61.96
N THR F 91 -37.27 -3.71 -62.54
CA THR F 91 -38.69 -3.37 -62.54
C THR F 91 -39.23 -3.26 -61.12
N ALA F 92 -39.92 -2.15 -60.84
CA ALA F 92 -40.41 -1.84 -59.50
C ALA F 92 -41.23 -0.56 -59.50
N VAL F 93 -41.82 -0.22 -58.36
CA VAL F 93 -42.54 1.04 -58.21
C VAL F 93 -41.68 1.97 -57.37
N TYR F 94 -41.49 3.20 -57.84
CA TYR F 94 -40.56 4.16 -57.26
C TYR F 94 -41.32 5.24 -56.51
N TYR F 95 -40.83 5.59 -55.32
CA TYR F 95 -41.38 6.63 -54.47
C TYR F 95 -40.31 7.67 -54.17
N CYS F 96 -40.70 8.94 -54.20
CA CYS F 96 -39.87 10.04 -53.72
C CYS F 96 -40.46 10.57 -52.42
N ALA F 97 -39.64 10.62 -51.37
CA ALA F 97 -40.11 10.93 -50.02
C ALA F 97 -39.28 12.05 -49.43
N VAL F 98 -39.96 12.98 -48.76
CA VAL F 98 -39.34 14.07 -48.02
C VAL F 98 -40.01 14.16 -46.65
N GLN F 99 -39.38 14.92 -45.76
CA GLN F 99 -39.89 15.08 -44.40
C GLN F 99 -39.98 16.56 -44.06
N VAL F 100 -41.18 17.00 -43.68
CA VAL F 100 -41.40 18.36 -43.21
C VAL F 100 -42.18 18.25 -41.90
N GLY F 101 -42.18 17.05 -41.32
CA GLY F 101 -43.03 16.72 -40.19
C GLY F 101 -43.33 15.24 -40.18
N TYR F 102 -44.61 14.89 -40.18
CA TYR F 102 -45.00 13.50 -40.34
C TYR F 102 -44.54 12.98 -41.71
N TRP F 103 -44.29 11.68 -41.77
CA TRP F 103 -43.75 11.08 -42.99
C TRP F 103 -44.71 11.30 -44.16
N TYR F 104 -44.15 11.70 -45.30
CA TYR F 104 -44.89 11.92 -46.53
C TYR F 104 -44.55 10.85 -47.54
N GLU F 105 -45.56 10.18 -48.07
CA GLU F 105 -45.38 9.11 -49.04
C GLU F 105 -45.98 9.52 -50.38
N GLY F 106 -45.17 9.46 -51.44
CA GLY F 106 -45.64 9.78 -52.76
C GLY F 106 -46.35 8.61 -53.42
N GLN F 107 -47.07 8.92 -54.50
CA GLN F 107 -47.79 7.89 -55.24
C GLN F 107 -46.84 6.95 -55.96
N GLY F 108 -45.70 7.45 -56.42
CA GLY F 108 -44.73 6.63 -57.11
C GLY F 108 -45.13 6.35 -58.55
N THR F 109 -44.26 5.63 -59.24
CA THR F 109 -44.51 5.24 -60.63
C THR F 109 -43.92 3.86 -60.89
N GLN F 110 -44.60 3.09 -61.74
CA GLN F 110 -44.18 1.73 -62.06
C GLN F 110 -43.24 1.75 -63.27
N VAL F 111 -42.10 1.07 -63.15
CA VAL F 111 -41.13 0.99 -64.22
C VAL F 111 -40.82 -0.48 -64.48
N THR F 112 -40.98 -0.91 -65.73
CA THR F 112 -40.70 -2.26 -66.15
C THR F 112 -39.67 -2.25 -67.27
N VAL F 113 -38.72 -3.18 -67.20
CA VAL F 113 -37.65 -3.30 -68.19
C VAL F 113 -37.77 -4.64 -68.88
N SER F 114 -37.82 -4.62 -70.21
CA SER F 114 -37.93 -5.85 -70.99
C SER F 114 -36.78 -5.98 -71.98
C1 NAG G . 11.68 41.30 -29.50
C2 NAG G . 13.17 41.44 -29.39
C3 NAG G . 13.85 40.72 -30.56
C4 NAG G . 13.27 39.31 -30.75
C5 NAG G . 11.76 39.21 -30.50
C6 NAG G . 11.30 37.79 -30.28
C7 NAG G . 13.37 43.74 -30.31
C8 NAG G . 13.88 45.12 -30.05
N2 NAG G . 13.59 42.84 -29.34
O3 NAG G . 15.24 40.64 -30.31
O4 NAG G . 13.44 38.96 -32.13
O5 NAG G . 11.33 39.97 -29.36
O6 NAG G . 10.66 37.27 -31.44
O7 NAG G . 12.80 43.44 -31.36
C1 NAG G . 14.69 38.33 -32.48
C2 NAG G . 15.34 39.20 -33.56
C3 NAG G . 16.66 38.59 -34.00
C4 NAG G . 17.56 38.32 -32.79
C5 NAG G . 16.82 37.51 -31.74
C6 NAG G . 17.61 37.31 -30.47
C7 NAG G . 14.08 40.60 -35.13
C8 NAG G . 13.15 40.60 -36.31
N2 NAG G . 14.45 39.39 -34.69
O3 NAG G . 17.31 39.47 -34.91
O4 NAG G . 18.72 37.62 -33.20
O5 NAG G . 15.59 38.16 -31.37
O6 NAG G . 16.95 36.42 -29.59
O7 NAG G . 14.45 41.63 -34.59
C1 NAG H . -9.15 47.70 -50.53
C2 NAG H . -10.48 47.61 -51.28
C3 NAG H . -10.99 46.16 -51.27
C4 NAG H . -9.91 45.22 -51.81
C5 NAG H . -8.59 45.43 -51.08
C6 NAG H . -7.45 44.64 -51.67
C7 NAG H . -12.02 49.52 -51.34
C8 NAG H . -11.54 49.73 -52.75
N2 NAG H . -11.47 48.49 -50.69
O3 NAG H . -12.16 46.07 -52.05
O4 NAG H . -10.32 43.88 -51.64
O5 NAG H . -8.20 46.82 -51.13
O6 NAG H . -6.21 45.28 -51.46
O7 NAG H . -12.85 50.26 -50.82
C1 NAG H . -10.78 43.35 -52.90
C2 NAG H . -10.28 41.90 -53.04
C3 NAG H . -10.79 41.29 -54.33
C4 NAG H . -12.31 41.41 -54.42
C5 NAG H . -12.73 42.86 -54.23
C6 NAG H . -14.23 43.05 -54.18
C7 NAG H . -8.15 40.86 -52.40
C8 NAG H . -6.65 40.97 -52.44
N2 NAG H . -8.83 41.85 -52.99
O3 NAG H . -10.41 39.91 -54.38
O4 NAG H . -12.77 40.95 -55.69
O5 NAG H . -12.21 43.37 -52.98
O6 NAG H . -14.65 43.53 -52.91
O7 NAG H . -8.72 39.93 -51.84
C1 NAG I . -23.23 52.85 -31.63
C2 NAG I . -24.03 54.02 -32.20
C3 NAG I . -25.40 54.10 -31.54
C4 NAG I . -26.12 52.76 -31.65
C5 NAG I . -25.24 51.65 -31.08
C6 NAG I . -25.84 50.28 -31.27
C7 NAG I . -23.35 56.26 -32.96
C8 NAG I . -22.56 57.49 -32.63
N2 NAG I . -23.31 55.28 -32.05
O3 NAG I . -26.17 55.12 -32.17
O4 NAG I . -27.35 52.81 -30.93
O5 NAG I . -23.98 51.64 -31.76
O6 NAG I . -25.85 49.88 -32.63
O7 NAG I . -24.01 56.16 -34.00
C1 NAG I . -28.44 52.62 -31.86
C2 NAG I . -29.71 52.35 -31.06
C3 NAG I . -30.91 52.19 -31.99
C4 NAG I . -31.02 53.39 -32.94
C5 NAG I . -29.69 53.62 -33.65
C6 NAG I . -29.70 54.86 -34.51
C7 NAG I . -29.69 51.21 -28.88
C8 NAG I . -30.01 52.55 -28.28
N2 NAG I . -29.56 51.19 -30.21
O3 NAG I . -32.10 52.06 -31.23
O4 NAG I . -32.04 53.16 -33.89
O5 NAG I . -28.63 53.78 -32.69
O6 NAG I . -30.73 55.76 -34.12
O7 NAG I . -29.56 50.21 -28.19
C1 NAG J . -9.93 27.40 -36.27
C2 NAG J . -9.53 25.97 -35.89
C3 NAG J . -8.16 25.63 -36.48
C4 NAG J . -8.15 25.89 -37.97
C5 NAG J . -8.59 27.31 -38.27
C6 NAG J . -8.71 27.61 -39.74
C7 NAG J . -10.50 25.17 -33.78
C8 NAG J . -10.34 25.08 -32.30
N2 NAG J . -9.53 25.80 -34.45
O3 NAG J . -7.86 24.26 -36.21
O4 NAG J . -6.83 25.68 -38.49
O5 NAG J . -9.88 27.56 -37.70
O6 NAG J . -7.89 28.71 -40.12
O7 NAG J . -11.48 24.69 -34.36
C1 NAG J . -6.84 24.53 -39.36
C2 NAG J . -5.43 24.32 -39.90
C3 NAG J . -5.39 23.08 -40.79
C4 NAG J . -5.93 21.87 -40.04
C5 NAG J . -7.32 22.17 -39.48
C6 NAG J . -7.86 21.06 -38.62
C7 NAG J . -4.26 26.48 -40.09
C8 NAG J . -3.89 27.61 -41.00
N2 NAG J . -4.99 25.50 -40.64
O3 NAG J . -4.05 22.85 -41.20
O4 NAG J . -6.01 20.75 -40.91
O5 NAG J . -7.27 23.35 -38.65
O6 NAG J . -9.28 21.16 -38.47
O7 NAG J . -3.93 26.45 -38.91
C1 NAG K . 2.57 -55.48 -31.45
C2 NAG K . 1.71 -55.63 -32.71
C3 NAG K . 0.44 -54.81 -32.59
C4 NAG K . -0.31 -55.17 -31.31
C5 NAG K . 0.62 -55.04 -30.11
C6 NAG K . -0.01 -55.51 -28.82
C7 NAG K . 2.64 -56.07 -34.94
C8 NAG K . 2.01 -57.42 -34.84
N2 NAG K . 2.47 -55.25 -33.90
O3 NAG K . -0.38 -55.06 -33.72
O4 NAG K . -1.42 -54.29 -31.13
O5 NAG K . 1.79 -55.85 -30.30
O6 NAG K . 0.52 -56.75 -28.38
O7 NAG K . 3.27 -55.73 -35.93
C1 NAG K . -2.63 -54.98 -31.49
C2 NAG K . -3.73 -54.61 -30.48
C3 NAG K . -5.04 -55.28 -30.86
C4 NAG K . -5.41 -54.95 -32.30
C5 NAG K . -4.25 -55.30 -33.23
C6 NAG K . -4.50 -54.90 -34.67
C7 NAG K . -3.59 -54.22 -28.06
C8 NAG K . -3.12 -54.76 -26.74
N2 NAG K . -3.34 -54.98 -29.12
O3 NAG K . -6.07 -54.83 -29.98
O4 NAG K . -6.57 -55.69 -32.68
O5 NAG K . -3.06 -54.64 -32.81
O6 NAG K . -3.70 -53.77 -35.03
O7 NAG K . -4.19 -53.15 -28.15
C1 NAG L . 16.67 -38.39 -43.92
C2 NAG L . 16.77 -39.10 -45.28
C3 NAG L . 16.60 -38.08 -46.41
C4 NAG L . 15.32 -37.30 -46.24
C5 NAG L . 15.26 -36.67 -44.85
C6 NAG L . 13.95 -35.98 -44.56
C7 NAG L . 18.13 -41.13 -45.51
C8 NAG L . 19.51 -41.68 -45.64
N2 NAG L . 18.04 -39.80 -45.40
O3 NAG L . 16.61 -38.77 -47.66
O4 NAG L . 15.24 -36.28 -47.22
O5 NAG L . 15.42 -37.69 -43.85
O6 NAG L . 12.84 -36.79 -44.94
O7 NAG L . 17.13 -41.84 -45.52
C1 NAG L . 14.14 -36.55 -48.11
C2 NAG L . 13.95 -35.34 -49.04
C3 NAG L . 12.81 -35.61 -50.02
C4 NAG L . 13.05 -36.91 -50.76
C5 NAG L . 13.27 -38.05 -49.77
C6 NAG L . 13.63 -39.36 -50.44
C7 NAG L . 14.54 -33.09 -48.23
C8 NAG L . 15.80 -33.23 -49.02
N2 NAG L . 13.69 -34.13 -48.27
O3 NAG L . 12.73 -34.53 -50.95
O4 NAG L . 11.93 -37.22 -51.58
O5 NAG L . 14.36 -37.73 -48.89
O6 NAG L . 14.88 -39.27 -51.12
O7 NAG L . 14.29 -32.08 -47.58
C1 NAG M . -63.68 -3.30 25.24
C2 NAG M . -65.11 -3.82 25.22
C3 NAG M . -66.09 -2.66 25.10
C4 NAG M . -65.40 -1.31 24.89
C5 NAG M . -64.24 -1.07 25.86
C6 NAG M . -64.67 -0.42 27.16
C7 NAG M . -65.78 -6.01 24.34
C8 NAG M . -66.12 -6.37 25.75
N2 NAG M . -65.30 -4.78 24.14
O3 NAG M . -66.91 -2.61 26.26
O4 NAG M . -64.94 -1.18 23.55
O5 NAG M . -63.56 -2.29 26.21
O6 NAG M . -64.47 0.99 27.12
O7 NAG M . -65.93 -6.80 23.42
C1 NAG M . -66.06 -1.00 22.64
C2 NAG M . -65.73 0.15 21.69
C3 NAG M . -66.86 0.33 20.68
C4 NAG M . -67.15 -0.98 19.97
C5 NAG M . -67.42 -2.09 20.99
C6 NAG M . -67.60 -3.44 20.36
C7 NAG M . -64.51 2.24 22.12
C8 NAG M . -64.41 3.46 22.97
N2 NAG M . -65.50 1.39 22.43
O3 NAG M . -66.48 1.33 19.73
O4 NAG M . -68.28 -0.83 19.12
O5 NAG M . -66.31 -2.19 21.89
O6 NAG M . -66.35 -4.07 20.10
O7 NAG M . -63.74 2.03 21.18
C1 NAG N . -51.45 -26.11 28.37
C2 NAG N . -52.89 -26.16 28.83
C3 NAG N . -53.72 -26.97 27.83
C4 NAG N . -53.49 -26.48 26.40
C5 NAG N . -52.00 -26.25 26.10
C6 NAG N . -51.77 -25.53 24.79
C7 NAG N . -53.98 -26.41 31.02
C8 NAG N . -53.94 -27.09 32.35
N2 NAG N . -53.00 -26.73 30.17
O3 NAG N . -55.10 -26.86 28.16
O4 NAG N . -53.95 -27.50 25.52
O5 NAG N . -51.37 -25.46 27.12
O6 NAG N . -52.81 -24.60 24.53
O7 NAG N . -54.85 -25.60 30.73
C1 NAG N . -55.04 -27.06 24.70
C2 NAG N . -55.00 -27.88 23.40
C3 NAG N . -56.17 -27.51 22.51
C4 NAG N . -57.48 -27.65 23.26
C5 NAG N . -57.43 -26.85 24.56
C6 NAG N . -58.66 -27.05 25.43
C7 NAG N . -52.79 -28.62 22.62
C8 NAG N . -53.09 -29.93 23.30
N2 NAG N . -53.74 -27.68 22.71
O3 NAG N . -56.17 -28.35 21.36
O4 NAG N . -58.56 -27.18 22.46
O5 NAG N . -56.31 -27.26 25.35
O6 NAG N . -58.66 -28.33 26.03
O7 NAG N . -51.73 -28.42 22.03
C1 NAG O . -6.13 48.22 1.75
C2 NAG O . -7.43 49.02 1.88
C3 NAG O . -7.17 50.31 2.65
C4 NAG O . -6.49 50.01 3.98
C5 NAG O . -5.23 49.16 3.77
C6 NAG O . -4.58 48.72 5.05
C7 NAG O . -9.30 49.51 0.38
C8 NAG O . -9.72 49.80 -1.02
N2 NAG O . -7.99 49.31 0.57
O3 NAG O . -8.40 50.99 2.88
O4 NAG O . -6.12 51.22 4.63
O5 NAG O . -5.58 47.97 3.05
O6 NAG O . -3.18 48.58 4.91
O7 NAG O . -10.11 49.47 1.30
C1 NAG P . 20.73 -8.75 -42.02
C2 NAG P . 22.03 -9.54 -41.86
C3 NAG P . 23.24 -8.66 -42.14
C4 NAG P . 23.10 -8.00 -43.51
C5 NAG P . 21.76 -7.27 -43.61
C6 NAG P . 21.51 -6.69 -44.98
C7 NAG P . 21.68 -11.36 -40.24
C8 NAG P . 21.86 -11.79 -38.82
N2 NAG P . 22.12 -10.13 -40.52
O3 NAG P . 24.42 -9.45 -42.10
O4 NAG P . 24.16 -7.07 -43.71
O5 NAG P . 20.68 -8.17 -43.33
O6 NAG P . 21.67 -7.67 -46.00
O7 NAG P . 21.18 -12.09 -41.08
C1 NAG Q . 18.39 44.63 3.82
C2 NAG Q . 18.12 45.85 2.94
C3 NAG Q . 18.34 47.13 3.73
C4 NAG Q . 17.52 47.11 5.02
C5 NAG Q . 17.81 45.84 5.80
C6 NAG Q . 16.94 45.69 7.03
C7 NAG Q . 18.57 46.33 0.57
C8 NAG Q . 19.57 46.22 -0.54
N2 NAG Q . 18.96 45.83 1.75
O3 NAG Q . 17.97 48.26 2.94
O4 NAG Q . 17.84 48.25 5.82
O5 NAG Q . 17.56 44.69 4.99
O6 NAG Q . 16.29 44.43 7.06
O7 NAG Q . 17.46 46.83 0.41
C1 NAG R . 46.85 31.01 -9.47
C2 NAG R . 46.90 32.53 -9.70
C3 NAG R . 48.31 33.05 -9.50
C4 NAG R . 48.85 32.63 -8.14
C5 NAG R . 48.74 31.13 -7.97
C6 NAG R . 49.16 30.65 -6.60
C7 NAG R . 45.16 33.27 -11.26
C8 NAG R . 44.83 33.57 -12.70
N2 NAG R . 46.41 32.86 -11.03
O3 NAG R . 48.31 34.47 -9.60
O4 NAG R . 50.21 33.02 -8.01
O5 NAG R . 47.38 30.70 -8.16
O6 NAG R . 48.18 30.97 -5.62
O7 NAG R . 44.34 33.40 -10.37
C1 NAG S . 68.78 18.81 22.11
C2 NAG S . 69.77 18.31 23.16
C3 NAG S . 71.20 18.74 22.79
C4 NAG S . 71.53 18.32 21.37
C5 NAG S . 70.46 18.82 20.40
C6 NAG S . 70.67 18.33 18.98
C7 NAG S . 68.69 18.08 25.35
C8 NAG S . 68.42 18.73 26.67
N2 NAG S . 69.43 18.79 24.48
O3 NAG S . 72.12 18.17 23.70
O4 NAG S . 72.79 18.85 20.98
O5 NAG S . 69.17 18.35 20.81
O6 NAG S . 70.00 19.16 18.04
O7 NAG S . 68.25 16.97 25.07
C1 NAG T . 47.54 41.75 31.04
C2 NAG T . 48.61 42.72 31.53
C3 NAG T . 47.97 43.94 32.17
C4 NAG T . 46.96 44.58 31.21
C5 NAG T . 45.96 43.54 30.73
C6 NAG T . 45.01 44.07 29.69
C7 NAG T . 50.83 42.29 32.48
C8 NAG T . 51.60 41.53 33.52
N2 NAG T . 49.51 42.07 32.47
O3 NAG T . 48.97 44.89 32.52
O4 NAG T . 46.27 45.64 31.87
O5 NAG T . 46.65 42.44 30.13
O6 NAG T . 44.39 43.02 28.95
O7 NAG T . 51.38 43.07 31.71
C1 NAG U . 59.95 32.34 20.72
C2 NAG U . 60.94 32.21 19.56
C3 NAG U . 60.25 32.47 18.23
C4 NAG U . 59.03 31.57 18.09
C5 NAG U . 58.11 31.71 19.31
C6 NAG U . 56.95 30.75 19.29
C7 NAG U . 63.32 32.81 19.39
C8 NAG U . 64.34 33.88 19.64
N2 NAG U . 62.06 33.12 19.74
O3 NAG U . 61.15 32.24 17.16
O4 NAG U . 58.30 31.92 16.92
O5 NAG U . 58.85 31.44 20.51
O6 NAG U . 56.00 31.06 20.31
O7 NAG U . 63.61 31.72 18.89
C1 NAG V . 67.15 36.85 34.60
C2 NAG V . 67.96 38.07 34.16
C3 NAG V . 68.95 38.46 35.25
C4 NAG V . 68.21 38.68 36.58
C5 NAG V . 67.37 37.45 36.92
C6 NAG V . 66.52 37.64 38.15
C7 NAG V . 68.25 38.23 31.72
C8 NAG V . 69.10 37.86 30.55
N2 NAG V . 68.68 37.80 32.92
O3 NAG V . 69.62 39.66 34.88
O4 NAG V . 69.14 38.93 37.62
O5 NAG V . 66.48 37.15 35.84
O6 NAG V . 65.41 38.49 37.88
O7 NAG V . 67.22 38.89 31.60
C1 NAG W . 78.05 19.13 36.45
C2 NAG W . 78.60 18.84 35.05
C3 NAG W . 79.30 17.49 35.02
C4 NAG W . 80.36 17.42 36.11
C5 NAG W . 79.75 17.76 37.48
C6 NAG W . 80.77 17.84 38.58
C7 NAG W . 77.66 19.50 32.87
C8 NAG W . 76.47 19.43 31.97
N2 NAG W . 77.54 18.89 34.06
O3 NAG W . 79.90 17.29 33.75
O4 NAG W . 80.92 16.11 36.17
O5 NAG W . 79.12 19.05 37.41
O6 NAG W . 80.65 19.03 39.32
O7 NAG W . 78.70 20.06 32.55
C1 NAG X . -22.32 73.77 -33.12
C2 NAG X . -22.50 73.68 -34.64
C3 NAG X . -23.60 72.67 -34.97
C4 NAG X . -23.33 71.33 -34.30
C5 NAG X . -23.12 71.54 -32.80
C6 NAG X . -22.73 70.26 -32.08
C7 NAG X . -22.41 75.34 -36.43
C8 NAG X . -22.81 76.72 -36.86
N2 NAG X . -22.81 74.98 -35.21
O3 NAG X . -23.66 72.49 -36.38
O4 NAG X . -24.42 70.45 -34.50
O5 NAG X . -22.06 72.48 -32.58
O6 NAG X . -22.25 70.53 -30.77
O7 NAG X . -21.75 74.60 -37.16
C1 NAG Y . 33.81 15.12 -19.24
C2 NAG Y . 34.09 15.75 -20.61
C3 NAG Y . 35.59 15.79 -20.89
C4 NAG Y . 36.32 16.46 -19.73
C5 NAG Y . 35.95 15.81 -18.40
C6 NAG Y . 36.56 16.50 -17.21
C7 NAG Y . 32.96 15.61 -22.78
C8 NAG Y . 32.27 14.71 -23.77
N2 NAG Y . 33.40 15.02 -21.66
O3 NAG Y . 35.83 16.48 -22.10
O4 NAG Y . 37.72 16.37 -19.93
O5 NAG Y . 34.53 15.82 -18.23
O6 NAG Y . 37.63 15.75 -16.66
O7 NAG Y . 33.11 16.81 -23.00
C1 NAG Z . -27.92 32.72 -43.05
C2 NAG Z . -28.46 31.34 -43.39
C3 NAG Z . -29.44 31.41 -44.57
C4 NAG Z . -29.12 32.57 -45.51
C5 NAG Z . -29.02 33.91 -44.77
C6 NAG Z . -30.23 34.79 -44.98
C7 NAG Z . -26.76 29.71 -42.72
C8 NAG Z . -25.67 28.80 -43.18
N2 NAG Z . -27.38 30.41 -43.67
O3 NAG Z . -30.77 31.54 -44.08
O4 NAG Z . -27.90 32.31 -46.20
O5 NAG Z . -28.90 33.70 -43.36
O6 NAG Z . -30.04 35.69 -46.06
O7 NAG Z . -27.06 29.81 -41.53
C1 NAG AA . 0.32 -11.73 -58.01
C2 NAG AA . 0.99 -10.43 -58.46
C3 NAG AA . 2.32 -10.23 -57.72
C4 NAG AA . 2.10 -10.31 -56.22
C5 NAG AA . 1.38 -11.61 -55.85
C6 NAG AA . 1.03 -11.70 -54.39
C7 NAG AA . 0.32 -9.89 -60.75
C8 NAG AA . 0.70 -9.97 -62.21
N2 NAG AA . 1.19 -10.42 -59.89
O3 NAG AA . 2.87 -8.97 -58.07
O4 NAG AA . 3.35 -10.26 -55.54
O5 NAG AA . 0.16 -11.72 -56.58
O6 NAG AA . 2.11 -12.20 -53.62
O7 NAG AA . -0.72 -9.37 -60.37
C1 NAG BA . 26.59 46.82 36.75
C2 NAG BA . 26.94 48.02 37.62
C3 NAG BA . 25.75 48.98 37.68
C4 NAG BA . 25.30 49.35 36.27
C5 NAG BA . 25.03 48.10 35.44
C6 NAG BA . 24.70 48.40 34.00
C7 NAG BA . 28.54 47.81 39.46
C8 NAG BA . 28.77 47.31 40.86
N2 NAG BA . 27.32 47.61 38.95
O3 NAG BA . 26.13 50.15 38.39
O4 NAG BA . 24.12 50.14 36.33
O5 NAG BA . 26.20 47.26 35.44
O6 NAG BA . 25.87 48.54 33.22
O7 NAG BA . 29.43 48.35 38.81
C1 NAG CA . 37.05 -15.55 -21.46
C2 NAG CA . 37.93 -14.91 -20.37
C3 NAG CA . 39.40 -14.88 -20.79
C4 NAG CA . 39.85 -16.27 -21.24
C5 NAG CA . 38.91 -16.81 -22.31
C6 NAG CA . 39.25 -18.21 -22.74
C7 NAG CA . 37.34 -12.45 -20.63
C8 NAG CA . 37.73 -12.47 -22.09
N2 NAG CA . 37.46 -13.59 -19.92
O3 NAG CA . 40.20 -14.44 -19.70
O4 NAG CA . 41.18 -16.21 -21.77
O5 NAG CA . 37.57 -16.84 -21.80
O6 NAG CA . 38.53 -18.59 -23.90
O7 NAG CA . 36.93 -11.42 -20.10
C1 NAG DA . 9.23 -32.23 24.98
C2 NAG DA . 9.32 -31.63 26.38
C3 NAG DA . 9.62 -32.73 27.41
C4 NAG DA . 8.59 -33.85 27.29
C5 NAG DA . 8.53 -34.36 25.85
C6 NAG DA . 7.44 -35.39 25.64
C7 NAG DA . 10.13 -29.39 26.97
C8 NAG DA . 8.76 -29.13 27.53
N2 NAG DA . 10.34 -30.59 26.44
O3 NAG DA . 9.59 -32.17 28.72
O4 NAG DA . 8.96 -34.92 28.15
O5 NAG DA . 8.24 -33.26 24.96
O6 NAG DA . 6.63 -35.53 26.80
O7 NAG DA . 11.01 -28.53 27.01
C1 NAG EA . 28.30 -34.73 31.83
C2 NAG EA . 28.37 -36.17 31.31
C3 NAG EA . 27.09 -36.91 31.63
C4 NAG EA . 26.77 -36.82 33.13
C5 NAG EA . 26.77 -35.37 33.58
C6 NAG EA . 26.59 -35.22 35.07
C7 NAG EA . 29.81 -36.49 29.34
C8 NAG EA . 29.89 -36.46 27.85
N2 NAG EA . 28.63 -36.18 29.87
O3 NAG EA . 27.22 -38.28 31.24
O4 NAG EA . 25.51 -37.41 33.39
O5 NAG EA . 28.02 -34.75 33.24
O6 NAG EA . 25.92 -36.33 35.63
O7 NAG EA . 30.78 -36.79 30.05
C1 NAG FA . 60.26 -4.04 33.43
C2 NAG FA . 61.56 -4.77 33.80
C3 NAG FA . 62.62 -4.55 32.71
C4 NAG FA . 62.07 -4.95 31.35
C5 NAG FA . 60.76 -4.21 31.07
C6 NAG FA . 60.10 -4.63 29.78
C7 NAG FA . 62.41 -3.10 35.41
C8 NAG FA . 62.89 -2.89 36.81
N2 NAG FA . 62.05 -4.35 35.09
O3 NAG FA . 63.76 -5.33 33.01
O4 NAG FA . 63.02 -4.62 30.34
O5 NAG FA . 59.82 -4.47 32.12
O6 NAG FA . 58.81 -5.18 30.01
O7 NAG FA . 62.36 -2.18 34.60
C1 NAG GA . 52.35 -12.52 49.03
C2 NAG GA . 52.48 -12.70 50.54
C3 NAG GA . 53.47 -13.82 50.87
C4 NAG GA . 53.09 -15.10 50.14
C5 NAG GA . 52.99 -14.83 48.64
C6 NAG GA . 52.52 -16.04 47.86
C7 NAG GA . 52.64 -11.20 52.48
C8 NAG GA . 53.14 -9.87 52.97
N2 NAG GA . 52.87 -11.46 51.18
O3 NAG GA . 53.49 -14.05 52.28
O4 NAG GA . 54.08 -16.10 50.38
O5 NAG GA . 52.03 -13.79 48.41
O6 NAG GA . 51.31 -16.56 48.40
O7 NAG GA . 52.08 -12.00 53.23
C1 NAG HA . 63.82 -5.17 53.60
C2 NAG HA . 64.90 -6.17 53.22
C3 NAG HA . 66.16 -5.96 54.07
C4 NAG HA . 66.61 -4.51 53.98
C5 NAG HA . 65.46 -3.57 54.33
C6 NAG HA . 65.81 -2.11 54.14
C7 NAG HA . 64.00 -8.12 54.48
C8 NAG HA . 63.55 -9.54 54.38
N2 NAG HA . 64.42 -7.55 53.34
O3 NAG HA . 67.19 -6.83 53.62
O4 NAG HA . 67.69 -4.29 54.87
O5 NAG HA . 64.33 -3.84 53.48
O6 NAG HA . 66.03 -1.80 52.77
O7 NAG HA . 63.98 -7.50 55.55
C1 NAG IA . 53.07 0.51 71.05
C2 NAG IA . 52.43 -0.78 71.57
C3 NAG IA . 51.53 -0.46 72.77
C4 NAG IA . 52.30 0.30 73.83
C5 NAG IA . 52.95 1.53 73.22
C6 NAG IA . 53.84 2.27 74.20
C7 NAG IA . 52.04 -2.60 69.97
C8 NAG IA . 51.14 -3.14 68.90
N2 NAG IA . 51.67 -1.44 70.52
O3 NAG IA . 51.02 -1.69 73.30
O4 NAG IA . 51.42 0.69 74.88
O5 NAG IA . 53.78 1.15 72.12
O6 NAG IA . 54.82 3.05 73.53
O7 NAG IA . 53.06 -3.19 70.32
C1 NAG JA . 16.13 -43.81 -6.40
C2 NAG JA . 16.48 -43.04 -5.12
C3 NAG JA . 15.34 -43.13 -4.11
C4 NAG JA . 14.02 -42.71 -4.75
C5 NAG JA . 13.78 -43.48 -6.04
C6 NAG JA . 12.54 -43.03 -6.78
C7 NAG JA . 17.96 -44.76 -4.11
C8 NAG JA . 19.31 -45.02 -3.55
N2 NAG JA . 17.73 -43.50 -4.54
O3 NAG JA . 15.63 -42.30 -2.99
O4 NAG JA . 12.95 -42.95 -3.84
O5 NAG JA . 14.89 -43.30 -6.93
O6 NAG JA . 12.26 -43.87 -7.88
O7 NAG JA . 17.09 -45.63 -4.17
C1 NAG KA . 28.71 -51.27 -50.88
C2 NAG KA . 27.79 -52.37 -51.42
C3 NAG KA . 26.40 -51.81 -51.69
C4 NAG KA . 25.85 -51.12 -50.45
C5 NAG KA . 26.85 -50.07 -49.95
C6 NAG KA . 26.42 -49.42 -48.66
C7 NAG KA . 28.12 -54.23 -52.99
C8 NAG KA . 28.77 -54.68 -54.25
N2 NAG KA . 28.35 -52.97 -52.62
O3 NAG KA . 25.53 -52.88 -52.07
O4 NAG KA . 24.61 -50.47 -50.76
O5 NAG KA . 28.12 -50.69 -49.71
O6 NAG KA . 26.80 -48.05 -48.61
O7 NAG KA . 27.42 -54.98 -52.31
C1 NAG LA . 43.12 -8.72 60.67
C2 NAG LA . 42.95 -8.13 62.07
C3 NAG LA . 43.56 -9.05 63.12
C4 NAG LA . 42.99 -10.46 62.97
C5 NAG LA . 43.16 -10.96 61.53
C6 NAG LA . 42.51 -12.30 61.29
C7 NAG LA . 42.83 -5.67 62.03
C8 NAG LA . 43.60 -4.40 62.16
N2 NAG LA . 43.53 -6.80 62.16
O3 NAG LA . 43.28 -8.55 64.42
O4 NAG LA . 43.66 -11.35 63.85
O5 NAG LA . 42.56 -10.03 60.62
O6 NAG LA . 41.15 -12.16 60.90
O7 NAG LA . 41.62 -5.68 61.83
C1 NAG MA . -4.78 -29.27 -23.88
C2 NAG MA . -5.68 -29.00 -25.08
C3 NAG MA . -6.67 -27.88 -24.76
C4 NAG MA . -7.44 -28.19 -23.47
C5 NAG MA . -6.46 -28.51 -22.34
C6 NAG MA . -7.15 -28.96 -21.08
C7 NAG MA . -4.68 -29.52 -27.26
C8 NAG MA . -3.85 -29.01 -28.39
N2 NAG MA . -4.91 -28.66 -26.26
O3 NAG MA . -7.57 -27.70 -25.83
O4 NAG MA . -8.24 -27.08 -23.10
O5 NAG MA . -5.59 -29.57 -22.73
O6 NAG MA . -7.92 -27.90 -20.50
O7 NAG MA . -5.12 -30.67 -27.24
C1 NAG NA . -8.10 -33.20 -40.08
C2 NAG NA . -8.75 -34.19 -39.11
C3 NAG NA . -10.26 -34.21 -39.29
C4 NAG NA . -10.83 -32.79 -39.19
C5 NAG NA . -10.09 -31.86 -40.15
C6 NAG NA . -10.52 -30.42 -40.01
C7 NAG NA . -8.26 -36.26 -40.38
C8 NAG NA . -7.62 -37.62 -40.32
N2 NAG NA . -8.20 -35.53 -39.26
O3 NAG NA . -10.86 -35.05 -38.31
O4 NAG NA . -12.22 -32.80 -39.49
O5 NAG NA . -8.68 -31.90 -39.89
O6 NAG NA . -11.31 -30.22 -38.84
O7 NAG NA . -8.80 -35.85 -41.41
C1 NAG OA . 40.80 -20.83 4.19
C2 NAG OA . 41.52 -21.95 4.95
C3 NAG OA . 43.03 -21.75 4.88
C4 NAG OA . 43.49 -21.61 3.43
C5 NAG OA . 42.70 -20.51 2.73
C6 NAG OA . 43.02 -20.40 1.27
C7 NAG OA . 40.98 -23.14 7.02
C8 NAG OA . 40.50 -23.02 8.43
N2 NAG OA . 41.07 -22.01 6.33
O3 NAG OA . 43.69 -22.85 5.49
O4 NAG OA . 44.87 -21.28 3.39
O5 NAG OA . 41.30 -20.79 2.83
O6 NAG OA . 41.96 -20.92 0.46
O7 NAG OA . 41.26 -24.23 6.53
C1 NAG PA . -25.14 -37.38 20.35
C2 NAG PA . -25.27 -36.84 21.77
C3 NAG PA . -24.29 -37.55 22.70
C4 NAG PA . -24.44 -39.05 22.61
C5 NAG PA . -24.33 -39.50 21.15
C6 NAG PA . -24.59 -40.98 20.97
C7 NAG PA . -26.06 -34.52 21.72
C8 NAG PA . -25.66 -33.08 21.77
N2 NAG PA . -25.06 -35.40 21.80
O3 NAG PA . -24.51 -37.12 24.05
O4 NAG PA . -23.43 -39.70 23.37
O5 NAG PA . -25.30 -38.81 20.36
O6 NAG PA . -24.00 -41.74 22.00
O7 NAG PA . -27.23 -34.86 21.61
C1 NAG QA . 60.98 5.31 13.09
C2 NAG QA . 62.47 5.60 12.94
C3 NAG QA . 62.88 5.57 11.48
C4 NAG QA . 62.46 4.25 10.85
C5 NAG QA . 60.97 4.01 11.07
C6 NAG QA . 60.51 2.65 10.58
C7 NAG QA . 63.67 7.03 14.54
C8 NAG QA . 63.90 8.43 15.02
N2 NAG QA . 62.80 6.90 13.54
O3 NAG QA . 64.29 5.72 11.37
O4 NAG QA . 62.72 4.27 9.44
O5 NAG QA . 60.68 4.05 12.48
O6 NAG QA . 60.82 1.63 11.51
O7 NAG QA . 64.26 6.08 15.03
C1 NAG RA . -16.40 -20.80 39.80
C2 NAG RA . -15.05 -21.53 39.85
C3 NAG RA . -14.99 -22.45 41.06
C4 NAG RA . -15.32 -21.68 42.34
C5 NAG RA . -16.66 -20.95 42.19
C6 NAG RA . -16.99 -20.08 43.37
C7 NAG RA . -13.62 -22.66 38.20
C8 NAG RA . -13.57 -23.43 36.92
N2 NAG RA . -14.83 -22.29 38.62
O3 NAG RA . -13.69 -23.03 41.17
O4 NAG RA . -15.38 -22.57 43.44
O5 NAG RA . -16.62 -20.10 41.04
O6 NAG RA . -16.89 -18.70 43.03
O7 NAG RA . -12.60 -22.38 38.83
C1 NAG SA . -6.26 0.86 48.15
C2 NAG SA . -6.78 -0.57 48.11
C3 NAG SA . -6.36 -1.32 49.37
C4 NAG SA . -4.85 -1.23 49.56
C5 NAG SA . -4.41 0.23 49.53
C6 NAG SA . -2.90 0.39 49.59
C7 NAG SA . -8.85 -1.15 46.91
C8 NAG SA . -10.34 -1.08 46.93
N2 NAG SA . -8.23 -0.60 47.97
O3 NAG SA . -6.75 -2.69 49.26
O4 NAG SA . -4.48 -1.81 50.81
O5 NAG SA . -4.84 0.85 48.32
O6 NAG SA . -2.40 0.11 50.89
O7 NAG SA . -8.23 -1.67 46.00
C1 NAG TA . -13.24 33.54 27.30
C2 NAG TA . -11.96 34.36 27.35
C3 NAG TA . -12.10 35.52 28.33
C4 NAG TA . -13.33 36.34 28.00
C5 NAG TA . -14.57 35.45 27.92
C6 NAG TA . -15.80 36.18 27.48
C7 NAG TA . -9.58 33.75 27.28
C8 NAG TA . -8.53 32.79 27.75
N2 NAG TA . -10.82 33.52 27.71
O3 NAG TA . -10.93 36.34 28.28
O4 NAG TA . -13.53 37.35 28.99
O5 NAG TA . -14.35 34.39 26.98
O6 NAG TA . -16.56 35.43 26.54
O7 NAG TA . -9.30 34.70 26.56
C1 NAG UA . -7.47 33.23 46.92
C2 NAG UA . -7.72 34.69 47.36
C3 NAG UA . -9.21 35.01 47.32
C4 NAG UA . -9.84 34.39 46.10
C5 NAG UA . -9.84 32.87 46.25
C6 NAG UA . -9.77 32.13 44.94
C7 NAG UA . -6.10 35.72 48.90
C8 NAG UA . -5.48 36.33 47.68
N2 NAG UA . -7.17 34.94 48.67
O3 NAG UA . -9.38 36.43 47.29
O4 NAG UA . -11.19 34.84 45.95
O5 NAG UA . -8.72 32.46 47.04
O6 NAG UA . -10.76 31.11 44.86
O7 NAG UA . -5.66 35.91 50.03
C1 NAG VA . 33.16 43.42 53.77
C2 NAG VA . 34.52 44.10 53.97
C3 NAG VA . 34.39 45.32 54.85
C4 NAG VA . 33.33 46.26 54.29
C5 NAG VA . 32.01 45.51 54.10
C6 NAG VA . 30.94 46.35 53.43
C7 NAG VA . 36.33 42.45 53.78
C8 NAG VA . 37.26 41.54 54.53
N2 NAG VA . 35.48 43.16 54.53
O3 NAG VA . 35.63 46.00 54.92
O4 NAG VA . 33.11 47.35 55.20
O5 NAG VA . 32.23 44.37 53.24
O6 NAG VA . 29.87 45.55 52.95
O7 NAG VA . 36.35 42.53 52.56
C1 NAG WA . 27.78 13.44 63.47
C2 NAG WA . 28.03 13.66 64.97
C3 NAG WA . 27.98 12.33 65.71
C4 NAG WA . 26.67 11.61 65.42
C5 NAG WA . 26.49 11.46 63.91
C6 NAG WA . 25.15 10.85 63.55
C7 NAG WA . 29.41 15.60 65.58
C8 NAG WA . 30.80 16.12 65.77
N2 NAG WA . 29.31 14.32 65.18
O3 NAG WA . 28.09 12.58 67.11
O4 NAG WA . 26.69 10.31 66.02
O5 NAG WA . 26.53 12.75 63.29
O6 NAG WA . 24.88 10.98 62.16
O7 NAG WA . 28.42 16.30 65.79
C1 NAG XA . 24.62 31.25 60.70
C2 NAG XA . 24.15 32.45 59.87
C3 NAG XA . 22.65 32.38 59.56
C4 NAG XA . 22.29 31.03 58.97
C5 NAG XA . 22.81 29.90 59.86
C6 NAG XA . 22.58 28.52 59.27
C7 NAG XA . 24.17 34.30 61.60
C8 NAG XA . 23.25 33.53 62.50
N2 NAG XA . 24.54 33.74 60.43
O3 NAG XA . 22.29 33.42 58.66
O4 NAG XA . 20.89 30.90 58.83
O5 NAG XA . 24.22 30.03 60.05
O6 NAG XA . 23.79 27.79 59.19
O7 NAG XA . 24.59 35.41 61.93
C1 NAG YA . 38.19 29.74 69.42
C2 NAG YA . 37.61 30.16 70.77
C3 NAG YA . 38.72 30.28 71.81
C4 NAG YA . 39.52 28.99 71.87
C5 NAG YA . 40.03 28.61 70.48
C6 NAG YA . 40.73 27.28 70.45
C7 NAG YA . 35.55 31.49 70.77
C8 NAG YA . 34.96 32.87 70.62
N2 NAG YA . 36.87 31.41 70.66
O3 NAG YA . 38.15 30.56 73.08
O4 NAG YA . 40.63 29.15 72.74
O5 NAG YA . 38.92 28.52 69.58
O6 NAG YA . 40.15 26.40 69.49
O7 NAG YA . 34.84 30.50 70.96
C1 NAG ZA . 48.43 45.56 60.42
C2 NAG ZA . 47.46 46.74 60.37
C3 NAG ZA . 48.12 47.94 59.68
C4 NAG ZA . 49.46 48.27 60.35
C5 NAG ZA . 50.34 47.02 60.39
C6 NAG ZA . 51.63 47.24 61.15
C7 NAG ZA . 45.08 46.18 60.33
C8 NAG ZA . 43.90 45.81 59.48
N2 NAG ZA . 46.23 46.38 59.69
O3 NAG ZA . 47.25 49.06 59.75
O4 NAG ZA . 50.12 49.28 59.62
O5 NAG ZA . 49.65 45.95 61.06
O6 NAG ZA . 51.85 46.22 62.11
O7 NAG ZA . 44.98 46.27 61.55
C1 NAG AB . -61.74 -30.07 45.32
C2 NAG AB . -63.19 -29.71 44.99
C3 NAG AB . -63.43 -29.76 43.49
C4 NAG AB . -62.40 -28.93 42.74
C5 NAG AB . -60.99 -29.35 43.15
C6 NAG AB . -59.90 -28.49 42.54
C7 NAG AB . -65.40 -30.25 45.94
C8 NAG AB . -66.20 -31.28 46.67
N2 NAG AB . -64.12 -30.58 45.69
O3 NAG AB . -64.74 -29.29 43.18
O4 NAG AB . -62.55 -29.10 41.34
O5 NAG AB . -60.85 -29.23 44.57
O6 NAG AB . -58.67 -29.18 42.48
O7 NAG AB . -65.87 -29.17 45.58
C1 NAG BB . -34.30 37.96 -3.65
C2 NAG BB . -33.49 39.25 -3.71
C3 NAG BB . -33.61 40.02 -2.41
C4 NAG BB . -35.08 40.23 -2.04
C5 NAG BB . -35.83 38.91 -2.06
C6 NAG BB . -37.31 39.06 -1.84
C7 NAG BB . -31.54 39.26 -5.20
C8 NAG BB . -32.42 39.90 -6.22
N2 NAG BB . -32.10 38.98 -4.02
O3 NAG BB . -32.94 41.26 -2.51
O4 NAG BB . -35.19 40.82 -0.76
O5 NAG BB . -35.66 38.26 -3.33
O6 NAG BB . -37.87 40.03 -2.72
O7 NAG BB . -30.35 39.02 -5.43
C1 NAG CB . -42.13 14.14 -22.22
C2 NAG CB . -42.29 14.86 -20.88
C3 NAG CB . -42.55 13.83 -19.78
C4 NAG CB . -43.72 12.95 -20.13
C5 NAG CB . -43.50 12.31 -21.50
C6 NAG CB . -44.69 11.50 -21.98
C7 NAG CB . -41.05 16.97 -20.87
C8 NAG CB . -39.77 17.65 -20.48
N2 NAG CB . -41.13 15.67 -20.58
O3 NAG CB . -42.81 14.53 -18.55
O4 NAG CB . -43.86 11.91 -19.15
O5 NAG CB . -43.28 13.33 -22.48
O6 NAG CB . -45.87 11.83 -21.26
O7 NAG CB . -41.97 17.57 -21.41
C1 NAG DB . -37.00 9.32 36.38
C2 NAG DB . -38.26 10.01 35.86
C3 NAG DB . -38.91 10.82 36.98
C4 NAG DB . -39.15 9.94 38.20
C5 NAG DB . -37.85 9.26 38.63
C6 NAG DB . -38.03 8.29 39.76
C7 NAG DB . -38.86 11.22 33.81
C8 NAG DB . -38.37 12.11 32.71
N2 NAG DB . -37.96 10.86 34.72
O3 NAG DB . -40.15 11.36 36.53
O4 NAG DB . -39.64 10.73 39.28
O5 NAG DB . -37.32 8.51 37.52
O6 NAG DB . -37.09 8.52 40.80
O7 NAG DB . -40.03 10.84 33.87
C1 NAG EB . -52.03 -17.20 6.10
C2 NAG EB . -51.42 -16.36 4.98
C3 NAG EB . -52.25 -15.11 4.74
C4 NAG EB . -53.70 -15.48 4.49
C5 NAG EB . -54.23 -16.37 5.62
C6 NAG EB . -55.64 -16.87 5.38
C7 NAG EB . -48.99 -16.66 4.81
C8 NAG EB . -47.64 -16.16 5.23
N2 NAG EB . -50.04 -16.00 5.29
O3 NAG EB . -51.74 -14.39 3.62
O4 NAG EB . -54.50 -14.30 4.41
O5 NAG EB . -53.39 -17.52 5.77
O6 NAG EB . -56.57 -16.25 6.25
O7 NAG EB . -49.11 -17.62 4.05
C1 NAG FB . -39.78 -5.92 7.76
C2 NAG FB . -40.25 -6.79 6.59
C3 NAG FB . -39.27 -6.67 5.42
C4 NAG FB . -39.08 -5.20 5.05
C5 NAG FB . -38.66 -4.40 6.27
C6 NAG FB . -38.56 -2.92 6.00
C7 NAG FB . -41.56 -8.73 7.34
C8 NAG FB . -41.52 -10.17 7.73
N2 NAG FB . -40.39 -8.17 7.00
O3 NAG FB . -39.79 -7.39 4.30
O4 NAG FB . -38.07 -5.09 4.05
O5 NAG FB . -39.63 -4.57 7.32
O6 NAG FB . -37.41 -2.60 5.22
O7 NAG FB . -42.60 -8.08 7.33
C1 NAG GB . 25.37 -8.01 57.87
C2 NAG GB . 25.64 -8.43 59.32
C3 NAG GB . 25.02 -9.80 59.59
C4 NAG GB . 23.54 -9.79 59.22
C5 NAG GB . 23.35 -9.31 57.79
C6 NAG GB . 21.90 -9.16 57.39
C7 NAG GB . 27.66 -7.62 60.46
C8 NAG GB . 29.14 -7.78 60.63
N2 NAG GB . 27.07 -8.45 59.60
O3 NAG GB . 25.17 -10.12 60.97
O4 NAG GB . 23.00 -11.10 59.35
O5 NAG GB . 23.97 -8.02 57.62
O6 NAG GB . 21.38 -7.91 57.80
O7 NAG GB . 27.02 -6.76 61.07
#